data_6KR8
#
_entry.id   6KR8
#
_entity_poly.entity_id   1
_entity_poly.type   'polypeptide(L)'
_entity_poly.pdbx_seq_one_letter_code
;GTQQRDEVWVVGMGIVMSLIVLAIVFGNVLVITAICKFERLQTVTNYFITSLAVADLVMGLAVVPFGAAHILTKTWTFGN
FWCEFWTSIDVLCVTASIWTLCVIAVDRYFAICSPFKYQSLLTKCKARVIILMVWIVSGLTSFLPIQMHWYRATHQEAIN
CYAEETCCDFFTNQAYAIASSIVSFYVPLVIMVFVYSRVFQEAKRQLQKIDKSEGRFHVQNVSQVEQDGRTGHGHRRSSK
FACKEHKALKTLGIIMGTFTLCWLPFFIVNIVHVIQDNLIRKEVYILLNWIGYVNSGFNPLIYSRSPDFRCAFQELLAAR
RSSVKAHHHHHHHHHH
;
_entity_poly.pdbx_strand_id   A
#
# COMPACT_ATOMS: atom_id res chain seq x y z
N GLU A 7 -4.35 -13.58 29.97
CA GLU A 7 -5.55 -13.20 30.75
C GLU A 7 -6.67 -12.88 29.82
N VAL A 8 -7.18 -11.64 29.92
CA VAL A 8 -8.24 -11.11 29.12
C VAL A 8 -7.73 -10.94 27.73
N TRP A 9 -6.40 -10.75 27.60
CA TRP A 9 -5.76 -10.41 26.36
C TRP A 9 -6.04 -11.42 25.28
N VAL A 10 -6.11 -12.72 25.61
CA VAL A 10 -6.26 -13.68 24.56
C VAL A 10 -7.48 -13.43 23.74
N VAL A 11 -8.66 -13.27 24.38
CA VAL A 11 -9.89 -13.04 23.66
C VAL A 11 -9.82 -11.70 23.02
N GLY A 12 -9.27 -10.71 23.75
CA GLY A 12 -9.25 -9.37 23.27
C GLY A 12 -8.48 -9.31 21.99
N MET A 13 -7.36 -10.03 21.92
CA MET A 13 -6.57 -10.02 20.74
C MET A 13 -7.26 -10.76 19.63
N GLY A 14 -7.91 -11.88 19.96
CA GLY A 14 -8.51 -12.72 18.96
C GLY A 14 -9.54 -11.96 18.21
N ILE A 15 -10.35 -11.15 18.91
CA ILE A 15 -11.40 -10.42 18.29
C ILE A 15 -10.84 -9.44 17.31
N VAL A 16 -9.78 -8.71 17.70
CA VAL A 16 -9.19 -7.72 16.85
C VAL A 16 -8.66 -8.39 15.63
N MET A 17 -8.01 -9.56 15.82
CA MET A 17 -7.38 -10.26 14.73
C MET A 17 -8.45 -10.60 13.75
N SER A 18 -9.64 -10.96 14.27
CA SER A 18 -10.74 -11.34 13.44
C SER A 18 -11.15 -10.17 12.60
N LEU A 19 -11.25 -8.97 13.20
CA LEU A 19 -11.68 -7.82 12.44
C LEU A 19 -10.69 -7.51 11.37
N ILE A 20 -9.38 -7.56 11.68
CA ILE A 20 -8.41 -7.24 10.66
C ILE A 20 -8.43 -8.25 9.56
N VAL A 21 -8.47 -9.55 9.91
CA VAL A 21 -8.43 -10.58 8.91
C VAL A 21 -9.61 -10.40 8.02
N LEU A 22 -10.76 -10.03 8.61
CA LEU A 22 -11.98 -9.85 7.85
C LEU A 22 -11.82 -8.67 6.93
N ALA A 23 -11.27 -7.55 7.44
CA ALA A 23 -11.20 -6.34 6.68
C ALA A 23 -10.34 -6.51 5.47
N ILE A 24 -9.16 -7.13 5.63
CA ILE A 24 -8.26 -7.24 4.52
C ILE A 24 -8.88 -8.07 3.43
N VAL A 25 -9.47 -9.23 3.78
CA VAL A 25 -10.02 -10.09 2.78
C VAL A 25 -11.19 -9.48 2.09
N PHE A 26 -12.17 -8.98 2.87
CA PHE A 26 -13.38 -8.48 2.30
C PHE A 26 -13.04 -7.34 1.40
N GLY A 27 -12.15 -6.43 1.88
CA GLY A 27 -11.81 -5.27 1.11
C GLY A 27 -11.11 -5.61 -0.17
N ASN A 28 -10.04 -6.42 -0.11
CA ASN A 28 -9.27 -6.71 -1.30
C ASN A 28 -10.10 -7.48 -2.25
N VAL A 29 -10.83 -8.49 -1.74
CA VAL A 29 -11.61 -9.30 -2.63
C VAL A 29 -12.62 -8.41 -3.32
N LEU A 30 -13.23 -7.47 -2.58
CA LEU A 30 -14.22 -6.64 -3.18
C LEU A 30 -13.61 -5.85 -4.30
N VAL A 31 -12.42 -5.30 -4.07
CA VAL A 31 -11.84 -4.47 -5.09
C VAL A 31 -11.53 -5.28 -6.32
N ILE A 32 -10.88 -6.46 -6.19
CA ILE A 32 -10.60 -7.26 -7.35
C ILE A 32 -10.49 -8.70 -6.97
N THR A 33 -10.62 -9.61 -7.96
CA THR A 33 -10.54 -11.02 -7.75
C THR A 33 -9.81 -11.61 -8.92
N ALA A 34 -10.22 -11.19 -10.12
CA ALA A 34 -9.61 -11.68 -11.33
C ALA A 34 -10.06 -10.84 -12.48
N ILE A 35 -9.21 -10.69 -13.49
CA ILE A 35 -9.53 -9.90 -14.65
C ILE A 35 -10.72 -10.51 -15.33
N CYS A 36 -11.86 -9.85 -15.26
CA CYS A 36 -13.06 -10.40 -15.87
C CYS A 36 -14.24 -9.43 -15.83
N LYS A 37 -14.39 -8.75 -14.69
CA LYS A 37 -15.48 -7.79 -14.51
C LYS A 37 -15.35 -6.62 -15.48
N PHE A 38 -16.48 -6.21 -16.05
CA PHE A 38 -16.48 -5.10 -17.00
C PHE A 38 -17.38 -3.97 -16.50
N GLU A 39 -16.81 -3.01 -15.78
CA GLU A 39 -17.60 -1.89 -15.26
C GLU A 39 -16.83 -0.58 -15.38
N ARG A 40 -16.10 -0.39 -16.47
CA ARG A 40 -15.33 0.84 -16.66
C ARG A 40 -14.06 0.83 -15.82
N LEU A 41 -13.92 -0.09 -14.86
CA LEU A 41 -12.74 -0.17 -14.06
C LEU A 41 -11.51 -0.59 -14.81
N GLN A 42 -11.67 -1.06 -16.05
CA GLN A 42 -10.64 -1.63 -16.89
C GLN A 42 -9.50 -0.69 -17.16
N THR A 43 -9.68 0.63 -16.95
CA THR A 43 -8.70 1.65 -17.24
C THR A 43 -7.32 1.20 -16.83
N VAL A 44 -6.31 1.58 -17.64
CA VAL A 44 -4.96 1.13 -17.46
C VAL A 44 -4.44 1.55 -16.13
N THR A 45 -4.77 2.78 -15.68
CA THR A 45 -4.27 3.27 -14.44
C THR A 45 -4.75 2.36 -13.33
N ASN A 46 -5.95 1.79 -13.50
CA ASN A 46 -6.60 0.95 -12.53
C ASN A 46 -5.82 -0.30 -12.29
N TYR A 47 -5.08 -0.79 -13.30
CA TYR A 47 -4.37 -2.04 -13.20
C TYR A 47 -3.43 -1.98 -12.03
N PHE A 48 -2.74 -0.84 -11.83
CA PHE A 48 -1.79 -0.77 -10.75
C PHE A 48 -2.50 -1.02 -9.45
N ILE A 49 -3.65 -0.36 -9.22
CA ILE A 49 -4.33 -0.59 -7.97
C ILE A 49 -4.77 -2.02 -7.89
N THR A 50 -5.04 -2.65 -9.04
CA THR A 50 -5.41 -4.03 -9.03
C THR A 50 -4.27 -4.81 -8.42
N SER A 51 -3.02 -4.48 -8.80
CA SER A 51 -1.87 -5.16 -8.28
C SER A 51 -1.84 -4.96 -6.80
N LEU A 52 -2.16 -3.73 -6.36
CA LEU A 52 -2.16 -3.36 -4.97
C LEU A 52 -3.12 -4.28 -4.28
N ALA A 53 -4.31 -4.47 -4.87
CA ALA A 53 -5.37 -5.25 -4.29
C ALA A 53 -4.94 -6.67 -4.13
N VAL A 54 -4.27 -7.24 -5.15
CA VAL A 54 -3.87 -8.62 -5.06
C VAL A 54 -2.84 -8.78 -3.99
N ALA A 55 -1.87 -7.85 -3.91
CA ALA A 55 -0.80 -7.95 -2.97
C ALA A 55 -1.37 -7.95 -1.59
N ASP A 56 -2.36 -7.08 -1.33
CA ASP A 56 -3.00 -6.96 -0.05
C ASP A 56 -3.89 -8.13 0.25
N LEU A 57 -4.43 -8.79 -0.79
CA LEU A 57 -5.36 -9.87 -0.56
C LEU A 57 -4.62 -11.03 0.04
N VAL A 58 -3.42 -11.32 -0.48
CA VAL A 58 -2.64 -12.42 -0.01
C VAL A 58 -2.27 -12.15 1.42
N MET A 59 -2.20 -10.87 1.79
CA MET A 59 -1.79 -10.57 3.13
C MET A 59 -2.76 -11.11 4.14
N GLY A 60 -4.05 -10.80 3.96
CA GLY A 60 -5.13 -11.20 4.83
C GLY A 60 -5.45 -12.65 4.70
N LEU A 61 -5.14 -13.27 3.54
CA LEU A 61 -5.42 -14.67 3.40
C LEU A 61 -4.43 -15.57 4.07
N ALA A 62 -3.16 -15.59 3.59
CA ALA A 62 -2.15 -16.43 4.19
C ALA A 62 -1.49 -15.85 5.40
N VAL A 63 -0.86 -14.67 5.22
CA VAL A 63 0.02 -14.11 6.20
C VAL A 63 -0.68 -13.74 7.47
N VAL A 64 -1.71 -12.89 7.38
CA VAL A 64 -2.25 -12.37 8.60
C VAL A 64 -3.02 -13.40 9.39
N PRO A 65 -3.80 -14.29 8.83
CA PRO A 65 -4.47 -15.22 9.69
C PRO A 65 -3.55 -16.23 10.30
N PHE A 66 -2.49 -16.65 9.60
CA PHE A 66 -1.59 -17.59 10.19
C PHE A 66 -0.90 -16.92 11.32
N GLY A 67 -0.56 -15.62 11.14
CA GLY A 67 0.13 -14.89 12.16
C GLY A 67 -0.76 -14.80 13.36
N ALA A 68 -2.07 -14.56 13.15
CA ALA A 68 -2.98 -14.41 14.26
C ALA A 68 -3.02 -15.69 15.04
N ALA A 69 -3.14 -16.82 14.32
CA ALA A 69 -3.20 -18.09 14.98
C ALA A 69 -1.92 -18.27 15.71
N HIS A 70 -0.82 -17.79 15.11
CA HIS A 70 0.47 -17.96 15.69
C HIS A 70 0.50 -17.30 17.03
N ILE A 71 -0.04 -16.08 17.12
CA ILE A 71 -0.06 -15.36 18.37
C ILE A 71 -0.96 -16.03 19.36
N LEU A 72 -2.08 -16.61 18.90
CA LEU A 72 -2.97 -17.26 19.82
C LEU A 72 -2.34 -18.47 20.45
N THR A 73 -1.72 -19.34 19.64
CA THR A 73 -1.15 -20.60 20.05
C THR A 73 0.09 -20.38 20.88
N LYS A 74 0.83 -19.30 20.61
CA LYS A 74 2.07 -19.03 21.31
C LYS A 74 3.10 -20.03 20.88
N THR A 75 2.85 -20.71 19.73
CA THR A 75 3.80 -21.63 19.17
C THR A 75 3.48 -21.79 17.73
N TRP A 76 4.39 -22.38 16.94
CA TRP A 76 4.15 -22.57 15.53
C TRP A 76 3.83 -24.01 15.27
N THR A 77 2.55 -24.28 14.94
CA THR A 77 1.99 -25.57 14.65
C THR A 77 2.28 -26.02 13.24
N PHE A 78 2.53 -25.06 12.33
CA PHE A 78 2.61 -25.24 10.91
C PHE A 78 3.73 -26.11 10.45
N GLY A 79 4.87 -26.16 11.16
CA GLY A 79 5.92 -27.01 10.68
C GLY A 79 7.01 -26.14 10.16
N ASN A 80 8.20 -26.75 9.91
CA ASN A 80 9.35 -26.01 9.49
C ASN A 80 9.24 -25.51 8.08
N PHE A 81 8.96 -26.40 7.12
CA PHE A 81 8.98 -26.01 5.73
C PHE A 81 7.93 -24.97 5.52
N TRP A 82 6.74 -25.20 6.11
CA TRP A 82 5.63 -24.31 5.96
C TRP A 82 5.97 -23.02 6.65
N CYS A 83 6.76 -23.08 7.75
CA CYS A 83 7.14 -21.87 8.43
C CYS A 83 7.93 -21.04 7.47
N GLU A 84 8.79 -21.69 6.65
CA GLU A 84 9.59 -20.99 5.70
C GLU A 84 8.70 -20.38 4.66
N PHE A 85 7.72 -21.16 4.19
CA PHE A 85 6.81 -20.72 3.15
C PHE A 85 6.08 -19.52 3.63
N TRP A 86 5.54 -19.57 4.86
CA TRP A 86 4.76 -18.52 5.43
C TRP A 86 5.57 -17.26 5.54
N THR A 87 6.80 -17.38 6.05
CA THR A 87 7.59 -16.20 6.23
C THR A 87 7.83 -15.56 4.90
N SER A 88 8.08 -16.38 3.86
CA SER A 88 8.40 -15.88 2.56
C SER A 88 7.23 -15.11 2.01
N ILE A 89 6.01 -15.65 2.15
CA ILE A 89 4.86 -15.00 1.62
C ILE A 89 4.70 -13.69 2.32
N ASP A 90 5.05 -13.66 3.63
CA ASP A 90 4.91 -12.45 4.39
C ASP A 90 5.76 -11.37 3.78
N VAL A 91 7.06 -11.63 3.59
CA VAL A 91 7.95 -10.62 3.10
C VAL A 91 7.52 -10.20 1.73
N LEU A 92 7.08 -11.16 0.91
CA LEU A 92 6.70 -10.87 -0.45
C LEU A 92 5.54 -9.91 -0.43
N CYS A 93 4.55 -10.16 0.45
CA CYS A 93 3.37 -9.35 0.49
C CYS A 93 3.73 -7.97 0.90
N VAL A 94 4.63 -7.81 1.90
CA VAL A 94 4.93 -6.49 2.35
C VAL A 94 5.62 -5.72 1.27
N THR A 95 6.62 -6.33 0.61
CA THR A 95 7.38 -5.64 -0.39
C THR A 95 6.47 -5.26 -1.51
N ALA A 96 5.59 -6.18 -1.94
CA ALA A 96 4.72 -5.90 -3.05
C ALA A 96 3.83 -4.75 -2.69
N SER A 97 3.31 -4.72 -1.46
CA SER A 97 2.40 -3.67 -1.07
C SER A 97 3.07 -2.34 -1.15
N ILE A 98 4.18 -2.17 -0.42
CA ILE A 98 4.82 -0.89 -0.33
C ILE A 98 5.24 -0.46 -1.70
N TRP A 99 5.87 -1.37 -2.45
CA TRP A 99 6.39 -1.00 -3.74
C TRP A 99 5.27 -0.57 -4.63
N THR A 100 4.12 -1.27 -4.60
CA THR A 100 3.02 -0.94 -5.45
C THR A 100 2.55 0.45 -5.13
N LEU A 101 2.49 0.79 -3.83
CA LEU A 101 2.05 2.10 -3.45
C LEU A 101 2.96 3.10 -4.07
N CYS A 102 4.29 2.84 -4.07
CA CYS A 102 5.18 3.80 -4.63
C CYS A 102 4.92 3.91 -6.10
N VAL A 103 4.57 2.80 -6.77
CA VAL A 103 4.34 2.82 -8.19
C VAL A 103 3.19 3.73 -8.49
N ILE A 104 2.11 3.65 -7.69
CA ILE A 104 0.95 4.47 -7.89
C ILE A 104 1.38 5.89 -7.75
N ALA A 105 2.22 6.16 -6.75
CA ALA A 105 2.66 7.51 -6.49
C ALA A 105 3.32 8.02 -7.73
N VAL A 106 4.13 7.16 -8.39
CA VAL A 106 4.82 7.53 -9.57
C VAL A 106 3.82 7.84 -10.65
N ASP A 107 2.71 7.07 -10.70
CA ASP A 107 1.72 7.25 -11.72
C ASP A 107 1.13 8.62 -11.62
N ARG A 108 0.75 9.03 -10.39
CA ARG A 108 0.13 10.32 -10.19
C ARG A 108 1.13 11.40 -10.47
N TYR A 109 2.40 11.18 -10.08
CA TYR A 109 3.42 12.18 -10.27
C TYR A 109 3.53 12.43 -11.74
N PHE A 110 3.53 11.36 -12.55
CA PHE A 110 3.63 11.50 -13.98
C PHE A 110 2.59 12.43 -14.48
N ALA A 111 1.59 12.76 -13.65
CA ALA A 111 0.58 13.67 -14.11
C ALA A 111 1.12 15.08 -14.12
N ILE A 112 2.32 15.27 -14.70
CA ILE A 112 2.95 16.56 -14.77
C ILE A 112 2.09 17.56 -15.50
N CYS A 113 1.08 17.03 -16.19
CA CYS A 113 0.16 17.84 -16.98
C CYS A 113 0.79 18.30 -18.30
N SER A 114 0.64 19.59 -18.58
CA SER A 114 1.20 20.16 -19.81
C SER A 114 0.39 19.69 -21.02
N PRO A 115 0.50 20.40 -22.11
CA PRO A 115 -0.27 20.08 -23.36
C PRO A 115 0.07 18.71 -23.92
N PHE A 116 1.32 18.28 -23.71
CA PHE A 116 1.77 16.99 -24.22
C PHE A 116 2.76 16.34 -23.25
N LYS A 117 2.59 15.05 -23.02
CA LYS A 117 3.47 14.31 -22.12
C LYS A 117 2.89 12.95 -21.78
N TYR A 118 1.61 12.93 -21.42
CA TYR A 118 0.93 11.71 -21.07
C TYR A 118 0.69 10.80 -22.23
N GLN A 119 0.15 11.38 -23.30
CA GLN A 119 -0.32 10.64 -24.44
C GLN A 119 0.83 10.16 -25.26
N SER A 120 1.85 11.01 -25.44
CA SER A 120 2.95 10.68 -26.31
C SER A 120 3.75 9.53 -25.78
N LEU A 121 4.25 9.66 -24.54
CA LEU A 121 5.15 8.70 -23.96
C LEU A 121 4.51 7.36 -23.73
N LEU A 122 3.34 7.33 -23.06
CA LEU A 122 2.71 6.07 -22.81
C LEU A 122 3.64 5.20 -22.03
N THR A 123 4.32 5.80 -21.03
CA THR A 123 5.25 5.06 -20.22
C THR A 123 6.31 4.57 -21.15
N LYS A 124 7.39 3.96 -20.59
CA LYS A 124 8.44 3.45 -21.40
C LYS A 124 7.93 2.37 -22.30
N CYS A 125 7.05 1.53 -21.76
CA CYS A 125 6.48 0.46 -22.55
C CYS A 125 5.07 0.17 -22.05
N LYS A 126 4.90 -0.52 -20.96
CA LYS A 126 3.59 -0.99 -20.60
C LYS A 126 3.44 -0.97 -19.10
N ALA A 127 2.22 -0.76 -18.58
CA ALA A 127 2.05 -0.71 -17.16
C ALA A 127 2.23 -2.07 -16.57
N ARG A 128 1.93 -3.07 -17.37
CA ARG A 128 1.95 -4.44 -16.94
C ARG A 128 3.36 -4.78 -16.60
N VAL A 129 4.32 -4.28 -17.40
CA VAL A 129 5.69 -4.62 -17.15
C VAL A 129 6.06 -4.07 -15.81
N ILE A 130 5.51 -2.89 -15.45
CA ILE A 130 5.82 -2.29 -14.18
C ILE A 130 5.34 -3.19 -13.08
N ILE A 131 4.12 -3.76 -13.24
CA ILE A 131 3.59 -4.61 -12.21
C ILE A 131 4.45 -5.83 -12.08
N LEU A 132 4.82 -6.45 -13.21
CA LEU A 132 5.60 -7.65 -13.13
C LEU A 132 6.92 -7.33 -12.51
N MET A 133 7.47 -6.14 -12.82
CA MET A 133 8.75 -5.82 -12.25
C MET A 133 8.60 -5.77 -10.77
N VAL A 134 7.51 -5.16 -10.28
CA VAL A 134 7.33 -4.98 -8.87
C VAL A 134 7.33 -6.32 -8.20
N TRP A 135 6.53 -7.26 -8.74
CA TRP A 135 6.42 -8.56 -8.14
C TRP A 135 7.71 -9.30 -8.25
N ILE A 136 8.41 -9.15 -9.40
CA ILE A 136 9.61 -9.90 -9.58
C ILE A 136 10.63 -9.45 -8.57
N VAL A 137 10.81 -8.13 -8.39
CA VAL A 137 11.80 -7.60 -7.49
C VAL A 137 11.41 -7.98 -6.09
N SER A 138 10.10 -8.00 -5.83
CA SER A 138 9.57 -8.32 -4.54
C SER A 138 9.89 -9.75 -4.20
N GLY A 139 9.75 -10.66 -5.17
CA GLY A 139 10.02 -12.06 -4.98
C GLY A 139 11.48 -12.31 -4.77
N LEU A 140 12.33 -11.65 -5.58
CA LEU A 140 13.76 -11.83 -5.55
C LEU A 140 14.30 -11.42 -4.23
N THR A 141 13.71 -10.39 -3.61
CA THR A 141 14.10 -9.89 -2.32
C THR A 141 13.60 -10.74 -1.20
N SER A 142 12.61 -11.63 -1.46
CA SER A 142 11.94 -12.35 -0.42
C SER A 142 12.19 -13.82 -0.51
N PHE A 143 11.49 -14.48 -1.46
CA PHE A 143 11.50 -15.91 -1.59
C PHE A 143 12.88 -16.43 -1.83
N LEU A 144 13.63 -15.85 -2.77
CA LEU A 144 14.91 -16.41 -3.07
C LEU A 144 15.83 -16.33 -1.88
N PRO A 145 15.90 -15.21 -1.22
CA PRO A 145 16.79 -15.08 -0.11
C PRO A 145 16.41 -15.97 1.04
N ILE A 146 15.11 -16.11 1.30
CA ILE A 146 14.62 -16.87 2.41
C ILE A 146 14.88 -18.33 2.21
N GLN A 147 14.52 -18.85 1.02
CA GLN A 147 14.62 -20.26 0.73
C GLN A 147 16.06 -20.66 0.77
N MET A 148 16.93 -19.75 0.31
CA MET A 148 18.34 -19.94 0.22
C MET A 148 18.98 -19.97 1.58
N HIS A 149 18.30 -19.40 2.60
CA HIS A 149 18.87 -19.29 3.92
C HIS A 149 19.96 -18.28 3.92
N TRP A 150 19.82 -17.25 3.05
CA TRP A 150 20.75 -16.16 3.01
C TRP A 150 20.61 -15.31 4.24
N TYR A 151 19.35 -15.10 4.69
CA TYR A 151 19.04 -14.28 5.83
C TYR A 151 19.48 -14.92 7.11
N ARG A 152 19.53 -16.26 7.19
CA ARG A 152 19.82 -16.88 8.45
C ARG A 152 21.14 -16.41 8.97
N ALA A 153 21.15 -15.96 10.24
CA ALA A 153 22.38 -15.55 10.83
C ALA A 153 22.80 -16.67 11.69
N THR A 154 24.10 -17.02 11.65
CA THR A 154 24.50 -18.13 12.45
C THR A 154 24.52 -17.70 13.88
N HIS A 155 23.56 -18.22 14.65
CA HIS A 155 23.52 -17.96 16.06
C HIS A 155 23.04 -19.21 16.68
N GLN A 156 23.40 -19.45 17.96
CA GLN A 156 22.98 -20.67 18.54
C GLN A 156 21.49 -20.70 18.60
N GLU A 157 20.87 -19.61 19.07
CA GLU A 157 19.44 -19.58 19.19
C GLU A 157 18.83 -19.64 17.83
N ALA A 158 19.42 -18.91 16.87
CA ALA A 158 18.85 -18.89 15.56
C ALA A 158 18.89 -20.26 14.99
N ILE A 159 20.04 -20.94 15.10
CA ILE A 159 20.17 -22.23 14.49
C ILE A 159 19.18 -23.15 15.12
N ASN A 160 19.01 -23.06 16.45
CA ASN A 160 18.15 -23.95 17.15
C ASN A 160 16.73 -23.80 16.68
N CYS A 161 16.22 -22.56 16.63
CA CYS A 161 14.85 -22.33 16.27
C CYS A 161 14.63 -22.70 14.84
N TYR A 162 15.58 -22.37 13.94
CA TYR A 162 15.38 -22.69 12.55
C TYR A 162 15.32 -24.17 12.36
N ALA A 163 16.28 -24.91 12.95
CA ALA A 163 16.33 -26.33 12.77
C ALA A 163 15.08 -26.92 13.34
N GLU A 164 14.58 -26.35 14.44
CA GLU A 164 13.40 -26.88 15.08
C GLU A 164 12.25 -26.64 14.15
N GLU A 165 11.41 -27.67 13.92
CA GLU A 165 10.32 -27.55 12.99
C GLU A 165 9.28 -26.57 13.50
N THR A 166 8.90 -26.70 14.78
CA THR A 166 7.84 -25.99 15.45
C THR A 166 8.15 -24.56 15.80
N CYS A 167 9.42 -24.21 16.05
CA CYS A 167 9.71 -22.87 16.48
C CYS A 167 9.83 -21.98 15.28
N CYS A 168 8.83 -21.12 15.04
CA CYS A 168 8.92 -20.25 13.90
C CYS A 168 9.14 -18.85 14.41
N ASP A 169 10.41 -18.40 14.43
CA ASP A 169 10.69 -17.06 14.88
C ASP A 169 11.54 -16.38 13.85
N PHE A 170 11.38 -15.05 13.74
CA PHE A 170 12.05 -14.26 12.75
C PHE A 170 13.38 -13.83 13.27
N PHE A 171 14.47 -14.27 12.59
CA PHE A 171 15.78 -13.84 12.97
C PHE A 171 16.47 -13.45 11.69
N THR A 172 17.17 -12.30 11.66
CA THR A 172 17.82 -11.93 10.44
C THR A 172 19.14 -11.27 10.72
N ASN A 173 20.12 -11.55 9.86
CA ASN A 173 21.42 -10.98 10.00
C ASN A 173 21.32 -9.54 9.61
N GLN A 174 22.27 -8.72 10.08
CA GLN A 174 22.25 -7.30 9.87
C GLN A 174 22.27 -7.03 8.40
N ALA A 175 23.10 -7.77 7.65
CA ALA A 175 23.28 -7.52 6.25
C ALA A 175 21.97 -7.67 5.53
N TYR A 176 21.17 -8.67 5.92
CA TYR A 176 19.90 -8.90 5.29
C TYR A 176 18.96 -7.78 5.60
N ALA A 177 18.95 -7.33 6.87
CA ALA A 177 18.03 -6.34 7.34
C ALA A 177 18.24 -5.00 6.68
N ILE A 178 19.50 -4.54 6.52
CA ILE A 178 19.60 -3.21 5.98
C ILE A 178 19.10 -3.16 4.57
N ALA A 179 19.56 -4.07 3.71
CA ALA A 179 19.17 -4.05 2.32
C ALA A 179 17.71 -4.37 2.20
N SER A 180 17.23 -5.34 3.00
CA SER A 180 15.87 -5.77 2.89
C SER A 180 14.96 -4.63 3.19
N SER A 181 15.22 -3.92 4.30
CA SER A 181 14.38 -2.84 4.72
C SER A 181 14.47 -1.70 3.75
N ILE A 182 15.69 -1.36 3.31
CA ILE A 182 15.86 -0.23 2.43
C ILE A 182 15.12 -0.47 1.15
N VAL A 183 15.22 -1.68 0.58
CA VAL A 183 14.55 -1.97 -0.65
C VAL A 183 13.06 -2.01 -0.46
N SER A 184 12.60 -2.70 0.61
CA SER A 184 11.19 -2.88 0.79
C SER A 184 10.49 -1.60 1.10
N PHE A 185 10.87 -0.93 2.23
CA PHE A 185 10.28 0.31 2.67
C PHE A 185 10.91 1.63 2.27
N TYR A 186 12.23 1.78 2.56
CA TYR A 186 12.86 3.08 2.54
C TYR A 186 12.87 3.74 1.20
N VAL A 187 13.29 3.01 0.16
CA VAL A 187 13.41 3.65 -1.12
C VAL A 187 12.06 4.12 -1.55
N PRO A 188 11.04 3.32 -1.46
CA PRO A 188 9.75 3.75 -1.90
C PRO A 188 9.29 4.92 -1.10
N LEU A 189 9.72 5.01 0.18
CA LEU A 189 9.31 6.09 1.00
C LEU A 189 9.86 7.37 0.45
N VAL A 190 11.16 7.37 0.07
CA VAL A 190 11.79 8.56 -0.41
C VAL A 190 11.15 8.99 -1.69
N ILE A 191 10.95 8.04 -2.62
CA ILE A 191 10.39 8.40 -3.89
C ILE A 191 9.04 9.00 -3.68
N MET A 192 8.22 8.37 -2.83
CA MET A 192 6.90 8.91 -2.67
C MET A 192 6.95 10.28 -2.07
N VAL A 193 7.86 10.51 -1.09
CA VAL A 193 7.89 11.79 -0.44
C VAL A 193 8.13 12.85 -1.47
N PHE A 194 9.17 12.68 -2.32
CA PHE A 194 9.48 13.69 -3.27
C PHE A 194 8.34 13.84 -4.22
N VAL A 195 7.76 12.72 -4.68
CA VAL A 195 6.71 12.75 -5.66
C VAL A 195 5.50 13.50 -5.20
N TYR A 196 4.93 13.09 -4.04
CA TYR A 196 3.74 13.74 -3.59
C TYR A 196 4.05 15.17 -3.30
N SER A 197 5.28 15.44 -2.85
CA SER A 197 5.65 16.80 -2.56
C SER A 197 5.50 17.63 -3.79
N ARG A 198 6.08 17.20 -4.93
CA ARG A 198 5.99 18.01 -6.11
C ARG A 198 4.56 18.13 -6.54
N VAL A 199 3.79 17.02 -6.43
CA VAL A 199 2.44 17.06 -6.91
C VAL A 199 1.69 18.09 -6.13
N PHE A 200 1.96 18.16 -4.82
CA PHE A 200 1.32 19.09 -3.93
C PHE A 200 1.62 20.46 -4.43
N GLN A 201 2.88 20.69 -4.84
CA GLN A 201 3.22 22.00 -5.29
C GLN A 201 2.40 22.33 -6.48
N GLU A 202 2.18 21.35 -7.37
CA GLU A 202 1.45 21.60 -8.58
C GLU A 202 0.04 22.02 -8.24
N ALA A 203 -0.60 21.33 -7.28
CA ALA A 203 -1.96 21.62 -6.94
C ALA A 203 -2.04 23.03 -6.45
N LYS A 204 -1.08 23.42 -5.61
CA LYS A 204 -1.04 24.73 -5.02
C LYS A 204 -0.96 25.72 -6.13
N ARG A 205 -0.09 25.45 -7.13
CA ARG A 205 0.10 26.40 -8.18
C ARG A 205 -1.16 26.60 -8.94
N GLN A 206 -1.85 25.50 -9.28
CA GLN A 206 -3.01 25.64 -10.12
C GLN A 206 -4.05 26.46 -9.43
N LEU A 207 -4.30 26.20 -8.14
CA LEU A 207 -5.32 26.94 -7.45
C LEU A 207 -4.94 28.38 -7.39
N GLN A 208 -3.65 28.69 -7.20
CA GLN A 208 -3.24 30.06 -7.08
C GLN A 208 -3.48 30.77 -8.37
N LYS A 209 -3.13 30.12 -9.49
CA LYS A 209 -3.25 30.72 -10.79
C LYS A 209 -4.70 31.00 -11.02
N ILE A 210 -5.56 30.06 -10.59
CA ILE A 210 -6.97 30.19 -10.76
C ILE A 210 -7.41 31.38 -9.98
N ASP A 211 -6.85 31.59 -8.78
CA ASP A 211 -7.23 32.68 -7.92
C ASP A 211 -6.83 33.96 -8.60
N LYS A 212 -5.73 33.92 -9.37
CA LYS A 212 -5.28 35.13 -10.00
C LYS A 212 -6.31 35.48 -11.04
N SER A 213 -6.72 34.46 -11.80
CA SER A 213 -7.70 34.61 -12.84
C SER A 213 -8.99 35.03 -12.21
N GLU A 214 -9.65 36.01 -12.81
CA GLU A 214 -10.92 36.49 -12.28
C GLU A 214 -11.58 37.46 -13.26
N GLY A 215 -12.74 37.07 -13.78
CA GLY A 215 -13.46 37.90 -14.73
C GLY A 215 -13.82 39.25 -14.11
N ARG A 216 -13.80 40.30 -14.93
CA ARG A 216 -14.10 41.63 -14.45
C ARG A 216 -15.61 41.87 -14.43
N PHE A 217 -16.12 42.34 -13.30
CA PHE A 217 -17.52 42.61 -13.19
C PHE A 217 -18.28 41.34 -13.43
N HIS A 218 -18.48 40.58 -12.34
CA HIS A 218 -19.20 39.35 -12.36
C HIS A 218 -20.61 39.69 -12.67
N VAL A 219 -21.35 38.74 -13.25
CA VAL A 219 -22.71 39.02 -13.58
C VAL A 219 -23.38 39.41 -12.31
N GLN A 220 -22.96 38.80 -11.19
CA GLN A 220 -23.54 39.13 -9.94
C GLN A 220 -23.02 38.13 -8.96
N ASN A 221 -23.52 36.88 -9.04
CA ASN A 221 -23.04 35.89 -8.14
C ASN A 221 -23.74 34.62 -8.46
N VAL A 222 -23.18 33.49 -8.00
CA VAL A 222 -23.81 32.24 -8.26
C VAL A 222 -23.80 31.49 -6.97
N SER A 223 -24.78 30.60 -6.78
CA SER A 223 -24.84 29.87 -5.55
C SER A 223 -25.14 28.44 -5.87
N GLN A 224 -24.54 27.53 -5.09
CA GLN A 224 -24.74 26.13 -5.30
C GLN A 224 -24.46 25.42 -4.01
N VAL A 225 -25.14 24.29 -3.79
CA VAL A 225 -24.98 23.55 -2.59
C VAL A 225 -24.78 22.10 -2.88
N GLU A 226 -25.35 21.58 -3.99
CA GLU A 226 -25.15 20.18 -4.19
C GLU A 226 -25.19 19.82 -5.64
N GLN A 227 -26.13 20.46 -6.36
CA GLN A 227 -26.34 20.30 -7.77
C GLN A 227 -26.77 18.89 -7.96
N ASP A 228 -27.65 18.44 -7.04
CA ASP A 228 -28.17 17.11 -7.00
C ASP A 228 -27.04 16.15 -7.03
N GLY A 229 -27.33 14.85 -7.21
CA GLY A 229 -26.28 13.87 -7.25
C GLY A 229 -26.11 13.48 -8.67
N ARG A 230 -27.21 13.49 -9.46
CA ARG A 230 -27.13 13.11 -10.83
C ARG A 230 -26.23 14.08 -11.52
N THR A 231 -26.35 15.38 -11.15
CA THR A 231 -25.50 16.34 -11.77
C THR A 231 -25.89 16.45 -13.21
N GLY A 232 -25.54 17.58 -13.85
CA GLY A 232 -25.90 17.68 -15.22
C GLY A 232 -25.51 19.01 -15.78
N HIS A 233 -25.92 19.25 -17.03
CA HIS A 233 -25.68 20.48 -17.71
C HIS A 233 -24.25 20.42 -18.12
N GLY A 234 -23.32 20.50 -17.15
CA GLY A 234 -21.94 20.46 -17.51
C GLY A 234 -21.15 20.20 -16.28
N HIS A 235 -19.86 19.86 -16.45
CA HIS A 235 -18.98 19.57 -15.37
C HIS A 235 -17.99 20.68 -15.26
N ARG A 236 -17.73 21.36 -16.39
CA ARG A 236 -16.79 22.44 -16.41
C ARG A 236 -15.48 21.86 -15.99
N ARG A 237 -14.44 22.70 -15.92
CA ARG A 237 -13.17 22.17 -15.54
C ARG A 237 -13.17 22.13 -14.05
N SER A 238 -14.17 22.75 -13.41
CA SER A 238 -14.21 22.77 -11.97
C SER A 238 -14.19 21.36 -11.49
N SER A 239 -15.01 20.50 -12.13
CA SER A 239 -15.09 19.13 -11.72
C SER A 239 -13.75 18.50 -11.94
N LYS A 240 -12.99 18.99 -12.93
CA LYS A 240 -11.70 18.45 -13.20
C LYS A 240 -10.86 18.79 -12.01
N PHE A 241 -11.00 20.00 -11.44
CA PHE A 241 -10.15 20.29 -10.31
C PHE A 241 -10.57 19.46 -9.14
N ALA A 242 -11.88 19.19 -9.13
CA ALA A 242 -12.60 18.42 -8.16
C ALA A 242 -11.84 17.16 -7.99
N CYS A 243 -11.94 16.33 -9.02
CA CYS A 243 -11.31 15.02 -9.07
C CYS A 243 -9.80 15.07 -9.05
N LYS A 244 -9.15 16.07 -9.63
CA LYS A 244 -7.72 16.02 -9.59
C LYS A 244 -7.21 16.30 -8.21
N GLU A 245 -7.67 17.39 -7.58
CA GLU A 245 -7.27 17.73 -6.25
C GLU A 245 -7.72 16.73 -5.24
N HIS A 246 -8.96 16.23 -5.37
CA HIS A 246 -9.41 15.25 -4.41
C HIS A 246 -8.66 13.98 -4.62
N LYS A 247 -8.40 13.61 -5.87
CA LYS A 247 -7.69 12.38 -6.05
C LYS A 247 -6.34 12.51 -5.43
N ALA A 248 -5.63 13.62 -5.68
CA ALA A 248 -4.30 13.84 -5.15
C ALA A 248 -4.38 13.77 -3.66
N LEU A 249 -5.37 14.47 -3.06
CA LEU A 249 -5.54 14.54 -1.64
C LEU A 249 -5.80 13.20 -0.99
N LYS A 250 -6.66 12.36 -1.58
CA LYS A 250 -6.94 11.07 -0.99
C LYS A 250 -5.78 10.14 -1.13
N THR A 251 -5.07 10.17 -2.27
CA THR A 251 -4.00 9.25 -2.46
C THR A 251 -2.89 9.61 -1.54
N LEU A 252 -2.58 10.92 -1.45
CA LEU A 252 -1.51 11.36 -0.61
C LEU A 252 -1.84 11.06 0.80
N GLY A 253 -3.10 11.30 1.21
CA GLY A 253 -3.47 11.07 2.57
C GLY A 253 -3.38 9.60 2.87
N ILE A 254 -3.77 8.74 1.92
CA ILE A 254 -3.77 7.32 2.12
C ILE A 254 -2.38 6.79 2.19
N ILE A 255 -1.47 7.30 1.33
CA ILE A 255 -0.13 6.80 1.34
C ILE A 255 0.57 7.20 2.59
N MET A 256 0.52 8.49 2.93
CA MET A 256 1.20 8.90 4.12
C MET A 256 0.61 8.25 5.34
N GLY A 257 -0.74 8.16 5.41
CA GLY A 257 -1.40 7.57 6.53
C GLY A 257 -1.07 6.12 6.70
N THR A 258 -0.94 5.37 5.59
CA THR A 258 -0.64 3.97 5.67
C THR A 258 0.77 3.80 6.16
N PHE A 259 1.67 4.53 5.52
CA PHE A 259 3.07 4.48 5.87
C PHE A 259 3.25 4.76 7.37
N THR A 260 2.79 5.93 7.82
CA THR A 260 2.96 6.28 9.20
C THR A 260 2.10 5.47 10.13
N LEU A 261 0.81 5.24 9.91
CA LEU A 261 0.11 4.55 10.95
C LEU A 261 0.56 3.11 10.95
N CYS A 262 1.11 2.64 9.85
CA CYS A 262 1.51 1.24 9.79
C CYS A 262 2.59 1.02 8.76
N TRP A 263 3.83 0.80 9.28
CA TRP A 263 4.95 0.56 8.41
C TRP A 263 6.20 1.28 8.89
N LEU A 264 6.15 2.61 9.02
CA LEU A 264 7.33 3.34 9.41
C LEU A 264 7.84 2.91 10.75
N PRO A 265 7.01 2.81 11.75
CA PRO A 265 7.53 2.47 13.04
C PRO A 265 8.17 1.11 13.02
N PHE A 266 7.62 0.18 12.22
CA PHE A 266 8.13 -1.16 12.12
C PHE A 266 9.47 -1.21 11.44
N PHE A 267 9.52 -0.62 10.22
CA PHE A 267 10.70 -0.71 9.40
C PHE A 267 11.87 -0.01 10.02
N ILE A 268 11.63 1.13 10.69
CA ILE A 268 12.68 1.83 11.37
C ILE A 268 13.16 1.01 12.53
N VAL A 269 12.23 0.37 13.28
CA VAL A 269 12.58 -0.40 14.42
C VAL A 269 13.48 -1.51 13.99
N ASN A 270 13.34 -1.99 12.73
CA ASN A 270 14.20 -3.04 12.28
C ASN A 270 15.62 -2.57 12.34
N ILE A 271 15.90 -1.36 11.83
CA ILE A 271 17.22 -0.80 11.82
C ILE A 271 17.63 -0.57 13.24
N VAL A 272 16.67 -0.21 14.11
CA VAL A 272 16.94 0.02 15.49
C VAL A 272 17.46 -1.24 16.11
N HIS A 273 16.82 -2.38 15.82
CA HIS A 273 17.24 -3.61 16.41
C HIS A 273 18.57 -4.01 15.84
N VAL A 274 18.78 -3.75 14.53
CA VAL A 274 20.01 -4.14 13.95
C VAL A 274 21.16 -3.33 14.48
N ILE A 275 20.98 -2.00 14.59
CA ILE A 275 22.04 -1.13 15.05
C ILE A 275 22.36 -1.36 16.50
N GLN A 276 21.31 -1.37 17.36
CA GLN A 276 21.48 -1.49 18.79
C GLN A 276 20.71 -2.69 19.26
N ASP A 277 21.42 -3.64 19.89
CA ASP A 277 20.93 -4.95 20.25
C ASP A 277 19.90 -5.09 21.35
N ASN A 278 19.96 -4.34 22.47
CA ASN A 278 18.99 -4.70 23.46
C ASN A 278 18.12 -3.53 23.76
N LEU A 279 17.96 -2.63 22.77
CA LEU A 279 17.11 -1.50 22.94
C LEU A 279 15.65 -1.81 22.79
N ILE A 280 15.28 -2.88 22.05
CA ILE A 280 13.87 -3.07 21.83
C ILE A 280 13.33 -4.37 22.36
N ARG A 281 12.01 -4.36 22.66
CA ARG A 281 11.31 -5.53 23.11
C ARG A 281 10.80 -6.26 21.92
N LYS A 282 10.59 -7.58 22.08
CA LYS A 282 10.03 -8.36 21.01
C LYS A 282 8.59 -8.11 20.79
N GLU A 283 7.85 -7.64 21.82
CA GLU A 283 6.46 -7.38 21.65
C GLU A 283 6.28 -6.28 20.64
N VAL A 284 7.15 -5.24 20.69
CA VAL A 284 7.03 -4.11 19.83
C VAL A 284 7.15 -4.54 18.40
N TYR A 285 8.05 -5.50 18.13
CA TYR A 285 8.34 -5.95 16.79
C TYR A 285 7.08 -6.49 16.18
N ILE A 286 6.38 -7.40 16.90
CA ILE A 286 5.20 -8.03 16.37
C ILE A 286 4.09 -7.04 16.21
N LEU A 287 3.86 -6.19 17.23
CA LEU A 287 2.74 -5.28 17.17
C LEU A 287 2.90 -4.37 16.01
N LEU A 288 4.10 -3.84 15.88
CA LEU A 288 4.39 -2.90 14.80
C LEU A 288 4.16 -3.58 13.46
N ASN A 289 4.56 -4.85 13.37
CA ASN A 289 4.42 -5.56 12.13
C ASN A 289 2.95 -5.66 11.78
N TRP A 290 2.09 -5.93 12.78
CA TRP A 290 0.67 -6.01 12.55
C TRP A 290 0.15 -4.68 12.13
N ILE A 291 0.66 -3.62 12.75
CA ILE A 291 0.22 -2.29 12.45
C ILE A 291 0.41 -2.12 10.97
N GLY A 292 1.54 -2.56 10.47
CA GLY A 292 1.82 -2.46 9.07
C GLY A 292 0.82 -3.27 8.31
N TYR A 293 0.39 -4.43 8.86
CA TYR A 293 -0.51 -5.30 8.16
C TYR A 293 -1.80 -4.58 7.87
N VAL A 294 -2.28 -3.76 8.82
CA VAL A 294 -3.56 -3.14 8.68
C VAL A 294 -3.61 -2.28 7.45
N ASN A 295 -2.44 -1.79 7.00
CA ASN A 295 -2.38 -0.93 5.85
C ASN A 295 -3.01 -1.61 4.67
N SER A 296 -2.86 -2.94 4.57
CA SER A 296 -3.44 -3.64 3.46
C SER A 296 -4.93 -3.44 3.47
N GLY A 297 -5.53 -3.37 4.67
CA GLY A 297 -6.95 -3.49 4.83
C GLY A 297 -7.64 -2.21 4.44
N PHE A 298 -7.03 -1.05 4.78
CA PHE A 298 -7.65 0.23 4.66
C PHE A 298 -7.86 0.62 3.23
N ASN A 299 -6.96 0.19 2.33
CA ASN A 299 -6.97 0.66 0.98
C ASN A 299 -8.30 0.47 0.32
N PRO A 300 -8.92 -0.67 0.37
CA PRO A 300 -10.16 -0.81 -0.34
C PRO A 300 -11.21 0.14 0.14
N LEU A 301 -11.24 0.45 1.45
CA LEU A 301 -12.21 1.37 1.95
C LEU A 301 -11.91 2.75 1.46
N ILE A 302 -10.63 3.14 1.51
CA ILE A 302 -10.20 4.47 1.19
C ILE A 302 -9.74 4.59 -0.24
N TYR A 303 -8.65 3.88 -0.61
CA TYR A 303 -8.05 3.93 -1.93
C TYR A 303 -8.92 3.92 -3.16
N SER A 304 -10.04 3.17 -3.11
CA SER A 304 -10.97 3.01 -4.21
C SER A 304 -12.04 4.06 -4.23
N ARG A 305 -11.67 5.31 -3.94
CA ARG A 305 -12.58 6.42 -3.88
C ARG A 305 -13.07 6.81 -5.24
N SER A 306 -12.33 6.45 -6.34
CA SER A 306 -12.78 6.87 -7.65
C SER A 306 -14.26 6.68 -7.79
N PRO A 307 -14.84 7.58 -8.55
CA PRO A 307 -16.26 7.62 -8.73
C PRO A 307 -16.82 6.37 -9.32
N ASP A 308 -16.11 5.76 -10.30
CA ASP A 308 -16.58 4.55 -10.89
C ASP A 308 -16.51 3.47 -9.87
N PHE A 309 -15.42 3.46 -9.08
CA PHE A 309 -15.21 2.43 -8.10
C PHE A 309 -16.33 2.41 -7.12
N ARG A 310 -16.75 3.59 -6.63
CA ARG A 310 -17.75 3.63 -5.60
C ARG A 310 -19.04 3.02 -6.08
N CYS A 311 -19.51 3.46 -7.23
CA CYS A 311 -20.74 2.91 -7.78
C CYS A 311 -20.67 1.39 -7.81
N ALA A 312 -19.58 0.99 -8.52
CA ALA A 312 -19.37 -0.40 -8.79
C ALA A 312 -19.36 -1.16 -7.50
N PHE A 313 -18.76 -0.58 -6.44
CA PHE A 313 -18.72 -1.27 -5.17
C PHE A 313 -20.08 -1.42 -4.57
N GLN A 314 -20.88 -0.33 -4.56
CA GLN A 314 -22.15 -0.31 -3.92
C GLN A 314 -23.05 -1.30 -4.57
N GLU A 315 -22.95 -1.41 -5.91
CA GLU A 315 -23.82 -2.28 -6.63
C GLU A 315 -23.63 -3.67 -6.13
N LEU A 316 -22.38 -4.04 -5.81
CA LEU A 316 -22.10 -5.38 -5.34
C LEU A 316 -22.78 -5.61 -4.02
N LEU A 317 -22.74 -4.63 -3.10
CA LEU A 317 -23.29 -4.82 -1.79
C LEU A 317 -24.78 -4.94 -1.83
N ALA A 318 -25.46 -4.12 -2.64
CA ALA A 318 -26.90 -4.15 -2.69
C ALA A 318 -27.33 -5.58 -3.01
N GLU A 7 -4.35 -13.58 29.97
CA GLU A 7 -5.55 -13.20 30.75
C GLU A 7 -6.67 -12.88 29.82
N VAL A 8 -7.18 -11.64 29.92
CA VAL A 8 -8.24 -11.11 29.12
C VAL A 8 -7.73 -10.94 27.73
N TRP A 9 -6.40 -10.75 27.60
CA TRP A 9 -5.76 -10.41 26.36
C TRP A 9 -6.04 -11.42 25.28
N VAL A 10 -6.11 -12.72 25.61
CA VAL A 10 -6.26 -13.68 24.56
C VAL A 10 -7.48 -13.43 23.74
N VAL A 11 -8.66 -13.27 24.38
CA VAL A 11 -9.89 -13.04 23.66
C VAL A 11 -9.82 -11.70 23.02
N GLY A 12 -9.27 -10.71 23.75
CA GLY A 12 -9.25 -9.37 23.27
C GLY A 12 -8.48 -9.31 21.99
N MET A 13 -7.36 -10.03 21.92
CA MET A 13 -6.57 -10.02 20.74
C MET A 13 -7.26 -10.76 19.63
N GLY A 14 -7.91 -11.88 19.96
CA GLY A 14 -8.51 -12.72 18.96
C GLY A 14 -9.54 -11.96 18.21
N ILE A 15 -10.35 -11.15 18.91
CA ILE A 15 -11.40 -10.42 18.29
C ILE A 15 -10.84 -9.44 17.31
N VAL A 16 -9.78 -8.71 17.70
CA VAL A 16 -9.19 -7.72 16.85
C VAL A 16 -8.66 -8.39 15.63
N MET A 17 -8.01 -9.56 15.82
CA MET A 17 -7.38 -10.26 14.73
C MET A 17 -8.45 -10.60 13.75
N SER A 18 -9.64 -10.96 14.27
CA SER A 18 -10.74 -11.34 13.44
C SER A 18 -11.15 -10.17 12.60
N LEU A 19 -11.25 -8.97 13.20
CA LEU A 19 -11.68 -7.82 12.44
C LEU A 19 -10.69 -7.51 11.37
N ILE A 20 -9.38 -7.56 11.68
CA ILE A 20 -8.41 -7.24 10.66
C ILE A 20 -8.43 -8.25 9.56
N VAL A 21 -8.47 -9.55 9.91
CA VAL A 21 -8.43 -10.58 8.91
C VAL A 21 -9.61 -10.40 8.02
N LEU A 22 -10.76 -10.03 8.61
CA LEU A 22 -11.98 -9.85 7.85
C LEU A 22 -11.82 -8.67 6.93
N ALA A 23 -11.27 -7.55 7.44
CA ALA A 23 -11.20 -6.34 6.68
C ALA A 23 -10.34 -6.51 5.47
N ILE A 24 -9.16 -7.13 5.63
CA ILE A 24 -8.26 -7.24 4.52
C ILE A 24 -8.88 -8.07 3.43
N VAL A 25 -9.47 -9.23 3.78
CA VAL A 25 -10.02 -10.09 2.78
C VAL A 25 -11.19 -9.48 2.09
N PHE A 26 -12.17 -8.98 2.87
CA PHE A 26 -13.38 -8.48 2.30
C PHE A 26 -13.04 -7.34 1.40
N GLY A 27 -12.15 -6.43 1.88
CA GLY A 27 -11.81 -5.27 1.11
C GLY A 27 -11.11 -5.61 -0.17
N ASN A 28 -10.04 -6.42 -0.11
CA ASN A 28 -9.27 -6.71 -1.30
C ASN A 28 -10.10 -7.48 -2.25
N VAL A 29 -10.83 -8.49 -1.74
CA VAL A 29 -11.61 -9.30 -2.63
C VAL A 29 -12.62 -8.41 -3.32
N LEU A 30 -13.23 -7.47 -2.58
CA LEU A 30 -14.22 -6.64 -3.18
C LEU A 30 -13.61 -5.85 -4.30
N VAL A 31 -12.42 -5.30 -4.07
CA VAL A 31 -11.84 -4.47 -5.09
C VAL A 31 -11.53 -5.28 -6.32
N ILE A 32 -10.88 -6.46 -6.19
CA ILE A 32 -10.59 -7.25 -7.35
C ILE A 32 -11.80 -8.05 -7.75
N THR A 33 -11.79 -8.58 -8.99
CA THR A 33 -12.87 -9.38 -9.50
C THR A 33 -14.15 -8.67 -9.16
N ALA A 34 -14.54 -7.72 -10.02
CA ALA A 34 -15.74 -6.98 -9.81
C ALA A 34 -16.89 -7.73 -10.40
N ILE A 35 -16.92 -7.83 -11.74
CA ILE A 35 -17.97 -8.53 -12.42
C ILE A 35 -17.37 -9.45 -13.44
N CYS A 36 -16.21 -9.08 -13.97
CA CYS A 36 -15.57 -9.90 -15.00
C CYS A 36 -16.46 -10.09 -16.23
N LYS A 37 -17.47 -9.24 -16.35
CA LYS A 37 -18.39 -9.30 -17.48
C LYS A 37 -18.45 -7.96 -18.21
N PHE A 38 -18.54 -6.88 -17.44
CA PHE A 38 -18.58 -5.54 -18.01
C PHE A 38 -18.42 -4.48 -16.93
N GLU A 39 -17.56 -3.50 -17.19
CA GLU A 39 -17.32 -2.43 -16.23
C GLU A 39 -16.39 -1.37 -16.82
N ARG A 40 -16.25 -0.25 -16.12
CA ARG A 40 -15.39 0.83 -16.59
C ARG A 40 -14.08 0.85 -15.81
N LEU A 41 -13.92 -0.09 -14.86
CA LEU A 41 -12.74 -0.17 -14.06
C LEU A 41 -11.51 -0.59 -14.81
N GLN A 42 -11.67 -1.06 -16.05
CA GLN A 42 -10.64 -1.63 -16.89
C GLN A 42 -9.50 -0.69 -17.16
N THR A 43 -9.68 0.63 -16.95
CA THR A 43 -8.70 1.65 -17.24
C THR A 43 -7.32 1.20 -16.83
N VAL A 44 -6.31 1.58 -17.64
CA VAL A 44 -4.96 1.13 -17.46
C VAL A 44 -4.44 1.55 -16.13
N THR A 45 -4.77 2.78 -15.68
CA THR A 45 -4.27 3.27 -14.44
C THR A 45 -4.75 2.36 -13.33
N ASN A 46 -5.95 1.79 -13.50
CA ASN A 46 -6.60 0.95 -12.53
C ASN A 46 -5.82 -0.30 -12.29
N TYR A 47 -5.08 -0.79 -13.30
CA TYR A 47 -4.37 -2.04 -13.20
C TYR A 47 -3.43 -1.98 -12.03
N PHE A 48 -2.74 -0.84 -11.83
CA PHE A 48 -1.79 -0.77 -10.75
C PHE A 48 -2.50 -1.02 -9.45
N ILE A 49 -3.65 -0.36 -9.22
CA ILE A 49 -4.33 -0.59 -7.97
C ILE A 49 -4.77 -2.02 -7.89
N THR A 50 -5.04 -2.65 -9.04
CA THR A 50 -5.41 -4.03 -9.03
C THR A 50 -4.27 -4.81 -8.42
N SER A 51 -3.02 -4.48 -8.80
CA SER A 51 -1.87 -5.16 -8.28
C SER A 51 -1.84 -4.96 -6.80
N LEU A 52 -2.16 -3.73 -6.36
CA LEU A 52 -2.16 -3.36 -4.97
C LEU A 52 -3.12 -4.28 -4.28
N ALA A 53 -4.31 -4.47 -4.87
CA ALA A 53 -5.37 -5.25 -4.29
C ALA A 53 -4.94 -6.67 -4.13
N VAL A 54 -4.27 -7.24 -5.15
CA VAL A 54 -3.87 -8.62 -5.06
C VAL A 54 -2.84 -8.78 -3.99
N ALA A 55 -1.87 -7.85 -3.91
CA ALA A 55 -0.80 -7.95 -2.97
C ALA A 55 -1.37 -7.95 -1.59
N ASP A 56 -2.36 -7.08 -1.33
CA ASP A 56 -3.00 -6.96 -0.05
C ASP A 56 -3.89 -8.13 0.25
N LEU A 57 -4.43 -8.79 -0.79
CA LEU A 57 -5.36 -9.87 -0.56
C LEU A 57 -4.62 -11.03 0.04
N VAL A 58 -3.42 -11.32 -0.48
CA VAL A 58 -2.64 -12.42 -0.01
C VAL A 58 -2.27 -12.15 1.42
N MET A 59 -2.20 -10.87 1.79
CA MET A 59 -1.79 -10.57 3.13
C MET A 59 -2.76 -11.11 4.14
N GLY A 60 -4.05 -10.80 3.96
CA GLY A 60 -5.13 -11.20 4.83
C GLY A 60 -5.45 -12.65 4.70
N LEU A 61 -5.14 -13.27 3.54
CA LEU A 61 -5.42 -14.67 3.40
C LEU A 61 -4.43 -15.57 4.07
N ALA A 62 -3.16 -15.59 3.59
CA ALA A 62 -2.15 -16.43 4.19
C ALA A 62 -1.49 -15.85 5.40
N VAL A 63 -0.86 -14.67 5.22
CA VAL A 63 0.02 -14.11 6.20
C VAL A 63 -0.68 -13.74 7.47
N VAL A 64 -1.71 -12.89 7.38
CA VAL A 64 -2.25 -12.37 8.60
C VAL A 64 -3.02 -13.40 9.39
N PRO A 65 -3.80 -14.29 8.83
CA PRO A 65 -4.47 -15.22 9.69
C PRO A 65 -3.55 -16.23 10.30
N PHE A 66 -2.49 -16.65 9.60
CA PHE A 66 -1.59 -17.59 10.19
C PHE A 66 -0.90 -16.92 11.32
N GLY A 67 -0.56 -15.62 11.14
CA GLY A 67 0.13 -14.89 12.16
C GLY A 67 -0.76 -14.80 13.36
N ALA A 68 -2.07 -14.56 13.15
CA ALA A 68 -2.98 -14.41 14.26
C ALA A 68 -3.02 -15.69 15.04
N ALA A 69 -3.14 -16.82 14.32
CA ALA A 69 -3.20 -18.09 14.98
C ALA A 69 -1.92 -18.27 15.71
N HIS A 70 -0.82 -17.79 15.11
CA HIS A 70 0.47 -17.96 15.69
C HIS A 70 0.50 -17.30 17.03
N ILE A 71 -0.04 -16.08 17.12
CA ILE A 71 -0.06 -15.36 18.37
C ILE A 71 -0.96 -16.03 19.36
N LEU A 72 -2.08 -16.61 18.90
CA LEU A 72 -2.97 -17.26 19.82
C LEU A 72 -2.34 -18.47 20.45
N THR A 73 -1.72 -19.34 19.64
CA THR A 73 -1.15 -20.60 20.05
C THR A 73 0.09 -20.38 20.88
N LYS A 74 0.83 -19.30 20.61
CA LYS A 74 2.07 -19.03 21.31
C LYS A 74 3.10 -20.03 20.88
N THR A 75 2.85 -20.71 19.73
CA THR A 75 3.80 -21.63 19.17
C THR A 75 3.48 -21.79 17.73
N TRP A 76 4.39 -22.38 16.94
CA TRP A 76 4.15 -22.57 15.53
C TRP A 76 3.83 -24.01 15.27
N THR A 77 2.55 -24.28 14.94
CA THR A 77 1.99 -25.57 14.65
C THR A 77 2.28 -26.02 13.24
N PHE A 78 2.53 -25.06 12.33
CA PHE A 78 2.61 -25.24 10.91
C PHE A 78 3.73 -26.11 10.45
N GLY A 79 4.87 -26.16 11.16
CA GLY A 79 5.92 -27.01 10.68
C GLY A 79 7.01 -26.14 10.16
N ASN A 80 8.20 -26.75 9.91
CA ASN A 80 9.35 -26.01 9.49
C ASN A 80 9.24 -25.51 8.08
N PHE A 81 8.96 -26.40 7.12
CA PHE A 81 8.98 -26.01 5.73
C PHE A 81 7.93 -24.97 5.52
N TRP A 82 6.74 -25.20 6.11
CA TRP A 82 5.63 -24.31 5.96
C TRP A 82 5.97 -23.02 6.65
N CYS A 83 6.76 -23.08 7.75
CA CYS A 83 7.14 -21.87 8.43
C CYS A 83 7.93 -21.04 7.47
N GLU A 84 8.79 -21.69 6.65
CA GLU A 84 9.59 -20.99 5.70
C GLU A 84 8.70 -20.38 4.66
N PHE A 85 7.72 -21.16 4.19
CA PHE A 85 6.81 -20.72 3.15
C PHE A 85 6.08 -19.52 3.63
N TRP A 86 5.54 -19.57 4.86
CA TRP A 86 4.76 -18.52 5.43
C TRP A 86 5.57 -17.26 5.54
N THR A 87 6.80 -17.38 6.05
CA THR A 87 7.59 -16.20 6.23
C THR A 87 7.83 -15.56 4.90
N SER A 88 8.08 -16.38 3.86
CA SER A 88 8.40 -15.88 2.56
C SER A 88 7.23 -15.11 2.01
N ILE A 89 6.01 -15.65 2.15
CA ILE A 89 4.86 -15.00 1.62
C ILE A 89 4.70 -13.69 2.32
N ASP A 90 5.05 -13.66 3.63
CA ASP A 90 4.91 -12.45 4.39
C ASP A 90 5.76 -11.37 3.78
N VAL A 91 7.06 -11.63 3.59
CA VAL A 91 7.95 -10.62 3.10
C VAL A 91 7.52 -10.20 1.73
N LEU A 92 7.08 -11.16 0.91
CA LEU A 92 6.70 -10.87 -0.45
C LEU A 92 5.54 -9.91 -0.43
N CYS A 93 4.55 -10.16 0.45
CA CYS A 93 3.37 -9.35 0.49
C CYS A 93 3.73 -7.97 0.90
N VAL A 94 4.63 -7.81 1.90
CA VAL A 94 4.93 -6.49 2.35
C VAL A 94 5.62 -5.72 1.27
N THR A 95 6.62 -6.33 0.61
CA THR A 95 7.38 -5.64 -0.39
C THR A 95 6.47 -5.26 -1.51
N ALA A 96 5.59 -6.18 -1.94
CA ALA A 96 4.72 -5.90 -3.05
C ALA A 96 3.83 -4.75 -2.69
N SER A 97 3.31 -4.72 -1.46
CA SER A 97 2.40 -3.67 -1.07
C SER A 97 3.07 -2.34 -1.15
N ILE A 98 4.18 -2.17 -0.42
CA ILE A 98 4.82 -0.89 -0.33
C ILE A 98 5.24 -0.46 -1.70
N TRP A 99 5.87 -1.37 -2.45
CA TRP A 99 6.39 -1.00 -3.74
C TRP A 99 5.27 -0.57 -4.63
N THR A 100 4.12 -1.27 -4.60
CA THR A 100 3.02 -0.94 -5.45
C THR A 100 2.55 0.45 -5.13
N LEU A 101 2.49 0.79 -3.83
CA LEU A 101 2.05 2.10 -3.45
C LEU A 101 2.96 3.10 -4.07
N CYS A 102 4.29 2.84 -4.07
CA CYS A 102 5.18 3.80 -4.63
C CYS A 102 4.92 3.91 -6.10
N VAL A 103 4.57 2.80 -6.77
CA VAL A 103 4.34 2.82 -8.19
C VAL A 103 3.19 3.73 -8.49
N ILE A 104 2.11 3.65 -7.69
CA ILE A 104 0.95 4.47 -7.89
C ILE A 104 1.38 5.89 -7.75
N ALA A 105 2.22 6.16 -6.75
CA ALA A 105 2.66 7.51 -6.49
C ALA A 105 3.32 8.02 -7.73
N VAL A 106 4.13 7.16 -8.39
CA VAL A 106 4.82 7.53 -9.57
C VAL A 106 3.82 7.84 -10.65
N ASP A 107 2.71 7.07 -10.70
CA ASP A 107 1.72 7.25 -11.72
C ASP A 107 1.13 8.62 -11.62
N ARG A 108 0.75 9.03 -10.39
CA ARG A 108 0.13 10.32 -10.19
C ARG A 108 1.13 11.40 -10.47
N TYR A 109 2.40 11.18 -10.08
CA TYR A 109 3.42 12.18 -10.27
C TYR A 109 3.53 12.43 -11.74
N PHE A 110 3.53 11.36 -12.55
CA PHE A 110 3.62 11.50 -13.97
C PHE A 110 2.52 12.39 -14.47
N ALA A 111 1.44 12.55 -13.69
CA ALA A 111 0.37 13.36 -14.17
C ALA A 111 0.78 14.81 -14.18
N ILE A 112 1.43 15.24 -15.27
CA ILE A 112 1.89 16.60 -15.41
C ILE A 112 0.86 17.46 -16.09
N CYS A 113 -0.39 17.02 -16.01
CA CYS A 113 -1.50 17.69 -16.66
C CYS A 113 -1.12 18.26 -18.03
N SER A 114 -0.70 17.38 -18.93
CA SER A 114 -0.30 17.82 -20.26
C SER A 114 -0.40 16.65 -21.23
N PRO A 115 -0.92 16.88 -22.41
CA PRO A 115 -1.09 15.83 -23.44
C PRO A 115 0.19 15.59 -24.23
N PHE A 116 1.18 16.46 -24.02
CA PHE A 116 2.44 16.35 -24.73
C PHE A 116 3.36 15.32 -24.07
N LYS A 117 3.01 14.88 -22.87
CA LYS A 117 3.85 13.91 -22.16
C LYS A 117 3.13 12.60 -21.92
N TYR A 118 1.92 12.71 -21.38
CA TYR A 118 1.11 11.55 -21.08
C TYR A 118 0.74 10.74 -22.28
N GLN A 119 0.15 11.38 -23.30
CA GLN A 119 -0.32 10.64 -24.44
C GLN A 119 0.83 10.16 -25.26
N SER A 120 1.85 11.01 -25.44
CA SER A 120 2.95 10.68 -26.31
C SER A 120 3.75 9.53 -25.78
N LEU A 121 4.25 9.66 -24.54
CA LEU A 121 5.15 8.70 -23.96
C LEU A 121 4.51 7.36 -23.73
N LEU A 122 3.34 7.33 -23.06
CA LEU A 122 2.72 6.07 -22.77
C LEU A 122 3.39 5.44 -21.60
N THR A 123 2.59 5.07 -20.58
CA THR A 123 3.13 4.50 -19.38
C THR A 123 3.77 3.21 -19.76
N LYS A 124 5.10 3.24 -19.99
CA LYS A 124 5.80 2.03 -20.35
C LYS A 124 5.07 1.34 -21.46
N CYS A 125 5.37 0.06 -21.65
CA CYS A 125 4.74 -0.69 -22.72
C CYS A 125 3.23 -0.71 -22.48
N LYS A 126 2.90 -1.13 -21.23
CA LYS A 126 1.52 -1.38 -20.90
C LYS A 126 1.34 -1.29 -19.41
N ALA A 127 2.34 -0.78 -18.68
CA ALA A 127 2.20 -0.69 -17.25
C ALA A 127 2.28 -2.05 -16.63
N ARG A 128 1.93 -3.07 -17.37
CA ARG A 128 1.95 -4.44 -16.94
C ARG A 128 3.36 -4.78 -16.60
N VAL A 129 4.32 -4.28 -17.40
CA VAL A 129 5.69 -4.62 -17.15
C VAL A 129 6.06 -4.07 -15.81
N ILE A 130 5.51 -2.89 -15.45
CA ILE A 130 5.82 -2.29 -14.18
C ILE A 130 5.34 -3.19 -13.08
N ILE A 131 4.12 -3.76 -13.24
CA ILE A 131 3.59 -4.61 -12.21
C ILE A 131 4.45 -5.83 -12.08
N LEU A 132 4.82 -6.45 -13.21
CA LEU A 132 5.60 -7.65 -13.13
C LEU A 132 6.92 -7.33 -12.51
N MET A 133 7.47 -6.14 -12.82
CA MET A 133 8.75 -5.82 -12.25
C MET A 133 8.60 -5.77 -10.77
N VAL A 134 7.51 -5.16 -10.28
CA VAL A 134 7.33 -4.98 -8.87
C VAL A 134 7.33 -6.32 -8.20
N TRP A 135 6.53 -7.26 -8.74
CA TRP A 135 6.42 -8.56 -8.14
C TRP A 135 7.71 -9.30 -8.25
N ILE A 136 8.41 -9.15 -9.40
CA ILE A 136 9.61 -9.90 -9.58
C ILE A 136 10.63 -9.45 -8.57
N VAL A 137 10.81 -8.13 -8.39
CA VAL A 137 11.80 -7.60 -7.49
C VAL A 137 11.41 -7.98 -6.09
N SER A 138 10.10 -8.00 -5.83
CA SER A 138 9.57 -8.32 -4.54
C SER A 138 9.89 -9.75 -4.20
N GLY A 139 9.75 -10.66 -5.17
CA GLY A 139 10.02 -12.06 -4.98
C GLY A 139 11.48 -12.31 -4.77
N LEU A 140 12.33 -11.65 -5.58
CA LEU A 140 13.76 -11.83 -5.55
C LEU A 140 14.30 -11.42 -4.23
N THR A 141 13.71 -10.39 -3.61
CA THR A 141 14.10 -9.89 -2.32
C THR A 141 13.60 -10.74 -1.20
N SER A 142 12.61 -11.63 -1.46
CA SER A 142 11.94 -12.35 -0.42
C SER A 142 12.19 -13.82 -0.51
N PHE A 143 11.49 -14.48 -1.46
CA PHE A 143 11.50 -15.91 -1.59
C PHE A 143 12.88 -16.43 -1.83
N LEU A 144 13.63 -15.85 -2.77
CA LEU A 144 14.91 -16.41 -3.07
C LEU A 144 15.83 -16.33 -1.88
N PRO A 145 15.90 -15.21 -1.22
CA PRO A 145 16.79 -15.08 -0.11
C PRO A 145 16.41 -15.97 1.04
N ILE A 146 15.11 -16.11 1.30
CA ILE A 146 14.62 -16.87 2.41
C ILE A 146 14.88 -18.33 2.21
N GLN A 147 14.52 -18.85 1.02
CA GLN A 147 14.62 -20.26 0.73
C GLN A 147 16.06 -20.66 0.77
N MET A 148 16.93 -19.75 0.31
CA MET A 148 18.34 -19.94 0.22
C MET A 148 18.98 -19.97 1.58
N HIS A 149 18.30 -19.40 2.60
CA HIS A 149 18.87 -19.29 3.92
C HIS A 149 19.96 -18.28 3.92
N TRP A 150 19.82 -17.25 3.05
CA TRP A 150 20.75 -16.16 3.01
C TRP A 150 20.61 -15.31 4.24
N TYR A 151 19.35 -15.10 4.69
CA TYR A 151 19.04 -14.28 5.83
C TYR A 151 19.48 -14.92 7.11
N ARG A 152 19.53 -16.26 7.19
CA ARG A 152 19.82 -16.88 8.45
C ARG A 152 21.14 -16.41 8.97
N ALA A 153 21.15 -15.96 10.24
CA ALA A 153 22.38 -15.55 10.83
C ALA A 153 22.80 -16.67 11.69
N THR A 154 24.10 -17.02 11.65
CA THR A 154 24.50 -18.13 12.45
C THR A 154 24.52 -17.70 13.88
N HIS A 155 23.56 -18.22 14.65
CA HIS A 155 23.52 -17.96 16.06
C HIS A 155 23.04 -19.21 16.68
N GLN A 156 23.40 -19.45 17.96
CA GLN A 156 22.98 -20.67 18.54
C GLN A 156 21.49 -20.70 18.60
N GLU A 157 20.87 -19.61 19.07
CA GLU A 157 19.44 -19.58 19.19
C GLU A 157 18.83 -19.64 17.83
N ALA A 158 19.42 -18.91 16.87
CA ALA A 158 18.85 -18.89 15.56
C ALA A 158 18.89 -20.26 14.99
N ILE A 159 20.04 -20.94 15.10
CA ILE A 159 20.17 -22.23 14.49
C ILE A 159 19.18 -23.15 15.12
N ASN A 160 19.01 -23.06 16.45
CA ASN A 160 18.15 -23.95 17.15
C ASN A 160 16.73 -23.80 16.68
N CYS A 161 16.22 -22.56 16.63
CA CYS A 161 14.85 -22.33 16.27
C CYS A 161 14.63 -22.70 14.84
N TYR A 162 15.58 -22.37 13.94
CA TYR A 162 15.38 -22.69 12.55
C TYR A 162 15.32 -24.17 12.36
N ALA A 163 16.28 -24.91 12.95
CA ALA A 163 16.33 -26.33 12.77
C ALA A 163 15.08 -26.92 13.34
N GLU A 164 14.58 -26.35 14.44
CA GLU A 164 13.40 -26.88 15.08
C GLU A 164 12.25 -26.64 14.15
N GLU A 165 11.41 -27.67 13.92
CA GLU A 165 10.32 -27.55 12.99
C GLU A 165 9.28 -26.57 13.50
N THR A 166 8.90 -26.70 14.78
CA THR A 166 7.84 -25.99 15.45
C THR A 166 8.15 -24.56 15.80
N CYS A 167 9.42 -24.21 16.05
CA CYS A 167 9.71 -22.87 16.48
C CYS A 167 9.83 -21.98 15.28
N CYS A 168 8.83 -21.12 15.04
CA CYS A 168 8.92 -20.25 13.90
C CYS A 168 9.14 -18.85 14.41
N ASP A 169 10.41 -18.40 14.43
CA ASP A 169 10.69 -17.06 14.88
C ASP A 169 11.54 -16.38 13.85
N PHE A 170 11.38 -15.05 13.74
CA PHE A 170 12.05 -14.26 12.75
C PHE A 170 13.38 -13.83 13.27
N PHE A 171 14.47 -14.27 12.59
CA PHE A 171 15.78 -13.84 12.97
C PHE A 171 16.47 -13.45 11.69
N THR A 172 17.17 -12.30 11.66
CA THR A 172 17.82 -11.93 10.44
C THR A 172 19.14 -11.27 10.72
N ASN A 173 20.12 -11.55 9.86
CA ASN A 173 21.42 -10.98 10.00
C ASN A 173 21.32 -9.54 9.61
N GLN A 174 22.27 -8.72 10.08
CA GLN A 174 22.25 -7.30 9.87
C GLN A 174 22.27 -7.03 8.40
N ALA A 175 23.10 -7.77 7.65
CA ALA A 175 23.28 -7.52 6.25
C ALA A 175 21.97 -7.67 5.53
N TYR A 176 21.17 -8.67 5.92
CA TYR A 176 19.90 -8.90 5.29
C TYR A 176 18.96 -7.78 5.60
N ALA A 177 18.95 -7.33 6.87
CA ALA A 177 18.03 -6.34 7.34
C ALA A 177 18.24 -5.00 6.68
N ILE A 178 19.50 -4.54 6.52
CA ILE A 178 19.60 -3.21 5.98
C ILE A 178 19.10 -3.16 4.57
N ALA A 179 19.56 -4.07 3.71
CA ALA A 179 19.17 -4.05 2.32
C ALA A 179 17.71 -4.37 2.20
N SER A 180 17.23 -5.34 3.00
CA SER A 180 15.87 -5.77 2.89
C SER A 180 14.96 -4.63 3.19
N SER A 181 15.22 -3.92 4.30
CA SER A 181 14.38 -2.84 4.72
C SER A 181 14.47 -1.70 3.75
N ILE A 182 15.69 -1.36 3.31
CA ILE A 182 15.86 -0.23 2.43
C ILE A 182 15.12 -0.47 1.15
N VAL A 183 15.22 -1.68 0.58
CA VAL A 183 14.55 -1.97 -0.65
C VAL A 183 13.06 -2.01 -0.46
N SER A 184 12.60 -2.70 0.61
CA SER A 184 11.19 -2.88 0.79
C SER A 184 10.49 -1.60 1.10
N PHE A 185 10.87 -0.93 2.23
CA PHE A 185 10.28 0.31 2.67
C PHE A 185 10.91 1.63 2.27
N TYR A 186 12.23 1.78 2.56
CA TYR A 186 12.86 3.08 2.54
C TYR A 186 12.87 3.74 1.20
N VAL A 187 13.29 3.01 0.16
CA VAL A 187 13.41 3.65 -1.12
C VAL A 187 12.06 4.12 -1.55
N PRO A 188 11.04 3.32 -1.46
CA PRO A 188 9.75 3.75 -1.90
C PRO A 188 9.29 4.92 -1.10
N LEU A 189 9.72 5.01 0.18
CA LEU A 189 9.31 6.09 1.00
C LEU A 189 9.86 7.37 0.45
N VAL A 190 11.16 7.37 0.07
CA VAL A 190 11.79 8.56 -0.41
C VAL A 190 11.15 8.99 -1.69
N ILE A 191 10.95 8.04 -2.62
CA ILE A 191 10.39 8.40 -3.89
C ILE A 191 9.04 9.00 -3.68
N MET A 192 8.22 8.37 -2.83
CA MET A 192 6.90 8.91 -2.67
C MET A 192 6.95 10.28 -2.07
N VAL A 193 7.86 10.51 -1.09
CA VAL A 193 7.89 11.79 -0.44
C VAL A 193 8.13 12.85 -1.47
N PHE A 194 9.17 12.68 -2.32
CA PHE A 194 9.48 13.69 -3.27
C PHE A 194 8.34 13.84 -4.22
N VAL A 195 7.76 12.72 -4.68
CA VAL A 195 6.71 12.75 -5.66
C VAL A 195 5.50 13.50 -5.20
N TYR A 196 4.93 13.09 -4.04
CA TYR A 196 3.74 13.74 -3.59
C TYR A 196 4.05 15.17 -3.30
N SER A 197 5.28 15.44 -2.85
CA SER A 197 5.65 16.80 -2.56
C SER A 197 5.50 17.63 -3.79
N ARG A 198 6.08 17.20 -4.93
CA ARG A 198 5.99 18.01 -6.11
C ARG A 198 4.56 18.13 -6.54
N VAL A 199 3.79 17.02 -6.43
CA VAL A 199 2.44 17.06 -6.91
C VAL A 199 1.69 18.09 -6.13
N PHE A 200 1.96 18.16 -4.82
CA PHE A 200 1.32 19.09 -3.93
C PHE A 200 1.62 20.46 -4.43
N GLN A 201 2.88 20.69 -4.84
CA GLN A 201 3.22 22.00 -5.29
C GLN A 201 2.40 22.33 -6.48
N GLU A 202 2.18 21.35 -7.37
CA GLU A 202 1.45 21.60 -8.58
C GLU A 202 0.04 22.02 -8.24
N ALA A 203 -0.60 21.33 -7.28
CA ALA A 203 -1.96 21.62 -6.94
C ALA A 203 -2.04 23.03 -6.45
N LYS A 204 -1.08 23.42 -5.61
CA LYS A 204 -1.04 24.73 -5.02
C LYS A 204 -0.96 25.72 -6.13
N ARG A 205 -0.09 25.45 -7.13
CA ARG A 205 0.10 26.40 -8.18
C ARG A 205 -1.16 26.60 -8.94
N GLN A 206 -1.85 25.50 -9.28
CA GLN A 206 -3.01 25.64 -10.12
C GLN A 206 -4.05 26.46 -9.43
N LEU A 207 -4.30 26.20 -8.14
CA LEU A 207 -5.32 26.94 -7.45
C LEU A 207 -4.94 28.38 -7.39
N GLN A 208 -3.65 28.69 -7.20
CA GLN A 208 -3.24 30.06 -7.08
C GLN A 208 -3.48 30.77 -8.37
N LYS A 209 -3.13 30.12 -9.49
CA LYS A 209 -3.25 30.72 -10.79
C LYS A 209 -4.70 31.00 -11.02
N ILE A 210 -5.56 30.06 -10.59
CA ILE A 210 -6.97 30.19 -10.76
C ILE A 210 -7.41 31.38 -9.98
N ASP A 211 -6.85 31.59 -8.78
CA ASP A 211 -7.22 32.68 -7.92
C ASP A 211 -6.83 33.95 -8.61
N LYS A 212 -5.73 33.92 -9.37
CA LYS A 212 -5.28 35.12 -10.01
C LYS A 212 -6.31 35.48 -11.04
N SER A 213 -6.75 34.47 -11.80
CA SER A 213 -7.72 34.62 -12.83
C SER A 213 -9.00 35.04 -12.19
N GLU A 214 -9.66 36.04 -12.77
CA GLU A 214 -10.93 36.52 -12.23
C GLU A 214 -11.46 37.69 -13.05
N GLY A 215 -12.75 37.66 -13.35
CA GLY A 215 -13.36 38.71 -14.14
C GLY A 215 -13.83 39.85 -13.24
N ARG A 216 -14.48 40.85 -13.84
CA ARG A 216 -14.97 42.00 -13.08
C ARG A 216 -16.49 41.97 -13.00
N PHE A 217 -17.07 40.81 -13.27
CA PHE A 217 -18.50 40.68 -13.21
C PHE A 217 -18.96 40.90 -11.81
N HIS A 218 -18.17 40.36 -10.86
CA HIS A 218 -18.44 40.47 -9.46
C HIS A 218 -17.14 40.29 -8.76
N VAL A 219 -17.08 40.66 -7.48
CA VAL A 219 -15.85 40.51 -6.78
C VAL A 219 -16.14 39.63 -5.60
N GLN A 220 -15.37 38.54 -5.47
CA GLN A 220 -15.57 37.66 -4.36
C GLN A 220 -14.25 37.55 -3.67
N ASN A 221 -14.19 38.00 -2.40
CA ASN A 221 -12.94 37.91 -1.72
C ASN A 221 -13.11 36.89 -0.65
N VAL A 222 -14.15 36.05 -0.77
CA VAL A 222 -14.36 35.04 0.22
C VAL A 222 -14.64 35.76 1.49
N SER A 223 -15.93 36.03 1.77
CA SER A 223 -16.25 36.75 2.97
C SER A 223 -15.77 35.96 4.14
N GLN A 224 -16.02 34.64 4.10
CA GLN A 224 -15.61 33.77 5.17
C GLN A 224 -16.03 32.39 4.82
N VAL A 225 -17.23 32.25 4.24
CA VAL A 225 -17.74 30.96 3.90
C VAL A 225 -18.64 31.05 2.71
N GLU A 226 -18.69 30.02 1.86
CA GLU A 226 -19.56 30.20 0.73
C GLU A 226 -20.98 30.39 1.15
N GLN A 227 -21.37 29.60 2.18
CA GLN A 227 -22.67 29.63 2.78
C GLN A 227 -23.58 28.95 1.80
N ASP A 228 -23.26 27.68 1.51
CA ASP A 228 -23.96 26.84 0.59
C ASP A 228 -24.10 27.58 -0.71
N GLY A 229 -23.00 28.16 -1.21
CA GLY A 229 -23.07 28.88 -2.44
C GLY A 229 -23.36 27.89 -3.51
N ARG A 230 -24.10 28.33 -4.55
CA ARG A 230 -24.45 27.43 -5.61
C ARG A 230 -24.33 28.19 -6.89
N THR A 231 -23.69 27.57 -7.91
CA THR A 231 -23.55 28.25 -9.15
C THR A 231 -23.56 27.23 -10.24
N GLY A 232 -24.01 27.63 -11.44
CA GLY A 232 -24.00 26.66 -12.50
C GLY A 232 -22.71 26.72 -13.24
N HIS A 233 -21.80 27.57 -12.73
CA HIS A 233 -20.49 27.74 -13.27
C HIS A 233 -19.86 26.38 -13.15
N GLY A 234 -19.99 25.73 -11.98
CA GLY A 234 -19.39 24.45 -11.84
C GLY A 234 -20.11 23.50 -12.75
N HIS A 235 -19.35 22.53 -13.31
CA HIS A 235 -19.88 21.56 -14.22
C HIS A 235 -18.73 20.90 -14.91
N ARG A 236 -17.87 21.71 -15.57
CA ARG A 236 -16.76 21.17 -16.28
C ARG A 236 -15.58 21.99 -15.86
N ARG A 237 -14.38 21.41 -15.93
CA ARG A 237 -13.24 22.17 -15.53
C ARG A 237 -13.23 22.12 -14.04
N SER A 238 -14.23 22.72 -13.39
CA SER A 238 -14.27 22.74 -11.96
C SER A 238 -14.25 21.33 -11.48
N SER A 239 -15.05 20.47 -12.13
CA SER A 239 -15.12 19.10 -11.73
C SER A 239 -13.78 18.48 -11.94
N LYS A 240 -13.02 18.98 -12.93
CA LYS A 240 -11.72 18.44 -13.19
C LYS A 240 -10.89 18.79 -12.00
N PHE A 241 -11.04 19.99 -11.42
CA PHE A 241 -10.20 20.27 -10.29
C PHE A 241 -10.61 19.45 -9.12
N ALA A 242 -11.92 19.16 -9.12
CA ALA A 242 -12.65 18.40 -8.16
C ALA A 242 -11.88 17.13 -7.99
N CYS A 243 -11.97 16.30 -9.03
CA CYS A 243 -11.33 15.00 -9.08
C CYS A 243 -9.81 15.06 -9.05
N LYS A 244 -9.17 16.07 -9.63
CA LYS A 244 -7.73 16.03 -9.58
C LYS A 244 -7.24 16.30 -8.20
N GLU A 245 -7.72 17.39 -7.57
CA GLU A 245 -7.30 17.73 -6.23
C GLU A 245 -7.76 16.72 -5.23
N HIS A 246 -9.00 16.20 -5.36
CA HIS A 246 -9.45 15.22 -4.41
C HIS A 246 -8.69 13.96 -4.63
N LYS A 247 -8.42 13.58 -5.88
CA LYS A 247 -7.70 12.36 -6.06
C LYS A 247 -6.35 12.50 -5.43
N ALA A 248 -5.65 13.63 -5.68
CA ALA A 248 -4.33 13.85 -5.14
C ALA A 248 -4.41 13.78 -3.64
N LEU A 249 -5.41 14.46 -3.05
CA LEU A 249 -5.59 14.51 -1.62
C LEU A 249 -5.83 13.18 -0.98
N LYS A 250 -6.69 12.33 -1.58
CA LYS A 250 -6.97 11.04 -1.01
C LYS A 250 -5.80 10.12 -1.14
N THR A 251 -5.09 10.16 -2.27
CA THR A 251 -4.00 9.24 -2.47
C THR A 251 -2.90 9.62 -1.54
N LEU A 252 -2.62 10.90 -1.48
CA LEU A 252 -1.56 11.38 -0.62
C LEU A 252 -1.88 11.06 0.82
N GLY A 253 -3.13 11.28 1.21
CA GLY A 253 -3.51 11.05 2.57
C GLY A 253 -3.41 9.58 2.87
N ILE A 254 -3.80 8.72 1.91
CA ILE A 254 -3.79 7.30 2.10
C ILE A 254 -2.38 6.78 2.17
N ILE A 255 -1.47 7.30 1.32
CA ILE A 255 -0.13 6.80 1.33
C ILE A 255 0.56 7.20 2.59
N MET A 256 0.50 8.49 2.94
CA MET A 256 1.17 8.89 4.14
C MET A 256 0.58 8.25 5.34
N GLY A 257 -0.76 8.14 5.41
CA GLY A 257 -1.43 7.54 6.52
C GLY A 257 -1.09 6.09 6.69
N THR A 258 -0.95 5.34 5.58
CA THR A 258 -0.64 3.95 5.66
C THR A 258 0.76 3.80 6.15
N PHE A 259 1.67 4.54 5.51
CA PHE A 259 3.07 4.49 5.88
C PHE A 259 3.24 4.76 7.37
N THR A 260 2.77 5.92 7.82
CA THR A 260 2.93 6.27 9.21
C THR A 260 2.07 5.45 10.13
N LEU A 261 0.78 5.21 9.90
CA LEU A 261 0.09 4.51 10.94
C LEU A 261 0.53 3.08 10.93
N CYS A 262 1.09 2.62 9.83
CA CYS A 262 1.51 1.23 9.76
C CYS A 262 2.62 1.04 8.76
N TRP A 263 3.83 0.80 9.26
CA TRP A 263 4.95 0.57 8.38
C TRP A 263 6.21 1.29 8.88
N LEU A 264 6.15 2.61 9.02
CA LEU A 264 7.33 3.34 9.41
C LEU A 264 7.84 2.91 10.75
N PRO A 265 7.01 2.81 11.75
CA PRO A 265 7.53 2.47 13.04
C PRO A 265 8.17 1.11 13.02
N PHE A 266 7.62 0.18 12.22
CA PHE A 266 8.13 -1.16 12.12
C PHE A 266 9.47 -1.21 11.44
N PHE A 267 9.52 -0.62 10.22
CA PHE A 267 10.70 -0.71 9.40
C PHE A 267 11.87 -0.01 10.02
N ILE A 268 11.63 1.13 10.69
CA ILE A 268 12.68 1.83 11.37
C ILE A 268 13.16 1.01 12.53
N VAL A 269 12.23 0.37 13.28
CA VAL A 269 12.58 -0.40 14.42
C VAL A 269 13.48 -1.51 13.99
N ASN A 270 13.34 -1.99 12.73
CA ASN A 270 14.20 -3.04 12.28
C ASN A 270 15.62 -2.57 12.34
N ILE A 271 15.90 -1.36 11.83
CA ILE A 271 17.22 -0.80 11.82
C ILE A 271 17.63 -0.57 13.24
N VAL A 272 16.67 -0.21 14.11
CA VAL A 272 16.94 0.02 15.49
C VAL A 272 17.46 -1.24 16.11
N HIS A 273 16.82 -2.38 15.82
CA HIS A 273 17.24 -3.61 16.41
C HIS A 273 18.57 -4.01 15.84
N VAL A 274 18.78 -3.75 14.53
CA VAL A 274 20.01 -4.14 13.95
C VAL A 274 21.16 -3.33 14.48
N ILE A 275 20.98 -2.00 14.59
CA ILE A 275 22.04 -1.13 15.05
C ILE A 275 22.36 -1.36 16.50
N GLN A 276 21.31 -1.37 17.36
CA GLN A 276 21.48 -1.49 18.79
C GLN A 276 20.71 -2.69 19.26
N ASP A 277 21.42 -3.64 19.89
CA ASP A 277 20.93 -4.95 20.25
C ASP A 277 19.90 -5.09 21.35
N ASN A 278 19.96 -4.34 22.47
CA ASN A 278 18.99 -4.70 23.46
C ASN A 278 18.12 -3.53 23.76
N LEU A 279 17.96 -2.63 22.77
CA LEU A 279 17.11 -1.50 22.94
C LEU A 279 15.65 -1.81 22.79
N ILE A 280 15.28 -2.88 22.05
CA ILE A 280 13.87 -3.07 21.83
C ILE A 280 13.33 -4.37 22.36
N ARG A 281 12.01 -4.36 22.66
CA ARG A 281 11.31 -5.53 23.11
C ARG A 281 10.80 -6.26 21.92
N LYS A 282 10.59 -7.58 22.08
CA LYS A 282 10.03 -8.36 21.01
C LYS A 282 8.59 -8.11 20.79
N GLU A 283 7.85 -7.64 21.82
CA GLU A 283 6.46 -7.38 21.65
C GLU A 283 6.28 -6.28 20.64
N VAL A 284 7.15 -5.24 20.69
CA VAL A 284 7.03 -4.11 19.83
C VAL A 284 7.15 -4.54 18.40
N TYR A 285 8.05 -5.50 18.13
CA TYR A 285 8.34 -5.95 16.79
C TYR A 285 7.08 -6.49 16.18
N ILE A 286 6.38 -7.40 16.90
CA ILE A 286 5.20 -8.03 16.37
C ILE A 286 4.09 -7.04 16.21
N LEU A 287 3.86 -6.19 17.23
CA LEU A 287 2.74 -5.28 17.17
C LEU A 287 2.90 -4.37 16.01
N LEU A 288 4.10 -3.84 15.88
CA LEU A 288 4.40 -2.91 14.81
C LEU A 288 4.18 -3.58 13.47
N ASN A 289 4.56 -4.85 13.37
CA ASN A 289 4.42 -5.56 12.13
C ASN A 289 2.95 -5.66 11.78
N TRP A 290 2.09 -5.93 12.78
CA TRP A 290 0.67 -6.01 12.55
C TRP A 290 0.15 -4.68 12.13
N ILE A 291 0.66 -3.62 12.75
CA ILE A 291 0.22 -2.29 12.45
C ILE A 291 0.41 -2.11 10.98
N GLY A 292 1.54 -2.56 10.47
CA GLY A 292 1.82 -2.46 9.07
C GLY A 292 0.82 -3.27 8.31
N TYR A 293 0.39 -4.43 8.86
CA TYR A 293 -0.51 -5.30 8.16
C TYR A 293 -1.80 -4.58 7.87
N VAL A 294 -2.28 -3.76 8.82
CA VAL A 294 -3.56 -3.14 8.68
C VAL A 294 -3.61 -2.28 7.45
N ASN A 295 -2.44 -1.79 7.00
CA ASN A 295 -2.38 -0.93 5.85
C ASN A 295 -3.01 -1.61 4.67
N SER A 296 -2.86 -2.94 4.57
CA SER A 296 -3.44 -3.64 3.46
C SER A 296 -4.93 -3.44 3.47
N GLY A 297 -5.53 -3.37 4.67
CA GLY A 297 -6.96 -3.44 4.82
C GLY A 297 -7.58 -2.08 4.74
N PHE A 298 -6.78 -1.03 5.04
CA PHE A 298 -7.27 0.32 5.15
C PHE A 298 -7.71 0.87 3.84
N ASN A 299 -7.06 0.45 2.73
CA ASN A 299 -7.30 1.06 1.45
C ASN A 299 -8.75 1.06 1.08
N PRO A 300 -9.47 -0.02 1.18
CA PRO A 300 -10.84 0.04 0.74
C PRO A 300 -11.66 1.02 1.50
N LEU A 301 -11.38 1.20 2.81
CA LEU A 301 -12.13 2.15 3.58
C LEU A 301 -11.77 3.55 3.14
N ILE A 302 -10.47 3.80 2.95
CA ILE A 302 -9.96 5.11 2.64
C ILE A 302 -9.72 5.29 1.17
N TYR A 303 -8.76 4.53 0.58
CA TYR A 303 -8.33 4.66 -0.79
C TYR A 303 -9.35 4.63 -1.90
N SER A 304 -10.07 3.50 -2.05
CA SER A 304 -11.03 3.26 -3.11
C SER A 304 -12.11 4.28 -3.16
N ARG A 305 -11.83 5.44 -3.78
CA ARG A 305 -12.73 6.56 -3.85
C ARG A 305 -13.10 6.87 -5.26
N SER A 306 -12.33 6.45 -6.34
CA SER A 306 -12.78 6.87 -7.65
C SER A 306 -14.26 6.68 -7.79
N PRO A 307 -14.84 7.58 -8.55
CA PRO A 307 -16.26 7.62 -8.73
C PRO A 307 -16.82 6.37 -9.32
N ASP A 308 -16.11 5.76 -10.30
CA ASP A 308 -16.58 4.55 -10.89
C ASP A 308 -16.51 3.47 -9.87
N PHE A 309 -15.42 3.46 -9.08
CA PHE A 309 -15.21 2.43 -8.10
C PHE A 309 -16.33 2.41 -7.12
N ARG A 310 -16.75 3.59 -6.63
CA ARG A 310 -17.75 3.63 -5.60
C ARG A 310 -19.04 3.02 -6.08
N CYS A 311 -19.51 3.46 -7.23
CA CYS A 311 -20.74 2.91 -7.78
C CYS A 311 -20.67 1.39 -7.81
N ALA A 312 -19.58 0.99 -8.52
CA ALA A 312 -19.37 -0.40 -8.79
C ALA A 312 -19.36 -1.16 -7.50
N PHE A 313 -18.76 -0.58 -6.44
CA PHE A 313 -18.72 -1.27 -5.17
C PHE A 313 -20.08 -1.42 -4.57
N GLN A 314 -20.88 -0.33 -4.56
CA GLN A 314 -22.15 -0.31 -3.92
C GLN A 314 -23.05 -1.30 -4.57
N GLU A 315 -22.95 -1.41 -5.91
CA GLU A 315 -23.82 -2.28 -6.63
C GLU A 315 -23.63 -3.67 -6.13
N LEU A 316 -22.38 -4.04 -5.81
CA LEU A 316 -22.10 -5.38 -5.34
C LEU A 316 -22.78 -5.61 -4.02
N LEU A 317 -22.74 -4.63 -3.10
CA LEU A 317 -23.29 -4.82 -1.79
C LEU A 317 -24.78 -4.94 -1.83
N ALA A 318 -25.46 -4.12 -2.64
CA ALA A 318 -26.90 -4.15 -2.69
C ALA A 318 -27.33 -5.58 -3.01
N GLU A 7 -4.35 -13.58 29.97
CA GLU A 7 -5.55 -13.20 30.75
C GLU A 7 -6.67 -12.88 29.82
N VAL A 8 -7.18 -11.64 29.92
CA VAL A 8 -8.24 -11.11 29.12
C VAL A 8 -7.73 -10.94 27.73
N TRP A 9 -6.40 -10.75 27.60
CA TRP A 9 -5.76 -10.41 26.36
C TRP A 9 -6.04 -11.42 25.28
N VAL A 10 -6.11 -12.72 25.61
CA VAL A 10 -6.26 -13.68 24.56
C VAL A 10 -7.48 -13.43 23.74
N VAL A 11 -8.66 -13.27 24.38
CA VAL A 11 -9.89 -13.04 23.66
C VAL A 11 -9.82 -11.70 23.02
N GLY A 12 -9.27 -10.71 23.75
CA GLY A 12 -9.25 -9.37 23.27
C GLY A 12 -8.48 -9.31 21.99
N MET A 13 -7.36 -10.03 21.92
CA MET A 13 -6.57 -10.02 20.74
C MET A 13 -7.26 -10.76 19.63
N GLY A 14 -7.91 -11.88 19.96
CA GLY A 14 -8.51 -12.72 18.96
C GLY A 14 -9.54 -11.96 18.21
N ILE A 15 -10.35 -11.15 18.91
CA ILE A 15 -11.40 -10.42 18.29
C ILE A 15 -10.84 -9.44 17.31
N VAL A 16 -9.78 -8.71 17.70
CA VAL A 16 -9.19 -7.72 16.85
C VAL A 16 -8.66 -8.39 15.63
N MET A 17 -8.01 -9.56 15.82
CA MET A 17 -7.38 -10.26 14.73
C MET A 17 -8.45 -10.60 13.75
N SER A 18 -9.64 -10.96 14.27
CA SER A 18 -10.74 -11.34 13.44
C SER A 18 -11.15 -10.17 12.60
N LEU A 19 -11.25 -8.97 13.20
CA LEU A 19 -11.68 -7.82 12.44
C LEU A 19 -10.69 -7.51 11.37
N ILE A 20 -9.38 -7.56 11.68
CA ILE A 20 -8.41 -7.24 10.66
C ILE A 20 -8.43 -8.25 9.56
N VAL A 21 -8.47 -9.55 9.91
CA VAL A 21 -8.43 -10.58 8.91
C VAL A 21 -9.61 -10.40 8.02
N LEU A 22 -10.76 -10.03 8.61
CA LEU A 22 -11.98 -9.85 7.85
C LEU A 22 -11.82 -8.67 6.93
N ALA A 23 -11.27 -7.55 7.44
CA ALA A 23 -11.20 -6.34 6.68
C ALA A 23 -10.34 -6.51 5.47
N ILE A 24 -9.16 -7.13 5.63
CA ILE A 24 -8.26 -7.24 4.52
C ILE A 24 -8.88 -8.07 3.43
N VAL A 25 -9.47 -9.23 3.78
CA VAL A 25 -10.02 -10.09 2.78
C VAL A 25 -11.19 -9.48 2.09
N PHE A 26 -12.17 -8.98 2.87
CA PHE A 26 -13.38 -8.48 2.30
C PHE A 26 -13.04 -7.34 1.40
N GLY A 27 -12.15 -6.43 1.88
CA GLY A 27 -11.81 -5.27 1.11
C GLY A 27 -11.11 -5.61 -0.17
N ASN A 28 -10.04 -6.42 -0.11
CA ASN A 28 -9.27 -6.71 -1.30
C ASN A 28 -10.10 -7.48 -2.25
N VAL A 29 -10.83 -8.49 -1.74
CA VAL A 29 -11.61 -9.30 -2.63
C VAL A 29 -12.62 -8.41 -3.32
N LEU A 30 -13.23 -7.47 -2.58
CA LEU A 30 -14.22 -6.64 -3.18
C LEU A 30 -13.61 -5.85 -4.30
N VAL A 31 -12.42 -5.30 -4.07
CA VAL A 31 -11.84 -4.47 -5.09
C VAL A 31 -11.53 -5.28 -6.32
N ILE A 32 -10.88 -6.46 -6.19
CA ILE A 32 -10.56 -7.23 -7.36
C ILE A 32 -11.50 -8.39 -7.49
N THR A 33 -12.80 -8.12 -7.29
CA THR A 33 -13.83 -9.12 -7.37
C THR A 33 -13.99 -9.48 -8.81
N ALA A 34 -13.05 -10.28 -9.33
CA ALA A 34 -13.09 -10.69 -10.70
C ALA A 34 -13.28 -9.48 -11.56
N ILE A 35 -12.18 -8.79 -11.89
CA ILE A 35 -12.24 -7.61 -12.71
C ILE A 35 -12.91 -7.97 -14.01
N CYS A 36 -12.83 -9.22 -14.41
CA CYS A 36 -13.45 -9.62 -15.67
C CYS A 36 -14.88 -9.07 -15.83
N LYS A 37 -15.54 -8.86 -14.70
CA LYS A 37 -16.90 -8.33 -14.72
C LYS A 37 -16.90 -6.85 -14.32
N PHE A 38 -18.03 -6.19 -14.56
CA PHE A 38 -18.16 -4.77 -14.23
C PHE A 38 -17.08 -3.96 -14.94
N GLU A 39 -17.34 -3.61 -16.20
CA GLU A 39 -16.38 -2.82 -16.97
C GLU A 39 -16.14 -1.48 -16.32
N ARG A 40 -15.65 -0.52 -17.11
CA ARG A 40 -15.38 0.82 -16.60
C ARG A 40 -14.07 0.83 -15.81
N LEU A 41 -13.92 -0.09 -14.86
CA LEU A 41 -12.74 -0.17 -14.06
C LEU A 41 -11.51 -0.59 -14.81
N GLN A 42 -11.67 -1.06 -16.05
CA GLN A 42 -10.64 -1.63 -16.89
C GLN A 42 -9.50 -0.69 -17.16
N THR A 43 -9.68 0.63 -16.95
CA THR A 43 -8.70 1.65 -17.24
C THR A 43 -7.32 1.20 -16.83
N VAL A 44 -6.31 1.58 -17.64
CA VAL A 44 -4.96 1.13 -17.46
C VAL A 44 -4.44 1.55 -16.13
N THR A 45 -4.77 2.78 -15.68
CA THR A 45 -4.27 3.27 -14.44
C THR A 45 -4.75 2.36 -13.33
N ASN A 46 -5.95 1.79 -13.50
CA ASN A 46 -6.60 0.95 -12.53
C ASN A 46 -5.82 -0.30 -12.29
N TYR A 47 -5.08 -0.79 -13.30
CA TYR A 47 -4.37 -2.04 -13.20
C TYR A 47 -3.43 -1.98 -12.03
N PHE A 48 -2.74 -0.84 -11.83
CA PHE A 48 -1.79 -0.77 -10.75
C PHE A 48 -2.50 -1.02 -9.45
N ILE A 49 -3.65 -0.36 -9.22
CA ILE A 49 -4.33 -0.59 -7.97
C ILE A 49 -4.77 -2.02 -7.89
N THR A 50 -5.04 -2.65 -9.04
CA THR A 50 -5.41 -4.03 -9.03
C THR A 50 -4.27 -4.81 -8.42
N SER A 51 -3.02 -4.48 -8.80
CA SER A 51 -1.87 -5.16 -8.28
C SER A 51 -1.84 -4.96 -6.80
N LEU A 52 -2.16 -3.73 -6.36
CA LEU A 52 -2.16 -3.36 -4.97
C LEU A 52 -3.12 -4.28 -4.28
N ALA A 53 -4.31 -4.47 -4.87
CA ALA A 53 -5.37 -5.25 -4.29
C ALA A 53 -4.94 -6.67 -4.13
N VAL A 54 -4.27 -7.24 -5.15
CA VAL A 54 -3.87 -8.62 -5.06
C VAL A 54 -2.84 -8.78 -3.99
N ALA A 55 -1.87 -7.85 -3.91
CA ALA A 55 -0.80 -7.95 -2.97
C ALA A 55 -1.37 -7.95 -1.59
N ASP A 56 -2.36 -7.08 -1.33
CA ASP A 56 -3.00 -6.96 -0.05
C ASP A 56 -3.89 -8.13 0.25
N LEU A 57 -4.43 -8.79 -0.79
CA LEU A 57 -5.36 -9.87 -0.56
C LEU A 57 -4.62 -11.03 0.04
N VAL A 58 -3.42 -11.32 -0.48
CA VAL A 58 -2.64 -12.42 -0.01
C VAL A 58 -2.27 -12.15 1.42
N MET A 59 -2.20 -10.87 1.79
CA MET A 59 -1.79 -10.57 3.13
C MET A 59 -2.76 -11.11 4.14
N GLY A 60 -4.05 -10.80 3.96
CA GLY A 60 -5.13 -11.20 4.83
C GLY A 60 -5.45 -12.65 4.70
N LEU A 61 -5.14 -13.27 3.54
CA LEU A 61 -5.42 -14.67 3.40
C LEU A 61 -4.43 -15.57 4.07
N ALA A 62 -3.16 -15.59 3.59
CA ALA A 62 -2.15 -16.43 4.19
C ALA A 62 -1.49 -15.85 5.40
N VAL A 63 -0.86 -14.67 5.22
CA VAL A 63 0.02 -14.11 6.20
C VAL A 63 -0.68 -13.74 7.47
N VAL A 64 -1.71 -12.89 7.38
CA VAL A 64 -2.25 -12.37 8.60
C VAL A 64 -3.02 -13.40 9.39
N PRO A 65 -3.80 -14.29 8.83
CA PRO A 65 -4.47 -15.22 9.69
C PRO A 65 -3.55 -16.23 10.30
N PHE A 66 -2.49 -16.65 9.60
CA PHE A 66 -1.59 -17.59 10.19
C PHE A 66 -0.90 -16.92 11.32
N GLY A 67 -0.56 -15.62 11.14
CA GLY A 67 0.13 -14.89 12.16
C GLY A 67 -0.76 -14.80 13.36
N ALA A 68 -2.07 -14.56 13.15
CA ALA A 68 -2.98 -14.41 14.26
C ALA A 68 -3.02 -15.69 15.04
N ALA A 69 -3.14 -16.82 14.32
CA ALA A 69 -3.20 -18.09 14.98
C ALA A 69 -1.92 -18.27 15.71
N HIS A 70 -0.82 -17.79 15.11
CA HIS A 70 0.47 -17.96 15.69
C HIS A 70 0.50 -17.30 17.03
N ILE A 71 -0.04 -16.08 17.12
CA ILE A 71 -0.06 -15.36 18.37
C ILE A 71 -0.96 -16.03 19.36
N LEU A 72 -2.08 -16.61 18.90
CA LEU A 72 -2.97 -17.26 19.82
C LEU A 72 -2.34 -18.47 20.45
N THR A 73 -1.72 -19.34 19.64
CA THR A 73 -1.15 -20.60 20.05
C THR A 73 0.09 -20.38 20.88
N LYS A 74 0.83 -19.30 20.61
CA LYS A 74 2.07 -19.03 21.31
C LYS A 74 3.10 -20.03 20.88
N THR A 75 2.85 -20.71 19.73
CA THR A 75 3.80 -21.63 19.17
C THR A 75 3.48 -21.79 17.73
N TRP A 76 4.39 -22.38 16.94
CA TRP A 76 4.15 -22.57 15.53
C TRP A 76 3.83 -24.01 15.27
N THR A 77 2.55 -24.28 14.94
CA THR A 77 1.99 -25.57 14.65
C THR A 77 2.28 -26.02 13.24
N PHE A 78 2.53 -25.06 12.33
CA PHE A 78 2.61 -25.24 10.91
C PHE A 78 3.73 -26.11 10.45
N GLY A 79 4.87 -26.16 11.16
CA GLY A 79 5.92 -27.01 10.68
C GLY A 79 7.01 -26.14 10.16
N ASN A 80 8.20 -26.75 9.91
CA ASN A 80 9.35 -26.01 9.49
C ASN A 80 9.24 -25.51 8.08
N PHE A 81 8.96 -26.40 7.12
CA PHE A 81 8.98 -26.01 5.73
C PHE A 81 7.93 -24.97 5.52
N TRP A 82 6.74 -25.20 6.11
CA TRP A 82 5.63 -24.31 5.96
C TRP A 82 5.97 -23.02 6.65
N CYS A 83 6.76 -23.08 7.75
CA CYS A 83 7.14 -21.87 8.43
C CYS A 83 7.93 -21.04 7.47
N GLU A 84 8.79 -21.69 6.65
CA GLU A 84 9.59 -20.99 5.70
C GLU A 84 8.70 -20.38 4.66
N PHE A 85 7.72 -21.16 4.19
CA PHE A 85 6.81 -20.72 3.15
C PHE A 85 6.08 -19.52 3.63
N TRP A 86 5.54 -19.57 4.86
CA TRP A 86 4.76 -18.52 5.43
C TRP A 86 5.57 -17.26 5.54
N THR A 87 6.80 -17.38 6.05
CA THR A 87 7.59 -16.20 6.23
C THR A 87 7.83 -15.56 4.90
N SER A 88 8.08 -16.38 3.86
CA SER A 88 8.40 -15.88 2.56
C SER A 88 7.23 -15.11 2.01
N ILE A 89 6.01 -15.65 2.15
CA ILE A 89 4.86 -15.00 1.62
C ILE A 89 4.70 -13.69 2.32
N ASP A 90 5.05 -13.66 3.63
CA ASP A 90 4.91 -12.45 4.39
C ASP A 90 5.76 -11.37 3.78
N VAL A 91 7.06 -11.63 3.59
CA VAL A 91 7.95 -10.62 3.10
C VAL A 91 7.52 -10.20 1.73
N LEU A 92 7.08 -11.16 0.91
CA LEU A 92 6.70 -10.87 -0.45
C LEU A 92 5.54 -9.91 -0.43
N CYS A 93 4.55 -10.16 0.45
CA CYS A 93 3.37 -9.35 0.49
C CYS A 93 3.73 -7.97 0.90
N VAL A 94 4.63 -7.81 1.90
CA VAL A 94 4.93 -6.49 2.35
C VAL A 94 5.62 -5.72 1.27
N THR A 95 6.62 -6.33 0.61
CA THR A 95 7.38 -5.64 -0.39
C THR A 95 6.47 -5.26 -1.51
N ALA A 96 5.59 -6.18 -1.94
CA ALA A 96 4.72 -5.90 -3.05
C ALA A 96 3.83 -4.75 -2.69
N SER A 97 3.31 -4.72 -1.46
CA SER A 97 2.40 -3.67 -1.07
C SER A 97 3.07 -2.34 -1.15
N ILE A 98 4.18 -2.17 -0.42
CA ILE A 98 4.82 -0.89 -0.33
C ILE A 98 5.24 -0.46 -1.70
N TRP A 99 5.87 -1.37 -2.45
CA TRP A 99 6.39 -1.00 -3.74
C TRP A 99 5.27 -0.57 -4.63
N THR A 100 4.12 -1.27 -4.60
CA THR A 100 3.02 -0.94 -5.45
C THR A 100 2.55 0.45 -5.13
N LEU A 101 2.49 0.79 -3.83
CA LEU A 101 2.05 2.10 -3.45
C LEU A 101 2.96 3.10 -4.07
N CYS A 102 4.29 2.84 -4.07
CA CYS A 102 5.18 3.80 -4.63
C CYS A 102 4.92 3.91 -6.10
N VAL A 103 4.57 2.80 -6.77
CA VAL A 103 4.34 2.82 -8.19
C VAL A 103 3.19 3.73 -8.49
N ILE A 104 2.11 3.65 -7.69
CA ILE A 104 0.95 4.47 -7.89
C ILE A 104 1.38 5.89 -7.75
N ALA A 105 2.22 6.16 -6.75
CA ALA A 105 2.66 7.51 -6.49
C ALA A 105 3.32 8.02 -7.73
N VAL A 106 4.13 7.16 -8.39
CA VAL A 106 4.82 7.53 -9.57
C VAL A 106 3.82 7.84 -10.65
N ASP A 107 2.71 7.07 -10.70
CA ASP A 107 1.72 7.25 -11.72
C ASP A 107 1.13 8.62 -11.62
N ARG A 108 0.75 9.03 -10.39
CA ARG A 108 0.13 10.32 -10.19
C ARG A 108 1.13 11.40 -10.47
N TYR A 109 2.40 11.18 -10.08
CA TYR A 109 3.42 12.18 -10.27
C TYR A 109 3.53 12.43 -11.74
N PHE A 110 3.53 11.36 -12.55
CA PHE A 110 3.66 11.50 -13.97
C PHE A 110 3.21 12.85 -14.40
N ALA A 111 1.88 13.10 -14.38
CA ALA A 111 1.43 14.38 -14.84
C ALA A 111 -0.03 14.55 -14.54
N ILE A 112 -0.34 15.30 -13.46
CA ILE A 112 -1.70 15.54 -13.06
C ILE A 112 -2.40 16.45 -14.02
N CYS A 113 -1.66 17.47 -14.48
CA CYS A 113 -2.19 18.47 -15.38
C CYS A 113 -1.43 18.54 -16.70
N SER A 114 -2.10 19.06 -17.72
CA SER A 114 -1.51 19.20 -19.04
C SER A 114 -0.79 17.91 -19.41
N PRO A 115 -1.52 16.88 -19.69
CA PRO A 115 -0.94 15.55 -20.05
C PRO A 115 -0.34 15.53 -21.46
N PHE A 116 0.48 16.54 -21.76
CA PHE A 116 1.13 16.61 -23.08
C PHE A 116 2.01 15.38 -23.32
N LYS A 117 2.87 15.07 -22.36
CA LYS A 117 3.75 13.91 -22.47
C LYS A 117 2.98 12.61 -22.20
N TYR A 118 1.92 12.70 -21.40
CA TYR A 118 1.13 11.55 -21.09
C TYR A 118 0.75 10.74 -22.29
N GLN A 119 0.15 11.38 -23.30
CA GLN A 119 -0.32 10.64 -24.44
C GLN A 119 0.83 10.16 -25.26
N SER A 120 1.85 11.01 -25.44
CA SER A 120 2.95 10.68 -26.31
C SER A 120 3.75 9.53 -25.78
N LEU A 121 4.25 9.66 -24.54
CA LEU A 121 5.15 8.70 -23.96
C LEU A 121 4.51 7.36 -23.73
N LEU A 122 3.34 7.33 -23.06
CA LEU A 122 2.71 6.07 -22.79
C LEU A 122 2.55 5.33 -24.07
N THR A 123 3.38 4.27 -24.25
CA THR A 123 3.32 3.49 -25.45
C THR A 123 4.18 2.28 -25.23
N LYS A 124 5.41 2.48 -24.73
CA LYS A 124 6.28 1.38 -24.47
C LYS A 124 6.40 1.15 -22.99
N CYS A 125 6.91 -0.02 -22.62
CA CYS A 125 7.06 -0.33 -21.21
C CYS A 125 5.69 -0.25 -20.54
N LYS A 126 4.84 -1.22 -20.99
CA LYS A 126 3.46 -1.20 -20.62
C LYS A 126 3.33 -1.21 -19.13
N ALA A 127 2.19 -0.76 -18.58
CA ALA A 127 2.05 -0.70 -17.16
C ALA A 127 2.23 -2.07 -16.57
N ARG A 128 1.93 -3.07 -17.37
CA ARG A 128 1.95 -4.44 -16.94
C ARG A 128 3.36 -4.78 -16.60
N VAL A 129 4.32 -4.28 -17.40
CA VAL A 129 5.69 -4.62 -17.15
C VAL A 129 6.06 -4.07 -15.81
N ILE A 130 5.51 -2.89 -15.45
CA ILE A 130 5.82 -2.29 -14.18
C ILE A 130 5.34 -3.19 -13.08
N ILE A 131 4.12 -3.76 -13.24
CA ILE A 131 3.59 -4.61 -12.21
C ILE A 131 4.45 -5.83 -12.08
N LEU A 132 4.82 -6.45 -13.21
CA LEU A 132 5.60 -7.65 -13.13
C LEU A 132 6.92 -7.33 -12.51
N MET A 133 7.47 -6.14 -12.82
CA MET A 133 8.75 -5.82 -12.25
C MET A 133 8.60 -5.77 -10.77
N VAL A 134 7.51 -5.16 -10.28
CA VAL A 134 7.33 -4.98 -8.87
C VAL A 134 7.33 -6.32 -8.20
N TRP A 135 6.53 -7.26 -8.74
CA TRP A 135 6.42 -8.56 -8.14
C TRP A 135 7.71 -9.30 -8.25
N ILE A 136 8.41 -9.15 -9.40
CA ILE A 136 9.61 -9.90 -9.58
C ILE A 136 10.63 -9.45 -8.57
N VAL A 137 10.81 -8.13 -8.39
CA VAL A 137 11.80 -7.60 -7.49
C VAL A 137 11.41 -7.98 -6.09
N SER A 138 10.10 -8.00 -5.83
CA SER A 138 9.57 -8.32 -4.54
C SER A 138 9.89 -9.75 -4.20
N GLY A 139 9.75 -10.66 -5.17
CA GLY A 139 10.02 -12.06 -4.98
C GLY A 139 11.48 -12.31 -4.77
N LEU A 140 12.33 -11.65 -5.58
CA LEU A 140 13.76 -11.83 -5.55
C LEU A 140 14.30 -11.42 -4.23
N THR A 141 13.71 -10.39 -3.61
CA THR A 141 14.10 -9.89 -2.32
C THR A 141 13.60 -10.74 -1.20
N SER A 142 12.61 -11.63 -1.46
CA SER A 142 11.94 -12.35 -0.42
C SER A 142 12.19 -13.82 -0.51
N PHE A 143 11.49 -14.48 -1.46
CA PHE A 143 11.50 -15.91 -1.59
C PHE A 143 12.88 -16.43 -1.83
N LEU A 144 13.63 -15.85 -2.77
CA LEU A 144 14.91 -16.41 -3.07
C LEU A 144 15.83 -16.33 -1.88
N PRO A 145 15.90 -15.21 -1.22
CA PRO A 145 16.79 -15.08 -0.11
C PRO A 145 16.41 -15.97 1.04
N ILE A 146 15.11 -16.11 1.30
CA ILE A 146 14.62 -16.87 2.41
C ILE A 146 14.88 -18.33 2.21
N GLN A 147 14.52 -18.85 1.02
CA GLN A 147 14.62 -20.26 0.73
C GLN A 147 16.06 -20.66 0.77
N MET A 148 16.93 -19.75 0.31
CA MET A 148 18.34 -19.94 0.22
C MET A 148 18.98 -19.97 1.58
N HIS A 149 18.30 -19.40 2.60
CA HIS A 149 18.87 -19.29 3.92
C HIS A 149 19.96 -18.28 3.92
N TRP A 150 19.82 -17.25 3.05
CA TRP A 150 20.75 -16.16 3.01
C TRP A 150 20.61 -15.31 4.24
N TYR A 151 19.35 -15.10 4.69
CA TYR A 151 19.04 -14.28 5.83
C TYR A 151 19.48 -14.92 7.11
N ARG A 152 19.53 -16.26 7.19
CA ARG A 152 19.82 -16.88 8.45
C ARG A 152 21.14 -16.41 8.97
N ALA A 153 21.15 -15.96 10.24
CA ALA A 153 22.38 -15.55 10.83
C ALA A 153 22.80 -16.67 11.69
N THR A 154 24.10 -17.02 11.65
CA THR A 154 24.50 -18.13 12.45
C THR A 154 24.52 -17.70 13.88
N HIS A 155 23.56 -18.22 14.65
CA HIS A 155 23.52 -17.96 16.06
C HIS A 155 23.04 -19.21 16.68
N GLN A 156 23.40 -19.45 17.96
CA GLN A 156 22.98 -20.67 18.54
C GLN A 156 21.49 -20.70 18.60
N GLU A 157 20.87 -19.61 19.07
CA GLU A 157 19.44 -19.58 19.19
C GLU A 157 18.83 -19.64 17.83
N ALA A 158 19.42 -18.91 16.87
CA ALA A 158 18.85 -18.89 15.56
C ALA A 158 18.89 -20.26 14.99
N ILE A 159 20.04 -20.94 15.10
CA ILE A 159 20.17 -22.23 14.49
C ILE A 159 19.18 -23.15 15.12
N ASN A 160 19.01 -23.06 16.45
CA ASN A 160 18.15 -23.95 17.15
C ASN A 160 16.73 -23.80 16.68
N CYS A 161 16.22 -22.56 16.63
CA CYS A 161 14.85 -22.33 16.27
C CYS A 161 14.63 -22.70 14.84
N TYR A 162 15.58 -22.37 13.94
CA TYR A 162 15.38 -22.69 12.55
C TYR A 162 15.32 -24.17 12.36
N ALA A 163 16.28 -24.91 12.95
CA ALA A 163 16.33 -26.33 12.77
C ALA A 163 15.08 -26.92 13.34
N GLU A 164 14.58 -26.35 14.44
CA GLU A 164 13.40 -26.88 15.08
C GLU A 164 12.25 -26.64 14.15
N GLU A 165 11.41 -27.67 13.92
CA GLU A 165 10.32 -27.55 12.99
C GLU A 165 9.28 -26.57 13.50
N THR A 166 8.90 -26.70 14.78
CA THR A 166 7.84 -25.99 15.45
C THR A 166 8.15 -24.56 15.80
N CYS A 167 9.42 -24.21 16.05
CA CYS A 167 9.71 -22.87 16.48
C CYS A 167 9.83 -21.98 15.28
N CYS A 168 8.83 -21.12 15.04
CA CYS A 168 8.92 -20.25 13.90
C CYS A 168 9.14 -18.85 14.41
N ASP A 169 10.41 -18.40 14.43
CA ASP A 169 10.69 -17.06 14.88
C ASP A 169 11.54 -16.38 13.85
N PHE A 170 11.38 -15.05 13.74
CA PHE A 170 12.05 -14.26 12.75
C PHE A 170 13.38 -13.83 13.27
N PHE A 171 14.47 -14.27 12.59
CA PHE A 171 15.78 -13.84 12.97
C PHE A 171 16.47 -13.45 11.69
N THR A 172 17.17 -12.30 11.66
CA THR A 172 17.82 -11.93 10.44
C THR A 172 19.14 -11.27 10.72
N ASN A 173 20.12 -11.55 9.86
CA ASN A 173 21.42 -10.98 10.00
C ASN A 173 21.32 -9.54 9.61
N GLN A 174 22.27 -8.72 10.08
CA GLN A 174 22.25 -7.30 9.87
C GLN A 174 22.27 -7.03 8.40
N ALA A 175 23.10 -7.77 7.65
CA ALA A 175 23.28 -7.52 6.25
C ALA A 175 21.97 -7.67 5.53
N TYR A 176 21.17 -8.67 5.92
CA TYR A 176 19.90 -8.90 5.29
C TYR A 176 18.96 -7.78 5.60
N ALA A 177 18.95 -7.33 6.87
CA ALA A 177 18.03 -6.34 7.34
C ALA A 177 18.24 -5.00 6.68
N ILE A 178 19.50 -4.54 6.52
CA ILE A 178 19.60 -3.21 5.98
C ILE A 178 19.10 -3.16 4.57
N ALA A 179 19.56 -4.07 3.71
CA ALA A 179 19.17 -4.05 2.32
C ALA A 179 17.71 -4.37 2.20
N SER A 180 17.23 -5.34 3.00
CA SER A 180 15.87 -5.77 2.89
C SER A 180 14.96 -4.63 3.19
N SER A 181 15.22 -3.92 4.30
CA SER A 181 14.38 -2.84 4.72
C SER A 181 14.47 -1.70 3.75
N ILE A 182 15.69 -1.36 3.31
CA ILE A 182 15.86 -0.23 2.43
C ILE A 182 15.12 -0.47 1.15
N VAL A 183 15.22 -1.68 0.58
CA VAL A 183 14.55 -1.97 -0.65
C VAL A 183 13.06 -2.01 -0.46
N SER A 184 12.60 -2.70 0.61
CA SER A 184 11.19 -2.88 0.79
C SER A 184 10.49 -1.60 1.10
N PHE A 185 10.87 -0.93 2.23
CA PHE A 185 10.28 0.31 2.67
C PHE A 185 10.91 1.63 2.27
N TYR A 186 12.23 1.78 2.56
CA TYR A 186 12.86 3.08 2.54
C TYR A 186 12.87 3.74 1.20
N VAL A 187 13.29 3.01 0.16
CA VAL A 187 13.41 3.65 -1.12
C VAL A 187 12.06 4.12 -1.55
N PRO A 188 11.04 3.32 -1.46
CA PRO A 188 9.75 3.75 -1.90
C PRO A 188 9.29 4.92 -1.10
N LEU A 189 9.72 5.01 0.18
CA LEU A 189 9.31 6.09 1.00
C LEU A 189 9.86 7.37 0.45
N VAL A 190 11.16 7.37 0.07
CA VAL A 190 11.79 8.56 -0.41
C VAL A 190 11.15 8.99 -1.69
N ILE A 191 10.95 8.04 -2.62
CA ILE A 191 10.39 8.40 -3.89
C ILE A 191 9.04 9.00 -3.68
N MET A 192 8.22 8.37 -2.83
CA MET A 192 6.90 8.91 -2.67
C MET A 192 6.95 10.28 -2.07
N VAL A 193 7.86 10.51 -1.09
CA VAL A 193 7.89 11.79 -0.44
C VAL A 193 8.13 12.85 -1.47
N PHE A 194 9.17 12.68 -2.32
CA PHE A 194 9.48 13.69 -3.27
C PHE A 194 8.34 13.84 -4.22
N VAL A 195 7.76 12.72 -4.68
CA VAL A 195 6.71 12.75 -5.66
C VAL A 195 5.50 13.50 -5.20
N TYR A 196 4.93 13.09 -4.04
CA TYR A 196 3.74 13.74 -3.59
C TYR A 196 4.05 15.17 -3.30
N SER A 197 5.28 15.44 -2.85
CA SER A 197 5.65 16.80 -2.56
C SER A 197 5.50 17.63 -3.79
N ARG A 198 6.08 17.20 -4.93
CA ARG A 198 5.99 18.01 -6.11
C ARG A 198 4.56 18.13 -6.54
N VAL A 199 3.79 17.02 -6.43
CA VAL A 199 2.44 17.06 -6.91
C VAL A 199 1.69 18.09 -6.13
N PHE A 200 1.96 18.16 -4.82
CA PHE A 200 1.32 19.09 -3.93
C PHE A 200 1.62 20.46 -4.43
N GLN A 201 2.88 20.69 -4.84
CA GLN A 201 3.22 22.00 -5.29
C GLN A 201 2.40 22.33 -6.48
N GLU A 202 2.18 21.35 -7.37
CA GLU A 202 1.45 21.60 -8.58
C GLU A 202 0.04 22.02 -8.24
N ALA A 203 -0.60 21.33 -7.28
CA ALA A 203 -1.96 21.62 -6.94
C ALA A 203 -2.04 23.03 -6.45
N LYS A 204 -1.08 23.42 -5.61
CA LYS A 204 -1.04 24.73 -5.02
C LYS A 204 -0.96 25.72 -6.13
N ARG A 205 -0.09 25.45 -7.13
CA ARG A 205 0.10 26.40 -8.18
C ARG A 205 -1.16 26.60 -8.94
N GLN A 206 -1.85 25.50 -9.28
CA GLN A 206 -3.01 25.64 -10.12
C GLN A 206 -4.05 26.46 -9.43
N LEU A 207 -4.30 26.20 -8.14
CA LEU A 207 -5.32 26.94 -7.45
C LEU A 207 -4.94 28.38 -7.39
N GLN A 208 -3.65 28.69 -7.20
CA GLN A 208 -3.24 30.06 -7.08
C GLN A 208 -3.48 30.77 -8.37
N LYS A 209 -3.13 30.12 -9.49
CA LYS A 209 -3.25 30.72 -10.79
C LYS A 209 -4.70 31.00 -11.02
N ILE A 210 -5.56 30.06 -10.59
CA ILE A 210 -6.97 30.19 -10.76
C ILE A 210 -7.41 31.38 -9.98
N ASP A 211 -6.85 31.59 -8.78
CA ASP A 211 -7.23 32.67 -7.92
C ASP A 211 -6.80 33.94 -8.57
N LYS A 212 -5.71 33.89 -9.37
CA LYS A 212 -5.24 35.10 -10.00
C LYS A 212 -6.26 35.48 -11.03
N SER A 213 -6.68 34.48 -11.82
CA SER A 213 -7.66 34.66 -12.85
C SER A 213 -8.94 35.08 -12.21
N GLU A 214 -9.61 36.06 -12.80
CA GLU A 214 -10.87 36.55 -12.26
C GLU A 214 -11.48 37.60 -13.18
N GLY A 215 -12.77 37.46 -13.47
CA GLY A 215 -13.47 38.42 -14.32
C GLY A 215 -14.95 38.48 -13.98
N ARG A 216 -15.56 39.63 -14.26
CA ARG A 216 -16.99 39.80 -13.98
C ARG A 216 -17.69 40.47 -15.15
N PHE A 217 -18.71 39.82 -15.68
CA PHE A 217 -19.44 40.37 -16.78
C PHE A 217 -20.61 39.49 -17.07
N HIS A 218 -21.77 39.85 -16.49
CA HIS A 218 -22.99 39.14 -16.68
C HIS A 218 -24.08 40.15 -16.50
N VAL A 219 -23.81 41.41 -16.86
CA VAL A 219 -24.81 42.41 -16.71
C VAL A 219 -24.83 43.20 -17.97
N GLN A 220 -25.96 43.87 -18.26
CA GLN A 220 -26.03 44.66 -19.45
C GLN A 220 -27.46 45.08 -19.57
N ASN A 221 -28.40 44.11 -19.54
CA ASN A 221 -29.77 44.50 -19.65
C ASN A 221 -30.57 43.37 -19.08
N VAL A 222 -31.89 43.59 -18.96
CA VAL A 222 -32.72 42.56 -18.42
C VAL A 222 -34.04 42.70 -19.11
N SER A 223 -34.63 41.57 -19.51
CA SER A 223 -35.89 41.64 -20.19
C SER A 223 -36.61 40.34 -19.98
N GLN A 224 -36.62 39.89 -18.72
CA GLN A 224 -37.28 38.66 -18.38
C GLN A 224 -36.75 37.60 -19.27
N VAL A 225 -35.40 37.55 -19.40
CA VAL A 225 -34.78 36.58 -20.26
C VAL A 225 -33.93 35.65 -19.45
N GLU A 226 -34.18 34.34 -19.52
CA GLU A 226 -33.32 33.52 -18.71
C GLU A 226 -32.03 33.23 -19.39
N GLN A 227 -30.98 33.01 -18.55
CA GLN A 227 -29.65 32.69 -18.98
C GLN A 227 -29.52 31.21 -18.80
N ASP A 228 -29.30 30.52 -19.94
CA ASP A 228 -29.17 29.10 -20.04
C ASP A 228 -27.97 28.69 -19.24
N GLY A 229 -26.88 29.47 -19.33
CA GLY A 229 -25.70 29.11 -18.60
C GLY A 229 -25.69 29.93 -17.35
N ARG A 230 -25.56 29.26 -16.19
CA ARG A 230 -25.55 29.96 -14.95
C ARG A 230 -24.32 29.56 -14.21
N THR A 231 -23.94 28.27 -14.33
CA THR A 231 -22.75 27.85 -13.65
C THR A 231 -21.92 27.06 -14.60
N GLY A 232 -20.59 27.29 -14.59
CA GLY A 232 -19.79 26.52 -15.49
C GLY A 232 -19.75 27.16 -16.83
N HIS A 233 -20.07 28.47 -16.85
CA HIS A 233 -20.05 29.27 -18.02
C HIS A 233 -18.61 29.32 -18.43
N GLY A 234 -18.33 29.70 -19.69
CA GLY A 234 -16.96 29.72 -20.10
C GLY A 234 -16.42 28.33 -19.95
N HIS A 235 -15.24 28.22 -19.31
CA HIS A 235 -14.58 26.97 -19.09
C HIS A 235 -15.39 26.18 -18.13
N ARG A 236 -15.26 24.84 -18.20
CA ARG A 236 -16.01 23.97 -17.33
C ARG A 236 -15.09 22.86 -16.98
N ARG A 237 -14.42 22.96 -15.82
CA ARG A 237 -13.52 21.91 -15.47
C ARG A 237 -13.50 21.87 -13.99
N SER A 238 -14.52 22.45 -13.34
CA SER A 238 -14.54 22.48 -11.90
C SER A 238 -14.51 21.07 -11.41
N SER A 239 -15.32 20.20 -12.04
CA SER A 239 -15.37 18.83 -11.62
C SER A 239 -14.03 18.21 -11.85
N LYS A 240 -13.29 18.72 -12.85
CA LYS A 240 -11.98 18.18 -13.13
C LYS A 240 -11.15 18.53 -11.95
N PHE A 241 -11.29 19.75 -11.38
CA PHE A 241 -10.44 20.05 -10.26
C PHE A 241 -10.83 19.23 -9.08
N ALA A 242 -12.15 18.94 -9.05
CA ALA A 242 -12.85 18.18 -8.08
C ALA A 242 -12.09 16.91 -7.92
N CYS A 243 -12.18 16.08 -8.94
CA CYS A 243 -11.54 14.78 -8.98
C CYS A 243 -10.02 14.84 -8.98
N LYS A 244 -9.39 15.86 -9.57
CA LYS A 244 -7.95 15.81 -9.54
C LYS A 244 -7.45 16.10 -8.17
N GLU A 245 -7.92 17.19 -7.54
CA GLU A 245 -7.49 17.55 -6.21
C GLU A 245 -7.93 16.54 -5.20
N HIS A 246 -9.17 16.02 -5.31
CA HIS A 246 -9.60 15.05 -4.34
C HIS A 246 -8.84 13.78 -4.56
N LYS A 247 -8.59 13.40 -5.81
CA LYS A 247 -7.86 12.18 -5.99
C LYS A 247 -6.50 12.33 -5.38
N ALA A 248 -5.81 13.46 -5.64
CA ALA A 248 -4.48 13.70 -5.13
C ALA A 248 -4.54 13.63 -3.62
N LEU A 249 -5.54 14.31 -3.02
CA LEU A 249 -5.70 14.38 -1.60
C LEU A 249 -5.94 13.06 -0.95
N LYS A 250 -6.80 12.20 -1.52
CA LYS A 250 -7.05 10.91 -0.93
C LYS A 250 -5.90 9.99 -1.07
N THR A 251 -5.20 10.03 -2.22
CA THR A 251 -4.11 9.11 -2.41
C THR A 251 -2.99 9.49 -1.50
N LEU A 252 -2.71 10.79 -1.45
CA LEU A 252 -1.65 11.28 -0.62
C LEU A 252 -1.96 10.96 0.83
N GLY A 253 -3.21 11.18 1.24
CA GLY A 253 -3.55 10.96 2.61
C GLY A 253 -3.44 9.50 2.92
N ILE A 254 -3.84 8.63 1.96
CA ILE A 254 -3.83 7.22 2.17
C ILE A 254 -2.41 6.69 2.23
N ILE A 255 -1.52 7.21 1.37
CA ILE A 255 -0.18 6.71 1.35
C ILE A 255 0.52 7.12 2.61
N MET A 256 0.47 8.42 2.95
CA MET A 256 1.15 8.84 4.13
C MET A 256 0.58 8.21 5.36
N GLY A 257 -0.77 8.09 5.42
CA GLY A 257 -1.41 7.51 6.57
C GLY A 257 -1.06 6.06 6.73
N THR A 258 -0.94 5.29 5.63
CA THR A 258 -0.62 3.91 5.72
C THR A 258 0.78 3.76 6.19
N PHE A 259 1.68 4.50 5.55
CA PHE A 259 3.09 4.46 5.89
C PHE A 259 3.27 4.74 7.37
N THR A 260 2.80 5.91 7.83
CA THR A 260 2.98 6.27 9.21
C THR A 260 2.14 5.46 10.15
N LEU A 261 0.85 5.22 9.93
CA LEU A 261 0.17 4.53 10.99
C LEU A 261 0.59 3.09 10.99
N CYS A 262 1.13 2.62 9.88
CA CYS A 262 1.52 1.22 9.80
C CYS A 262 2.62 1.02 8.79
N TRP A 263 3.83 0.80 9.28
CA TRP A 263 4.95 0.58 8.39
C TRP A 263 6.21 1.29 8.88
N LEU A 264 6.15 2.61 9.02
CA LEU A 264 7.33 3.34 9.41
C LEU A 264 7.84 2.91 10.75
N PRO A 265 7.01 2.81 11.75
CA PRO A 265 7.53 2.47 13.04
C PRO A 265 8.17 1.11 13.02
N PHE A 266 7.62 0.18 12.22
CA PHE A 266 8.13 -1.16 12.12
C PHE A 266 9.47 -1.21 11.44
N PHE A 267 9.52 -0.62 10.22
CA PHE A 267 10.70 -0.71 9.40
C PHE A 267 11.87 -0.01 10.02
N ILE A 268 11.63 1.13 10.69
CA ILE A 268 12.68 1.83 11.37
C ILE A 268 13.16 1.01 12.53
N VAL A 269 12.23 0.37 13.28
CA VAL A 269 12.58 -0.40 14.42
C VAL A 269 13.48 -1.51 13.99
N ASN A 270 13.34 -1.99 12.73
CA ASN A 270 14.20 -3.04 12.28
C ASN A 270 15.62 -2.57 12.34
N ILE A 271 15.90 -1.36 11.83
CA ILE A 271 17.22 -0.80 11.82
C ILE A 271 17.63 -0.57 13.24
N VAL A 272 16.67 -0.21 14.11
CA VAL A 272 16.94 0.02 15.49
C VAL A 272 17.46 -1.24 16.11
N HIS A 273 16.82 -2.38 15.82
CA HIS A 273 17.24 -3.61 16.41
C HIS A 273 18.57 -4.01 15.84
N VAL A 274 18.78 -3.75 14.53
CA VAL A 274 20.01 -4.14 13.95
C VAL A 274 21.16 -3.33 14.48
N ILE A 275 20.98 -2.00 14.59
CA ILE A 275 22.04 -1.13 15.05
C ILE A 275 22.36 -1.36 16.50
N GLN A 276 21.31 -1.37 17.36
CA GLN A 276 21.48 -1.49 18.79
C GLN A 276 20.71 -2.69 19.26
N ASP A 277 21.42 -3.64 19.89
CA ASP A 277 20.93 -4.95 20.25
C ASP A 277 19.90 -5.09 21.35
N ASN A 278 19.96 -4.34 22.47
CA ASN A 278 18.99 -4.70 23.46
C ASN A 278 18.12 -3.53 23.76
N LEU A 279 17.96 -2.63 22.77
CA LEU A 279 17.11 -1.50 22.94
C LEU A 279 15.65 -1.81 22.79
N ILE A 280 15.28 -2.88 22.05
CA ILE A 280 13.87 -3.07 21.83
C ILE A 280 13.33 -4.37 22.36
N ARG A 281 12.01 -4.36 22.66
CA ARG A 281 11.31 -5.53 23.11
C ARG A 281 10.80 -6.26 21.92
N LYS A 282 10.59 -7.58 22.08
CA LYS A 282 10.03 -8.36 21.01
C LYS A 282 8.59 -8.11 20.79
N GLU A 283 7.85 -7.64 21.82
CA GLU A 283 6.46 -7.38 21.65
C GLU A 283 6.28 -6.28 20.64
N VAL A 284 7.15 -5.24 20.69
CA VAL A 284 7.03 -4.11 19.83
C VAL A 284 7.15 -4.54 18.40
N TYR A 285 8.05 -5.50 18.13
CA TYR A 285 8.34 -5.95 16.79
C TYR A 285 7.08 -6.49 16.18
N ILE A 286 6.38 -7.40 16.90
CA ILE A 286 5.20 -8.03 16.37
C ILE A 286 4.09 -7.04 16.21
N LEU A 287 3.86 -6.19 17.23
CA LEU A 287 2.74 -5.28 17.17
C LEU A 287 2.90 -4.37 16.01
N LEU A 288 4.10 -3.84 15.88
CA LEU A 288 4.40 -2.91 14.81
C LEU A 288 4.19 -3.58 13.47
N ASN A 289 4.56 -4.85 13.37
CA ASN A 289 4.42 -5.56 12.13
C ASN A 289 2.95 -5.66 11.78
N TRP A 290 2.09 -5.93 12.78
CA TRP A 290 0.67 -6.01 12.55
C TRP A 290 0.15 -4.68 12.13
N ILE A 291 0.66 -3.62 12.75
CA ILE A 291 0.21 -2.29 12.45
C ILE A 291 0.41 -2.11 10.98
N GLY A 292 1.54 -2.56 10.47
CA GLY A 292 1.82 -2.46 9.07
C GLY A 292 0.82 -3.27 8.31
N TYR A 293 0.39 -4.43 8.86
CA TYR A 293 -0.51 -5.30 8.16
C TYR A 293 -1.80 -4.58 7.87
N VAL A 294 -2.28 -3.76 8.82
CA VAL A 294 -3.56 -3.14 8.68
C VAL A 294 -3.61 -2.28 7.45
N ASN A 295 -2.44 -1.79 7.00
CA ASN A 295 -2.38 -0.93 5.85
C ASN A 295 -3.01 -1.61 4.67
N SER A 296 -2.86 -2.94 4.57
CA SER A 296 -3.44 -3.64 3.46
C SER A 296 -4.93 -3.44 3.47
N GLY A 297 -5.53 -3.37 4.67
CA GLY A 297 -6.95 -3.50 4.83
C GLY A 297 -7.66 -2.27 4.33
N PHE A 298 -7.23 -1.09 4.79
CA PHE A 298 -7.95 0.14 4.61
C PHE A 298 -7.99 0.56 3.17
N ASN A 299 -6.92 0.26 2.41
CA ASN A 299 -6.79 0.79 1.07
C ASN A 299 -7.99 0.49 0.22
N PRO A 300 -8.49 -0.71 0.15
CA PRO A 300 -9.59 -0.94 -0.73
C PRO A 300 -10.80 -0.11 -0.38
N LEU A 301 -11.04 0.14 0.91
CA LEU A 301 -12.17 0.94 1.29
C LEU A 301 -11.94 2.36 0.88
N ILE A 302 -10.72 2.88 1.12
CA ILE A 302 -10.39 4.26 0.91
C ILE A 302 -9.68 4.47 -0.41
N TYR A 303 -8.43 3.97 -0.56
CA TYR A 303 -7.61 4.16 -1.72
C TYR A 303 -8.24 4.30 -3.08
N SER A 304 -9.30 3.53 -3.35
CA SER A 304 -10.02 3.51 -4.61
C SER A 304 -11.32 4.23 -4.56
N ARG A 305 -11.32 5.47 -4.06
CA ARG A 305 -12.49 6.28 -3.90
C ARG A 305 -13.04 6.73 -5.22
N SER A 306 -12.33 6.45 -6.34
CA SER A 306 -12.78 6.87 -7.65
C SER A 306 -14.26 6.68 -7.79
N PRO A 307 -14.84 7.58 -8.55
CA PRO A 307 -16.26 7.62 -8.73
C PRO A 307 -16.82 6.37 -9.32
N ASP A 308 -16.11 5.76 -10.30
CA ASP A 308 -16.58 4.55 -10.89
C ASP A 308 -16.51 3.47 -9.87
N PHE A 309 -15.42 3.46 -9.08
CA PHE A 309 -15.21 2.43 -8.10
C PHE A 309 -16.33 2.41 -7.12
N ARG A 310 -16.75 3.59 -6.63
CA ARG A 310 -17.75 3.63 -5.60
C ARG A 310 -19.04 3.02 -6.08
N CYS A 311 -19.51 3.46 -7.23
CA CYS A 311 -20.74 2.91 -7.78
C CYS A 311 -20.67 1.39 -7.81
N ALA A 312 -19.58 0.99 -8.52
CA ALA A 312 -19.37 -0.40 -8.79
C ALA A 312 -19.36 -1.16 -7.50
N PHE A 313 -18.76 -0.58 -6.44
CA PHE A 313 -18.72 -1.27 -5.17
C PHE A 313 -20.08 -1.42 -4.57
N GLN A 314 -20.88 -0.33 -4.56
CA GLN A 314 -22.15 -0.31 -3.92
C GLN A 314 -23.05 -1.30 -4.57
N GLU A 315 -22.95 -1.41 -5.91
CA GLU A 315 -23.82 -2.28 -6.63
C GLU A 315 -23.63 -3.67 -6.13
N LEU A 316 -22.38 -4.04 -5.81
CA LEU A 316 -22.10 -5.38 -5.34
C LEU A 316 -22.78 -5.61 -4.02
N LEU A 317 -22.74 -4.63 -3.10
CA LEU A 317 -23.29 -4.82 -1.79
C LEU A 317 -24.78 -4.94 -1.83
N ALA A 318 -25.46 -4.12 -2.64
CA ALA A 318 -26.90 -4.15 -2.69
C ALA A 318 -27.33 -5.58 -3.01
N GLU A 7 -4.35 -13.58 29.97
CA GLU A 7 -5.55 -13.20 30.75
C GLU A 7 -6.67 -12.88 29.82
N VAL A 8 -7.18 -11.64 29.92
CA VAL A 8 -8.24 -11.11 29.12
C VAL A 8 -7.73 -10.94 27.73
N TRP A 9 -6.40 -10.75 27.60
CA TRP A 9 -5.76 -10.41 26.36
C TRP A 9 -6.04 -11.42 25.28
N VAL A 10 -6.11 -12.72 25.61
CA VAL A 10 -6.26 -13.68 24.56
C VAL A 10 -7.48 -13.43 23.74
N VAL A 11 -8.66 -13.27 24.38
CA VAL A 11 -9.89 -13.04 23.66
C VAL A 11 -9.82 -11.70 23.02
N GLY A 12 -9.27 -10.71 23.75
CA GLY A 12 -9.25 -9.37 23.27
C GLY A 12 -8.48 -9.31 21.99
N MET A 13 -7.36 -10.03 21.92
CA MET A 13 -6.57 -10.02 20.74
C MET A 13 -7.26 -10.76 19.63
N GLY A 14 -7.91 -11.88 19.96
CA GLY A 14 -8.51 -12.72 18.96
C GLY A 14 -9.54 -11.96 18.21
N ILE A 15 -10.35 -11.15 18.91
CA ILE A 15 -11.40 -10.42 18.29
C ILE A 15 -10.84 -9.44 17.31
N VAL A 16 -9.78 -8.71 17.70
CA VAL A 16 -9.19 -7.72 16.85
C VAL A 16 -8.66 -8.39 15.63
N MET A 17 -8.01 -9.56 15.82
CA MET A 17 -7.38 -10.26 14.73
C MET A 17 -8.45 -10.60 13.75
N SER A 18 -9.64 -10.96 14.27
CA SER A 18 -10.74 -11.34 13.44
C SER A 18 -11.15 -10.17 12.60
N LEU A 19 -11.25 -8.97 13.20
CA LEU A 19 -11.68 -7.82 12.44
C LEU A 19 -10.69 -7.51 11.37
N ILE A 20 -9.38 -7.56 11.68
CA ILE A 20 -8.41 -7.24 10.66
C ILE A 20 -8.43 -8.25 9.56
N VAL A 21 -8.47 -9.55 9.91
CA VAL A 21 -8.43 -10.58 8.91
C VAL A 21 -9.61 -10.40 8.02
N LEU A 22 -10.76 -10.03 8.61
CA LEU A 22 -11.98 -9.85 7.85
C LEU A 22 -11.82 -8.67 6.93
N ALA A 23 -11.27 -7.55 7.44
CA ALA A 23 -11.20 -6.34 6.68
C ALA A 23 -10.34 -6.51 5.47
N ILE A 24 -9.16 -7.13 5.63
CA ILE A 24 -8.26 -7.24 4.52
C ILE A 24 -8.88 -8.07 3.43
N VAL A 25 -9.47 -9.23 3.78
CA VAL A 25 -10.02 -10.09 2.78
C VAL A 25 -11.19 -9.48 2.09
N PHE A 26 -12.17 -8.98 2.87
CA PHE A 26 -13.38 -8.48 2.30
C PHE A 26 -13.04 -7.34 1.40
N GLY A 27 -12.15 -6.43 1.88
CA GLY A 27 -11.81 -5.27 1.11
C GLY A 27 -11.11 -5.61 -0.17
N ASN A 28 -10.04 -6.42 -0.11
CA ASN A 28 -9.27 -6.71 -1.30
C ASN A 28 -10.10 -7.48 -2.25
N VAL A 29 -10.83 -8.49 -1.74
CA VAL A 29 -11.61 -9.30 -2.63
C VAL A 29 -12.62 -8.41 -3.32
N LEU A 30 -13.23 -7.47 -2.58
CA LEU A 30 -14.22 -6.64 -3.18
C LEU A 30 -13.61 -5.85 -4.30
N VAL A 31 -12.42 -5.30 -4.07
CA VAL A 31 -11.84 -4.47 -5.09
C VAL A 31 -11.53 -5.28 -6.32
N ILE A 32 -10.88 -6.46 -6.19
CA ILE A 32 -10.60 -7.26 -7.35
C ILE A 32 -11.85 -7.94 -7.82
N THR A 33 -12.42 -7.45 -8.93
CA THR A 33 -13.64 -7.98 -9.48
C THR A 33 -13.53 -9.47 -9.48
N ALA A 34 -14.65 -10.14 -9.16
CA ALA A 34 -14.68 -11.57 -9.11
C ALA A 34 -15.43 -12.07 -10.30
N ILE A 35 -16.71 -11.69 -10.41
CA ILE A 35 -17.53 -12.09 -11.52
C ILE A 35 -16.97 -11.53 -12.78
N CYS A 36 -16.30 -10.40 -12.70
CA CYS A 36 -15.71 -9.78 -13.89
C CYS A 36 -16.78 -9.49 -14.95
N LYS A 37 -17.85 -8.81 -14.56
CA LYS A 37 -18.92 -8.46 -15.48
C LYS A 37 -19.04 -6.94 -15.62
N PHE A 38 -18.62 -6.23 -14.58
CA PHE A 38 -18.69 -4.77 -14.60
C PHE A 38 -17.43 -4.18 -15.24
N GLU A 39 -17.63 -3.33 -16.24
CA GLU A 39 -16.51 -2.71 -16.93
C GLU A 39 -16.18 -1.35 -16.31
N ARG A 40 -15.67 -0.44 -17.13
CA ARG A 40 -15.32 0.90 -16.65
C ARG A 40 -14.04 0.84 -15.81
N LEU A 41 -13.92 -0.09 -14.86
CA LEU A 41 -12.74 -0.17 -14.06
C LEU A 41 -11.51 -0.59 -14.81
N GLN A 42 -11.67 -1.06 -16.05
CA GLN A 42 -10.64 -1.63 -16.89
C GLN A 42 -9.50 -0.69 -17.16
N THR A 43 -9.68 0.63 -16.95
CA THR A 43 -8.70 1.65 -17.24
C THR A 43 -7.32 1.20 -16.83
N VAL A 44 -6.31 1.58 -17.64
CA VAL A 44 -4.96 1.13 -17.46
C VAL A 44 -4.44 1.55 -16.13
N THR A 45 -4.77 2.78 -15.68
CA THR A 45 -4.27 3.27 -14.44
C THR A 45 -4.75 2.36 -13.33
N ASN A 46 -5.95 1.79 -13.50
CA ASN A 46 -6.60 0.95 -12.53
C ASN A 46 -5.82 -0.30 -12.29
N TYR A 47 -5.08 -0.79 -13.30
CA TYR A 47 -4.37 -2.04 -13.20
C TYR A 47 -3.43 -1.98 -12.03
N PHE A 48 -2.74 -0.84 -11.83
CA PHE A 48 -1.79 -0.77 -10.75
C PHE A 48 -2.50 -1.02 -9.45
N ILE A 49 -3.65 -0.36 -9.22
CA ILE A 49 -4.33 -0.59 -7.97
C ILE A 49 -4.77 -2.02 -7.89
N THR A 50 -5.04 -2.65 -9.04
CA THR A 50 -5.41 -4.03 -9.03
C THR A 50 -4.27 -4.81 -8.42
N SER A 51 -3.02 -4.48 -8.80
CA SER A 51 -1.87 -5.16 -8.28
C SER A 51 -1.84 -4.96 -6.80
N LEU A 52 -2.16 -3.73 -6.36
CA LEU A 52 -2.16 -3.36 -4.97
C LEU A 52 -3.12 -4.28 -4.28
N ALA A 53 -4.31 -4.47 -4.87
CA ALA A 53 -5.37 -5.25 -4.29
C ALA A 53 -4.94 -6.67 -4.13
N VAL A 54 -4.27 -7.24 -5.15
CA VAL A 54 -3.87 -8.62 -5.06
C VAL A 54 -2.84 -8.78 -3.99
N ALA A 55 -1.87 -7.85 -3.91
CA ALA A 55 -0.80 -7.95 -2.97
C ALA A 55 -1.37 -7.95 -1.59
N ASP A 56 -2.36 -7.08 -1.33
CA ASP A 56 -3.00 -6.96 -0.05
C ASP A 56 -3.89 -8.13 0.25
N LEU A 57 -4.43 -8.79 -0.79
CA LEU A 57 -5.36 -9.87 -0.56
C LEU A 57 -4.62 -11.03 0.04
N VAL A 58 -3.42 -11.32 -0.48
CA VAL A 58 -2.64 -12.42 -0.01
C VAL A 58 -2.27 -12.15 1.42
N MET A 59 -2.20 -10.87 1.79
CA MET A 59 -1.79 -10.57 3.13
C MET A 59 -2.76 -11.11 4.14
N GLY A 60 -4.05 -10.80 3.96
CA GLY A 60 -5.13 -11.20 4.83
C GLY A 60 -5.45 -12.65 4.70
N LEU A 61 -5.14 -13.27 3.54
CA LEU A 61 -5.42 -14.67 3.40
C LEU A 61 -4.43 -15.57 4.07
N ALA A 62 -3.16 -15.59 3.59
CA ALA A 62 -2.15 -16.43 4.19
C ALA A 62 -1.49 -15.85 5.40
N VAL A 63 -0.86 -14.67 5.22
CA VAL A 63 0.02 -14.11 6.20
C VAL A 63 -0.68 -13.74 7.47
N VAL A 64 -1.71 -12.89 7.38
CA VAL A 64 -2.25 -12.37 8.60
C VAL A 64 -3.02 -13.40 9.39
N PRO A 65 -3.80 -14.29 8.83
CA PRO A 65 -4.47 -15.22 9.69
C PRO A 65 -3.55 -16.23 10.30
N PHE A 66 -2.49 -16.65 9.60
CA PHE A 66 -1.59 -17.59 10.19
C PHE A 66 -0.90 -16.92 11.32
N GLY A 67 -0.56 -15.62 11.14
CA GLY A 67 0.13 -14.89 12.16
C GLY A 67 -0.76 -14.80 13.36
N ALA A 68 -2.07 -14.56 13.15
CA ALA A 68 -2.98 -14.41 14.26
C ALA A 68 -3.02 -15.69 15.04
N ALA A 69 -3.14 -16.82 14.32
CA ALA A 69 -3.20 -18.09 14.98
C ALA A 69 -1.92 -18.27 15.71
N HIS A 70 -0.82 -17.79 15.11
CA HIS A 70 0.47 -17.96 15.69
C HIS A 70 0.50 -17.30 17.03
N ILE A 71 -0.04 -16.08 17.12
CA ILE A 71 -0.06 -15.36 18.37
C ILE A 71 -0.96 -16.03 19.36
N LEU A 72 -2.08 -16.61 18.90
CA LEU A 72 -2.97 -17.26 19.82
C LEU A 72 -2.34 -18.47 20.45
N THR A 73 -1.72 -19.34 19.64
CA THR A 73 -1.15 -20.60 20.05
C THR A 73 0.09 -20.38 20.88
N LYS A 74 0.83 -19.30 20.61
CA LYS A 74 2.07 -19.03 21.31
C LYS A 74 3.10 -20.03 20.88
N THR A 75 2.85 -20.71 19.73
CA THR A 75 3.80 -21.63 19.17
C THR A 75 3.48 -21.79 17.73
N TRP A 76 4.39 -22.38 16.94
CA TRP A 76 4.15 -22.57 15.53
C TRP A 76 3.83 -24.01 15.27
N THR A 77 2.55 -24.28 14.94
CA THR A 77 1.99 -25.57 14.65
C THR A 77 2.28 -26.02 13.24
N PHE A 78 2.53 -25.06 12.33
CA PHE A 78 2.61 -25.24 10.91
C PHE A 78 3.73 -26.11 10.45
N GLY A 79 4.87 -26.16 11.16
CA GLY A 79 5.92 -27.01 10.68
C GLY A 79 7.01 -26.14 10.16
N ASN A 80 8.20 -26.75 9.91
CA ASN A 80 9.35 -26.01 9.49
C ASN A 80 9.24 -25.51 8.08
N PHE A 81 8.96 -26.40 7.12
CA PHE A 81 8.98 -26.01 5.73
C PHE A 81 7.93 -24.97 5.52
N TRP A 82 6.74 -25.20 6.11
CA TRP A 82 5.63 -24.31 5.96
C TRP A 82 5.97 -23.02 6.65
N CYS A 83 6.76 -23.08 7.75
CA CYS A 83 7.14 -21.87 8.43
C CYS A 83 7.93 -21.04 7.47
N GLU A 84 8.79 -21.69 6.65
CA GLU A 84 9.59 -20.99 5.70
C GLU A 84 8.70 -20.38 4.66
N PHE A 85 7.72 -21.16 4.19
CA PHE A 85 6.81 -20.72 3.15
C PHE A 85 6.08 -19.52 3.63
N TRP A 86 5.54 -19.57 4.86
CA TRP A 86 4.76 -18.52 5.43
C TRP A 86 5.57 -17.26 5.54
N THR A 87 6.80 -17.38 6.05
CA THR A 87 7.59 -16.20 6.23
C THR A 87 7.83 -15.56 4.90
N SER A 88 8.08 -16.38 3.86
CA SER A 88 8.40 -15.88 2.56
C SER A 88 7.23 -15.11 2.01
N ILE A 89 6.01 -15.65 2.15
CA ILE A 89 4.86 -15.00 1.62
C ILE A 89 4.70 -13.69 2.32
N ASP A 90 5.05 -13.66 3.63
CA ASP A 90 4.91 -12.45 4.39
C ASP A 90 5.76 -11.37 3.78
N VAL A 91 7.06 -11.63 3.59
CA VAL A 91 7.95 -10.62 3.10
C VAL A 91 7.52 -10.20 1.73
N LEU A 92 7.08 -11.16 0.91
CA LEU A 92 6.70 -10.87 -0.45
C LEU A 92 5.54 -9.91 -0.43
N CYS A 93 4.55 -10.16 0.45
CA CYS A 93 3.37 -9.35 0.49
C CYS A 93 3.73 -7.97 0.90
N VAL A 94 4.63 -7.81 1.90
CA VAL A 94 4.93 -6.49 2.35
C VAL A 94 5.62 -5.72 1.27
N THR A 95 6.62 -6.33 0.61
CA THR A 95 7.38 -5.64 -0.39
C THR A 95 6.47 -5.26 -1.51
N ALA A 96 5.59 -6.18 -1.94
CA ALA A 96 4.72 -5.90 -3.05
C ALA A 96 3.83 -4.75 -2.69
N SER A 97 3.31 -4.72 -1.46
CA SER A 97 2.40 -3.67 -1.07
C SER A 97 3.07 -2.34 -1.15
N ILE A 98 4.18 -2.17 -0.42
CA ILE A 98 4.82 -0.89 -0.33
C ILE A 98 5.24 -0.46 -1.70
N TRP A 99 5.87 -1.37 -2.45
CA TRP A 99 6.39 -1.00 -3.74
C TRP A 99 5.27 -0.57 -4.63
N THR A 100 4.12 -1.27 -4.60
CA THR A 100 3.02 -0.94 -5.45
C THR A 100 2.55 0.45 -5.13
N LEU A 101 2.49 0.79 -3.83
CA LEU A 101 2.05 2.10 -3.45
C LEU A 101 2.96 3.10 -4.07
N CYS A 102 4.29 2.84 -4.07
CA CYS A 102 5.18 3.80 -4.63
C CYS A 102 4.92 3.91 -6.10
N VAL A 103 4.57 2.80 -6.77
CA VAL A 103 4.34 2.82 -8.19
C VAL A 103 3.19 3.73 -8.49
N ILE A 104 2.11 3.65 -7.69
CA ILE A 104 0.95 4.47 -7.89
C ILE A 104 1.38 5.89 -7.75
N ALA A 105 2.22 6.16 -6.75
CA ALA A 105 2.66 7.51 -6.49
C ALA A 105 3.32 8.02 -7.73
N VAL A 106 4.13 7.16 -8.39
CA VAL A 106 4.82 7.53 -9.57
C VAL A 106 3.82 7.84 -10.65
N ASP A 107 2.71 7.07 -10.70
CA ASP A 107 1.72 7.25 -11.72
C ASP A 107 1.13 8.62 -11.62
N ARG A 108 0.75 9.03 -10.39
CA ARG A 108 0.13 10.32 -10.19
C ARG A 108 1.13 11.40 -10.47
N TYR A 109 2.40 11.18 -10.08
CA TYR A 109 3.42 12.18 -10.27
C TYR A 109 3.53 12.43 -11.74
N PHE A 110 3.53 11.36 -12.55
CA PHE A 110 3.60 11.50 -13.98
C PHE A 110 2.68 12.59 -14.43
N ALA A 111 3.24 13.77 -14.75
CA ALA A 111 2.38 14.85 -15.11
C ALA A 111 1.61 14.51 -16.36
N ILE A 112 0.46 15.16 -16.57
CA ILE A 112 -0.37 14.93 -17.72
C ILE A 112 -0.61 16.19 -18.49
N CYS A 113 -0.41 17.32 -17.81
CA CYS A 113 -0.65 18.64 -18.39
C CYS A 113 0.56 19.18 -19.13
N SER A 114 0.69 20.50 -19.16
CA SER A 114 1.80 21.14 -19.85
C SER A 114 3.04 20.24 -19.82
N PRO A 115 3.53 19.96 -18.64
CA PRO A 115 4.72 19.07 -18.45
C PRO A 115 4.50 17.69 -19.06
N PHE A 116 5.56 17.11 -19.61
CA PHE A 116 5.47 15.80 -20.24
C PHE A 116 4.45 15.82 -21.37
N LYS A 117 3.41 15.00 -21.24
CA LYS A 117 2.36 14.93 -22.24
C LYS A 117 1.41 13.78 -21.95
N TYR A 118 1.94 12.69 -21.40
CA TYR A 118 1.13 11.55 -21.09
C TYR A 118 0.76 10.73 -22.29
N GLN A 119 0.15 11.38 -23.30
CA GLN A 119 -0.32 10.64 -24.44
C GLN A 119 0.83 10.16 -25.26
N SER A 120 1.85 11.01 -25.44
CA SER A 120 2.95 10.68 -26.31
C SER A 120 3.75 9.53 -25.78
N LEU A 121 4.25 9.66 -24.54
CA LEU A 121 5.15 8.70 -23.96
C LEU A 121 4.51 7.36 -23.73
N LEU A 122 3.34 7.33 -23.06
CA LEU A 122 2.72 6.07 -22.77
C LEU A 122 2.55 5.31 -24.06
N THR A 123 2.66 3.98 -23.98
CA THR A 123 2.54 3.15 -25.14
C THR A 123 1.43 2.18 -24.87
N LYS A 124 1.36 1.09 -25.66
CA LYS A 124 0.32 0.12 -25.48
C LYS A 124 0.39 -0.44 -24.08
N CYS A 125 1.61 -0.76 -23.65
CA CYS A 125 1.79 -1.32 -22.32
C CYS A 125 2.29 -0.23 -21.39
N LYS A 126 3.55 -0.24 -21.06
CA LYS A 126 4.09 0.67 -20.09
C LYS A 126 3.29 0.60 -18.83
N ALA A 127 2.96 -0.62 -18.35
CA ALA A 127 2.16 -0.72 -17.16
C ALA A 127 2.27 -2.08 -16.56
N ARG A 128 1.93 -3.07 -17.37
CA ARG A 128 1.95 -4.44 -16.94
C ARG A 128 3.36 -4.78 -16.60
N VAL A 129 4.32 -4.28 -17.40
CA VAL A 129 5.69 -4.62 -17.15
C VAL A 129 6.06 -4.07 -15.81
N ILE A 130 5.51 -2.89 -15.45
CA ILE A 130 5.82 -2.29 -14.18
C ILE A 130 5.34 -3.19 -13.08
N ILE A 131 4.12 -3.76 -13.24
CA ILE A 131 3.59 -4.61 -12.21
C ILE A 131 4.45 -5.83 -12.08
N LEU A 132 4.82 -6.45 -13.21
CA LEU A 132 5.60 -7.65 -13.13
C LEU A 132 6.92 -7.33 -12.51
N MET A 133 7.47 -6.14 -12.82
CA MET A 133 8.75 -5.82 -12.25
C MET A 133 8.60 -5.77 -10.77
N VAL A 134 7.51 -5.16 -10.28
CA VAL A 134 7.33 -4.98 -8.87
C VAL A 134 7.33 -6.32 -8.20
N TRP A 135 6.53 -7.26 -8.74
CA TRP A 135 6.42 -8.56 -8.14
C TRP A 135 7.71 -9.30 -8.25
N ILE A 136 8.41 -9.15 -9.40
CA ILE A 136 9.61 -9.90 -9.58
C ILE A 136 10.63 -9.45 -8.57
N VAL A 137 10.81 -8.13 -8.39
CA VAL A 137 11.80 -7.60 -7.49
C VAL A 137 11.41 -7.98 -6.09
N SER A 138 10.10 -8.00 -5.83
CA SER A 138 9.57 -8.32 -4.54
C SER A 138 9.89 -9.75 -4.20
N GLY A 139 9.75 -10.66 -5.17
CA GLY A 139 10.02 -12.06 -4.98
C GLY A 139 11.48 -12.31 -4.77
N LEU A 140 12.33 -11.65 -5.58
CA LEU A 140 13.76 -11.83 -5.55
C LEU A 140 14.30 -11.42 -4.23
N THR A 141 13.71 -10.39 -3.61
CA THR A 141 14.10 -9.89 -2.32
C THR A 141 13.60 -10.74 -1.20
N SER A 142 12.61 -11.63 -1.46
CA SER A 142 11.94 -12.35 -0.42
C SER A 142 12.19 -13.82 -0.51
N PHE A 143 11.49 -14.48 -1.46
CA PHE A 143 11.50 -15.91 -1.59
C PHE A 143 12.88 -16.43 -1.83
N LEU A 144 13.63 -15.85 -2.77
CA LEU A 144 14.91 -16.41 -3.07
C LEU A 144 15.83 -16.33 -1.88
N PRO A 145 15.90 -15.21 -1.22
CA PRO A 145 16.79 -15.08 -0.11
C PRO A 145 16.41 -15.97 1.04
N ILE A 146 15.11 -16.11 1.30
CA ILE A 146 14.62 -16.87 2.41
C ILE A 146 14.88 -18.33 2.21
N GLN A 147 14.52 -18.85 1.02
CA GLN A 147 14.62 -20.26 0.73
C GLN A 147 16.06 -20.66 0.77
N MET A 148 16.93 -19.75 0.31
CA MET A 148 18.34 -19.94 0.22
C MET A 148 18.98 -19.97 1.58
N HIS A 149 18.30 -19.40 2.60
CA HIS A 149 18.87 -19.29 3.92
C HIS A 149 19.96 -18.28 3.92
N TRP A 150 19.82 -17.25 3.05
CA TRP A 150 20.75 -16.16 3.01
C TRP A 150 20.61 -15.31 4.24
N TYR A 151 19.35 -15.10 4.69
CA TYR A 151 19.04 -14.28 5.83
C TYR A 151 19.48 -14.92 7.11
N ARG A 152 19.53 -16.26 7.19
CA ARG A 152 19.82 -16.88 8.45
C ARG A 152 21.14 -16.41 8.97
N ALA A 153 21.15 -15.96 10.24
CA ALA A 153 22.38 -15.55 10.83
C ALA A 153 22.80 -16.67 11.69
N THR A 154 24.10 -17.02 11.65
CA THR A 154 24.50 -18.13 12.45
C THR A 154 24.52 -17.70 13.88
N HIS A 155 23.56 -18.22 14.65
CA HIS A 155 23.52 -17.96 16.06
C HIS A 155 23.04 -19.21 16.68
N GLN A 156 23.40 -19.45 17.96
CA GLN A 156 22.98 -20.67 18.54
C GLN A 156 21.49 -20.70 18.60
N GLU A 157 20.87 -19.61 19.07
CA GLU A 157 19.44 -19.58 19.19
C GLU A 157 18.83 -19.64 17.83
N ALA A 158 19.42 -18.91 16.87
CA ALA A 158 18.85 -18.89 15.56
C ALA A 158 18.89 -20.26 14.99
N ILE A 159 20.04 -20.94 15.10
CA ILE A 159 20.17 -22.23 14.49
C ILE A 159 19.18 -23.15 15.12
N ASN A 160 19.01 -23.06 16.45
CA ASN A 160 18.15 -23.95 17.15
C ASN A 160 16.73 -23.80 16.68
N CYS A 161 16.22 -22.56 16.63
CA CYS A 161 14.85 -22.33 16.27
C CYS A 161 14.63 -22.70 14.84
N TYR A 162 15.58 -22.37 13.94
CA TYR A 162 15.38 -22.69 12.55
C TYR A 162 15.32 -24.17 12.36
N ALA A 163 16.28 -24.91 12.95
CA ALA A 163 16.33 -26.33 12.77
C ALA A 163 15.08 -26.92 13.34
N GLU A 164 14.58 -26.35 14.44
CA GLU A 164 13.40 -26.88 15.08
C GLU A 164 12.25 -26.64 14.15
N GLU A 165 11.41 -27.67 13.92
CA GLU A 165 10.32 -27.55 12.99
C GLU A 165 9.28 -26.57 13.50
N THR A 166 8.90 -26.70 14.78
CA THR A 166 7.84 -25.99 15.45
C THR A 166 8.15 -24.56 15.80
N CYS A 167 9.42 -24.21 16.05
CA CYS A 167 9.71 -22.87 16.48
C CYS A 167 9.83 -21.98 15.28
N CYS A 168 8.83 -21.12 15.04
CA CYS A 168 8.92 -20.25 13.90
C CYS A 168 9.14 -18.85 14.41
N ASP A 169 10.41 -18.40 14.43
CA ASP A 169 10.69 -17.06 14.88
C ASP A 169 11.54 -16.38 13.85
N PHE A 170 11.38 -15.05 13.74
CA PHE A 170 12.05 -14.26 12.75
C PHE A 170 13.38 -13.83 13.27
N PHE A 171 14.47 -14.27 12.59
CA PHE A 171 15.78 -13.84 12.97
C PHE A 171 16.47 -13.45 11.69
N THR A 172 17.17 -12.30 11.66
CA THR A 172 17.82 -11.93 10.44
C THR A 172 19.14 -11.27 10.72
N ASN A 173 20.12 -11.55 9.86
CA ASN A 173 21.42 -10.98 10.00
C ASN A 173 21.32 -9.54 9.61
N GLN A 174 22.27 -8.72 10.08
CA GLN A 174 22.25 -7.30 9.87
C GLN A 174 22.27 -7.03 8.40
N ALA A 175 23.10 -7.77 7.65
CA ALA A 175 23.28 -7.52 6.25
C ALA A 175 21.97 -7.67 5.53
N TYR A 176 21.17 -8.67 5.92
CA TYR A 176 19.90 -8.90 5.29
C TYR A 176 18.96 -7.78 5.60
N ALA A 177 18.95 -7.33 6.87
CA ALA A 177 18.03 -6.34 7.34
C ALA A 177 18.24 -5.00 6.68
N ILE A 178 19.50 -4.54 6.52
CA ILE A 178 19.60 -3.21 5.98
C ILE A 178 19.10 -3.16 4.57
N ALA A 179 19.56 -4.07 3.71
CA ALA A 179 19.17 -4.05 2.32
C ALA A 179 17.71 -4.37 2.20
N SER A 180 17.23 -5.34 3.00
CA SER A 180 15.87 -5.77 2.89
C SER A 180 14.96 -4.63 3.19
N SER A 181 15.22 -3.92 4.30
CA SER A 181 14.38 -2.84 4.72
C SER A 181 14.47 -1.70 3.75
N ILE A 182 15.69 -1.36 3.31
CA ILE A 182 15.86 -0.23 2.43
C ILE A 182 15.12 -0.47 1.15
N VAL A 183 15.22 -1.68 0.58
CA VAL A 183 14.55 -1.97 -0.65
C VAL A 183 13.06 -2.01 -0.46
N SER A 184 12.60 -2.70 0.61
CA SER A 184 11.19 -2.88 0.79
C SER A 184 10.49 -1.60 1.10
N PHE A 185 10.87 -0.93 2.23
CA PHE A 185 10.28 0.31 2.67
C PHE A 185 10.91 1.63 2.27
N TYR A 186 12.23 1.78 2.56
CA TYR A 186 12.86 3.08 2.54
C TYR A 186 12.87 3.74 1.20
N VAL A 187 13.29 3.01 0.16
CA VAL A 187 13.41 3.65 -1.12
C VAL A 187 12.06 4.12 -1.55
N PRO A 188 11.04 3.32 -1.46
CA PRO A 188 9.75 3.75 -1.90
C PRO A 188 9.29 4.92 -1.10
N LEU A 189 9.72 5.01 0.18
CA LEU A 189 9.31 6.09 1.00
C LEU A 189 9.86 7.37 0.45
N VAL A 190 11.16 7.37 0.07
CA VAL A 190 11.79 8.56 -0.41
C VAL A 190 11.15 8.99 -1.69
N ILE A 191 10.95 8.04 -2.62
CA ILE A 191 10.39 8.40 -3.89
C ILE A 191 9.04 9.00 -3.68
N MET A 192 8.22 8.37 -2.83
CA MET A 192 6.90 8.91 -2.67
C MET A 192 6.95 10.28 -2.07
N VAL A 193 7.86 10.51 -1.09
CA VAL A 193 7.89 11.79 -0.44
C VAL A 193 8.13 12.85 -1.47
N PHE A 194 9.17 12.68 -2.32
CA PHE A 194 9.48 13.69 -3.27
C PHE A 194 8.34 13.84 -4.22
N VAL A 195 7.76 12.72 -4.68
CA VAL A 195 6.71 12.75 -5.66
C VAL A 195 5.50 13.50 -5.20
N TYR A 196 4.93 13.09 -4.04
CA TYR A 196 3.74 13.74 -3.59
C TYR A 196 4.05 15.17 -3.30
N SER A 197 5.28 15.44 -2.85
CA SER A 197 5.65 16.80 -2.56
C SER A 197 5.50 17.63 -3.79
N ARG A 198 6.08 17.20 -4.93
CA ARG A 198 5.99 18.01 -6.11
C ARG A 198 4.56 18.13 -6.54
N VAL A 199 3.79 17.02 -6.43
CA VAL A 199 2.44 17.06 -6.91
C VAL A 199 1.69 18.09 -6.13
N PHE A 200 1.96 18.16 -4.82
CA PHE A 200 1.32 19.09 -3.93
C PHE A 200 1.62 20.46 -4.43
N GLN A 201 2.88 20.69 -4.84
CA GLN A 201 3.22 22.00 -5.29
C GLN A 201 2.40 22.33 -6.48
N GLU A 202 2.18 21.35 -7.37
CA GLU A 202 1.45 21.60 -8.58
C GLU A 202 0.04 22.02 -8.24
N ALA A 203 -0.60 21.33 -7.28
CA ALA A 203 -1.96 21.62 -6.94
C ALA A 203 -2.04 23.03 -6.45
N LYS A 204 -1.08 23.42 -5.61
CA LYS A 204 -1.04 24.73 -5.02
C LYS A 204 -0.96 25.72 -6.13
N ARG A 205 -0.09 25.45 -7.13
CA ARG A 205 0.10 26.40 -8.18
C ARG A 205 -1.16 26.60 -8.94
N GLN A 206 -1.85 25.50 -9.28
CA GLN A 206 -3.01 25.64 -10.12
C GLN A 206 -4.05 26.46 -9.43
N LEU A 207 -4.30 26.20 -8.14
CA LEU A 207 -5.32 26.94 -7.45
C LEU A 207 -4.94 28.38 -7.39
N GLN A 208 -3.65 28.69 -7.20
CA GLN A 208 -3.24 30.06 -7.08
C GLN A 208 -3.48 30.77 -8.37
N LYS A 209 -3.13 30.12 -9.49
CA LYS A 209 -3.25 30.72 -10.79
C LYS A 209 -4.70 31.00 -11.02
N ILE A 210 -5.56 30.06 -10.59
CA ILE A 210 -6.97 30.19 -10.76
C ILE A 210 -7.41 31.38 -9.98
N ASP A 211 -6.85 31.59 -8.78
CA ASP A 211 -7.23 32.68 -7.92
C ASP A 211 -6.84 33.95 -8.60
N LYS A 212 -5.72 33.93 -9.36
CA LYS A 212 -5.28 35.13 -10.00
C LYS A 212 -6.31 35.48 -11.04
N SER A 213 -6.72 34.46 -11.80
CA SER A 213 -7.70 34.60 -12.84
C SER A 213 -8.99 35.02 -12.21
N GLU A 214 -9.66 35.99 -12.81
CA GLU A 214 -10.94 36.47 -12.29
C GLU A 214 -11.49 37.58 -13.17
N GLY A 215 -12.81 37.56 -13.37
CA GLY A 215 -13.46 38.59 -14.19
C GLY A 215 -14.60 37.98 -14.98
N ARG A 216 -15.58 37.40 -14.27
CA ARG A 216 -16.73 36.80 -14.93
C ARG A 216 -17.95 36.85 -14.01
N PHE A 217 -19.13 37.00 -14.61
CA PHE A 217 -20.33 37.05 -13.86
C PHE A 217 -20.20 38.09 -12.79
N HIS A 218 -19.47 39.17 -13.14
CA HIS A 218 -19.23 40.26 -12.25
C HIS A 218 -20.14 41.36 -12.70
N VAL A 219 -21.23 40.98 -13.38
CA VAL A 219 -22.14 41.99 -13.83
C VAL A 219 -21.37 42.87 -14.76
N GLN A 220 -21.35 42.52 -16.05
CA GLN A 220 -20.65 43.33 -17.00
C GLN A 220 -21.63 43.66 -18.06
N ASN A 221 -22.68 44.43 -17.71
CA ASN A 221 -23.64 44.78 -18.71
C ASN A 221 -24.14 43.51 -19.29
N VAL A 222 -24.33 42.50 -18.44
CA VAL A 222 -24.82 41.24 -18.92
C VAL A 222 -26.30 41.38 -18.99
N SER A 223 -26.91 40.81 -20.05
CA SER A 223 -28.33 40.92 -20.18
C SER A 223 -28.81 39.77 -21.00
N GLN A 224 -30.05 39.32 -20.72
CA GLN A 224 -30.61 38.23 -21.43
C GLN A 224 -29.69 37.06 -21.31
N VAL A 225 -29.31 36.74 -20.06
CA VAL A 225 -28.39 35.68 -19.82
C VAL A 225 -28.94 34.39 -20.34
N GLU A 226 -30.28 34.22 -20.36
CA GLU A 226 -30.72 32.95 -20.85
C GLU A 226 -30.75 32.92 -22.34
N GLN A 227 -30.25 31.80 -22.90
CA GLN A 227 -30.19 31.53 -24.30
C GLN A 227 -30.97 30.28 -24.53
N ASP A 228 -30.71 29.31 -23.64
CA ASP A 228 -31.32 28.00 -23.66
C ASP A 228 -30.48 27.09 -22.83
N GLY A 229 -29.16 27.10 -23.04
CA GLY A 229 -28.31 26.24 -22.27
C GLY A 229 -26.98 26.20 -22.96
N ARG A 230 -26.16 25.19 -22.63
CA ARG A 230 -24.86 25.09 -23.23
C ARG A 230 -24.16 26.38 -22.99
N THR A 231 -24.32 26.94 -21.78
CA THR A 231 -23.65 28.18 -21.49
C THR A 231 -22.62 27.93 -20.44
N GLY A 232 -21.37 28.35 -20.70
CA GLY A 232 -20.39 28.13 -19.69
C GLY A 232 -20.09 26.67 -19.56
N HIS A 233 -20.26 25.95 -20.68
CA HIS A 233 -19.98 24.56 -20.78
C HIS A 233 -18.62 24.49 -21.40
N GLY A 234 -17.64 23.92 -20.68
CA GLY A 234 -16.32 23.85 -21.23
C GLY A 234 -15.85 22.45 -21.11
N HIS A 235 -16.79 21.49 -21.26
CA HIS A 235 -16.51 20.09 -21.16
C HIS A 235 -16.28 19.76 -19.72
N ARG A 236 -15.17 20.30 -19.16
CA ARG A 236 -14.84 20.04 -17.78
C ARG A 236 -13.85 21.08 -17.40
N ARG A 237 -13.73 21.35 -16.09
CA ARG A 237 -12.80 22.35 -15.70
C ARG A 237 -12.76 22.30 -14.21
N SER A 238 -13.74 22.93 -13.56
CA SER A 238 -13.77 22.98 -12.13
C SER A 238 -13.79 21.57 -11.62
N SER A 239 -14.62 20.72 -12.26
CA SER A 239 -14.73 19.36 -11.84
C SER A 239 -13.41 18.70 -12.05
N LYS A 240 -12.65 19.16 -13.06
CA LYS A 240 -11.36 18.59 -13.32
C LYS A 240 -10.51 18.92 -12.13
N PHE A 241 -10.63 20.13 -11.57
CA PHE A 241 -9.77 20.42 -10.45
C PHE A 241 -10.20 19.61 -9.26
N ALA A 242 -11.52 19.37 -9.26
CA ALA A 242 -12.25 18.63 -8.28
C ALA A 242 -11.53 17.35 -8.10
N CYS A 243 -11.65 16.50 -9.12
CA CYS A 243 -11.05 15.19 -9.15
C CYS A 243 -9.53 15.21 -9.14
N LYS A 244 -8.86 16.19 -9.73
CA LYS A 244 -7.43 16.11 -9.69
C LYS A 244 -6.91 16.38 -8.31
N GLU A 245 -7.35 17.49 -7.70
CA GLU A 245 -6.92 17.84 -6.37
C GLU A 245 -7.41 16.85 -5.35
N HIS A 246 -8.66 16.37 -5.47
CA HIS A 246 -9.12 15.42 -4.51
C HIS A 246 -8.41 14.13 -4.70
N LYS A 247 -8.15 13.73 -5.96
CA LYS A 247 -7.48 12.50 -6.12
C LYS A 247 -6.11 12.60 -5.50
N ALA A 248 -5.39 13.69 -5.77
CA ALA A 248 -4.06 13.90 -5.24
C ALA A 248 -4.12 13.84 -3.74
N LEU A 249 -5.10 14.55 -3.15
CA LEU A 249 -5.27 14.65 -1.73
C LEU A 249 -5.55 13.33 -1.07
N LYS A 250 -6.44 12.49 -1.65
CA LYS A 250 -6.75 11.22 -1.05
C LYS A 250 -5.61 10.25 -1.18
N THR A 251 -4.90 10.26 -2.32
CA THR A 251 -3.85 9.32 -2.50
C THR A 251 -2.73 9.67 -1.59
N LEU A 252 -2.41 10.94 -1.55
CA LEU A 252 -1.33 11.41 -0.71
C LEU A 252 -1.66 11.11 0.74
N GLY A 253 -2.90 11.37 1.14
CA GLY A 253 -3.27 11.17 2.51
C GLY A 253 -3.22 9.70 2.82
N ILE A 254 -3.63 8.84 1.87
CA ILE A 254 -3.66 7.42 2.09
C ILE A 254 -2.27 6.87 2.16
N ILE A 255 -1.35 7.35 1.30
CA ILE A 255 -0.02 6.81 1.30
C ILE A 255 0.68 7.20 2.55
N MET A 256 0.66 8.50 2.88
CA MET A 256 1.35 8.91 4.07
C MET A 256 0.75 8.29 5.29
N GLY A 257 -0.59 8.23 5.36
CA GLY A 257 -1.27 7.66 6.49
C GLY A 257 -0.96 6.20 6.68
N THR A 258 -0.86 5.44 5.58
CA THR A 258 -0.59 4.03 5.67
C THR A 258 0.82 3.85 6.16
N PHE A 259 1.74 4.55 5.51
CA PHE A 259 3.13 4.46 5.87
C PHE A 259 3.32 4.76 7.35
N THR A 260 2.89 5.93 7.79
CA THR A 260 3.06 6.30 9.17
C THR A 260 2.20 5.52 10.10
N LEU A 261 0.89 5.32 9.89
CA LEU A 261 0.19 4.64 10.93
C LEU A 261 0.60 3.20 10.95
N CYS A 262 1.13 2.70 9.85
CA CYS A 262 1.52 1.31 9.80
C CYS A 262 2.61 1.07 8.79
N TRP A 263 3.82 0.83 9.29
CA TRP A 263 4.94 0.58 8.40
C TRP A 263 6.20 1.28 8.89
N LEU A 264 6.15 2.61 9.02
CA LEU A 264 7.33 3.34 9.41
C LEU A 264 7.84 2.91 10.75
N PRO A 265 7.01 2.81 11.75
CA PRO A 265 7.53 2.47 13.04
C PRO A 265 8.17 1.11 13.02
N PHE A 266 7.62 0.18 12.22
CA PHE A 266 8.13 -1.16 12.12
C PHE A 266 9.47 -1.21 11.44
N PHE A 267 9.52 -0.62 10.22
CA PHE A 267 10.70 -0.71 9.40
C PHE A 267 11.87 -0.01 10.02
N ILE A 268 11.63 1.13 10.69
CA ILE A 268 12.68 1.83 11.37
C ILE A 268 13.16 1.01 12.53
N VAL A 269 12.23 0.37 13.28
CA VAL A 269 12.58 -0.40 14.42
C VAL A 269 13.48 -1.51 13.99
N ASN A 270 13.34 -1.99 12.73
CA ASN A 270 14.20 -3.04 12.28
C ASN A 270 15.62 -2.57 12.34
N ILE A 271 15.90 -1.36 11.83
CA ILE A 271 17.22 -0.80 11.82
C ILE A 271 17.63 -0.57 13.24
N VAL A 272 16.67 -0.21 14.11
CA VAL A 272 16.94 0.02 15.49
C VAL A 272 17.46 -1.24 16.11
N HIS A 273 16.82 -2.38 15.82
CA HIS A 273 17.24 -3.61 16.41
C HIS A 273 18.57 -4.01 15.84
N VAL A 274 18.78 -3.75 14.53
CA VAL A 274 20.01 -4.14 13.95
C VAL A 274 21.16 -3.33 14.48
N ILE A 275 20.98 -2.00 14.59
CA ILE A 275 22.04 -1.13 15.05
C ILE A 275 22.36 -1.36 16.50
N GLN A 276 21.31 -1.37 17.36
CA GLN A 276 21.48 -1.49 18.79
C GLN A 276 20.71 -2.69 19.26
N ASP A 277 21.42 -3.64 19.89
CA ASP A 277 20.93 -4.95 20.25
C ASP A 277 19.90 -5.09 21.35
N ASN A 278 19.96 -4.34 22.47
CA ASN A 278 18.99 -4.70 23.46
C ASN A 278 18.12 -3.53 23.76
N LEU A 279 17.96 -2.63 22.77
CA LEU A 279 17.11 -1.50 22.94
C LEU A 279 15.65 -1.81 22.79
N ILE A 280 15.28 -2.88 22.05
CA ILE A 280 13.87 -3.07 21.83
C ILE A 280 13.33 -4.37 22.36
N ARG A 281 12.01 -4.36 22.66
CA ARG A 281 11.31 -5.53 23.11
C ARG A 281 10.80 -6.26 21.92
N LYS A 282 10.59 -7.58 22.08
CA LYS A 282 10.03 -8.36 21.01
C LYS A 282 8.59 -8.11 20.79
N GLU A 283 7.85 -7.64 21.82
CA GLU A 283 6.46 -7.38 21.65
C GLU A 283 6.28 -6.28 20.64
N VAL A 284 7.15 -5.24 20.69
CA VAL A 284 7.03 -4.11 19.83
C VAL A 284 7.15 -4.54 18.40
N TYR A 285 8.05 -5.50 18.13
CA TYR A 285 8.34 -5.95 16.79
C TYR A 285 7.08 -6.49 16.18
N ILE A 286 6.38 -7.40 16.90
CA ILE A 286 5.20 -8.03 16.37
C ILE A 286 4.09 -7.04 16.21
N LEU A 287 3.86 -6.19 17.23
CA LEU A 287 2.74 -5.28 17.17
C LEU A 287 2.90 -4.37 16.01
N LEU A 288 4.10 -3.84 15.88
CA LEU A 288 4.40 -2.92 14.80
C LEU A 288 4.17 -3.59 13.47
N ASN A 289 4.56 -4.85 13.37
CA ASN A 289 4.42 -5.56 12.13
C ASN A 289 2.95 -5.66 11.78
N TRP A 290 2.09 -5.93 12.78
CA TRP A 290 0.67 -6.01 12.55
C TRP A 290 0.15 -4.68 12.13
N ILE A 291 0.66 -3.62 12.75
CA ILE A 291 0.20 -2.29 12.46
C ILE A 291 0.41 -2.09 11.00
N GLY A 292 1.54 -2.56 10.47
CA GLY A 292 1.82 -2.46 9.07
C GLY A 292 0.82 -3.27 8.31
N TYR A 293 0.39 -4.43 8.86
CA TYR A 293 -0.51 -5.30 8.16
C TYR A 293 -1.80 -4.58 7.87
N VAL A 294 -2.28 -3.76 8.82
CA VAL A 294 -3.56 -3.14 8.68
C VAL A 294 -3.61 -2.28 7.45
N ASN A 295 -2.44 -1.79 7.00
CA ASN A 295 -2.38 -0.93 5.85
C ASN A 295 -3.01 -1.61 4.67
N SER A 296 -2.86 -2.94 4.57
CA SER A 296 -3.44 -3.64 3.46
C SER A 296 -4.93 -3.44 3.47
N GLY A 297 -5.53 -3.37 4.67
CA GLY A 297 -6.95 -3.48 4.83
C GLY A 297 -7.64 -2.20 4.44
N PHE A 298 -7.02 -1.05 4.79
CA PHE A 298 -7.63 0.25 4.67
C PHE A 298 -7.85 0.63 3.24
N ASN A 299 -6.95 0.21 2.34
CA ASN A 299 -6.96 0.69 0.99
C ASN A 299 -8.29 0.50 0.33
N PRO A 300 -8.92 -0.64 0.39
CA PRO A 300 -10.16 -0.77 -0.32
C PRO A 300 -11.20 0.18 0.17
N LEU A 301 -11.23 0.48 1.47
CA LEU A 301 -12.21 1.40 1.98
C LEU A 301 -11.90 2.79 1.49
N ILE A 302 -10.61 3.18 1.54
CA ILE A 302 -10.18 4.50 1.23
C ILE A 302 -9.71 4.63 -0.20
N TYR A 303 -8.63 3.92 -0.58
CA TYR A 303 -8.03 3.98 -1.89
C TYR A 303 -8.90 3.98 -3.13
N SER A 304 -9.99 3.18 -3.10
CA SER A 304 -10.91 3.02 -4.21
C SER A 304 -12.00 4.05 -4.22
N ARG A 305 -11.65 5.30 -3.95
CA ARG A 305 -12.57 6.40 -3.88
C ARG A 305 -13.06 6.81 -5.23
N SER A 306 -12.33 6.45 -6.34
CA SER A 306 -12.78 6.87 -7.65
C SER A 306 -14.26 6.68 -7.79
N PRO A 307 -14.84 7.58 -8.55
CA PRO A 307 -16.26 7.62 -8.73
C PRO A 307 -16.82 6.37 -9.32
N ASP A 308 -16.11 5.76 -10.30
CA ASP A 308 -16.58 4.55 -10.89
C ASP A 308 -16.51 3.47 -9.87
N PHE A 309 -15.42 3.46 -9.08
CA PHE A 309 -15.21 2.43 -8.10
C PHE A 309 -16.33 2.41 -7.12
N ARG A 310 -16.75 3.59 -6.63
CA ARG A 310 -17.75 3.63 -5.60
C ARG A 310 -19.04 3.02 -6.08
N CYS A 311 -19.51 3.46 -7.23
CA CYS A 311 -20.74 2.91 -7.78
C CYS A 311 -20.67 1.39 -7.81
N ALA A 312 -19.58 0.99 -8.52
CA ALA A 312 -19.37 -0.40 -8.79
C ALA A 312 -19.36 -1.16 -7.50
N PHE A 313 -18.76 -0.58 -6.44
CA PHE A 313 -18.72 -1.27 -5.17
C PHE A 313 -20.08 -1.42 -4.57
N GLN A 314 -20.88 -0.33 -4.56
CA GLN A 314 -22.15 -0.31 -3.92
C GLN A 314 -23.05 -1.30 -4.57
N GLU A 315 -22.95 -1.41 -5.91
CA GLU A 315 -23.82 -2.28 -6.63
C GLU A 315 -23.63 -3.67 -6.13
N LEU A 316 -22.38 -4.04 -5.81
CA LEU A 316 -22.10 -5.38 -5.34
C LEU A 316 -22.78 -5.61 -4.02
N LEU A 317 -22.74 -4.63 -3.10
CA LEU A 317 -23.29 -4.82 -1.79
C LEU A 317 -24.78 -4.94 -1.83
N ALA A 318 -25.46 -4.12 -2.64
CA ALA A 318 -26.90 -4.15 -2.69
C ALA A 318 -27.33 -5.58 -3.01
N GLU A 7 -4.35 -13.58 29.97
CA GLU A 7 -5.55 -13.20 30.75
C GLU A 7 -6.67 -12.88 29.82
N VAL A 8 -7.18 -11.64 29.92
CA VAL A 8 -8.24 -11.11 29.12
C VAL A 8 -7.73 -10.94 27.73
N TRP A 9 -6.40 -10.75 27.60
CA TRP A 9 -5.76 -10.41 26.36
C TRP A 9 -6.04 -11.42 25.28
N VAL A 10 -6.11 -12.72 25.61
CA VAL A 10 -6.26 -13.68 24.56
C VAL A 10 -7.48 -13.43 23.74
N VAL A 11 -8.66 -13.27 24.38
CA VAL A 11 -9.89 -13.04 23.66
C VAL A 11 -9.82 -11.70 23.02
N GLY A 12 -9.27 -10.71 23.75
CA GLY A 12 -9.25 -9.37 23.27
C GLY A 12 -8.48 -9.31 21.99
N MET A 13 -7.36 -10.03 21.92
CA MET A 13 -6.57 -10.02 20.74
C MET A 13 -7.26 -10.76 19.63
N GLY A 14 -7.91 -11.88 19.96
CA GLY A 14 -8.51 -12.72 18.96
C GLY A 14 -9.54 -11.96 18.21
N ILE A 15 -10.35 -11.15 18.91
CA ILE A 15 -11.40 -10.42 18.29
C ILE A 15 -10.84 -9.44 17.31
N VAL A 16 -9.78 -8.71 17.70
CA VAL A 16 -9.19 -7.72 16.85
C VAL A 16 -8.66 -8.39 15.63
N MET A 17 -8.01 -9.56 15.82
CA MET A 17 -7.38 -10.26 14.73
C MET A 17 -8.45 -10.60 13.75
N SER A 18 -9.64 -10.96 14.27
CA SER A 18 -10.74 -11.34 13.44
C SER A 18 -11.15 -10.17 12.60
N LEU A 19 -11.25 -8.97 13.20
CA LEU A 19 -11.68 -7.82 12.44
C LEU A 19 -10.69 -7.51 11.37
N ILE A 20 -9.38 -7.56 11.68
CA ILE A 20 -8.41 -7.24 10.66
C ILE A 20 -8.43 -8.25 9.56
N VAL A 21 -8.47 -9.55 9.91
CA VAL A 21 -8.43 -10.58 8.91
C VAL A 21 -9.61 -10.40 8.02
N LEU A 22 -10.76 -10.03 8.61
CA LEU A 22 -11.98 -9.85 7.85
C LEU A 22 -11.82 -8.67 6.93
N ALA A 23 -11.27 -7.55 7.44
CA ALA A 23 -11.20 -6.34 6.68
C ALA A 23 -10.34 -6.51 5.47
N ILE A 24 -9.16 -7.13 5.63
CA ILE A 24 -8.26 -7.24 4.52
C ILE A 24 -8.88 -8.07 3.43
N VAL A 25 -9.47 -9.23 3.78
CA VAL A 25 -10.02 -10.09 2.78
C VAL A 25 -11.19 -9.48 2.09
N PHE A 26 -12.17 -8.98 2.87
CA PHE A 26 -13.38 -8.48 2.30
C PHE A 26 -13.04 -7.34 1.40
N GLY A 27 -12.15 -6.43 1.88
CA GLY A 27 -11.81 -5.27 1.11
C GLY A 27 -11.11 -5.61 -0.17
N ASN A 28 -10.04 -6.42 -0.11
CA ASN A 28 -9.27 -6.71 -1.30
C ASN A 28 -10.10 -7.48 -2.25
N VAL A 29 -10.83 -8.49 -1.74
CA VAL A 29 -11.61 -9.30 -2.63
C VAL A 29 -12.62 -8.41 -3.32
N LEU A 30 -13.23 -7.47 -2.58
CA LEU A 30 -14.22 -6.64 -3.18
C LEU A 30 -13.61 -5.85 -4.30
N VAL A 31 -12.42 -5.30 -4.07
CA VAL A 31 -11.84 -4.47 -5.09
C VAL A 31 -11.53 -5.28 -6.32
N ILE A 32 -10.88 -6.46 -6.19
CA ILE A 32 -10.51 -7.21 -7.36
C ILE A 32 -10.82 -6.42 -8.59
N THR A 33 -12.00 -6.67 -9.19
CA THR A 33 -12.39 -6.09 -10.43
C THR A 33 -11.47 -6.60 -11.49
N ALA A 34 -10.19 -6.14 -11.43
CA ALA A 34 -9.21 -6.57 -12.37
C ALA A 34 -9.80 -6.54 -13.74
N ILE A 35 -9.24 -7.36 -14.66
CA ILE A 35 -9.73 -7.41 -16.00
C ILE A 35 -10.84 -8.41 -16.09
N CYS A 36 -11.53 -8.65 -14.99
CA CYS A 36 -12.59 -9.64 -14.97
C CYS A 36 -13.91 -9.08 -15.52
N LYS A 37 -14.51 -8.18 -14.75
CA LYS A 37 -15.78 -7.58 -15.15
C LYS A 37 -15.71 -6.06 -15.02
N PHE A 38 -16.85 -5.40 -15.30
CA PHE A 38 -16.90 -3.94 -15.21
C PHE A 38 -15.92 -3.31 -16.19
N GLU A 39 -16.40 -3.00 -17.39
CA GLU A 39 -15.55 -2.39 -18.41
C GLU A 39 -15.08 -1.01 -17.96
N ARG A 40 -15.80 -0.44 -16.99
CA ARG A 40 -15.45 0.89 -16.50
C ARG A 40 -14.12 0.88 -15.75
N LEU A 41 -13.92 -0.09 -14.86
CA LEU A 41 -12.74 -0.17 -14.06
C LEU A 41 -11.51 -0.59 -14.81
N GLN A 42 -11.67 -1.06 -16.05
CA GLN A 42 -10.64 -1.63 -16.89
C GLN A 42 -9.50 -0.69 -17.16
N THR A 43 -9.68 0.63 -16.95
CA THR A 43 -8.70 1.65 -17.24
C THR A 43 -7.32 1.20 -16.83
N VAL A 44 -6.35 1.54 -17.67
CA VAL A 44 -4.97 1.13 -17.46
C VAL A 44 -4.44 1.57 -16.11
N THR A 45 -4.77 2.78 -15.68
CA THR A 45 -4.27 3.27 -14.44
C THR A 45 -4.75 2.36 -13.33
N ASN A 46 -5.95 1.79 -13.50
CA ASN A 46 -6.60 0.95 -12.53
C ASN A 46 -5.82 -0.30 -12.29
N TYR A 47 -5.08 -0.79 -13.30
CA TYR A 47 -4.37 -2.04 -13.20
C TYR A 47 -3.43 -1.98 -12.03
N PHE A 48 -2.74 -0.84 -11.83
CA PHE A 48 -1.79 -0.77 -10.75
C PHE A 48 -2.50 -1.02 -9.45
N ILE A 49 -3.65 -0.36 -9.22
CA ILE A 49 -4.33 -0.59 -7.97
C ILE A 49 -4.77 -2.02 -7.89
N THR A 50 -5.04 -2.65 -9.04
CA THR A 50 -5.41 -4.03 -9.03
C THR A 50 -4.27 -4.81 -8.42
N SER A 51 -3.02 -4.48 -8.80
CA SER A 51 -1.87 -5.16 -8.28
C SER A 51 -1.84 -4.96 -6.80
N LEU A 52 -2.16 -3.73 -6.36
CA LEU A 52 -2.16 -3.36 -4.97
C LEU A 52 -3.12 -4.28 -4.28
N ALA A 53 -4.31 -4.47 -4.87
CA ALA A 53 -5.37 -5.25 -4.29
C ALA A 53 -4.94 -6.67 -4.13
N VAL A 54 -4.27 -7.24 -5.15
CA VAL A 54 -3.87 -8.62 -5.06
C VAL A 54 -2.84 -8.78 -3.99
N ALA A 55 -1.87 -7.85 -3.91
CA ALA A 55 -0.80 -7.95 -2.97
C ALA A 55 -1.37 -7.95 -1.59
N ASP A 56 -2.36 -7.08 -1.33
CA ASP A 56 -3.00 -6.96 -0.05
C ASP A 56 -3.89 -8.13 0.25
N LEU A 57 -4.43 -8.79 -0.79
CA LEU A 57 -5.36 -9.87 -0.56
C LEU A 57 -4.62 -11.03 0.04
N VAL A 58 -3.42 -11.32 -0.48
CA VAL A 58 -2.64 -12.42 -0.01
C VAL A 58 -2.27 -12.15 1.42
N MET A 59 -2.20 -10.87 1.79
CA MET A 59 -1.79 -10.57 3.13
C MET A 59 -2.76 -11.11 4.14
N GLY A 60 -4.05 -10.80 3.96
CA GLY A 60 -5.13 -11.20 4.83
C GLY A 60 -5.45 -12.65 4.70
N LEU A 61 -5.14 -13.27 3.54
CA LEU A 61 -5.42 -14.67 3.40
C LEU A 61 -4.43 -15.57 4.07
N ALA A 62 -3.16 -15.59 3.59
CA ALA A 62 -2.15 -16.43 4.19
C ALA A 62 -1.49 -15.85 5.40
N VAL A 63 -0.86 -14.67 5.22
CA VAL A 63 0.02 -14.11 6.20
C VAL A 63 -0.68 -13.74 7.47
N VAL A 64 -1.71 -12.89 7.38
CA VAL A 64 -2.25 -12.37 8.60
C VAL A 64 -3.02 -13.40 9.39
N PRO A 65 -3.80 -14.29 8.83
CA PRO A 65 -4.47 -15.22 9.69
C PRO A 65 -3.55 -16.23 10.30
N PHE A 66 -2.49 -16.65 9.60
CA PHE A 66 -1.59 -17.59 10.19
C PHE A 66 -0.90 -16.92 11.32
N GLY A 67 -0.56 -15.62 11.14
CA GLY A 67 0.13 -14.89 12.16
C GLY A 67 -0.76 -14.80 13.36
N ALA A 68 -2.07 -14.56 13.15
CA ALA A 68 -2.98 -14.41 14.26
C ALA A 68 -3.02 -15.69 15.04
N ALA A 69 -3.14 -16.82 14.32
CA ALA A 69 -3.20 -18.09 14.98
C ALA A 69 -1.92 -18.27 15.71
N HIS A 70 -0.82 -17.79 15.11
CA HIS A 70 0.47 -17.96 15.69
C HIS A 70 0.50 -17.30 17.03
N ILE A 71 -0.04 -16.08 17.12
CA ILE A 71 -0.06 -15.36 18.37
C ILE A 71 -0.96 -16.03 19.36
N LEU A 72 -2.08 -16.61 18.90
CA LEU A 72 -2.97 -17.26 19.82
C LEU A 72 -2.34 -18.47 20.45
N THR A 73 -1.72 -19.34 19.64
CA THR A 73 -1.15 -20.60 20.05
C THR A 73 0.09 -20.38 20.88
N LYS A 74 0.83 -19.30 20.61
CA LYS A 74 2.07 -19.03 21.31
C LYS A 74 3.10 -20.03 20.88
N THR A 75 2.85 -20.71 19.73
CA THR A 75 3.80 -21.63 19.17
C THR A 75 3.48 -21.79 17.73
N TRP A 76 4.39 -22.38 16.94
CA TRP A 76 4.15 -22.57 15.53
C TRP A 76 3.83 -24.01 15.27
N THR A 77 2.55 -24.28 14.94
CA THR A 77 1.99 -25.57 14.65
C THR A 77 2.28 -26.02 13.24
N PHE A 78 2.53 -25.06 12.33
CA PHE A 78 2.61 -25.24 10.91
C PHE A 78 3.73 -26.11 10.45
N GLY A 79 4.87 -26.16 11.16
CA GLY A 79 5.92 -27.01 10.68
C GLY A 79 7.01 -26.14 10.16
N ASN A 80 8.20 -26.75 9.91
CA ASN A 80 9.35 -26.01 9.49
C ASN A 80 9.24 -25.51 8.08
N PHE A 81 8.96 -26.40 7.12
CA PHE A 81 8.98 -26.01 5.73
C PHE A 81 7.93 -24.97 5.52
N TRP A 82 6.74 -25.20 6.11
CA TRP A 82 5.63 -24.31 5.96
C TRP A 82 5.97 -23.02 6.65
N CYS A 83 6.76 -23.08 7.75
CA CYS A 83 7.14 -21.87 8.43
C CYS A 83 7.93 -21.04 7.47
N GLU A 84 8.79 -21.69 6.65
CA GLU A 84 9.59 -20.99 5.70
C GLU A 84 8.70 -20.38 4.66
N PHE A 85 7.72 -21.16 4.19
CA PHE A 85 6.81 -20.72 3.15
C PHE A 85 6.08 -19.52 3.63
N TRP A 86 5.54 -19.57 4.86
CA TRP A 86 4.76 -18.52 5.43
C TRP A 86 5.57 -17.26 5.54
N THR A 87 6.80 -17.38 6.05
CA THR A 87 7.59 -16.20 6.23
C THR A 87 7.83 -15.56 4.90
N SER A 88 8.08 -16.38 3.86
CA SER A 88 8.40 -15.88 2.56
C SER A 88 7.23 -15.11 2.01
N ILE A 89 6.01 -15.65 2.15
CA ILE A 89 4.86 -15.00 1.62
C ILE A 89 4.70 -13.69 2.32
N ASP A 90 5.05 -13.66 3.63
CA ASP A 90 4.91 -12.45 4.39
C ASP A 90 5.76 -11.37 3.78
N VAL A 91 7.06 -11.63 3.59
CA VAL A 91 7.95 -10.62 3.10
C VAL A 91 7.52 -10.20 1.73
N LEU A 92 7.08 -11.16 0.91
CA LEU A 92 6.70 -10.87 -0.45
C LEU A 92 5.54 -9.91 -0.43
N CYS A 93 4.55 -10.16 0.45
CA CYS A 93 3.37 -9.35 0.49
C CYS A 93 3.73 -7.97 0.90
N VAL A 94 4.63 -7.81 1.90
CA VAL A 94 4.93 -6.49 2.35
C VAL A 94 5.62 -5.72 1.27
N THR A 95 6.62 -6.33 0.61
CA THR A 95 7.38 -5.64 -0.39
C THR A 95 6.47 -5.26 -1.51
N ALA A 96 5.59 -6.18 -1.94
CA ALA A 96 4.72 -5.90 -3.05
C ALA A 96 3.83 -4.75 -2.69
N SER A 97 3.31 -4.72 -1.46
CA SER A 97 2.40 -3.67 -1.07
C SER A 97 3.07 -2.34 -1.15
N ILE A 98 4.18 -2.17 -0.42
CA ILE A 98 4.82 -0.89 -0.33
C ILE A 98 5.24 -0.46 -1.70
N TRP A 99 5.87 -1.37 -2.45
CA TRP A 99 6.39 -1.00 -3.74
C TRP A 99 5.27 -0.57 -4.63
N THR A 100 4.12 -1.27 -4.60
CA THR A 100 3.02 -0.94 -5.45
C THR A 100 2.55 0.45 -5.13
N LEU A 101 2.49 0.79 -3.83
CA LEU A 101 2.05 2.10 -3.45
C LEU A 101 2.96 3.10 -4.07
N CYS A 102 4.29 2.84 -4.07
CA CYS A 102 5.18 3.80 -4.63
C CYS A 102 4.92 3.91 -6.10
N VAL A 103 4.57 2.80 -6.77
CA VAL A 103 4.34 2.82 -8.19
C VAL A 103 3.19 3.73 -8.49
N ILE A 104 2.11 3.65 -7.69
CA ILE A 104 0.95 4.47 -7.89
C ILE A 104 1.38 5.89 -7.75
N ALA A 105 2.22 6.16 -6.75
CA ALA A 105 2.66 7.51 -6.49
C ALA A 105 3.32 8.02 -7.73
N VAL A 106 4.13 7.16 -8.39
CA VAL A 106 4.82 7.53 -9.57
C VAL A 106 3.82 7.84 -10.65
N ASP A 107 2.71 7.07 -10.70
CA ASP A 107 1.72 7.25 -11.72
C ASP A 107 1.13 8.62 -11.62
N ARG A 108 0.75 9.03 -10.39
CA ARG A 108 0.13 10.32 -10.19
C ARG A 108 1.13 11.40 -10.47
N TYR A 109 2.40 11.18 -10.08
CA TYR A 109 3.42 12.18 -10.27
C TYR A 109 3.53 12.43 -11.74
N PHE A 110 3.53 11.36 -12.55
CA PHE A 110 3.59 11.50 -13.97
C PHE A 110 2.75 12.65 -14.42
N ALA A 111 1.64 12.91 -13.71
CA ALA A 111 0.82 14.02 -14.12
C ALA A 111 0.19 13.75 -15.45
N ILE A 112 -0.99 14.34 -15.70
CA ILE A 112 -1.71 14.15 -16.93
C ILE A 112 -2.17 15.46 -17.49
N CYS A 113 -1.48 16.52 -17.10
CA CYS A 113 -1.84 17.88 -17.51
C CYS A 113 -2.31 17.95 -18.94
N SER A 114 -3.26 18.84 -19.22
CA SER A 114 -3.81 18.93 -20.57
C SER A 114 -2.66 19.09 -21.56
N PRO A 115 -1.85 20.08 -21.36
CA PRO A 115 -0.69 20.40 -22.24
C PRO A 115 -0.10 19.16 -22.91
N PHE A 116 0.52 18.30 -22.10
CA PHE A 116 1.14 17.09 -22.62
C PHE A 116 1.76 16.28 -21.48
N LYS A 117 2.70 15.40 -21.83
CA LYS A 117 3.37 14.58 -20.83
C LYS A 117 2.49 13.41 -20.41
N TYR A 118 2.01 12.64 -21.39
CA TYR A 118 1.18 11.51 -21.09
C TYR A 118 0.78 10.72 -22.30
N GLN A 119 0.15 11.38 -23.30
CA GLN A 119 -0.32 10.64 -24.44
C GLN A 119 0.83 10.16 -25.26
N SER A 120 1.85 11.01 -25.44
CA SER A 120 2.95 10.68 -26.31
C SER A 120 3.75 9.53 -25.78
N LEU A 121 4.25 9.66 -24.54
CA LEU A 121 5.15 8.70 -23.96
C LEU A 121 4.51 7.36 -23.73
N LEU A 122 3.34 7.33 -23.06
CA LEU A 122 2.71 6.08 -22.80
C LEU A 122 1.98 5.64 -24.03
N THR A 123 2.20 4.36 -24.43
CA THR A 123 1.57 3.84 -25.61
C THR A 123 0.68 2.72 -25.16
N LYS A 124 0.13 2.83 -23.93
CA LYS A 124 -0.73 1.81 -23.44
C LYS A 124 0.03 0.52 -23.31
N CYS A 125 1.32 0.63 -23.04
CA CYS A 125 2.14 -0.56 -22.89
C CYS A 125 2.92 -0.46 -21.59
N LYS A 126 3.44 0.70 -21.15
CA LYS A 126 4.28 0.66 -19.99
C LYS A 126 3.43 0.59 -18.75
N ALA A 127 3.03 -0.62 -18.33
CA ALA A 127 2.19 -0.72 -17.16
C ALA A 127 2.28 -2.09 -16.57
N ARG A 128 1.93 -3.07 -17.37
CA ARG A 128 1.95 -4.44 -16.94
C ARG A 128 3.36 -4.78 -16.60
N VAL A 129 4.32 -4.28 -17.40
CA VAL A 129 5.69 -4.62 -17.15
C VAL A 129 6.06 -4.07 -15.81
N ILE A 130 5.51 -2.89 -15.45
CA ILE A 130 5.82 -2.29 -14.18
C ILE A 130 5.34 -3.19 -13.08
N ILE A 131 4.12 -3.76 -13.24
CA ILE A 131 3.59 -4.61 -12.21
C ILE A 131 4.45 -5.83 -12.08
N LEU A 132 4.82 -6.45 -13.21
CA LEU A 132 5.60 -7.65 -13.13
C LEU A 132 6.92 -7.33 -12.51
N MET A 133 7.47 -6.14 -12.82
CA MET A 133 8.75 -5.82 -12.25
C MET A 133 8.60 -5.77 -10.77
N VAL A 134 7.51 -5.16 -10.28
CA VAL A 134 7.33 -4.98 -8.87
C VAL A 134 7.33 -6.32 -8.20
N TRP A 135 6.53 -7.26 -8.74
CA TRP A 135 6.42 -8.56 -8.14
C TRP A 135 7.71 -9.30 -8.25
N ILE A 136 8.41 -9.15 -9.40
CA ILE A 136 9.61 -9.90 -9.58
C ILE A 136 10.63 -9.45 -8.57
N VAL A 137 10.81 -8.13 -8.39
CA VAL A 137 11.80 -7.60 -7.49
C VAL A 137 11.41 -7.98 -6.09
N SER A 138 10.10 -8.00 -5.83
CA SER A 138 9.57 -8.32 -4.54
C SER A 138 9.89 -9.75 -4.20
N GLY A 139 9.75 -10.66 -5.17
CA GLY A 139 10.02 -12.06 -4.98
C GLY A 139 11.48 -12.31 -4.77
N LEU A 140 12.33 -11.65 -5.58
CA LEU A 140 13.76 -11.83 -5.55
C LEU A 140 14.30 -11.42 -4.23
N THR A 141 13.71 -10.39 -3.61
CA THR A 141 14.10 -9.89 -2.32
C THR A 141 13.60 -10.74 -1.20
N SER A 142 12.61 -11.63 -1.46
CA SER A 142 11.94 -12.35 -0.42
C SER A 142 12.19 -13.82 -0.51
N PHE A 143 11.49 -14.48 -1.46
CA PHE A 143 11.50 -15.91 -1.59
C PHE A 143 12.88 -16.43 -1.83
N LEU A 144 13.63 -15.85 -2.77
CA LEU A 144 14.91 -16.41 -3.07
C LEU A 144 15.83 -16.33 -1.88
N PRO A 145 15.90 -15.21 -1.22
CA PRO A 145 16.79 -15.08 -0.11
C PRO A 145 16.41 -15.97 1.04
N ILE A 146 15.11 -16.11 1.30
CA ILE A 146 14.62 -16.87 2.41
C ILE A 146 14.88 -18.33 2.21
N GLN A 147 14.52 -18.85 1.02
CA GLN A 147 14.62 -20.26 0.73
C GLN A 147 16.06 -20.66 0.77
N MET A 148 16.93 -19.75 0.31
CA MET A 148 18.34 -19.94 0.22
C MET A 148 18.98 -19.97 1.58
N HIS A 149 18.30 -19.40 2.60
CA HIS A 149 18.87 -19.29 3.92
C HIS A 149 19.96 -18.28 3.92
N TRP A 150 19.82 -17.25 3.05
CA TRP A 150 20.75 -16.16 3.01
C TRP A 150 20.61 -15.31 4.24
N TYR A 151 19.35 -15.10 4.69
CA TYR A 151 19.04 -14.28 5.83
C TYR A 151 19.48 -14.92 7.11
N ARG A 152 19.53 -16.26 7.19
CA ARG A 152 19.82 -16.88 8.45
C ARG A 152 21.14 -16.41 8.97
N ALA A 153 21.15 -15.96 10.24
CA ALA A 153 22.38 -15.55 10.83
C ALA A 153 22.80 -16.67 11.69
N THR A 154 24.10 -17.02 11.65
CA THR A 154 24.50 -18.13 12.45
C THR A 154 24.52 -17.70 13.88
N HIS A 155 23.56 -18.22 14.65
CA HIS A 155 23.52 -17.96 16.06
C HIS A 155 23.04 -19.21 16.68
N GLN A 156 23.40 -19.45 17.96
CA GLN A 156 22.98 -20.67 18.54
C GLN A 156 21.49 -20.70 18.60
N GLU A 157 20.87 -19.61 19.07
CA GLU A 157 19.44 -19.58 19.19
C GLU A 157 18.83 -19.64 17.83
N ALA A 158 19.42 -18.91 16.87
CA ALA A 158 18.85 -18.89 15.56
C ALA A 158 18.89 -20.26 14.99
N ILE A 159 20.04 -20.94 15.10
CA ILE A 159 20.17 -22.23 14.49
C ILE A 159 19.18 -23.15 15.12
N ASN A 160 19.01 -23.06 16.45
CA ASN A 160 18.15 -23.95 17.15
C ASN A 160 16.73 -23.80 16.68
N CYS A 161 16.22 -22.56 16.63
CA CYS A 161 14.85 -22.33 16.27
C CYS A 161 14.63 -22.70 14.84
N TYR A 162 15.58 -22.37 13.94
CA TYR A 162 15.38 -22.69 12.55
C TYR A 162 15.32 -24.17 12.36
N ALA A 163 16.28 -24.91 12.95
CA ALA A 163 16.33 -26.33 12.77
C ALA A 163 15.08 -26.92 13.34
N GLU A 164 14.58 -26.35 14.44
CA GLU A 164 13.40 -26.88 15.08
C GLU A 164 12.25 -26.64 14.15
N GLU A 165 11.41 -27.67 13.92
CA GLU A 165 10.32 -27.55 12.99
C GLU A 165 9.28 -26.57 13.50
N THR A 166 8.90 -26.70 14.78
CA THR A 166 7.84 -25.99 15.45
C THR A 166 8.15 -24.56 15.80
N CYS A 167 9.42 -24.21 16.05
CA CYS A 167 9.71 -22.87 16.48
C CYS A 167 9.83 -21.98 15.28
N CYS A 168 8.83 -21.12 15.04
CA CYS A 168 8.92 -20.25 13.90
C CYS A 168 9.14 -18.85 14.41
N ASP A 169 10.41 -18.40 14.43
CA ASP A 169 10.69 -17.06 14.88
C ASP A 169 11.54 -16.38 13.85
N PHE A 170 11.38 -15.05 13.74
CA PHE A 170 12.05 -14.26 12.75
C PHE A 170 13.38 -13.83 13.27
N PHE A 171 14.47 -14.27 12.59
CA PHE A 171 15.78 -13.84 12.97
C PHE A 171 16.47 -13.45 11.69
N THR A 172 17.17 -12.30 11.66
CA THR A 172 17.82 -11.93 10.44
C THR A 172 19.14 -11.27 10.72
N ASN A 173 20.12 -11.55 9.86
CA ASN A 173 21.42 -10.98 10.00
C ASN A 173 21.32 -9.54 9.61
N GLN A 174 22.27 -8.72 10.08
CA GLN A 174 22.25 -7.30 9.87
C GLN A 174 22.27 -7.03 8.40
N ALA A 175 23.10 -7.77 7.65
CA ALA A 175 23.28 -7.52 6.25
C ALA A 175 21.97 -7.67 5.53
N TYR A 176 21.17 -8.67 5.92
CA TYR A 176 19.90 -8.90 5.29
C TYR A 176 18.96 -7.78 5.60
N ALA A 177 18.95 -7.33 6.87
CA ALA A 177 18.03 -6.34 7.34
C ALA A 177 18.24 -5.00 6.68
N ILE A 178 19.50 -4.54 6.52
CA ILE A 178 19.60 -3.21 5.98
C ILE A 178 19.10 -3.16 4.57
N ALA A 179 19.56 -4.07 3.71
CA ALA A 179 19.17 -4.05 2.32
C ALA A 179 17.71 -4.37 2.20
N SER A 180 17.23 -5.34 3.00
CA SER A 180 15.87 -5.77 2.89
C SER A 180 14.96 -4.63 3.19
N SER A 181 15.22 -3.92 4.30
CA SER A 181 14.38 -2.84 4.72
C SER A 181 14.47 -1.70 3.75
N ILE A 182 15.69 -1.36 3.31
CA ILE A 182 15.86 -0.23 2.43
C ILE A 182 15.12 -0.47 1.15
N VAL A 183 15.22 -1.68 0.58
CA VAL A 183 14.55 -1.97 -0.65
C VAL A 183 13.06 -2.01 -0.46
N SER A 184 12.60 -2.70 0.61
CA SER A 184 11.19 -2.88 0.79
C SER A 184 10.49 -1.60 1.10
N PHE A 185 10.87 -0.93 2.23
CA PHE A 185 10.28 0.31 2.67
C PHE A 185 10.91 1.63 2.27
N TYR A 186 12.23 1.78 2.56
CA TYR A 186 12.86 3.08 2.54
C TYR A 186 12.87 3.74 1.20
N VAL A 187 13.29 3.01 0.16
CA VAL A 187 13.41 3.65 -1.12
C VAL A 187 12.06 4.12 -1.55
N PRO A 188 11.04 3.32 -1.46
CA PRO A 188 9.75 3.75 -1.90
C PRO A 188 9.29 4.92 -1.10
N LEU A 189 9.72 5.01 0.18
CA LEU A 189 9.31 6.09 1.00
C LEU A 189 9.86 7.37 0.45
N VAL A 190 11.16 7.37 0.07
CA VAL A 190 11.79 8.56 -0.41
C VAL A 190 11.15 8.99 -1.69
N ILE A 191 10.95 8.04 -2.62
CA ILE A 191 10.39 8.40 -3.89
C ILE A 191 9.04 9.00 -3.68
N MET A 192 8.22 8.37 -2.83
CA MET A 192 6.90 8.91 -2.67
C MET A 192 6.95 10.28 -2.07
N VAL A 193 7.86 10.51 -1.09
CA VAL A 193 7.89 11.79 -0.44
C VAL A 193 8.13 12.85 -1.47
N PHE A 194 9.17 12.68 -2.32
CA PHE A 194 9.48 13.69 -3.27
C PHE A 194 8.34 13.84 -4.22
N VAL A 195 7.76 12.72 -4.68
CA VAL A 195 6.71 12.75 -5.66
C VAL A 195 5.50 13.50 -5.20
N TYR A 196 4.93 13.09 -4.04
CA TYR A 196 3.74 13.74 -3.59
C TYR A 196 4.05 15.17 -3.30
N SER A 197 5.28 15.44 -2.85
CA SER A 197 5.65 16.80 -2.56
C SER A 197 5.50 17.63 -3.79
N ARG A 198 6.08 17.20 -4.93
CA ARG A 198 5.99 18.01 -6.11
C ARG A 198 4.56 18.13 -6.54
N VAL A 199 3.79 17.02 -6.43
CA VAL A 199 2.44 17.06 -6.91
C VAL A 199 1.69 18.09 -6.13
N PHE A 200 1.96 18.16 -4.82
CA PHE A 200 1.32 19.09 -3.93
C PHE A 200 1.62 20.46 -4.43
N GLN A 201 2.88 20.69 -4.84
CA GLN A 201 3.22 22.00 -5.29
C GLN A 201 2.40 22.33 -6.48
N GLU A 202 2.18 21.35 -7.37
CA GLU A 202 1.45 21.60 -8.58
C GLU A 202 0.04 22.02 -8.24
N ALA A 203 -0.60 21.33 -7.28
CA ALA A 203 -1.96 21.62 -6.94
C ALA A 203 -2.04 23.03 -6.45
N LYS A 204 -1.08 23.42 -5.61
CA LYS A 204 -1.04 24.73 -5.02
C LYS A 204 -0.96 25.72 -6.13
N ARG A 205 -0.09 25.45 -7.13
CA ARG A 205 0.10 26.40 -8.18
C ARG A 205 -1.16 26.60 -8.94
N GLN A 206 -1.85 25.50 -9.28
CA GLN A 206 -3.01 25.64 -10.12
C GLN A 206 -4.05 26.46 -9.43
N LEU A 207 -4.30 26.20 -8.14
CA LEU A 207 -5.32 26.94 -7.45
C LEU A 207 -4.94 28.38 -7.39
N GLN A 208 -3.65 28.69 -7.20
CA GLN A 208 -3.24 30.06 -7.08
C GLN A 208 -3.48 30.77 -8.37
N LYS A 209 -3.13 30.12 -9.49
CA LYS A 209 -3.25 30.72 -10.79
C LYS A 209 -4.70 31.00 -11.02
N ILE A 210 -5.56 30.06 -10.59
CA ILE A 210 -6.97 30.19 -10.76
C ILE A 210 -7.41 31.38 -9.98
N ASP A 211 -6.85 31.59 -8.78
CA ASP A 211 -7.22 32.68 -7.92
C ASP A 211 -6.84 33.95 -8.60
N LYS A 212 -5.74 33.93 -9.37
CA LYS A 212 -5.30 35.13 -10.02
C LYS A 212 -6.33 35.48 -11.04
N SER A 213 -6.75 34.46 -11.81
CA SER A 213 -7.73 34.59 -12.85
C SER A 213 -9.01 34.99 -12.21
N GLU A 214 -9.72 35.94 -12.83
CA GLU A 214 -10.99 36.40 -12.30
C GLU A 214 -11.71 37.28 -13.31
N GLY A 215 -12.87 36.82 -13.75
CA GLY A 215 -13.66 37.58 -14.73
C GLY A 215 -14.55 38.59 -14.03
N ARG A 216 -15.34 39.33 -14.82
CA ARG A 216 -16.22 40.34 -14.27
C ARG A 216 -17.64 40.16 -14.79
N PHE A 217 -18.61 40.09 -13.88
CA PHE A 217 -19.97 39.94 -14.27
C PHE A 217 -20.80 40.96 -13.58
N HIS A 218 -21.88 41.38 -14.28
CA HIS A 218 -22.80 42.36 -13.78
C HIS A 218 -23.97 41.60 -13.28
N VAL A 219 -24.18 41.60 -11.96
CA VAL A 219 -25.29 40.87 -11.43
C VAL A 219 -25.95 41.77 -10.43
N GLN A 220 -25.84 43.10 -10.65
CA GLN A 220 -26.46 44.01 -9.74
C GLN A 220 -27.91 43.72 -9.79
N ASN A 221 -28.45 43.48 -11.00
CA ASN A 221 -29.85 43.18 -11.08
C ASN A 221 -29.97 41.71 -11.26
N VAL A 222 -30.84 41.08 -10.46
CA VAL A 222 -31.03 39.67 -10.58
C VAL A 222 -32.48 39.46 -10.82
N SER A 223 -32.82 38.79 -11.92
CA SER A 223 -34.21 38.57 -12.22
C SER A 223 -34.56 37.18 -11.81
N GLN A 224 -33.59 36.26 -11.94
CA GLN A 224 -33.81 34.89 -11.58
C GLN A 224 -32.70 34.46 -10.70
N VAL A 225 -32.98 33.52 -9.78
CA VAL A 225 -32.01 33.05 -8.86
C VAL A 225 -31.60 31.65 -9.20
N GLU A 226 -30.31 31.38 -9.44
CA GLU A 226 -30.02 30.01 -9.77
C GLU A 226 -28.65 29.61 -9.31
N GLN A 227 -28.50 28.30 -9.05
CA GLN A 227 -27.27 27.69 -8.63
C GLN A 227 -26.77 26.94 -9.81
N ASP A 228 -25.52 27.28 -10.20
CA ASP A 228 -24.83 26.73 -11.33
C ASP A 228 -23.38 27.01 -11.18
N GLY A 229 -22.56 26.58 -12.15
CA GLY A 229 -21.15 26.82 -12.05
C GLY A 229 -20.55 25.63 -11.40
N ARG A 230 -20.98 25.33 -10.16
CA ARG A 230 -20.45 24.21 -9.45
C ARG A 230 -20.77 22.98 -10.23
N THR A 231 -21.98 22.92 -10.80
CA THR A 231 -22.33 21.77 -11.56
C THR A 231 -23.01 22.22 -12.82
N GLY A 232 -22.98 21.37 -13.86
CA GLY A 232 -23.65 21.79 -15.05
C GLY A 232 -22.89 22.90 -15.70
N HIS A 233 -21.58 22.95 -15.40
CA HIS A 233 -20.67 23.89 -15.96
C HIS A 233 -20.57 23.52 -17.40
N GLY A 234 -20.38 24.52 -18.29
CA GLY A 234 -20.34 24.19 -19.68
C GLY A 234 -19.17 23.28 -19.90
N HIS A 235 -18.05 23.59 -19.22
CA HIS A 235 -16.83 22.83 -19.34
C HIS A 235 -16.70 21.97 -18.13
N ARG A 236 -16.06 20.80 -18.31
CA ARG A 236 -15.89 19.88 -17.23
C ARG A 236 -14.49 20.03 -16.77
N ARG A 237 -13.87 21.18 -17.10
CA ARG A 237 -12.51 21.36 -16.70
C ARG A 237 -12.53 21.35 -15.20
N SER A 238 -13.54 21.96 -14.61
CA SER A 238 -13.63 22.03 -13.19
C SER A 238 -13.62 20.64 -12.64
N SER A 239 -14.40 19.76 -13.29
CA SER A 239 -14.49 18.39 -12.85
C SER A 239 -13.14 17.77 -12.99
N LYS A 240 -12.36 18.24 -13.99
CA LYS A 240 -11.05 17.69 -14.19
C LYS A 240 -10.26 18.07 -12.98
N PHE A 241 -10.42 19.29 -12.45
CA PHE A 241 -9.62 19.63 -11.30
C PHE A 241 -10.06 18.84 -10.11
N ALA A 242 -11.38 18.55 -10.15
CA ALA A 242 -12.13 17.82 -9.18
C ALA A 242 -11.37 16.56 -8.94
N CYS A 243 -11.44 15.70 -9.95
CA CYS A 243 -10.79 14.40 -9.93
C CYS A 243 -9.27 14.46 -9.86
N LYS A 244 -8.62 15.44 -10.45
CA LYS A 244 -7.19 15.40 -10.36
C LYS A 244 -6.73 15.72 -8.98
N GLU A 245 -7.23 16.83 -8.40
CA GLU A 245 -6.86 17.22 -7.07
C GLU A 245 -7.35 16.25 -6.04
N HIS A 246 -8.58 15.73 -6.19
CA HIS A 246 -9.06 14.78 -5.22
C HIS A 246 -8.31 13.51 -5.37
N LYS A 247 -7.99 13.10 -6.59
CA LYS A 247 -7.27 11.87 -6.71
C LYS A 247 -5.93 12.02 -6.05
N ALA A 248 -5.23 13.13 -6.31
CA ALA A 248 -3.93 13.38 -5.74
C ALA A 248 -4.04 13.36 -4.25
N LEU A 249 -5.07 14.06 -3.70
CA LEU A 249 -5.28 14.18 -2.29
C LEU A 249 -5.56 12.87 -1.61
N LYS A 250 -6.39 12.00 -2.21
CA LYS A 250 -6.69 10.73 -1.60
C LYS A 250 -5.53 9.79 -1.66
N THR A 251 -4.78 9.80 -2.77
CA THR A 251 -3.69 8.87 -2.89
C THR A 251 -2.62 9.27 -1.95
N LEU A 252 -2.33 10.57 -1.93
CA LEU A 252 -1.30 11.08 -1.06
C LEU A 252 -1.67 10.80 0.39
N GLY A 253 -2.94 11.04 0.73
CA GLY A 253 -3.35 10.85 2.09
C GLY A 253 -3.26 9.40 2.45
N ILE A 254 -3.62 8.51 1.50
CA ILE A 254 -3.62 7.10 1.75
C ILE A 254 -2.22 6.58 1.89
N ILE A 255 -1.28 7.07 1.04
CA ILE A 255 0.06 6.56 1.10
C ILE A 255 0.70 7.00 2.37
N MET A 256 0.65 8.31 2.68
CA MET A 256 1.27 8.77 3.87
C MET A 256 0.65 8.15 5.09
N GLY A 257 -0.70 8.06 5.10
CA GLY A 257 -1.40 7.50 6.23
C GLY A 257 -1.06 6.05 6.46
N THR A 258 -0.90 5.27 5.38
CA THR A 258 -0.60 3.87 5.51
C THR A 258 0.79 3.74 6.06
N PHE A 259 1.72 4.45 5.43
CA PHE A 259 3.11 4.41 5.84
C PHE A 259 3.23 4.74 7.31
N THR A 260 2.75 5.92 7.72
CA THR A 260 2.87 6.31 9.09
C THR A 260 1.99 5.52 10.02
N LEU A 261 0.70 5.29 9.76
CA LEU A 261 -0.02 4.60 10.79
C LEU A 261 0.47 3.19 10.86
N CYS A 262 1.05 2.70 9.79
CA CYS A 262 1.54 1.33 9.79
C CYS A 262 2.65 1.15 8.77
N TRP A 263 3.83 0.80 9.27
CA TRP A 263 4.96 0.57 8.39
C TRP A 263 6.21 1.29 8.88
N LEU A 264 6.15 2.61 9.02
CA LEU A 264 7.33 3.34 9.41
C LEU A 264 7.84 2.91 10.75
N PRO A 265 7.01 2.81 11.75
CA PRO A 265 7.53 2.47 13.04
C PRO A 265 8.17 1.11 13.02
N PHE A 266 7.62 0.18 12.22
CA PHE A 266 8.13 -1.16 12.12
C PHE A 266 9.47 -1.21 11.44
N PHE A 267 9.52 -0.62 10.22
CA PHE A 267 10.70 -0.71 9.40
C PHE A 267 11.87 -0.01 10.02
N ILE A 268 11.63 1.13 10.69
CA ILE A 268 12.68 1.83 11.37
C ILE A 268 13.16 1.01 12.53
N VAL A 269 12.23 0.37 13.28
CA VAL A 269 12.58 -0.40 14.42
C VAL A 269 13.48 -1.51 13.99
N ASN A 270 13.34 -1.99 12.73
CA ASN A 270 14.20 -3.04 12.28
C ASN A 270 15.62 -2.57 12.34
N ILE A 271 15.90 -1.36 11.83
CA ILE A 271 17.22 -0.80 11.82
C ILE A 271 17.63 -0.57 13.24
N VAL A 272 16.67 -0.21 14.11
CA VAL A 272 16.94 0.02 15.49
C VAL A 272 17.46 -1.24 16.11
N HIS A 273 16.82 -2.38 15.82
CA HIS A 273 17.24 -3.61 16.41
C HIS A 273 18.57 -4.01 15.84
N VAL A 274 18.78 -3.75 14.53
CA VAL A 274 20.01 -4.14 13.95
C VAL A 274 21.16 -3.33 14.48
N ILE A 275 20.98 -2.00 14.59
CA ILE A 275 22.04 -1.13 15.05
C ILE A 275 22.36 -1.36 16.50
N GLN A 276 21.31 -1.37 17.36
CA GLN A 276 21.48 -1.49 18.79
C GLN A 276 20.71 -2.69 19.26
N ASP A 277 21.42 -3.64 19.89
CA ASP A 277 20.93 -4.95 20.25
C ASP A 277 19.90 -5.09 21.35
N ASN A 278 19.96 -4.34 22.47
CA ASN A 278 18.99 -4.70 23.46
C ASN A 278 18.12 -3.53 23.76
N LEU A 279 17.96 -2.63 22.77
CA LEU A 279 17.11 -1.50 22.94
C LEU A 279 15.65 -1.81 22.79
N ILE A 280 15.28 -2.88 22.05
CA ILE A 280 13.87 -3.07 21.83
C ILE A 280 13.33 -4.37 22.36
N ARG A 281 12.01 -4.36 22.66
CA ARG A 281 11.31 -5.53 23.11
C ARG A 281 10.80 -6.26 21.92
N LYS A 282 10.59 -7.58 22.08
CA LYS A 282 10.03 -8.36 21.01
C LYS A 282 8.59 -8.11 20.79
N GLU A 283 7.85 -7.64 21.82
CA GLU A 283 6.46 -7.38 21.65
C GLU A 283 6.28 -6.28 20.64
N VAL A 284 7.15 -5.24 20.69
CA VAL A 284 7.03 -4.11 19.83
C VAL A 284 7.15 -4.54 18.40
N TYR A 285 8.05 -5.50 18.13
CA TYR A 285 8.34 -5.95 16.79
C TYR A 285 7.08 -6.49 16.18
N ILE A 286 6.38 -7.40 16.90
CA ILE A 286 5.20 -8.03 16.37
C ILE A 286 4.09 -7.04 16.21
N LEU A 287 3.86 -6.19 17.23
CA LEU A 287 2.74 -5.28 17.17
C LEU A 287 2.90 -4.37 16.01
N LEU A 288 4.10 -3.84 15.88
CA LEU A 288 4.40 -2.92 14.80
C LEU A 288 4.21 -3.61 13.47
N ASN A 289 4.56 -4.85 13.37
CA ASN A 289 4.42 -5.56 12.13
C ASN A 289 2.95 -5.66 11.78
N TRP A 290 2.09 -5.93 12.78
CA TRP A 290 0.67 -6.01 12.55
C TRP A 290 0.15 -4.68 12.13
N ILE A 291 0.66 -3.62 12.75
CA ILE A 291 0.19 -2.29 12.47
C ILE A 291 0.40 -2.08 10.99
N GLY A 292 1.54 -2.56 10.47
CA GLY A 292 1.82 -2.46 9.07
C GLY A 292 0.82 -3.27 8.31
N TYR A 293 0.39 -4.43 8.86
CA TYR A 293 -0.51 -5.30 8.16
C TYR A 293 -1.80 -4.58 7.87
N VAL A 294 -2.28 -3.76 8.82
CA VAL A 294 -3.56 -3.14 8.68
C VAL A 294 -3.61 -2.28 7.45
N ASN A 295 -2.44 -1.79 7.00
CA ASN A 295 -2.38 -0.93 5.85
C ASN A 295 -3.01 -1.61 4.67
N SER A 296 -2.86 -2.94 4.57
CA SER A 296 -3.44 -3.64 3.46
C SER A 296 -4.93 -3.44 3.47
N GLY A 297 -5.53 -3.37 4.67
CA GLY A 297 -6.95 -3.48 4.83
C GLY A 297 -7.64 -2.19 4.47
N PHE A 298 -6.99 -1.05 4.79
CA PHE A 298 -7.59 0.25 4.68
C PHE A 298 -7.83 0.63 3.26
N ASN A 299 -6.97 0.19 2.33
CA ASN A 299 -7.03 0.66 0.98
C ASN A 299 -8.39 0.48 0.36
N PRO A 300 -9.03 -0.64 0.44
CA PRO A 300 -10.30 -0.76 -0.22
C PRO A 300 -11.31 0.22 0.29
N LEU A 301 -11.28 0.53 1.60
CA LEU A 301 -12.22 1.47 2.14
C LEU A 301 -11.91 2.85 1.62
N ILE A 302 -10.62 3.21 1.63
CA ILE A 302 -10.16 4.52 1.25
C ILE A 302 -9.84 4.61 -0.22
N TYR A 303 -8.86 3.82 -0.70
CA TYR A 303 -8.43 3.81 -2.08
C TYR A 303 -9.44 3.71 -3.19
N SER A 304 -10.65 3.20 -2.88
CA SER A 304 -11.72 3.00 -3.83
C SER A 304 -12.53 4.24 -4.07
N ARG A 305 -11.97 5.40 -3.74
CA ARG A 305 -12.62 6.68 -3.87
C ARG A 305 -13.06 6.93 -5.28
N SER A 306 -12.33 6.45 -6.34
CA SER A 306 -12.78 6.87 -7.65
C SER A 306 -14.26 6.68 -7.79
N PRO A 307 -14.84 7.58 -8.55
CA PRO A 307 -16.26 7.62 -8.73
C PRO A 307 -16.82 6.37 -9.32
N ASP A 308 -16.11 5.76 -10.30
CA ASP A 308 -16.58 4.55 -10.89
C ASP A 308 -16.51 3.47 -9.87
N PHE A 309 -15.42 3.46 -9.08
CA PHE A 309 -15.21 2.43 -8.10
C PHE A 309 -16.33 2.41 -7.12
N ARG A 310 -16.75 3.59 -6.63
CA ARG A 310 -17.75 3.63 -5.60
C ARG A 310 -19.04 3.02 -6.08
N CYS A 311 -19.51 3.46 -7.23
CA CYS A 311 -20.74 2.91 -7.78
C CYS A 311 -20.67 1.39 -7.81
N ALA A 312 -19.58 0.99 -8.52
CA ALA A 312 -19.37 -0.40 -8.79
C ALA A 312 -19.36 -1.16 -7.50
N PHE A 313 -18.76 -0.58 -6.44
CA PHE A 313 -18.72 -1.27 -5.17
C PHE A 313 -20.08 -1.42 -4.57
N GLN A 314 -20.88 -0.33 -4.56
CA GLN A 314 -22.15 -0.31 -3.92
C GLN A 314 -23.05 -1.30 -4.57
N GLU A 315 -22.95 -1.41 -5.91
CA GLU A 315 -23.82 -2.28 -6.63
C GLU A 315 -23.63 -3.67 -6.13
N LEU A 316 -22.38 -4.04 -5.81
CA LEU A 316 -22.10 -5.38 -5.34
C LEU A 316 -22.78 -5.61 -4.02
N LEU A 317 -22.74 -4.63 -3.10
CA LEU A 317 -23.29 -4.82 -1.79
C LEU A 317 -24.78 -4.94 -1.83
N ALA A 318 -25.46 -4.12 -2.64
CA ALA A 318 -26.90 -4.15 -2.69
C ALA A 318 -27.33 -5.58 -3.01
N GLU A 7 -4.35 -13.58 29.97
CA GLU A 7 -5.55 -13.20 30.75
C GLU A 7 -6.67 -12.88 29.82
N VAL A 8 -7.18 -11.64 29.92
CA VAL A 8 -8.24 -11.11 29.12
C VAL A 8 -7.73 -10.94 27.73
N TRP A 9 -6.40 -10.75 27.60
CA TRP A 9 -5.76 -10.41 26.36
C TRP A 9 -6.04 -11.42 25.28
N VAL A 10 -6.11 -12.72 25.61
CA VAL A 10 -6.26 -13.68 24.56
C VAL A 10 -7.48 -13.43 23.74
N VAL A 11 -8.66 -13.27 24.38
CA VAL A 11 -9.89 -13.04 23.66
C VAL A 11 -9.82 -11.70 23.02
N GLY A 12 -9.27 -10.71 23.75
CA GLY A 12 -9.25 -9.37 23.27
C GLY A 12 -8.48 -9.31 21.99
N MET A 13 -7.36 -10.03 21.92
CA MET A 13 -6.57 -10.02 20.74
C MET A 13 -7.26 -10.76 19.63
N GLY A 14 -7.91 -11.88 19.96
CA GLY A 14 -8.51 -12.72 18.96
C GLY A 14 -9.54 -11.96 18.21
N ILE A 15 -10.35 -11.15 18.91
CA ILE A 15 -11.40 -10.42 18.29
C ILE A 15 -10.84 -9.44 17.31
N VAL A 16 -9.78 -8.71 17.70
CA VAL A 16 -9.19 -7.72 16.85
C VAL A 16 -8.66 -8.39 15.63
N MET A 17 -8.01 -9.56 15.82
CA MET A 17 -7.38 -10.26 14.73
C MET A 17 -8.45 -10.60 13.75
N SER A 18 -9.64 -10.96 14.27
CA SER A 18 -10.74 -11.34 13.44
C SER A 18 -11.15 -10.17 12.60
N LEU A 19 -11.25 -8.97 13.20
CA LEU A 19 -11.68 -7.82 12.44
C LEU A 19 -10.69 -7.51 11.37
N ILE A 20 -9.38 -7.56 11.68
CA ILE A 20 -8.41 -7.24 10.66
C ILE A 20 -8.43 -8.25 9.56
N VAL A 21 -8.47 -9.55 9.91
CA VAL A 21 -8.43 -10.58 8.91
C VAL A 21 -9.61 -10.40 8.02
N LEU A 22 -10.76 -10.03 8.61
CA LEU A 22 -11.98 -9.85 7.85
C LEU A 22 -11.82 -8.67 6.93
N ALA A 23 -11.27 -7.55 7.44
CA ALA A 23 -11.20 -6.34 6.68
C ALA A 23 -10.34 -6.51 5.47
N ILE A 24 -9.16 -7.13 5.63
CA ILE A 24 -8.26 -7.24 4.52
C ILE A 24 -8.88 -8.07 3.43
N VAL A 25 -9.47 -9.23 3.78
CA VAL A 25 -10.02 -10.09 2.78
C VAL A 25 -11.19 -9.48 2.09
N PHE A 26 -12.17 -8.98 2.87
CA PHE A 26 -13.38 -8.48 2.30
C PHE A 26 -13.04 -7.34 1.40
N GLY A 27 -12.15 -6.43 1.88
CA GLY A 27 -11.81 -5.27 1.11
C GLY A 27 -11.11 -5.61 -0.17
N ASN A 28 -10.04 -6.42 -0.11
CA ASN A 28 -9.27 -6.71 -1.30
C ASN A 28 -10.10 -7.48 -2.25
N VAL A 29 -10.83 -8.49 -1.74
CA VAL A 29 -11.61 -9.30 -2.63
C VAL A 29 -12.62 -8.41 -3.32
N LEU A 30 -13.23 -7.47 -2.58
CA LEU A 30 -14.22 -6.64 -3.18
C LEU A 30 -13.61 -5.85 -4.30
N VAL A 31 -12.42 -5.30 -4.07
CA VAL A 31 -11.84 -4.47 -5.09
C VAL A 31 -11.53 -5.28 -6.32
N ILE A 32 -10.88 -6.46 -6.19
CA ILE A 32 -10.57 -7.24 -7.36
C ILE A 32 -10.34 -8.67 -6.97
N THR A 33 -10.95 -9.60 -7.72
CA THR A 33 -10.85 -11.01 -7.47
C THR A 33 -10.15 -11.62 -8.64
N ALA A 34 -10.41 -11.07 -9.84
CA ALA A 34 -9.83 -11.57 -11.04
C ALA A 34 -10.28 -10.73 -12.19
N ILE A 35 -9.56 -10.79 -13.31
CA ILE A 35 -9.90 -10.04 -14.48
C ILE A 35 -11.20 -10.54 -15.03
N CYS A 36 -12.12 -9.65 -15.32
CA CYS A 36 -13.43 -10.07 -15.83
C CYS A 36 -13.95 -9.15 -16.94
N LYS A 37 -15.08 -9.53 -17.54
CA LYS A 37 -15.66 -8.73 -18.62
C LYS A 37 -16.34 -7.49 -18.06
N PHE A 38 -15.61 -6.37 -18.09
CA PHE A 38 -16.16 -5.11 -17.61
C PHE A 38 -15.76 -3.96 -18.52
N GLU A 39 -16.53 -2.88 -18.48
CA GLU A 39 -16.25 -1.71 -19.32
C GLU A 39 -16.28 -0.44 -18.49
N ARG A 40 -15.47 -0.39 -17.45
CA ARG A 40 -15.41 0.79 -16.58
C ARG A 40 -14.10 0.83 -15.81
N LEU A 41 -13.92 -0.09 -14.86
CA LEU A 41 -12.74 -0.17 -14.06
C LEU A 41 -11.51 -0.59 -14.81
N GLN A 42 -11.67 -1.06 -16.05
CA GLN A 42 -10.64 -1.63 -16.89
C GLN A 42 -9.50 -0.69 -17.16
N THR A 43 -9.68 0.63 -16.95
CA THR A 43 -8.70 1.65 -17.24
C THR A 43 -7.32 1.20 -16.83
N VAL A 44 -6.35 1.54 -17.67
CA VAL A 44 -4.97 1.13 -17.46
C VAL A 44 -4.44 1.57 -16.11
N THR A 45 -4.77 2.78 -15.68
CA THR A 45 -4.27 3.27 -14.44
C THR A 45 -4.75 2.36 -13.33
N ASN A 46 -5.95 1.79 -13.50
CA ASN A 46 -6.60 0.95 -12.53
C ASN A 46 -5.82 -0.30 -12.29
N TYR A 47 -5.08 -0.79 -13.30
CA TYR A 47 -4.37 -2.04 -13.20
C TYR A 47 -3.43 -1.98 -12.03
N PHE A 48 -2.74 -0.84 -11.83
CA PHE A 48 -1.79 -0.77 -10.75
C PHE A 48 -2.50 -1.02 -9.45
N ILE A 49 -3.65 -0.36 -9.22
CA ILE A 49 -4.33 -0.59 -7.97
C ILE A 49 -4.77 -2.02 -7.89
N THR A 50 -5.04 -2.65 -9.04
CA THR A 50 -5.41 -4.03 -9.03
C THR A 50 -4.27 -4.81 -8.42
N SER A 51 -3.02 -4.48 -8.80
CA SER A 51 -1.87 -5.16 -8.28
C SER A 51 -1.84 -4.96 -6.80
N LEU A 52 -2.16 -3.73 -6.36
CA LEU A 52 -2.16 -3.36 -4.97
C LEU A 52 -3.12 -4.28 -4.28
N ALA A 53 -4.31 -4.47 -4.87
CA ALA A 53 -5.37 -5.25 -4.29
C ALA A 53 -4.94 -6.67 -4.13
N VAL A 54 -4.27 -7.24 -5.15
CA VAL A 54 -3.87 -8.62 -5.06
C VAL A 54 -2.84 -8.78 -3.99
N ALA A 55 -1.87 -7.85 -3.91
CA ALA A 55 -0.80 -7.95 -2.97
C ALA A 55 -1.37 -7.95 -1.59
N ASP A 56 -2.36 -7.08 -1.33
CA ASP A 56 -3.00 -6.96 -0.05
C ASP A 56 -3.89 -8.13 0.25
N LEU A 57 -4.43 -8.79 -0.79
CA LEU A 57 -5.36 -9.87 -0.56
C LEU A 57 -4.62 -11.03 0.04
N VAL A 58 -3.42 -11.32 -0.48
CA VAL A 58 -2.64 -12.42 -0.01
C VAL A 58 -2.27 -12.15 1.42
N MET A 59 -2.20 -10.87 1.79
CA MET A 59 -1.79 -10.57 3.13
C MET A 59 -2.76 -11.11 4.14
N GLY A 60 -4.05 -10.80 3.96
CA GLY A 60 -5.13 -11.20 4.83
C GLY A 60 -5.45 -12.65 4.70
N LEU A 61 -5.14 -13.27 3.54
CA LEU A 61 -5.42 -14.67 3.40
C LEU A 61 -4.43 -15.57 4.07
N ALA A 62 -3.16 -15.59 3.59
CA ALA A 62 -2.15 -16.43 4.19
C ALA A 62 -1.49 -15.85 5.40
N VAL A 63 -0.86 -14.67 5.22
CA VAL A 63 0.02 -14.11 6.20
C VAL A 63 -0.68 -13.74 7.47
N VAL A 64 -1.71 -12.89 7.38
CA VAL A 64 -2.25 -12.37 8.60
C VAL A 64 -3.02 -13.40 9.39
N PRO A 65 -3.80 -14.29 8.83
CA PRO A 65 -4.47 -15.22 9.69
C PRO A 65 -3.55 -16.23 10.30
N PHE A 66 -2.49 -16.65 9.60
CA PHE A 66 -1.59 -17.59 10.19
C PHE A 66 -0.90 -16.92 11.32
N GLY A 67 -0.56 -15.62 11.14
CA GLY A 67 0.13 -14.89 12.16
C GLY A 67 -0.76 -14.80 13.36
N ALA A 68 -2.07 -14.56 13.15
CA ALA A 68 -2.98 -14.41 14.26
C ALA A 68 -3.02 -15.69 15.04
N ALA A 69 -3.14 -16.82 14.32
CA ALA A 69 -3.20 -18.09 14.98
C ALA A 69 -1.92 -18.27 15.71
N HIS A 70 -0.82 -17.79 15.11
CA HIS A 70 0.47 -17.96 15.69
C HIS A 70 0.50 -17.30 17.03
N ILE A 71 -0.04 -16.08 17.12
CA ILE A 71 -0.06 -15.36 18.37
C ILE A 71 -0.96 -16.03 19.36
N LEU A 72 -2.08 -16.61 18.90
CA LEU A 72 -2.97 -17.26 19.82
C LEU A 72 -2.34 -18.47 20.45
N THR A 73 -1.72 -19.34 19.64
CA THR A 73 -1.15 -20.60 20.05
C THR A 73 0.09 -20.38 20.88
N LYS A 74 0.83 -19.30 20.61
CA LYS A 74 2.07 -19.03 21.31
C LYS A 74 3.10 -20.03 20.88
N THR A 75 2.85 -20.71 19.73
CA THR A 75 3.80 -21.63 19.17
C THR A 75 3.48 -21.79 17.73
N TRP A 76 4.39 -22.38 16.94
CA TRP A 76 4.15 -22.57 15.53
C TRP A 76 3.83 -24.01 15.27
N THR A 77 2.55 -24.28 14.94
CA THR A 77 1.99 -25.57 14.65
C THR A 77 2.28 -26.02 13.24
N PHE A 78 2.53 -25.06 12.33
CA PHE A 78 2.61 -25.24 10.91
C PHE A 78 3.73 -26.11 10.45
N GLY A 79 4.87 -26.16 11.16
CA GLY A 79 5.92 -27.01 10.68
C GLY A 79 7.01 -26.14 10.16
N ASN A 80 8.20 -26.75 9.91
CA ASN A 80 9.35 -26.01 9.49
C ASN A 80 9.24 -25.51 8.08
N PHE A 81 8.96 -26.40 7.12
CA PHE A 81 8.98 -26.01 5.73
C PHE A 81 7.93 -24.97 5.52
N TRP A 82 6.74 -25.20 6.11
CA TRP A 82 5.63 -24.31 5.96
C TRP A 82 5.97 -23.02 6.65
N CYS A 83 6.76 -23.08 7.75
CA CYS A 83 7.14 -21.87 8.43
C CYS A 83 7.93 -21.04 7.47
N GLU A 84 8.79 -21.69 6.65
CA GLU A 84 9.59 -20.99 5.70
C GLU A 84 8.70 -20.38 4.66
N PHE A 85 7.72 -21.16 4.19
CA PHE A 85 6.81 -20.72 3.15
C PHE A 85 6.08 -19.52 3.63
N TRP A 86 5.54 -19.57 4.86
CA TRP A 86 4.76 -18.52 5.43
C TRP A 86 5.57 -17.26 5.54
N THR A 87 6.80 -17.38 6.05
CA THR A 87 7.59 -16.20 6.23
C THR A 87 7.83 -15.56 4.90
N SER A 88 8.08 -16.38 3.86
CA SER A 88 8.40 -15.88 2.56
C SER A 88 7.23 -15.11 2.01
N ILE A 89 6.01 -15.65 2.15
CA ILE A 89 4.86 -15.00 1.62
C ILE A 89 4.70 -13.69 2.32
N ASP A 90 5.05 -13.66 3.63
CA ASP A 90 4.91 -12.45 4.39
C ASP A 90 5.76 -11.37 3.78
N VAL A 91 7.06 -11.63 3.59
CA VAL A 91 7.95 -10.62 3.10
C VAL A 91 7.52 -10.20 1.73
N LEU A 92 7.08 -11.16 0.91
CA LEU A 92 6.70 -10.87 -0.45
C LEU A 92 5.54 -9.91 -0.43
N CYS A 93 4.55 -10.16 0.45
CA CYS A 93 3.37 -9.35 0.49
C CYS A 93 3.73 -7.97 0.90
N VAL A 94 4.63 -7.81 1.90
CA VAL A 94 4.93 -6.49 2.35
C VAL A 94 5.62 -5.72 1.27
N THR A 95 6.62 -6.33 0.61
CA THR A 95 7.38 -5.64 -0.39
C THR A 95 6.47 -5.26 -1.51
N ALA A 96 5.59 -6.18 -1.94
CA ALA A 96 4.72 -5.90 -3.05
C ALA A 96 3.83 -4.75 -2.69
N SER A 97 3.31 -4.72 -1.46
CA SER A 97 2.40 -3.67 -1.07
C SER A 97 3.07 -2.34 -1.15
N ILE A 98 4.18 -2.17 -0.42
CA ILE A 98 4.82 -0.89 -0.33
C ILE A 98 5.24 -0.46 -1.70
N TRP A 99 5.87 -1.37 -2.45
CA TRP A 99 6.39 -1.00 -3.74
C TRP A 99 5.27 -0.57 -4.63
N THR A 100 4.12 -1.27 -4.60
CA THR A 100 3.02 -0.94 -5.45
C THR A 100 2.55 0.45 -5.13
N LEU A 101 2.49 0.79 -3.83
CA LEU A 101 2.05 2.10 -3.45
C LEU A 101 2.96 3.10 -4.07
N CYS A 102 4.29 2.84 -4.07
CA CYS A 102 5.18 3.80 -4.63
C CYS A 102 4.92 3.91 -6.10
N VAL A 103 4.57 2.80 -6.77
CA VAL A 103 4.34 2.82 -8.19
C VAL A 103 3.19 3.73 -8.49
N ILE A 104 2.11 3.65 -7.69
CA ILE A 104 0.95 4.47 -7.89
C ILE A 104 1.38 5.89 -7.75
N ALA A 105 2.22 6.16 -6.75
CA ALA A 105 2.66 7.51 -6.49
C ALA A 105 3.32 8.02 -7.73
N VAL A 106 4.13 7.16 -8.39
CA VAL A 106 4.82 7.53 -9.57
C VAL A 106 3.82 7.84 -10.65
N ASP A 107 2.71 7.07 -10.70
CA ASP A 107 1.72 7.25 -11.72
C ASP A 107 1.13 8.62 -11.62
N ARG A 108 0.75 9.03 -10.39
CA ARG A 108 0.13 10.32 -10.19
C ARG A 108 1.13 11.40 -10.47
N TYR A 109 2.40 11.18 -10.08
CA TYR A 109 3.42 12.18 -10.27
C TYR A 109 3.53 12.43 -11.74
N PHE A 110 3.53 11.36 -12.55
CA PHE A 110 3.52 11.50 -13.98
C PHE A 110 2.88 12.79 -14.36
N ALA A 111 3.53 13.57 -15.24
CA ALA A 111 2.96 14.84 -15.57
C ALA A 111 1.56 14.94 -15.05
N ILE A 112 1.37 15.70 -13.95
CA ILE A 112 0.08 15.82 -13.32
C ILE A 112 -0.63 17.06 -13.76
N CYS A 113 -1.58 16.88 -14.67
CA CYS A 113 -2.36 17.98 -15.21
C CYS A 113 -2.96 17.65 -16.58
N SER A 114 -3.51 18.65 -17.25
CA SER A 114 -4.09 18.44 -18.56
C SER A 114 -3.17 17.61 -19.44
N PRO A 115 -3.68 17.10 -20.52
CA PRO A 115 -2.89 16.24 -21.47
C PRO A 115 -1.49 16.79 -21.72
N PHE A 116 -0.52 16.28 -20.97
CA PHE A 116 0.86 16.73 -21.11
C PHE A 116 1.83 15.62 -20.76
N LYS A 117 2.73 15.30 -21.69
CA LYS A 117 3.71 14.25 -21.47
C LYS A 117 3.02 12.96 -21.03
N TYR A 118 1.77 12.80 -21.44
CA TYR A 118 1.02 11.61 -21.11
C TYR A 118 0.72 10.74 -22.29
N GLN A 119 0.15 11.38 -23.30
CA GLN A 119 -0.32 10.64 -24.44
C GLN A 119 0.83 10.16 -25.26
N SER A 120 1.85 11.01 -25.44
CA SER A 120 2.95 10.68 -26.31
C SER A 120 3.75 9.53 -25.78
N LEU A 121 4.25 9.66 -24.54
CA LEU A 121 5.15 8.70 -23.96
C LEU A 121 4.51 7.36 -23.73
N LEU A 122 3.34 7.33 -23.06
CA LEU A 122 2.71 6.07 -22.79
C LEU A 122 2.02 5.60 -24.04
N THR A 123 2.61 4.56 -24.68
CA THR A 123 2.05 4.04 -25.89
C THR A 123 2.01 2.55 -25.74
N LYS A 124 0.87 1.93 -26.09
CA LYS A 124 0.75 0.50 -25.99
C LYS A 124 0.92 0.09 -24.56
N CYS A 125 1.10 -1.20 -24.33
CA CYS A 125 1.32 -1.68 -22.97
C CYS A 125 2.62 -1.16 -22.39
N LYS A 126 2.66 -1.13 -21.06
CA LYS A 126 3.84 -0.66 -20.35
C LYS A 126 3.61 -0.75 -18.84
N ALA A 127 2.35 -0.63 -18.45
CA ALA A 127 1.99 -0.69 -17.06
C ALA A 127 2.20 -2.08 -16.53
N ARG A 128 1.93 -3.07 -17.37
CA ARG A 128 1.95 -4.44 -16.94
C ARG A 128 3.36 -4.78 -16.60
N VAL A 129 4.32 -4.28 -17.40
CA VAL A 129 5.69 -4.62 -17.15
C VAL A 129 6.06 -4.07 -15.81
N ILE A 130 5.51 -2.89 -15.45
CA ILE A 130 5.82 -2.29 -14.18
C ILE A 130 5.34 -3.19 -13.08
N ILE A 131 4.12 -3.76 -13.24
CA ILE A 131 3.59 -4.61 -12.21
C ILE A 131 4.45 -5.83 -12.08
N LEU A 132 4.82 -6.45 -13.21
CA LEU A 132 5.60 -7.65 -13.13
C LEU A 132 6.92 -7.33 -12.51
N MET A 133 7.47 -6.14 -12.82
CA MET A 133 8.75 -5.82 -12.25
C MET A 133 8.60 -5.77 -10.77
N VAL A 134 7.51 -5.16 -10.28
CA VAL A 134 7.33 -4.98 -8.87
C VAL A 134 7.33 -6.32 -8.20
N TRP A 135 6.53 -7.26 -8.74
CA TRP A 135 6.42 -8.56 -8.14
C TRP A 135 7.71 -9.30 -8.25
N ILE A 136 8.41 -9.15 -9.40
CA ILE A 136 9.61 -9.90 -9.58
C ILE A 136 10.63 -9.45 -8.57
N VAL A 137 10.81 -8.13 -8.39
CA VAL A 137 11.80 -7.60 -7.49
C VAL A 137 11.41 -7.98 -6.09
N SER A 138 10.10 -8.00 -5.83
CA SER A 138 9.57 -8.32 -4.54
C SER A 138 9.89 -9.75 -4.20
N GLY A 139 9.75 -10.66 -5.17
CA GLY A 139 10.02 -12.06 -4.98
C GLY A 139 11.48 -12.31 -4.77
N LEU A 140 12.33 -11.65 -5.58
CA LEU A 140 13.76 -11.83 -5.55
C LEU A 140 14.30 -11.42 -4.23
N THR A 141 13.71 -10.39 -3.61
CA THR A 141 14.10 -9.89 -2.32
C THR A 141 13.60 -10.74 -1.20
N SER A 142 12.61 -11.63 -1.46
CA SER A 142 11.94 -12.35 -0.42
C SER A 142 12.19 -13.82 -0.51
N PHE A 143 11.49 -14.48 -1.46
CA PHE A 143 11.50 -15.91 -1.59
C PHE A 143 12.88 -16.43 -1.83
N LEU A 144 13.63 -15.85 -2.77
CA LEU A 144 14.91 -16.41 -3.07
C LEU A 144 15.83 -16.33 -1.88
N PRO A 145 15.90 -15.21 -1.22
CA PRO A 145 16.79 -15.08 -0.11
C PRO A 145 16.41 -15.97 1.04
N ILE A 146 15.11 -16.11 1.30
CA ILE A 146 14.62 -16.87 2.41
C ILE A 146 14.88 -18.33 2.21
N GLN A 147 14.52 -18.85 1.02
CA GLN A 147 14.62 -20.26 0.73
C GLN A 147 16.06 -20.66 0.77
N MET A 148 16.93 -19.75 0.31
CA MET A 148 18.34 -19.94 0.22
C MET A 148 18.98 -19.97 1.58
N HIS A 149 18.30 -19.40 2.60
CA HIS A 149 18.87 -19.29 3.92
C HIS A 149 19.96 -18.28 3.92
N TRP A 150 19.82 -17.25 3.05
CA TRP A 150 20.75 -16.16 3.01
C TRP A 150 20.61 -15.31 4.24
N TYR A 151 19.35 -15.10 4.69
CA TYR A 151 19.04 -14.28 5.83
C TYR A 151 19.48 -14.92 7.11
N ARG A 152 19.53 -16.26 7.19
CA ARG A 152 19.82 -16.88 8.45
C ARG A 152 21.14 -16.41 8.97
N ALA A 153 21.15 -15.96 10.24
CA ALA A 153 22.38 -15.55 10.83
C ALA A 153 22.80 -16.67 11.69
N THR A 154 24.10 -17.02 11.65
CA THR A 154 24.50 -18.13 12.45
C THR A 154 24.52 -17.70 13.88
N HIS A 155 23.56 -18.22 14.65
CA HIS A 155 23.52 -17.96 16.06
C HIS A 155 23.04 -19.21 16.68
N GLN A 156 23.40 -19.45 17.96
CA GLN A 156 22.98 -20.67 18.54
C GLN A 156 21.49 -20.70 18.60
N GLU A 157 20.87 -19.61 19.07
CA GLU A 157 19.44 -19.58 19.19
C GLU A 157 18.83 -19.64 17.83
N ALA A 158 19.42 -18.91 16.87
CA ALA A 158 18.85 -18.89 15.56
C ALA A 158 18.89 -20.26 14.99
N ILE A 159 20.04 -20.94 15.10
CA ILE A 159 20.17 -22.23 14.49
C ILE A 159 19.18 -23.15 15.12
N ASN A 160 19.01 -23.06 16.45
CA ASN A 160 18.15 -23.95 17.15
C ASN A 160 16.73 -23.80 16.68
N CYS A 161 16.22 -22.56 16.63
CA CYS A 161 14.85 -22.33 16.27
C CYS A 161 14.63 -22.70 14.84
N TYR A 162 15.58 -22.37 13.94
CA TYR A 162 15.38 -22.69 12.55
C TYR A 162 15.32 -24.17 12.36
N ALA A 163 16.28 -24.91 12.95
CA ALA A 163 16.33 -26.33 12.77
C ALA A 163 15.08 -26.92 13.34
N GLU A 164 14.58 -26.35 14.44
CA GLU A 164 13.40 -26.88 15.08
C GLU A 164 12.25 -26.64 14.15
N GLU A 165 11.41 -27.67 13.92
CA GLU A 165 10.32 -27.55 12.99
C GLU A 165 9.28 -26.57 13.50
N THR A 166 8.90 -26.70 14.78
CA THR A 166 7.84 -25.99 15.45
C THR A 166 8.15 -24.56 15.80
N CYS A 167 9.42 -24.21 16.05
CA CYS A 167 9.71 -22.87 16.48
C CYS A 167 9.83 -21.98 15.28
N CYS A 168 8.83 -21.12 15.04
CA CYS A 168 8.92 -20.25 13.90
C CYS A 168 9.14 -18.85 14.41
N ASP A 169 10.41 -18.40 14.43
CA ASP A 169 10.69 -17.06 14.88
C ASP A 169 11.54 -16.38 13.85
N PHE A 170 11.38 -15.05 13.74
CA PHE A 170 12.05 -14.26 12.75
C PHE A 170 13.38 -13.83 13.27
N PHE A 171 14.47 -14.27 12.59
CA PHE A 171 15.78 -13.84 12.97
C PHE A 171 16.47 -13.45 11.69
N THR A 172 17.17 -12.30 11.66
CA THR A 172 17.82 -11.93 10.44
C THR A 172 19.14 -11.27 10.72
N ASN A 173 20.12 -11.55 9.86
CA ASN A 173 21.42 -10.98 10.00
C ASN A 173 21.32 -9.54 9.61
N GLN A 174 22.27 -8.72 10.08
CA GLN A 174 22.25 -7.30 9.87
C GLN A 174 22.27 -7.03 8.40
N ALA A 175 23.10 -7.77 7.65
CA ALA A 175 23.28 -7.52 6.25
C ALA A 175 21.97 -7.67 5.53
N TYR A 176 21.17 -8.67 5.92
CA TYR A 176 19.90 -8.90 5.29
C TYR A 176 18.96 -7.78 5.60
N ALA A 177 18.95 -7.33 6.87
CA ALA A 177 18.03 -6.34 7.34
C ALA A 177 18.24 -5.00 6.68
N ILE A 178 19.50 -4.54 6.52
CA ILE A 178 19.60 -3.21 5.98
C ILE A 178 19.10 -3.16 4.57
N ALA A 179 19.56 -4.07 3.71
CA ALA A 179 19.17 -4.05 2.32
C ALA A 179 17.71 -4.37 2.20
N SER A 180 17.23 -5.34 3.00
CA SER A 180 15.87 -5.77 2.89
C SER A 180 14.96 -4.63 3.19
N SER A 181 15.22 -3.92 4.30
CA SER A 181 14.38 -2.84 4.72
C SER A 181 14.47 -1.70 3.75
N ILE A 182 15.69 -1.36 3.31
CA ILE A 182 15.86 -0.23 2.43
C ILE A 182 15.12 -0.47 1.15
N VAL A 183 15.22 -1.68 0.58
CA VAL A 183 14.55 -1.97 -0.65
C VAL A 183 13.06 -2.01 -0.46
N SER A 184 12.60 -2.70 0.61
CA SER A 184 11.19 -2.88 0.79
C SER A 184 10.49 -1.60 1.10
N PHE A 185 10.87 -0.93 2.23
CA PHE A 185 10.28 0.31 2.67
C PHE A 185 10.91 1.63 2.27
N TYR A 186 12.23 1.78 2.56
CA TYR A 186 12.86 3.08 2.54
C TYR A 186 12.87 3.74 1.20
N VAL A 187 13.29 3.01 0.16
CA VAL A 187 13.41 3.65 -1.12
C VAL A 187 12.06 4.12 -1.55
N PRO A 188 11.04 3.32 -1.46
CA PRO A 188 9.75 3.75 -1.90
C PRO A 188 9.29 4.92 -1.10
N LEU A 189 9.72 5.01 0.18
CA LEU A 189 9.31 6.09 1.00
C LEU A 189 9.86 7.37 0.45
N VAL A 190 11.16 7.37 0.07
CA VAL A 190 11.79 8.56 -0.41
C VAL A 190 11.15 8.99 -1.69
N ILE A 191 10.95 8.04 -2.62
CA ILE A 191 10.39 8.40 -3.89
C ILE A 191 9.04 9.00 -3.68
N MET A 192 8.22 8.37 -2.83
CA MET A 192 6.90 8.91 -2.67
C MET A 192 6.95 10.28 -2.07
N VAL A 193 7.86 10.51 -1.09
CA VAL A 193 7.89 11.79 -0.44
C VAL A 193 8.13 12.85 -1.47
N PHE A 194 9.17 12.68 -2.32
CA PHE A 194 9.48 13.69 -3.27
C PHE A 194 8.34 13.84 -4.22
N VAL A 195 7.76 12.72 -4.68
CA VAL A 195 6.71 12.75 -5.66
C VAL A 195 5.50 13.50 -5.20
N TYR A 196 4.93 13.09 -4.04
CA TYR A 196 3.74 13.74 -3.59
C TYR A 196 4.05 15.17 -3.30
N SER A 197 5.28 15.44 -2.85
CA SER A 197 5.65 16.80 -2.56
C SER A 197 5.50 17.63 -3.79
N ARG A 198 6.08 17.20 -4.93
CA ARG A 198 5.99 18.01 -6.11
C ARG A 198 4.56 18.13 -6.54
N VAL A 199 3.79 17.02 -6.43
CA VAL A 199 2.44 17.06 -6.91
C VAL A 199 1.69 18.09 -6.13
N PHE A 200 1.96 18.16 -4.82
CA PHE A 200 1.32 19.09 -3.93
C PHE A 200 1.62 20.46 -4.43
N GLN A 201 2.88 20.69 -4.84
CA GLN A 201 3.22 22.00 -5.29
C GLN A 201 2.40 22.33 -6.48
N GLU A 202 2.18 21.35 -7.37
CA GLU A 202 1.45 21.60 -8.58
C GLU A 202 0.04 22.02 -8.24
N ALA A 203 -0.60 21.33 -7.28
CA ALA A 203 -1.96 21.62 -6.94
C ALA A 203 -2.04 23.03 -6.45
N LYS A 204 -1.08 23.42 -5.61
CA LYS A 204 -1.04 24.73 -5.02
C LYS A 204 -0.96 25.72 -6.13
N ARG A 205 -0.09 25.45 -7.13
CA ARG A 205 0.10 26.40 -8.18
C ARG A 205 -1.16 26.60 -8.94
N GLN A 206 -1.85 25.50 -9.28
CA GLN A 206 -3.01 25.64 -10.12
C GLN A 206 -4.05 26.46 -9.43
N LEU A 207 -4.30 26.20 -8.14
CA LEU A 207 -5.32 26.94 -7.45
C LEU A 207 -4.94 28.38 -7.39
N GLN A 208 -3.65 28.69 -7.20
CA GLN A 208 -3.24 30.06 -7.08
C GLN A 208 -3.48 30.77 -8.37
N LYS A 209 -3.13 30.12 -9.49
CA LYS A 209 -3.25 30.72 -10.79
C LYS A 209 -4.70 31.00 -11.02
N ILE A 210 -5.56 30.06 -10.59
CA ILE A 210 -6.97 30.19 -10.76
C ILE A 210 -7.41 31.38 -9.98
N ASP A 211 -6.85 31.59 -8.78
CA ASP A 211 -7.22 32.68 -7.92
C ASP A 211 -6.85 33.95 -8.61
N LYS A 212 -5.77 33.93 -9.41
CA LYS A 212 -5.35 35.13 -10.06
C LYS A 212 -6.38 35.44 -11.10
N SER A 213 -6.80 34.40 -11.83
CA SER A 213 -7.79 34.51 -12.87
C SER A 213 -9.13 34.58 -12.22
N GLU A 214 -9.52 35.77 -11.79
CA GLU A 214 -10.81 35.95 -11.13
C GLU A 214 -11.36 37.34 -11.42
N GLY A 215 -12.15 37.46 -12.49
CA GLY A 215 -12.74 38.73 -12.86
C GLY A 215 -13.54 38.61 -14.15
N ARG A 216 -13.93 39.76 -14.71
CA ARG A 216 -14.70 39.76 -15.95
C ARG A 216 -13.77 39.84 -17.16
N PHE A 217 -13.93 38.91 -18.09
CA PHE A 217 -13.11 38.91 -19.26
C PHE A 217 -13.60 39.94 -20.22
N HIS A 218 -12.64 40.55 -20.94
CA HIS A 218 -12.93 41.55 -21.92
C HIS A 218 -13.68 40.88 -23.00
N VAL A 219 -14.43 41.68 -23.79
CA VAL A 219 -15.19 41.08 -24.85
C VAL A 219 -14.34 41.17 -26.08
N GLN A 220 -13.90 42.40 -26.42
CA GLN A 220 -13.08 42.55 -27.57
C GLN A 220 -12.61 43.97 -27.55
N ASN A 221 -12.03 44.44 -28.66
CA ASN A 221 -11.57 45.79 -28.68
C ASN A 221 -10.53 45.90 -27.62
N VAL A 222 -9.67 44.88 -27.52
CA VAL A 222 -8.63 44.93 -26.53
C VAL A 222 -7.37 44.56 -27.23
N SER A 223 -7.37 43.39 -27.89
CA SER A 223 -6.19 42.96 -28.57
C SER A 223 -5.97 43.84 -29.75
N GLN A 224 -4.73 43.85 -30.26
CA GLN A 224 -4.41 44.67 -31.40
C GLN A 224 -4.69 43.88 -32.63
N VAL A 225 -3.82 42.91 -32.93
CA VAL A 225 -3.97 42.11 -34.11
C VAL A 225 -4.09 40.67 -33.74
N GLU A 226 -3.11 40.10 -33.03
CA GLU A 226 -3.29 38.70 -32.75
C GLU A 226 -4.19 38.49 -31.58
N GLN A 227 -4.98 37.40 -31.66
CA GLN A 227 -5.90 36.99 -30.64
C GLN A 227 -5.63 35.54 -30.40
N ASP A 228 -5.78 35.14 -29.12
CA ASP A 228 -5.54 33.83 -28.64
C ASP A 228 -6.48 32.90 -29.33
N GLY A 229 -7.73 33.32 -29.52
CA GLY A 229 -8.69 32.48 -30.16
C GLY A 229 -10.01 33.17 -30.09
N ARG A 230 -11.05 32.53 -30.67
CA ARG A 230 -12.35 33.13 -30.67
C ARG A 230 -13.11 32.55 -29.53
N THR A 231 -12.83 31.27 -29.20
CA THR A 231 -13.52 30.66 -28.11
C THR A 231 -12.54 29.90 -27.29
N GLY A 232 -12.90 29.62 -26.03
CA GLY A 232 -11.96 28.86 -25.25
C GLY A 232 -12.02 29.27 -23.82
N HIS A 233 -13.25 29.59 -23.38
CA HIS A 233 -13.53 29.96 -22.03
C HIS A 233 -13.21 28.74 -21.23
N GLY A 234 -13.56 27.55 -21.75
CA GLY A 234 -13.29 26.37 -21.00
C GLY A 234 -14.49 26.08 -20.15
N HIS A 235 -14.74 24.77 -19.90
CA HIS A 235 -15.85 24.33 -19.11
C HIS A 235 -15.53 22.98 -18.58
N ARG A 236 -16.28 22.55 -17.54
CA ARG A 236 -16.05 21.27 -16.93
C ARG A 236 -14.61 21.26 -16.56
N ARG A 237 -14.09 22.40 -16.10
CA ARG A 237 -12.71 22.41 -15.76
C ARG A 237 -12.66 22.35 -14.26
N SER A 238 -13.64 22.97 -13.61
CA SER A 238 -13.68 23.02 -12.18
C SER A 238 -13.70 21.61 -11.69
N SER A 239 -14.52 20.76 -12.33
CA SER A 239 -14.63 19.39 -11.91
C SER A 239 -13.31 18.73 -12.11
N LYS A 240 -12.54 19.21 -13.12
CA LYS A 240 -11.24 18.63 -13.37
C LYS A 240 -10.41 18.96 -12.17
N PHE A 241 -10.53 20.17 -11.61
CA PHE A 241 -9.68 20.45 -10.48
C PHE A 241 -10.11 19.65 -9.30
N ALA A 242 -11.43 19.40 -9.30
CA ALA A 242 -12.18 18.66 -8.34
C ALA A 242 -11.45 17.37 -8.15
N CYS A 243 -11.57 16.54 -9.18
CA CYS A 243 -10.96 15.23 -9.22
C CYS A 243 -9.44 15.23 -9.19
N LYS A 244 -8.77 16.24 -9.77
CA LYS A 244 -7.33 16.15 -9.72
C LYS A 244 -6.84 16.42 -8.34
N GLU A 245 -7.28 17.53 -7.73
CA GLU A 245 -6.86 17.87 -6.40
C GLU A 245 -7.36 16.89 -5.38
N HIS A 246 -8.60 16.41 -5.51
CA HIS A 246 -9.07 15.44 -4.55
C HIS A 246 -8.35 14.15 -4.74
N LYS A 247 -8.10 13.77 -6.00
CA LYS A 247 -7.41 12.52 -6.17
C LYS A 247 -6.05 12.63 -5.54
N ALA A 248 -5.32 13.73 -5.79
CA ALA A 248 -4.00 13.93 -5.25
C ALA A 248 -4.08 13.86 -3.76
N LEU A 249 -5.07 14.58 -3.17
CA LEU A 249 -5.24 14.67 -1.75
C LEU A 249 -5.52 13.34 -1.10
N LYS A 250 -6.40 12.52 -1.68
CA LYS A 250 -6.71 11.23 -1.09
C LYS A 250 -5.58 10.27 -1.22
N THR A 251 -4.86 10.29 -2.36
CA THR A 251 -3.81 9.34 -2.53
C THR A 251 -2.70 9.69 -1.60
N LEU A 252 -2.38 10.97 -1.56
CA LEU A 252 -1.30 11.43 -0.71
C LEU A 252 -1.64 11.13 0.74
N GLY A 253 -2.89 11.40 1.13
CA GLY A 253 -3.26 11.17 2.49
C GLY A 253 -3.20 9.72 2.80
N ILE A 254 -3.61 8.86 1.85
CA ILE A 254 -3.64 7.44 2.06
C ILE A 254 -2.25 6.88 2.14
N ILE A 255 -1.33 7.37 1.29
CA ILE A 255 0.00 6.83 1.30
C ILE A 255 0.70 7.22 2.56
N MET A 256 0.68 8.51 2.89
CA MET A 256 1.36 8.92 4.08
C MET A 256 0.74 8.30 5.30
N GLY A 257 -0.60 8.24 5.36
CA GLY A 257 -1.28 7.66 6.49
C GLY A 257 -0.98 6.20 6.67
N THR A 258 -0.87 5.45 5.56
CA THR A 258 -0.59 4.04 5.65
C THR A 258 0.80 3.85 6.15
N PHE A 259 1.73 4.56 5.51
CA PHE A 259 3.13 4.47 5.88
C PHE A 259 3.31 4.76 7.36
N THR A 260 2.86 5.94 7.80
CA THR A 260 3.03 6.29 9.18
C THR A 260 2.16 5.51 10.11
N LEU A 261 0.86 5.32 9.89
CA LEU A 261 0.15 4.62 10.92
C LEU A 261 0.58 3.19 10.94
N CYS A 262 1.12 2.71 9.84
CA CYS A 262 1.51 1.31 9.80
C CYS A 262 2.62 1.09 8.79
N TRP A 263 3.82 0.83 9.28
CA TRP A 263 4.94 0.58 8.40
C TRP A 263 6.20 1.28 8.89
N LEU A 264 6.15 2.61 9.02
CA LEU A 264 7.33 3.34 9.41
C LEU A 264 7.84 2.91 10.75
N PRO A 265 7.01 2.81 11.75
CA PRO A 265 7.53 2.47 13.04
C PRO A 265 8.17 1.11 13.02
N PHE A 266 7.62 0.18 12.22
CA PHE A 266 8.13 -1.16 12.12
C PHE A 266 9.47 -1.21 11.44
N PHE A 267 9.52 -0.62 10.22
CA PHE A 267 10.70 -0.71 9.40
C PHE A 267 11.87 -0.01 10.02
N ILE A 268 11.63 1.13 10.69
CA ILE A 268 12.68 1.83 11.37
C ILE A 268 13.16 1.01 12.53
N VAL A 269 12.23 0.37 13.28
CA VAL A 269 12.58 -0.40 14.42
C VAL A 269 13.48 -1.51 13.99
N ASN A 270 13.34 -1.99 12.73
CA ASN A 270 14.20 -3.04 12.28
C ASN A 270 15.62 -2.57 12.34
N ILE A 271 15.90 -1.36 11.83
CA ILE A 271 17.22 -0.80 11.82
C ILE A 271 17.63 -0.57 13.24
N VAL A 272 16.67 -0.21 14.11
CA VAL A 272 16.94 0.02 15.49
C VAL A 272 17.46 -1.24 16.11
N HIS A 273 16.82 -2.38 15.82
CA HIS A 273 17.24 -3.61 16.41
C HIS A 273 18.57 -4.01 15.84
N VAL A 274 18.78 -3.75 14.53
CA VAL A 274 20.01 -4.14 13.95
C VAL A 274 21.16 -3.33 14.48
N ILE A 275 20.98 -2.00 14.59
CA ILE A 275 22.04 -1.13 15.05
C ILE A 275 22.36 -1.36 16.50
N GLN A 276 21.31 -1.37 17.36
CA GLN A 276 21.48 -1.49 18.79
C GLN A 276 20.71 -2.69 19.26
N ASP A 277 21.42 -3.64 19.89
CA ASP A 277 20.93 -4.95 20.25
C ASP A 277 19.90 -5.09 21.35
N ASN A 278 19.96 -4.34 22.47
CA ASN A 278 18.99 -4.70 23.46
C ASN A 278 18.12 -3.53 23.76
N LEU A 279 17.96 -2.63 22.77
CA LEU A 279 17.11 -1.50 22.94
C LEU A 279 15.65 -1.81 22.79
N ILE A 280 15.28 -2.88 22.05
CA ILE A 280 13.87 -3.07 21.83
C ILE A 280 13.33 -4.37 22.36
N ARG A 281 12.01 -4.36 22.66
CA ARG A 281 11.31 -5.53 23.11
C ARG A 281 10.80 -6.26 21.92
N LYS A 282 10.59 -7.58 22.08
CA LYS A 282 10.03 -8.36 21.01
C LYS A 282 8.59 -8.11 20.79
N GLU A 283 7.85 -7.64 21.82
CA GLU A 283 6.46 -7.38 21.65
C GLU A 283 6.28 -6.28 20.64
N VAL A 284 7.15 -5.24 20.69
CA VAL A 284 7.03 -4.11 19.83
C VAL A 284 7.15 -4.54 18.40
N TYR A 285 8.05 -5.50 18.13
CA TYR A 285 8.34 -5.95 16.79
C TYR A 285 7.08 -6.49 16.18
N ILE A 286 6.38 -7.40 16.90
CA ILE A 286 5.20 -8.03 16.37
C ILE A 286 4.09 -7.04 16.21
N LEU A 287 3.86 -6.19 17.23
CA LEU A 287 2.74 -5.28 17.17
C LEU A 287 2.90 -4.37 16.01
N LEU A 288 4.10 -3.84 15.88
CA LEU A 288 4.40 -2.91 14.81
C LEU A 288 4.19 -3.58 13.47
N ASN A 289 4.56 -4.85 13.37
CA ASN A 289 4.42 -5.56 12.13
C ASN A 289 2.95 -5.66 11.78
N TRP A 290 2.09 -5.93 12.78
CA TRP A 290 0.67 -6.01 12.55
C TRP A 290 0.15 -4.68 12.13
N ILE A 291 0.66 -3.62 12.75
CA ILE A 291 0.19 -2.29 12.47
C ILE A 291 0.40 -2.08 10.99
N GLY A 292 1.54 -2.56 10.47
CA GLY A 292 1.82 -2.46 9.07
C GLY A 292 0.82 -3.27 8.31
N TYR A 293 0.39 -4.43 8.86
CA TYR A 293 -0.51 -5.30 8.16
C TYR A 293 -1.80 -4.58 7.87
N VAL A 294 -2.28 -3.76 8.82
CA VAL A 294 -3.56 -3.14 8.68
C VAL A 294 -3.61 -2.28 7.45
N ASN A 295 -2.44 -1.79 7.00
CA ASN A 295 -2.38 -0.93 5.85
C ASN A 295 -3.01 -1.61 4.67
N SER A 296 -2.86 -2.94 4.57
CA SER A 296 -3.44 -3.64 3.46
C SER A 296 -4.93 -3.44 3.47
N GLY A 297 -5.53 -3.37 4.67
CA GLY A 297 -6.95 -3.47 4.83
C GLY A 297 -7.63 -2.18 4.45
N PHE A 298 -6.99 -1.04 4.77
CA PHE A 298 -7.59 0.26 4.65
C PHE A 298 -7.81 0.65 3.21
N ASN A 299 -6.92 0.19 2.31
CA ASN A 299 -6.95 0.65 0.94
C ASN A 299 -8.29 0.48 0.30
N PRO A 300 -8.93 -0.65 0.39
CA PRO A 300 -10.19 -0.77 -0.30
C PRO A 300 -11.21 0.20 0.19
N LEU A 301 -11.22 0.52 1.48
CA LEU A 301 -12.16 1.47 1.99
C LEU A 301 -11.85 2.84 1.48
N ILE A 302 -10.55 3.21 1.51
CA ILE A 302 -10.10 4.53 1.18
C ILE A 302 -9.65 4.64 -0.25
N TYR A 303 -8.58 3.91 -0.64
CA TYR A 303 -7.99 3.96 -1.96
C TYR A 303 -8.88 3.93 -3.18
N SER A 304 -10.03 3.22 -3.10
CA SER A 304 -10.97 3.04 -4.17
C SER A 304 -12.02 4.11 -4.21
N ARG A 305 -11.63 5.36 -3.93
CA ARG A 305 -12.51 6.48 -3.87
C ARG A 305 -13.04 6.85 -5.24
N SER A 306 -12.33 6.45 -6.34
CA SER A 306 -12.78 6.87 -7.65
C SER A 306 -14.26 6.68 -7.79
N PRO A 307 -14.84 7.58 -8.55
CA PRO A 307 -16.26 7.62 -8.73
C PRO A 307 -16.82 6.37 -9.32
N ASP A 308 -16.11 5.76 -10.30
CA ASP A 308 -16.58 4.55 -10.89
C ASP A 308 -16.51 3.47 -9.87
N PHE A 309 -15.42 3.46 -9.08
CA PHE A 309 -15.21 2.43 -8.10
C PHE A 309 -16.33 2.41 -7.12
N ARG A 310 -16.75 3.59 -6.63
CA ARG A 310 -17.75 3.63 -5.60
C ARG A 310 -19.04 3.02 -6.08
N CYS A 311 -19.51 3.46 -7.23
CA CYS A 311 -20.74 2.91 -7.78
C CYS A 311 -20.67 1.39 -7.81
N ALA A 312 -19.58 0.99 -8.52
CA ALA A 312 -19.37 -0.40 -8.79
C ALA A 312 -19.36 -1.16 -7.50
N PHE A 313 -18.76 -0.58 -6.44
CA PHE A 313 -18.72 -1.27 -5.17
C PHE A 313 -20.08 -1.42 -4.57
N GLN A 314 -20.88 -0.33 -4.56
CA GLN A 314 -22.15 -0.31 -3.92
C GLN A 314 -23.05 -1.30 -4.57
N GLU A 315 -22.95 -1.41 -5.91
CA GLU A 315 -23.82 -2.28 -6.63
C GLU A 315 -23.63 -3.67 -6.13
N LEU A 316 -22.38 -4.04 -5.81
CA LEU A 316 -22.10 -5.38 -5.34
C LEU A 316 -22.78 -5.61 -4.02
N LEU A 317 -22.74 -4.63 -3.10
CA LEU A 317 -23.29 -4.82 -1.79
C LEU A 317 -24.78 -4.94 -1.83
N ALA A 318 -25.46 -4.12 -2.64
CA ALA A 318 -26.90 -4.15 -2.69
C ALA A 318 -27.33 -5.58 -3.01
N GLU A 7 -4.35 -13.58 29.97
CA GLU A 7 -5.55 -13.20 30.75
C GLU A 7 -6.67 -12.88 29.82
N VAL A 8 -7.18 -11.64 29.92
CA VAL A 8 -8.24 -11.11 29.12
C VAL A 8 -7.73 -10.94 27.73
N TRP A 9 -6.40 -10.75 27.60
CA TRP A 9 -5.76 -10.41 26.36
C TRP A 9 -6.04 -11.42 25.28
N VAL A 10 -6.11 -12.72 25.61
CA VAL A 10 -6.26 -13.68 24.56
C VAL A 10 -7.48 -13.43 23.74
N VAL A 11 -8.66 -13.27 24.38
CA VAL A 11 -9.89 -13.04 23.66
C VAL A 11 -9.82 -11.70 23.02
N GLY A 12 -9.27 -10.71 23.75
CA GLY A 12 -9.25 -9.37 23.27
C GLY A 12 -8.48 -9.31 21.99
N MET A 13 -7.36 -10.03 21.92
CA MET A 13 -6.57 -10.02 20.74
C MET A 13 -7.26 -10.76 19.63
N GLY A 14 -7.91 -11.88 19.96
CA GLY A 14 -8.51 -12.72 18.96
C GLY A 14 -9.54 -11.96 18.21
N ILE A 15 -10.35 -11.15 18.91
CA ILE A 15 -11.40 -10.42 18.29
C ILE A 15 -10.84 -9.44 17.31
N VAL A 16 -9.78 -8.71 17.70
CA VAL A 16 -9.19 -7.72 16.85
C VAL A 16 -8.66 -8.39 15.63
N MET A 17 -8.01 -9.56 15.82
CA MET A 17 -7.38 -10.26 14.73
C MET A 17 -8.45 -10.60 13.75
N SER A 18 -9.64 -10.96 14.27
CA SER A 18 -10.74 -11.34 13.44
C SER A 18 -11.15 -10.17 12.60
N LEU A 19 -11.25 -8.97 13.20
CA LEU A 19 -11.68 -7.82 12.44
C LEU A 19 -10.69 -7.51 11.37
N ILE A 20 -9.38 -7.56 11.68
CA ILE A 20 -8.41 -7.24 10.66
C ILE A 20 -8.43 -8.25 9.56
N VAL A 21 -8.47 -9.55 9.91
CA VAL A 21 -8.43 -10.58 8.91
C VAL A 21 -9.61 -10.40 8.02
N LEU A 22 -10.76 -10.03 8.61
CA LEU A 22 -11.98 -9.85 7.85
C LEU A 22 -11.82 -8.67 6.93
N ALA A 23 -11.27 -7.55 7.44
CA ALA A 23 -11.20 -6.34 6.68
C ALA A 23 -10.34 -6.51 5.47
N ILE A 24 -9.16 -7.13 5.63
CA ILE A 24 -8.26 -7.24 4.52
C ILE A 24 -8.88 -8.07 3.43
N VAL A 25 -9.47 -9.23 3.78
CA VAL A 25 -10.02 -10.09 2.78
C VAL A 25 -11.19 -9.48 2.09
N PHE A 26 -12.17 -8.98 2.87
CA PHE A 26 -13.38 -8.48 2.30
C PHE A 26 -13.04 -7.34 1.40
N GLY A 27 -12.15 -6.43 1.88
CA GLY A 27 -11.81 -5.27 1.11
C GLY A 27 -11.11 -5.61 -0.17
N ASN A 28 -10.04 -6.42 -0.11
CA ASN A 28 -9.27 -6.71 -1.30
C ASN A 28 -10.10 -7.48 -2.25
N VAL A 29 -10.83 -8.49 -1.74
CA VAL A 29 -11.61 -9.30 -2.63
C VAL A 29 -12.62 -8.41 -3.32
N LEU A 30 -13.23 -7.47 -2.58
CA LEU A 30 -14.22 -6.64 -3.18
C LEU A 30 -13.61 -5.85 -4.30
N VAL A 31 -12.42 -5.30 -4.07
CA VAL A 31 -11.84 -4.47 -5.09
C VAL A 31 -11.53 -5.28 -6.32
N ILE A 32 -10.88 -6.46 -6.19
CA ILE A 32 -10.56 -7.23 -7.36
C ILE A 32 -10.99 -8.66 -7.17
N THR A 33 -11.19 -9.38 -8.29
CA THR A 33 -11.64 -10.73 -8.28
C THR A 33 -13.05 -10.74 -7.79
N ALA A 34 -13.56 -11.94 -7.45
CA ALA A 34 -14.90 -12.09 -6.99
C ALA A 34 -15.83 -11.92 -8.15
N ILE A 35 -15.76 -12.82 -9.13
CA ILE A 35 -16.60 -12.78 -10.29
C ILE A 35 -16.26 -11.53 -11.08
N CYS A 36 -16.42 -11.59 -12.38
CA CYS A 36 -16.07 -10.44 -13.21
C CYS A 36 -17.28 -9.90 -13.98
N LYS A 37 -17.40 -8.58 -14.02
CA LYS A 37 -18.52 -7.94 -14.73
C LYS A 37 -18.02 -6.84 -15.64
N PHE A 38 -18.76 -6.56 -16.71
CA PHE A 38 -18.39 -5.53 -17.65
C PHE A 38 -18.54 -4.15 -17.02
N GLU A 39 -17.42 -3.59 -16.57
CA GLU A 39 -17.44 -2.26 -15.95
C GLU A 39 -16.40 -1.35 -16.58
N ARG A 40 -16.30 -0.13 -16.08
CA ARG A 40 -15.36 0.85 -16.61
C ARG A 40 -14.06 0.84 -15.81
N LEU A 41 -13.92 -0.09 -14.86
CA LEU A 41 -12.74 -0.17 -14.06
C LEU A 41 -11.51 -0.59 -14.81
N GLN A 42 -11.67 -1.06 -16.05
CA GLN A 42 -10.64 -1.63 -16.89
C GLN A 42 -9.50 -0.69 -17.16
N THR A 43 -9.68 0.63 -16.95
CA THR A 43 -8.70 1.65 -17.24
C THR A 43 -7.32 1.20 -16.83
N VAL A 44 -6.35 1.54 -17.67
CA VAL A 44 -4.97 1.12 -17.45
C VAL A 44 -4.44 1.57 -16.11
N THR A 45 -4.77 2.78 -15.68
CA THR A 45 -4.27 3.27 -14.44
C THR A 45 -4.75 2.36 -13.33
N ASN A 46 -5.95 1.79 -13.50
CA ASN A 46 -6.60 0.95 -12.53
C ASN A 46 -5.82 -0.30 -12.29
N TYR A 47 -5.08 -0.79 -13.30
CA TYR A 47 -4.37 -2.04 -13.20
C TYR A 47 -3.43 -1.98 -12.03
N PHE A 48 -2.74 -0.84 -11.83
CA PHE A 48 -1.79 -0.77 -10.75
C PHE A 48 -2.50 -1.02 -9.45
N ILE A 49 -3.65 -0.36 -9.22
CA ILE A 49 -4.33 -0.59 -7.97
C ILE A 49 -4.77 -2.02 -7.89
N THR A 50 -5.04 -2.65 -9.04
CA THR A 50 -5.41 -4.03 -9.03
C THR A 50 -4.27 -4.81 -8.42
N SER A 51 -3.02 -4.48 -8.80
CA SER A 51 -1.87 -5.16 -8.28
C SER A 51 -1.84 -4.96 -6.80
N LEU A 52 -2.16 -3.73 -6.36
CA LEU A 52 -2.16 -3.36 -4.97
C LEU A 52 -3.12 -4.28 -4.28
N ALA A 53 -4.31 -4.47 -4.87
CA ALA A 53 -5.37 -5.25 -4.29
C ALA A 53 -4.94 -6.67 -4.13
N VAL A 54 -4.27 -7.24 -5.15
CA VAL A 54 -3.87 -8.62 -5.06
C VAL A 54 -2.84 -8.78 -3.99
N ALA A 55 -1.87 -7.85 -3.91
CA ALA A 55 -0.80 -7.95 -2.97
C ALA A 55 -1.37 -7.95 -1.59
N ASP A 56 -2.36 -7.08 -1.33
CA ASP A 56 -3.00 -6.96 -0.05
C ASP A 56 -3.89 -8.13 0.25
N LEU A 57 -4.43 -8.79 -0.79
CA LEU A 57 -5.36 -9.87 -0.56
C LEU A 57 -4.62 -11.03 0.04
N VAL A 58 -3.42 -11.32 -0.48
CA VAL A 58 -2.64 -12.42 -0.01
C VAL A 58 -2.27 -12.15 1.42
N MET A 59 -2.20 -10.87 1.79
CA MET A 59 -1.79 -10.57 3.13
C MET A 59 -2.76 -11.11 4.14
N GLY A 60 -4.05 -10.80 3.96
CA GLY A 60 -5.13 -11.20 4.83
C GLY A 60 -5.45 -12.65 4.70
N LEU A 61 -5.14 -13.27 3.54
CA LEU A 61 -5.42 -14.67 3.40
C LEU A 61 -4.43 -15.57 4.07
N ALA A 62 -3.16 -15.59 3.59
CA ALA A 62 -2.15 -16.43 4.19
C ALA A 62 -1.49 -15.85 5.40
N VAL A 63 -0.86 -14.67 5.22
CA VAL A 63 0.02 -14.11 6.20
C VAL A 63 -0.68 -13.74 7.47
N VAL A 64 -1.71 -12.89 7.38
CA VAL A 64 -2.25 -12.37 8.60
C VAL A 64 -3.02 -13.40 9.39
N PRO A 65 -3.80 -14.29 8.83
CA PRO A 65 -4.47 -15.22 9.69
C PRO A 65 -3.55 -16.23 10.30
N PHE A 66 -2.49 -16.65 9.60
CA PHE A 66 -1.59 -17.59 10.19
C PHE A 66 -0.90 -16.92 11.32
N GLY A 67 -0.56 -15.62 11.14
CA GLY A 67 0.13 -14.89 12.16
C GLY A 67 -0.76 -14.80 13.36
N ALA A 68 -2.07 -14.56 13.15
CA ALA A 68 -2.98 -14.41 14.26
C ALA A 68 -3.02 -15.69 15.04
N ALA A 69 -3.14 -16.82 14.32
CA ALA A 69 -3.20 -18.09 14.98
C ALA A 69 -1.92 -18.27 15.71
N HIS A 70 -0.82 -17.79 15.11
CA HIS A 70 0.47 -17.96 15.69
C HIS A 70 0.50 -17.30 17.03
N ILE A 71 -0.04 -16.08 17.12
CA ILE A 71 -0.06 -15.36 18.37
C ILE A 71 -0.96 -16.03 19.36
N LEU A 72 -2.08 -16.61 18.90
CA LEU A 72 -2.97 -17.26 19.82
C LEU A 72 -2.34 -18.47 20.45
N THR A 73 -1.72 -19.34 19.64
CA THR A 73 -1.15 -20.60 20.05
C THR A 73 0.09 -20.38 20.88
N LYS A 74 0.83 -19.30 20.61
CA LYS A 74 2.07 -19.03 21.31
C LYS A 74 3.10 -20.03 20.88
N THR A 75 2.85 -20.71 19.73
CA THR A 75 3.80 -21.63 19.17
C THR A 75 3.48 -21.79 17.73
N TRP A 76 4.39 -22.38 16.94
CA TRP A 76 4.15 -22.57 15.53
C TRP A 76 3.83 -24.01 15.27
N THR A 77 2.55 -24.28 14.94
CA THR A 77 1.99 -25.57 14.65
C THR A 77 2.28 -26.02 13.24
N PHE A 78 2.53 -25.06 12.33
CA PHE A 78 2.61 -25.24 10.91
C PHE A 78 3.73 -26.11 10.45
N GLY A 79 4.87 -26.16 11.16
CA GLY A 79 5.92 -27.01 10.68
C GLY A 79 7.01 -26.14 10.16
N ASN A 80 8.20 -26.75 9.91
CA ASN A 80 9.35 -26.01 9.49
C ASN A 80 9.24 -25.51 8.08
N PHE A 81 8.96 -26.40 7.12
CA PHE A 81 8.98 -26.01 5.73
C PHE A 81 7.93 -24.97 5.52
N TRP A 82 6.74 -25.20 6.11
CA TRP A 82 5.63 -24.31 5.96
C TRP A 82 5.97 -23.02 6.65
N CYS A 83 6.76 -23.08 7.75
CA CYS A 83 7.14 -21.87 8.43
C CYS A 83 7.93 -21.04 7.47
N GLU A 84 8.79 -21.69 6.65
CA GLU A 84 9.59 -20.99 5.70
C GLU A 84 8.70 -20.38 4.66
N PHE A 85 7.72 -21.16 4.19
CA PHE A 85 6.81 -20.72 3.15
C PHE A 85 6.08 -19.52 3.63
N TRP A 86 5.54 -19.57 4.86
CA TRP A 86 4.76 -18.52 5.43
C TRP A 86 5.57 -17.26 5.54
N THR A 87 6.80 -17.38 6.05
CA THR A 87 7.59 -16.20 6.23
C THR A 87 7.83 -15.56 4.90
N SER A 88 8.08 -16.38 3.86
CA SER A 88 8.40 -15.88 2.56
C SER A 88 7.23 -15.11 2.01
N ILE A 89 6.01 -15.65 2.15
CA ILE A 89 4.86 -15.00 1.62
C ILE A 89 4.70 -13.69 2.32
N ASP A 90 5.05 -13.66 3.63
CA ASP A 90 4.91 -12.45 4.39
C ASP A 90 5.76 -11.37 3.78
N VAL A 91 7.06 -11.63 3.59
CA VAL A 91 7.95 -10.62 3.10
C VAL A 91 7.52 -10.20 1.73
N LEU A 92 7.08 -11.16 0.91
CA LEU A 92 6.70 -10.87 -0.45
C LEU A 92 5.54 -9.91 -0.43
N CYS A 93 4.55 -10.16 0.45
CA CYS A 93 3.37 -9.35 0.49
C CYS A 93 3.73 -7.97 0.90
N VAL A 94 4.63 -7.81 1.90
CA VAL A 94 4.93 -6.49 2.35
C VAL A 94 5.62 -5.72 1.27
N THR A 95 6.62 -6.33 0.61
CA THR A 95 7.38 -5.64 -0.39
C THR A 95 6.47 -5.26 -1.51
N ALA A 96 5.59 -6.18 -1.94
CA ALA A 96 4.72 -5.90 -3.05
C ALA A 96 3.83 -4.75 -2.69
N SER A 97 3.31 -4.72 -1.46
CA SER A 97 2.40 -3.67 -1.07
C SER A 97 3.07 -2.34 -1.15
N ILE A 98 4.18 -2.17 -0.42
CA ILE A 98 4.82 -0.89 -0.33
C ILE A 98 5.24 -0.46 -1.70
N TRP A 99 5.87 -1.37 -2.45
CA TRP A 99 6.39 -1.00 -3.74
C TRP A 99 5.27 -0.57 -4.63
N THR A 100 4.12 -1.27 -4.60
CA THR A 100 3.02 -0.94 -5.45
C THR A 100 2.55 0.45 -5.13
N LEU A 101 2.49 0.79 -3.83
CA LEU A 101 2.05 2.10 -3.45
C LEU A 101 2.96 3.10 -4.07
N CYS A 102 4.29 2.84 -4.07
CA CYS A 102 5.18 3.80 -4.63
C CYS A 102 4.92 3.91 -6.10
N VAL A 103 4.57 2.80 -6.77
CA VAL A 103 4.34 2.82 -8.19
C VAL A 103 3.19 3.73 -8.49
N ILE A 104 2.11 3.65 -7.69
CA ILE A 104 0.95 4.47 -7.89
C ILE A 104 1.38 5.89 -7.75
N ALA A 105 2.22 6.16 -6.75
CA ALA A 105 2.66 7.51 -6.49
C ALA A 105 3.32 8.02 -7.73
N VAL A 106 4.13 7.16 -8.39
CA VAL A 106 4.82 7.53 -9.57
C VAL A 106 3.82 7.84 -10.65
N ASP A 107 2.71 7.07 -10.70
CA ASP A 107 1.72 7.25 -11.72
C ASP A 107 1.13 8.62 -11.62
N ARG A 108 0.75 9.03 -10.39
CA ARG A 108 0.13 10.32 -10.19
C ARG A 108 1.13 11.40 -10.47
N TYR A 109 2.40 11.18 -10.08
CA TYR A 109 3.43 12.15 -10.31
C TYR A 109 3.42 12.47 -11.77
N PHE A 110 3.42 11.42 -12.62
CA PHE A 110 3.38 11.61 -14.05
C PHE A 110 2.00 11.95 -14.49
N ALA A 111 1.16 10.92 -14.72
CA ALA A 111 -0.17 11.22 -15.16
C ALA A 111 -0.12 12.21 -16.30
N ILE A 112 -1.27 12.86 -16.58
CA ILE A 112 -1.36 13.84 -17.63
C ILE A 112 -0.31 14.89 -17.50
N CYS A 113 -0.09 15.61 -18.60
CA CYS A 113 0.94 16.64 -18.67
C CYS A 113 2.25 16.20 -18.06
N SER A 114 2.65 16.84 -16.97
CA SER A 114 3.90 16.49 -16.30
C SER A 114 5.09 16.98 -17.12
N PRO A 115 6.25 16.99 -16.52
CA PRO A 115 7.49 17.46 -17.17
C PRO A 115 7.76 16.73 -18.50
N PHE A 116 7.40 15.45 -18.54
CA PHE A 116 7.61 14.65 -19.74
C PHE A 116 6.39 14.72 -20.66
N LYS A 117 5.44 13.81 -20.42
CA LYS A 117 4.23 13.77 -21.23
C LYS A 117 3.38 12.56 -20.87
N TYR A 118 2.15 12.51 -21.38
CA TYR A 118 1.27 11.42 -21.11
C TYR A 118 0.80 10.69 -22.34
N GLN A 119 0.15 11.38 -23.30
CA GLN A 119 -0.32 10.64 -24.44
C GLN A 119 0.83 10.16 -25.26
N SER A 120 1.85 11.01 -25.44
CA SER A 120 2.95 10.68 -26.31
C SER A 120 3.75 9.53 -25.78
N LEU A 121 4.25 9.66 -24.54
CA LEU A 121 5.15 8.70 -23.96
C LEU A 121 4.51 7.36 -23.73
N LEU A 122 3.34 7.33 -23.06
CA LEU A 122 2.71 6.08 -22.80
C LEU A 122 3.72 4.99 -22.91
N THR A 123 4.68 4.95 -21.96
CA THR A 123 5.71 3.96 -21.98
C THR A 123 5.91 3.52 -20.57
N LYS A 124 6.56 4.38 -19.74
CA LYS A 124 6.79 4.03 -18.37
C LYS A 124 5.71 4.60 -17.51
N CYS A 125 4.81 5.35 -18.12
CA CYS A 125 3.73 5.96 -17.37
C CYS A 125 2.88 4.85 -16.77
N LYS A 126 2.57 3.74 -17.45
CA LYS A 126 1.64 2.82 -16.86
C LYS A 126 1.65 1.53 -17.63
N ALA A 127 2.06 0.42 -16.99
CA ALA A 127 2.11 -0.82 -17.71
C ALA A 127 2.28 -1.97 -16.76
N ARG A 128 1.93 -3.07 -17.37
CA ARG A 128 1.95 -4.44 -16.94
C ARG A 128 3.36 -4.78 -16.60
N VAL A 129 4.32 -4.28 -17.40
CA VAL A 129 5.69 -4.62 -17.15
C VAL A 129 6.06 -4.07 -15.81
N ILE A 130 5.51 -2.89 -15.45
CA ILE A 130 5.82 -2.29 -14.18
C ILE A 130 5.34 -3.19 -13.08
N ILE A 131 4.12 -3.76 -13.24
CA ILE A 131 3.59 -4.61 -12.21
C ILE A 131 4.45 -5.83 -12.08
N LEU A 132 4.82 -6.45 -13.21
CA LEU A 132 5.60 -7.65 -13.13
C LEU A 132 6.92 -7.33 -12.51
N MET A 133 7.47 -6.14 -12.82
CA MET A 133 8.75 -5.82 -12.25
C MET A 133 8.60 -5.77 -10.77
N VAL A 134 7.51 -5.16 -10.28
CA VAL A 134 7.33 -4.98 -8.87
C VAL A 134 7.33 -6.32 -8.20
N TRP A 135 6.53 -7.26 -8.74
CA TRP A 135 6.42 -8.56 -8.14
C TRP A 135 7.71 -9.30 -8.25
N ILE A 136 8.41 -9.15 -9.40
CA ILE A 136 9.61 -9.90 -9.58
C ILE A 136 10.63 -9.45 -8.57
N VAL A 137 10.81 -8.13 -8.39
CA VAL A 137 11.80 -7.60 -7.49
C VAL A 137 11.41 -7.98 -6.09
N SER A 138 10.10 -8.00 -5.83
CA SER A 138 9.57 -8.32 -4.54
C SER A 138 9.89 -9.75 -4.20
N GLY A 139 9.75 -10.66 -5.17
CA GLY A 139 10.02 -12.06 -4.98
C GLY A 139 11.48 -12.31 -4.77
N LEU A 140 12.33 -11.65 -5.58
CA LEU A 140 13.76 -11.83 -5.55
C LEU A 140 14.30 -11.42 -4.23
N THR A 141 13.71 -10.39 -3.61
CA THR A 141 14.10 -9.89 -2.32
C THR A 141 13.60 -10.74 -1.20
N SER A 142 12.61 -11.63 -1.46
CA SER A 142 11.94 -12.35 -0.42
C SER A 142 12.19 -13.82 -0.51
N PHE A 143 11.49 -14.48 -1.46
CA PHE A 143 11.50 -15.91 -1.59
C PHE A 143 12.88 -16.43 -1.83
N LEU A 144 13.63 -15.85 -2.77
CA LEU A 144 14.91 -16.41 -3.07
C LEU A 144 15.83 -16.33 -1.88
N PRO A 145 15.90 -15.21 -1.22
CA PRO A 145 16.79 -15.08 -0.11
C PRO A 145 16.41 -15.97 1.04
N ILE A 146 15.11 -16.11 1.30
CA ILE A 146 14.62 -16.87 2.41
C ILE A 146 14.88 -18.33 2.21
N GLN A 147 14.52 -18.85 1.02
CA GLN A 147 14.62 -20.26 0.73
C GLN A 147 16.06 -20.66 0.77
N MET A 148 16.93 -19.75 0.31
CA MET A 148 18.34 -19.94 0.22
C MET A 148 18.98 -19.97 1.58
N HIS A 149 18.30 -19.40 2.60
CA HIS A 149 18.87 -19.29 3.92
C HIS A 149 19.96 -18.28 3.92
N TRP A 150 19.82 -17.25 3.05
CA TRP A 150 20.75 -16.16 3.01
C TRP A 150 20.61 -15.31 4.24
N TYR A 151 19.35 -15.10 4.69
CA TYR A 151 19.04 -14.28 5.83
C TYR A 151 19.48 -14.92 7.11
N ARG A 152 19.53 -16.26 7.19
CA ARG A 152 19.82 -16.88 8.45
C ARG A 152 21.14 -16.41 8.97
N ALA A 153 21.15 -15.96 10.24
CA ALA A 153 22.38 -15.55 10.83
C ALA A 153 22.80 -16.67 11.69
N THR A 154 24.10 -17.02 11.65
CA THR A 154 24.50 -18.13 12.45
C THR A 154 24.52 -17.70 13.88
N HIS A 155 23.56 -18.22 14.65
CA HIS A 155 23.52 -17.96 16.06
C HIS A 155 23.04 -19.21 16.68
N GLN A 156 23.40 -19.45 17.96
CA GLN A 156 22.98 -20.67 18.54
C GLN A 156 21.49 -20.70 18.60
N GLU A 157 20.87 -19.61 19.07
CA GLU A 157 19.44 -19.58 19.19
C GLU A 157 18.83 -19.64 17.83
N ALA A 158 19.42 -18.91 16.87
CA ALA A 158 18.85 -18.89 15.56
C ALA A 158 18.89 -20.26 14.99
N ILE A 159 20.04 -20.94 15.10
CA ILE A 159 20.17 -22.23 14.49
C ILE A 159 19.18 -23.15 15.12
N ASN A 160 19.01 -23.06 16.45
CA ASN A 160 18.15 -23.95 17.15
C ASN A 160 16.73 -23.80 16.68
N CYS A 161 16.22 -22.56 16.63
CA CYS A 161 14.85 -22.33 16.27
C CYS A 161 14.63 -22.70 14.84
N TYR A 162 15.58 -22.37 13.94
CA TYR A 162 15.38 -22.69 12.55
C TYR A 162 15.32 -24.17 12.36
N ALA A 163 16.28 -24.91 12.95
CA ALA A 163 16.33 -26.33 12.77
C ALA A 163 15.08 -26.92 13.34
N GLU A 164 14.58 -26.35 14.44
CA GLU A 164 13.40 -26.88 15.08
C GLU A 164 12.25 -26.64 14.15
N GLU A 165 11.41 -27.67 13.92
CA GLU A 165 10.32 -27.55 12.99
C GLU A 165 9.28 -26.57 13.50
N THR A 166 8.90 -26.70 14.78
CA THR A 166 7.84 -25.99 15.45
C THR A 166 8.15 -24.56 15.80
N CYS A 167 9.42 -24.21 16.05
CA CYS A 167 9.71 -22.87 16.48
C CYS A 167 9.83 -21.98 15.28
N CYS A 168 8.83 -21.12 15.04
CA CYS A 168 8.92 -20.25 13.90
C CYS A 168 9.14 -18.85 14.41
N ASP A 169 10.41 -18.40 14.43
CA ASP A 169 10.69 -17.06 14.88
C ASP A 169 11.54 -16.38 13.85
N PHE A 170 11.38 -15.05 13.74
CA PHE A 170 12.05 -14.26 12.75
C PHE A 170 13.38 -13.83 13.27
N PHE A 171 14.47 -14.27 12.59
CA PHE A 171 15.78 -13.84 12.97
C PHE A 171 16.47 -13.45 11.69
N THR A 172 17.17 -12.30 11.66
CA THR A 172 17.82 -11.93 10.44
C THR A 172 19.14 -11.27 10.72
N ASN A 173 20.12 -11.55 9.86
CA ASN A 173 21.42 -10.98 10.00
C ASN A 173 21.32 -9.54 9.61
N GLN A 174 22.27 -8.72 10.08
CA GLN A 174 22.25 -7.30 9.87
C GLN A 174 22.27 -7.03 8.40
N ALA A 175 23.10 -7.77 7.65
CA ALA A 175 23.28 -7.52 6.25
C ALA A 175 21.97 -7.67 5.53
N TYR A 176 21.17 -8.67 5.92
CA TYR A 176 19.90 -8.90 5.29
C TYR A 176 18.96 -7.78 5.60
N ALA A 177 18.95 -7.33 6.87
CA ALA A 177 18.03 -6.34 7.34
C ALA A 177 18.24 -5.00 6.68
N ILE A 178 19.50 -4.54 6.52
CA ILE A 178 19.60 -3.21 5.98
C ILE A 178 19.10 -3.16 4.57
N ALA A 179 19.56 -4.07 3.71
CA ALA A 179 19.17 -4.05 2.32
C ALA A 179 17.71 -4.37 2.20
N SER A 180 17.23 -5.34 3.00
CA SER A 180 15.87 -5.77 2.89
C SER A 180 14.96 -4.63 3.19
N SER A 181 15.22 -3.92 4.30
CA SER A 181 14.38 -2.84 4.72
C SER A 181 14.47 -1.70 3.75
N ILE A 182 15.69 -1.36 3.31
CA ILE A 182 15.86 -0.23 2.43
C ILE A 182 15.12 -0.47 1.15
N VAL A 183 15.22 -1.68 0.58
CA VAL A 183 14.55 -1.97 -0.65
C VAL A 183 13.06 -2.01 -0.46
N SER A 184 12.60 -2.70 0.61
CA SER A 184 11.19 -2.88 0.79
C SER A 184 10.49 -1.60 1.10
N PHE A 185 10.87 -0.93 2.23
CA PHE A 185 10.28 0.31 2.67
C PHE A 185 10.91 1.63 2.27
N TYR A 186 12.23 1.78 2.56
CA TYR A 186 12.86 3.08 2.54
C TYR A 186 12.87 3.74 1.20
N VAL A 187 13.29 3.01 0.16
CA VAL A 187 13.41 3.65 -1.12
C VAL A 187 12.06 4.12 -1.55
N PRO A 188 11.04 3.32 -1.46
CA PRO A 188 9.75 3.75 -1.90
C PRO A 188 9.29 4.92 -1.10
N LEU A 189 9.72 5.01 0.18
CA LEU A 189 9.31 6.09 1.00
C LEU A 189 9.86 7.37 0.45
N VAL A 190 11.16 7.37 0.07
CA VAL A 190 11.79 8.56 -0.41
C VAL A 190 11.15 8.99 -1.69
N ILE A 191 10.95 8.04 -2.62
CA ILE A 191 10.39 8.40 -3.89
C ILE A 191 9.04 9.00 -3.68
N MET A 192 8.22 8.37 -2.83
CA MET A 192 6.90 8.91 -2.67
C MET A 192 6.95 10.28 -2.07
N VAL A 193 7.86 10.51 -1.09
CA VAL A 193 7.89 11.79 -0.44
C VAL A 193 8.13 12.85 -1.47
N PHE A 194 9.17 12.68 -2.32
CA PHE A 194 9.48 13.69 -3.27
C PHE A 194 8.34 13.84 -4.22
N VAL A 195 7.76 12.72 -4.68
CA VAL A 195 6.71 12.75 -5.66
C VAL A 195 5.50 13.50 -5.20
N TYR A 196 4.93 13.09 -4.04
CA TYR A 196 3.74 13.74 -3.59
C TYR A 196 4.05 15.17 -3.30
N SER A 197 5.28 15.44 -2.85
CA SER A 197 5.65 16.80 -2.56
C SER A 197 5.50 17.63 -3.79
N ARG A 198 6.08 17.20 -4.93
CA ARG A 198 5.99 18.01 -6.11
C ARG A 198 4.56 18.13 -6.54
N VAL A 199 3.79 17.02 -6.43
CA VAL A 199 2.44 17.06 -6.91
C VAL A 199 1.69 18.09 -6.13
N PHE A 200 1.96 18.16 -4.82
CA PHE A 200 1.32 19.09 -3.93
C PHE A 200 1.62 20.46 -4.43
N GLN A 201 2.88 20.69 -4.84
CA GLN A 201 3.22 22.00 -5.29
C GLN A 201 2.40 22.33 -6.48
N GLU A 202 2.18 21.35 -7.37
CA GLU A 202 1.45 21.60 -8.58
C GLU A 202 0.04 22.02 -8.24
N ALA A 203 -0.60 21.33 -7.28
CA ALA A 203 -1.96 21.62 -6.94
C ALA A 203 -2.04 23.03 -6.45
N LYS A 204 -1.08 23.42 -5.61
CA LYS A 204 -1.04 24.73 -5.02
C LYS A 204 -0.96 25.72 -6.13
N ARG A 205 -0.09 25.45 -7.13
CA ARG A 205 0.10 26.40 -8.18
C ARG A 205 -1.16 26.60 -8.94
N GLN A 206 -1.85 25.50 -9.28
CA GLN A 206 -3.01 25.64 -10.12
C GLN A 206 -4.05 26.46 -9.43
N LEU A 207 -4.30 26.20 -8.14
CA LEU A 207 -5.32 26.94 -7.45
C LEU A 207 -4.94 28.38 -7.39
N GLN A 208 -3.65 28.69 -7.20
CA GLN A 208 -3.24 30.06 -7.08
C GLN A 208 -3.48 30.77 -8.37
N LYS A 209 -3.13 30.12 -9.49
CA LYS A 209 -3.25 30.72 -10.79
C LYS A 209 -4.70 31.00 -11.02
N ILE A 210 -5.56 30.06 -10.59
CA ILE A 210 -6.97 30.19 -10.76
C ILE A 210 -7.41 31.38 -9.98
N ASP A 211 -6.85 31.59 -8.78
CA ASP A 211 -7.23 32.68 -7.92
C ASP A 211 -6.84 33.95 -8.60
N LYS A 212 -5.74 33.93 -9.37
CA LYS A 212 -5.30 35.13 -10.01
C LYS A 212 -6.32 35.47 -11.05
N SER A 213 -6.73 34.44 -11.81
CA SER A 213 -7.70 34.58 -12.86
C SER A 213 -9.00 34.99 -12.24
N GLU A 214 -9.66 35.96 -12.85
CA GLU A 214 -10.94 36.44 -12.35
C GLU A 214 -11.57 37.44 -13.31
N GLY A 215 -12.84 37.23 -13.62
CA GLY A 215 -13.55 38.11 -14.54
C GLY A 215 -15.06 38.02 -14.33
N ARG A 216 -15.81 38.82 -15.08
CA ARG A 216 -17.25 38.82 -14.97
C ARG A 216 -17.90 38.56 -16.32
N PHE A 217 -19.06 37.90 -16.30
CA PHE A 217 -19.74 37.60 -17.53
C PHE A 217 -18.85 36.78 -18.40
N HIS A 218 -19.38 36.44 -19.60
CA HIS A 218 -18.68 35.67 -20.57
C HIS A 218 -18.51 34.32 -19.98
N VAL A 219 -19.61 33.69 -19.59
CA VAL A 219 -19.50 32.39 -19.00
C VAL A 219 -20.60 31.56 -19.58
N GLN A 220 -20.32 30.27 -19.85
CA GLN A 220 -21.32 29.42 -20.38
C GLN A 220 -22.30 29.18 -19.28
N ASN A 221 -23.60 29.12 -19.62
CA ASN A 221 -24.56 28.88 -18.59
C ASN A 221 -24.35 27.48 -18.11
N VAL A 222 -24.36 27.30 -16.77
CA VAL A 222 -24.17 25.99 -16.24
C VAL A 222 -25.29 25.77 -15.29
N SER A 223 -25.62 24.49 -15.03
CA SER A 223 -26.70 24.21 -14.13
C SER A 223 -26.26 24.54 -12.74
N GLN A 224 -27.24 24.77 -11.84
CA GLN A 224 -26.93 25.10 -10.49
C GLN A 224 -26.21 26.40 -10.48
N VAL A 225 -26.01 26.97 -9.28
CA VAL A 225 -25.35 28.23 -9.15
C VAL A 225 -24.66 28.33 -7.83
N GLU A 226 -23.44 28.90 -7.78
CA GLU A 226 -22.84 28.94 -6.48
C GLU A 226 -23.34 30.08 -5.68
N GLN A 227 -23.69 29.79 -4.41
CA GLN A 227 -24.17 30.74 -3.45
C GLN A 227 -23.05 31.70 -3.22
N ASP A 228 -21.83 31.13 -3.15
CA ASP A 228 -20.61 31.84 -2.90
C ASP A 228 -19.47 30.96 -3.30
N GLY A 229 -18.24 31.48 -3.21
CA GLY A 229 -17.10 30.69 -3.57
C GLY A 229 -15.96 31.14 -2.74
N ARG A 230 -15.02 30.22 -2.45
CA ARG A 230 -13.89 30.57 -1.63
C ARG A 230 -12.70 30.61 -2.51
N THR A 231 -12.31 29.45 -3.07
CA THR A 231 -11.17 29.44 -3.92
C THR A 231 -11.50 28.65 -5.15
N GLY A 232 -11.13 29.17 -6.33
CA GLY A 232 -11.43 28.41 -7.50
C GLY A 232 -12.68 28.91 -8.13
N HIS A 233 -12.64 29.01 -9.47
CA HIS A 233 -13.75 29.43 -10.26
C HIS A 233 -14.19 28.18 -10.97
N GLY A 234 -13.24 27.32 -11.36
CA GLY A 234 -13.64 26.14 -12.05
C GLY A 234 -14.39 26.56 -13.28
N HIS A 235 -13.78 27.47 -14.06
CA HIS A 235 -14.38 28.00 -15.26
C HIS A 235 -14.66 26.86 -16.17
N ARG A 236 -13.64 26.00 -16.39
CA ARG A 236 -13.79 24.88 -17.27
C ARG A 236 -12.84 23.85 -16.79
N ARG A 237 -13.10 22.57 -17.13
CA ARG A 237 -12.19 21.57 -16.68
C ARG A 237 -12.28 21.58 -15.20
N SER A 238 -13.32 22.17 -14.62
CA SER A 238 -13.41 22.24 -13.18
C SER A 238 -13.42 20.85 -12.65
N SER A 239 -14.21 19.97 -13.29
CA SER A 239 -14.32 18.62 -12.84
C SER A 239 -12.99 17.97 -12.99
N LYS A 240 -12.19 18.43 -13.98
CA LYS A 240 -10.89 17.87 -14.18
C LYS A 240 -10.09 18.24 -12.98
N PHE A 241 -10.24 19.47 -12.45
CA PHE A 241 -9.43 19.79 -11.31
C PHE A 241 -9.89 19.01 -10.12
N ALA A 242 -11.20 18.74 -10.14
CA ALA A 242 -11.97 18.02 -9.19
C ALA A 242 -11.23 16.75 -8.94
N CYS A 243 -11.30 15.89 -9.94
CA CYS A 243 -10.67 14.58 -9.93
C CYS A 243 -9.16 14.61 -9.86
N LYS A 244 -8.49 15.60 -10.45
CA LYS A 244 -7.06 15.53 -10.36
C LYS A 244 -6.60 15.85 -8.97
N GLU A 245 -7.07 16.97 -8.39
CA GLU A 245 -6.69 17.35 -7.07
C GLU A 245 -7.21 16.38 -6.04
N HIS A 246 -8.45 15.89 -6.19
CA HIS A 246 -8.93 14.94 -5.22
C HIS A 246 -8.19 13.66 -5.35
N LYS A 247 -7.89 13.25 -6.59
CA LYS A 247 -7.19 12.00 -6.71
C LYS A 247 -5.85 12.14 -6.04
N ALA A 248 -5.12 13.24 -6.30
CA ALA A 248 -3.82 13.47 -5.73
C ALA A 248 -3.94 13.46 -4.24
N LEU A 249 -4.95 14.17 -3.70
CA LEU A 249 -5.17 14.29 -2.29
C LEU A 249 -5.46 12.98 -1.61
N LYS A 250 -6.31 12.13 -2.20
CA LYS A 250 -6.62 10.86 -1.58
C LYS A 250 -5.47 9.91 -1.65
N THR A 251 -4.73 9.90 -2.76
CA THR A 251 -3.65 8.97 -2.89
C THR A 251 -2.57 9.36 -1.94
N LEU A 252 -2.27 10.64 -1.91
CA LEU A 252 -1.23 11.14 -1.05
C LEU A 252 -1.60 10.88 0.40
N GLY A 253 -2.86 11.13 0.73
CA GLY A 253 -3.28 10.95 2.10
C GLY A 253 -3.21 9.49 2.46
N ILE A 254 -3.58 8.61 1.51
CA ILE A 254 -3.60 7.19 1.76
C ILE A 254 -2.20 6.65 1.90
N ILE A 255 -1.27 7.13 1.06
CA ILE A 255 0.07 6.61 1.12
C ILE A 255 0.72 7.05 2.39
N MET A 256 0.68 8.35 2.68
CA MET A 256 1.31 8.79 3.89
C MET A 256 0.68 8.20 5.10
N GLY A 257 -0.67 8.11 5.11
CA GLY A 257 -1.37 7.57 6.24
C GLY A 257 -1.06 6.12 6.47
N THR A 258 -0.90 5.33 5.39
CA THR A 258 -0.61 3.93 5.53
C THR A 258 0.77 3.77 6.07
N PHE A 259 1.70 4.48 5.44
CA PHE A 259 3.09 4.43 5.85
C PHE A 259 3.22 4.75 7.32
N THR A 260 2.75 5.94 7.72
CA THR A 260 2.88 6.33 9.11
C THR A 260 1.99 5.57 10.03
N LEU A 261 0.70 5.33 9.77
CA LEU A 261 -0.03 4.65 10.79
C LEU A 261 0.46 3.24 10.87
N CYS A 262 1.05 2.74 9.81
CA CYS A 262 1.52 1.37 9.82
C CYS A 262 2.62 1.14 8.80
N TRP A 263 3.81 0.84 9.29
CA TRP A 263 4.93 0.58 8.40
C TRP A 263 6.20 1.28 8.89
N LEU A 264 6.15 2.61 9.02
CA LEU A 264 7.33 3.34 9.41
C LEU A 264 7.84 2.91 10.75
N PRO A 265 7.01 2.81 11.75
CA PRO A 265 7.53 2.47 13.04
C PRO A 265 8.17 1.11 13.02
N PHE A 266 7.62 0.18 12.22
CA PHE A 266 8.13 -1.16 12.12
C PHE A 266 9.47 -1.21 11.44
N PHE A 267 9.52 -0.62 10.22
CA PHE A 267 10.70 -0.71 9.40
C PHE A 267 11.87 -0.01 10.02
N ILE A 268 11.63 1.13 10.69
CA ILE A 268 12.68 1.83 11.37
C ILE A 268 13.16 1.01 12.53
N VAL A 269 12.23 0.37 13.28
CA VAL A 269 12.58 -0.40 14.42
C VAL A 269 13.48 -1.51 13.99
N ASN A 270 13.34 -1.99 12.73
CA ASN A 270 14.20 -3.04 12.28
C ASN A 270 15.62 -2.57 12.34
N ILE A 271 15.90 -1.36 11.83
CA ILE A 271 17.22 -0.80 11.82
C ILE A 271 17.63 -0.57 13.24
N VAL A 272 16.67 -0.21 14.11
CA VAL A 272 16.94 0.02 15.49
C VAL A 272 17.46 -1.24 16.11
N HIS A 273 16.82 -2.38 15.82
CA HIS A 273 17.24 -3.61 16.41
C HIS A 273 18.57 -4.01 15.84
N VAL A 274 18.78 -3.75 14.53
CA VAL A 274 20.01 -4.14 13.95
C VAL A 274 21.16 -3.33 14.48
N ILE A 275 20.98 -2.00 14.59
CA ILE A 275 22.04 -1.13 15.05
C ILE A 275 22.36 -1.36 16.50
N GLN A 276 21.31 -1.37 17.36
CA GLN A 276 21.48 -1.49 18.79
C GLN A 276 20.71 -2.69 19.26
N ASP A 277 21.42 -3.64 19.89
CA ASP A 277 20.93 -4.95 20.25
C ASP A 277 19.90 -5.09 21.35
N ASN A 278 19.96 -4.34 22.47
CA ASN A 278 18.99 -4.70 23.46
C ASN A 278 18.12 -3.53 23.76
N LEU A 279 17.96 -2.63 22.77
CA LEU A 279 17.11 -1.50 22.94
C LEU A 279 15.65 -1.81 22.79
N ILE A 280 15.28 -2.88 22.05
CA ILE A 280 13.87 -3.07 21.83
C ILE A 280 13.33 -4.37 22.36
N ARG A 281 12.01 -4.36 22.66
CA ARG A 281 11.31 -5.53 23.11
C ARG A 281 10.80 -6.26 21.92
N LYS A 282 10.59 -7.58 22.08
CA LYS A 282 10.03 -8.36 21.01
C LYS A 282 8.59 -8.11 20.79
N GLU A 283 7.85 -7.64 21.82
CA GLU A 283 6.46 -7.38 21.65
C GLU A 283 6.28 -6.28 20.64
N VAL A 284 7.15 -5.24 20.69
CA VAL A 284 7.03 -4.11 19.83
C VAL A 284 7.15 -4.54 18.40
N TYR A 285 8.05 -5.50 18.13
CA TYR A 285 8.34 -5.95 16.79
C TYR A 285 7.08 -6.49 16.18
N ILE A 286 6.38 -7.40 16.90
CA ILE A 286 5.20 -8.03 16.37
C ILE A 286 4.09 -7.04 16.21
N LEU A 287 3.86 -6.19 17.23
CA LEU A 287 2.74 -5.28 17.17
C LEU A 287 2.90 -4.37 16.01
N LEU A 288 4.10 -3.84 15.88
CA LEU A 288 4.40 -2.92 14.80
C LEU A 288 4.18 -3.59 13.46
N ASN A 289 4.56 -4.85 13.37
CA ASN A 289 4.42 -5.56 12.13
C ASN A 289 2.95 -5.66 11.78
N TRP A 290 2.09 -5.93 12.78
CA TRP A 290 0.67 -6.01 12.55
C TRP A 290 0.15 -4.68 12.13
N ILE A 291 0.66 -3.62 12.75
CA ILE A 291 0.19 -2.29 12.47
C ILE A 291 0.40 -2.08 10.99
N GLY A 292 1.54 -2.56 10.47
CA GLY A 292 1.82 -2.46 9.07
C GLY A 292 0.82 -3.27 8.31
N TYR A 293 0.39 -4.43 8.86
CA TYR A 293 -0.51 -5.30 8.16
C TYR A 293 -1.80 -4.58 7.87
N VAL A 294 -2.28 -3.76 8.82
CA VAL A 294 -3.56 -3.14 8.68
C VAL A 294 -3.61 -2.28 7.45
N ASN A 295 -2.44 -1.79 7.00
CA ASN A 295 -2.38 -0.93 5.85
C ASN A 295 -3.01 -1.61 4.67
N SER A 296 -2.86 -2.94 4.57
CA SER A 296 -3.44 -3.64 3.46
C SER A 296 -4.93 -3.44 3.47
N GLY A 297 -5.53 -3.37 4.67
CA GLY A 297 -6.95 -3.48 4.83
C GLY A 297 -7.63 -2.19 4.46
N PHE A 298 -7.01 -1.05 4.78
CA PHE A 298 -7.60 0.25 4.64
C PHE A 298 -7.81 0.63 3.22
N ASN A 299 -6.91 0.18 2.32
CA ASN A 299 -6.93 0.63 0.96
C ASN A 299 -8.26 0.45 0.31
N PRO A 300 -8.91 -0.68 0.38
CA PRO A 300 -10.15 -0.79 -0.33
C PRO A 300 -11.18 0.17 0.15
N LEU A 301 -11.20 0.50 1.45
CA LEU A 301 -12.16 1.44 1.95
C LEU A 301 -11.83 2.81 1.44
N ILE A 302 -10.55 3.18 1.49
CA ILE A 302 -10.09 4.49 1.14
C ILE A 302 -9.67 4.58 -0.31
N TYR A 303 -8.61 3.84 -0.72
CA TYR A 303 -8.06 3.85 -2.05
C TYR A 303 -8.99 3.84 -3.24
N SER A 304 -10.14 3.16 -3.13
CA SER A 304 -11.11 2.99 -4.19
C SER A 304 -12.12 4.09 -4.23
N ARG A 305 -11.71 5.31 -3.92
CA ARG A 305 -12.55 6.47 -3.87
C ARG A 305 -13.06 6.84 -5.23
N SER A 306 -12.33 6.45 -6.34
CA SER A 306 -12.78 6.87 -7.65
C SER A 306 -14.26 6.68 -7.79
N PRO A 307 -14.84 7.58 -8.55
CA PRO A 307 -16.26 7.62 -8.73
C PRO A 307 -16.82 6.37 -9.32
N ASP A 308 -16.11 5.76 -10.30
CA ASP A 308 -16.58 4.55 -10.89
C ASP A 308 -16.51 3.47 -9.87
N PHE A 309 -15.42 3.46 -9.08
CA PHE A 309 -15.21 2.43 -8.10
C PHE A 309 -16.33 2.41 -7.12
N ARG A 310 -16.75 3.59 -6.63
CA ARG A 310 -17.75 3.63 -5.60
C ARG A 310 -19.04 3.02 -6.08
N CYS A 311 -19.51 3.46 -7.23
CA CYS A 311 -20.74 2.91 -7.78
C CYS A 311 -20.67 1.39 -7.81
N ALA A 312 -19.58 0.99 -8.52
CA ALA A 312 -19.37 -0.40 -8.79
C ALA A 312 -19.36 -1.16 -7.50
N PHE A 313 -18.76 -0.58 -6.44
CA PHE A 313 -18.72 -1.27 -5.17
C PHE A 313 -20.08 -1.42 -4.57
N GLN A 314 -20.88 -0.33 -4.56
CA GLN A 314 -22.15 -0.31 -3.92
C GLN A 314 -23.05 -1.30 -4.57
N GLU A 315 -22.95 -1.41 -5.91
CA GLU A 315 -23.82 -2.28 -6.63
C GLU A 315 -23.63 -3.67 -6.13
N LEU A 316 -22.38 -4.04 -5.81
CA LEU A 316 -22.10 -5.38 -5.34
C LEU A 316 -22.78 -5.61 -4.02
N LEU A 317 -22.74 -4.63 -3.10
CA LEU A 317 -23.29 -4.82 -1.79
C LEU A 317 -24.78 -4.94 -1.83
N ALA A 318 -25.46 -4.12 -2.64
CA ALA A 318 -26.90 -4.15 -2.69
C ALA A 318 -27.33 -5.58 -3.01
N GLU A 7 -4.35 -13.58 29.97
CA GLU A 7 -5.55 -13.20 30.75
C GLU A 7 -6.67 -12.88 29.82
N VAL A 8 -7.18 -11.64 29.92
CA VAL A 8 -8.24 -11.11 29.12
C VAL A 8 -7.73 -10.94 27.73
N TRP A 9 -6.40 -10.75 27.60
CA TRP A 9 -5.76 -10.41 26.36
C TRP A 9 -6.04 -11.42 25.28
N VAL A 10 -6.11 -12.72 25.61
CA VAL A 10 -6.26 -13.68 24.56
C VAL A 10 -7.48 -13.43 23.74
N VAL A 11 -8.66 -13.27 24.38
CA VAL A 11 -9.89 -13.04 23.66
C VAL A 11 -9.82 -11.70 23.02
N GLY A 12 -9.27 -10.71 23.75
CA GLY A 12 -9.25 -9.37 23.27
C GLY A 12 -8.48 -9.31 21.99
N MET A 13 -7.36 -10.03 21.92
CA MET A 13 -6.57 -10.02 20.74
C MET A 13 -7.26 -10.76 19.63
N GLY A 14 -7.91 -11.88 19.96
CA GLY A 14 -8.51 -12.72 18.96
C GLY A 14 -9.54 -11.96 18.21
N ILE A 15 -10.35 -11.15 18.91
CA ILE A 15 -11.40 -10.42 18.29
C ILE A 15 -10.84 -9.44 17.31
N VAL A 16 -9.78 -8.71 17.70
CA VAL A 16 -9.19 -7.72 16.85
C VAL A 16 -8.66 -8.39 15.63
N MET A 17 -8.01 -9.56 15.82
CA MET A 17 -7.38 -10.26 14.73
C MET A 17 -8.45 -10.60 13.75
N SER A 18 -9.64 -10.96 14.27
CA SER A 18 -10.74 -11.34 13.44
C SER A 18 -11.15 -10.17 12.60
N LEU A 19 -11.25 -8.97 13.20
CA LEU A 19 -11.68 -7.82 12.44
C LEU A 19 -10.69 -7.51 11.37
N ILE A 20 -9.38 -7.56 11.68
CA ILE A 20 -8.41 -7.24 10.66
C ILE A 20 -8.43 -8.25 9.56
N VAL A 21 -8.47 -9.55 9.91
CA VAL A 21 -8.43 -10.58 8.91
C VAL A 21 -9.61 -10.40 8.02
N LEU A 22 -10.76 -10.03 8.61
CA LEU A 22 -11.98 -9.85 7.85
C LEU A 22 -11.82 -8.67 6.93
N ALA A 23 -11.27 -7.55 7.44
CA ALA A 23 -11.20 -6.34 6.68
C ALA A 23 -10.34 -6.51 5.47
N ILE A 24 -9.16 -7.13 5.63
CA ILE A 24 -8.26 -7.24 4.52
C ILE A 24 -8.88 -8.07 3.43
N VAL A 25 -9.47 -9.23 3.78
CA VAL A 25 -10.02 -10.09 2.78
C VAL A 25 -11.19 -9.48 2.09
N PHE A 26 -12.17 -8.98 2.87
CA PHE A 26 -13.38 -8.48 2.30
C PHE A 26 -13.04 -7.34 1.40
N GLY A 27 -12.15 -6.43 1.88
CA GLY A 27 -11.81 -5.27 1.11
C GLY A 27 -11.11 -5.61 -0.17
N ASN A 28 -10.04 -6.42 -0.11
CA ASN A 28 -9.27 -6.71 -1.30
C ASN A 28 -10.10 -7.48 -2.25
N VAL A 29 -10.83 -8.49 -1.74
CA VAL A 29 -11.61 -9.30 -2.63
C VAL A 29 -12.62 -8.41 -3.32
N LEU A 30 -13.23 -7.47 -2.58
CA LEU A 30 -14.22 -6.64 -3.18
C LEU A 30 -13.61 -5.85 -4.30
N VAL A 31 -12.42 -5.30 -4.07
CA VAL A 31 -11.84 -4.47 -5.09
C VAL A 31 -11.53 -5.28 -6.32
N ILE A 32 -10.88 -6.46 -6.19
CA ILE A 32 -10.61 -7.27 -7.35
C ILE A 32 -10.43 -8.70 -6.95
N THR A 33 -11.09 -9.62 -7.68
CA THR A 33 -10.97 -11.03 -7.46
C THR A 33 -12.13 -11.69 -8.12
N ALA A 34 -13.26 -11.76 -7.39
CA ALA A 34 -14.44 -12.42 -7.89
C ALA A 34 -15.33 -11.39 -8.49
N ILE A 35 -16.36 -11.84 -9.23
CA ILE A 35 -17.26 -10.95 -9.89
C ILE A 35 -16.49 -9.81 -10.49
N CYS A 36 -15.45 -10.12 -11.25
CA CYS A 36 -14.61 -9.06 -11.81
C CYS A 36 -15.27 -8.35 -12.99
N LYS A 37 -16.56 -8.05 -12.84
CA LYS A 37 -17.28 -7.32 -13.89
C LYS A 37 -16.88 -5.85 -13.87
N PHE A 38 -15.58 -5.59 -14.03
CA PHE A 38 -15.07 -4.22 -13.98
C PHE A 38 -15.95 -3.29 -14.81
N GLU A 39 -16.83 -2.56 -14.13
CA GLU A 39 -17.68 -1.59 -14.81
C GLU A 39 -16.90 -0.33 -15.14
N ARG A 40 -16.18 -0.34 -16.25
CA ARG A 40 -15.36 0.79 -16.66
C ARG A 40 -14.08 0.83 -15.84
N LEU A 41 -13.92 -0.09 -14.86
CA LEU A 41 -12.74 -0.17 -14.06
C LEU A 41 -11.51 -0.59 -14.81
N GLN A 42 -11.67 -1.06 -16.05
CA GLN A 42 -10.64 -1.63 -16.89
C GLN A 42 -9.50 -0.69 -17.16
N THR A 43 -9.68 0.63 -16.95
CA THR A 43 -8.70 1.65 -17.24
C THR A 43 -7.32 1.20 -16.83
N VAL A 44 -6.35 1.54 -17.67
CA VAL A 44 -4.97 1.13 -17.46
C VAL A 44 -4.44 1.57 -16.11
N THR A 45 -4.77 2.78 -15.68
CA THR A 45 -4.27 3.27 -14.44
C THR A 45 -4.75 2.36 -13.33
N ASN A 46 -5.95 1.79 -13.50
CA ASN A 46 -6.60 0.95 -12.53
C ASN A 46 -5.82 -0.30 -12.29
N TYR A 47 -5.08 -0.79 -13.30
CA TYR A 47 -4.37 -2.04 -13.20
C TYR A 47 -3.43 -1.98 -12.03
N PHE A 48 -2.74 -0.84 -11.83
CA PHE A 48 -1.79 -0.77 -10.75
C PHE A 48 -2.50 -1.02 -9.45
N ILE A 49 -3.65 -0.36 -9.22
CA ILE A 49 -4.33 -0.59 -7.97
C ILE A 49 -4.77 -2.02 -7.89
N THR A 50 -5.04 -2.65 -9.04
CA THR A 50 -5.41 -4.03 -9.03
C THR A 50 -4.27 -4.81 -8.42
N SER A 51 -3.02 -4.48 -8.80
CA SER A 51 -1.87 -5.16 -8.28
C SER A 51 -1.84 -4.96 -6.80
N LEU A 52 -2.16 -3.73 -6.36
CA LEU A 52 -2.16 -3.36 -4.97
C LEU A 52 -3.12 -4.28 -4.28
N ALA A 53 -4.31 -4.47 -4.87
CA ALA A 53 -5.37 -5.25 -4.29
C ALA A 53 -4.94 -6.67 -4.13
N VAL A 54 -4.27 -7.24 -5.15
CA VAL A 54 -3.87 -8.62 -5.06
C VAL A 54 -2.84 -8.78 -3.99
N ALA A 55 -1.87 -7.85 -3.91
CA ALA A 55 -0.80 -7.95 -2.97
C ALA A 55 -1.37 -7.95 -1.59
N ASP A 56 -2.36 -7.08 -1.33
CA ASP A 56 -3.00 -6.96 -0.05
C ASP A 56 -3.89 -8.13 0.25
N LEU A 57 -4.43 -8.79 -0.79
CA LEU A 57 -5.36 -9.87 -0.56
C LEU A 57 -4.62 -11.03 0.04
N VAL A 58 -3.42 -11.32 -0.48
CA VAL A 58 -2.64 -12.42 -0.01
C VAL A 58 -2.27 -12.15 1.42
N MET A 59 -2.20 -10.87 1.79
CA MET A 59 -1.79 -10.57 3.13
C MET A 59 -2.76 -11.11 4.14
N GLY A 60 -4.05 -10.80 3.96
CA GLY A 60 -5.13 -11.20 4.83
C GLY A 60 -5.45 -12.65 4.70
N LEU A 61 -5.14 -13.27 3.54
CA LEU A 61 -5.42 -14.67 3.40
C LEU A 61 -4.43 -15.57 4.07
N ALA A 62 -3.16 -15.59 3.59
CA ALA A 62 -2.15 -16.43 4.19
C ALA A 62 -1.49 -15.85 5.40
N VAL A 63 -0.86 -14.67 5.22
CA VAL A 63 0.02 -14.11 6.20
C VAL A 63 -0.68 -13.74 7.47
N VAL A 64 -1.71 -12.89 7.38
CA VAL A 64 -2.25 -12.37 8.60
C VAL A 64 -3.02 -13.40 9.39
N PRO A 65 -3.80 -14.29 8.83
CA PRO A 65 -4.47 -15.22 9.69
C PRO A 65 -3.55 -16.23 10.30
N PHE A 66 -2.49 -16.65 9.60
CA PHE A 66 -1.59 -17.59 10.19
C PHE A 66 -0.90 -16.92 11.32
N GLY A 67 -0.56 -15.62 11.14
CA GLY A 67 0.13 -14.89 12.16
C GLY A 67 -0.76 -14.80 13.36
N ALA A 68 -2.07 -14.56 13.15
CA ALA A 68 -2.98 -14.41 14.26
C ALA A 68 -3.02 -15.69 15.04
N ALA A 69 -3.14 -16.82 14.32
CA ALA A 69 -3.20 -18.09 14.98
C ALA A 69 -1.92 -18.27 15.71
N HIS A 70 -0.82 -17.79 15.11
CA HIS A 70 0.47 -17.96 15.69
C HIS A 70 0.50 -17.30 17.03
N ILE A 71 -0.04 -16.08 17.12
CA ILE A 71 -0.06 -15.36 18.37
C ILE A 71 -0.96 -16.03 19.36
N LEU A 72 -2.08 -16.61 18.90
CA LEU A 72 -2.97 -17.26 19.82
C LEU A 72 -2.34 -18.47 20.45
N THR A 73 -1.72 -19.34 19.64
CA THR A 73 -1.15 -20.60 20.05
C THR A 73 0.09 -20.38 20.88
N LYS A 74 0.83 -19.30 20.61
CA LYS A 74 2.07 -19.03 21.31
C LYS A 74 3.10 -20.03 20.88
N THR A 75 2.85 -20.71 19.73
CA THR A 75 3.80 -21.63 19.17
C THR A 75 3.48 -21.79 17.73
N TRP A 76 4.39 -22.38 16.94
CA TRP A 76 4.15 -22.57 15.53
C TRP A 76 3.83 -24.01 15.27
N THR A 77 2.55 -24.28 14.94
CA THR A 77 1.99 -25.57 14.65
C THR A 77 2.28 -26.02 13.24
N PHE A 78 2.53 -25.06 12.33
CA PHE A 78 2.61 -25.24 10.91
C PHE A 78 3.73 -26.11 10.45
N GLY A 79 4.87 -26.16 11.16
CA GLY A 79 5.92 -27.01 10.68
C GLY A 79 7.01 -26.14 10.16
N ASN A 80 8.20 -26.75 9.91
CA ASN A 80 9.35 -26.01 9.49
C ASN A 80 9.24 -25.51 8.08
N PHE A 81 8.96 -26.40 7.12
CA PHE A 81 8.98 -26.01 5.73
C PHE A 81 7.93 -24.97 5.52
N TRP A 82 6.74 -25.20 6.11
CA TRP A 82 5.63 -24.31 5.96
C TRP A 82 5.97 -23.02 6.65
N CYS A 83 6.76 -23.08 7.75
CA CYS A 83 7.14 -21.87 8.43
C CYS A 83 7.93 -21.04 7.47
N GLU A 84 8.79 -21.69 6.65
CA GLU A 84 9.59 -20.99 5.70
C GLU A 84 8.70 -20.38 4.66
N PHE A 85 7.72 -21.16 4.19
CA PHE A 85 6.81 -20.72 3.15
C PHE A 85 6.08 -19.52 3.63
N TRP A 86 5.54 -19.57 4.86
CA TRP A 86 4.76 -18.52 5.43
C TRP A 86 5.57 -17.26 5.54
N THR A 87 6.80 -17.38 6.05
CA THR A 87 7.59 -16.20 6.23
C THR A 87 7.83 -15.56 4.90
N SER A 88 8.08 -16.38 3.86
CA SER A 88 8.40 -15.88 2.56
C SER A 88 7.23 -15.11 2.01
N ILE A 89 6.01 -15.65 2.15
CA ILE A 89 4.86 -15.00 1.62
C ILE A 89 4.70 -13.69 2.32
N ASP A 90 5.05 -13.66 3.63
CA ASP A 90 4.91 -12.45 4.39
C ASP A 90 5.76 -11.37 3.78
N VAL A 91 7.06 -11.63 3.59
CA VAL A 91 7.95 -10.62 3.10
C VAL A 91 7.52 -10.20 1.73
N LEU A 92 7.08 -11.16 0.91
CA LEU A 92 6.70 -10.87 -0.45
C LEU A 92 5.54 -9.91 -0.43
N CYS A 93 4.55 -10.16 0.45
CA CYS A 93 3.37 -9.35 0.49
C CYS A 93 3.73 -7.97 0.90
N VAL A 94 4.63 -7.81 1.90
CA VAL A 94 4.93 -6.49 2.35
C VAL A 94 5.62 -5.72 1.27
N THR A 95 6.62 -6.33 0.61
CA THR A 95 7.38 -5.64 -0.39
C THR A 95 6.47 -5.26 -1.51
N ALA A 96 5.59 -6.18 -1.94
CA ALA A 96 4.72 -5.90 -3.05
C ALA A 96 3.83 -4.75 -2.69
N SER A 97 3.31 -4.72 -1.46
CA SER A 97 2.40 -3.67 -1.07
C SER A 97 3.07 -2.34 -1.15
N ILE A 98 4.18 -2.17 -0.42
CA ILE A 98 4.82 -0.89 -0.33
C ILE A 98 5.24 -0.46 -1.70
N TRP A 99 5.87 -1.37 -2.45
CA TRP A 99 6.39 -1.00 -3.74
C TRP A 99 5.27 -0.57 -4.63
N THR A 100 4.12 -1.27 -4.60
CA THR A 100 3.02 -0.94 -5.45
C THR A 100 2.55 0.45 -5.13
N LEU A 101 2.49 0.79 -3.83
CA LEU A 101 2.05 2.10 -3.45
C LEU A 101 2.96 3.10 -4.07
N CYS A 102 4.29 2.84 -4.07
CA CYS A 102 5.18 3.80 -4.63
C CYS A 102 4.92 3.91 -6.10
N VAL A 103 4.57 2.80 -6.77
CA VAL A 103 4.34 2.82 -8.19
C VAL A 103 3.19 3.73 -8.49
N ILE A 104 2.11 3.65 -7.69
CA ILE A 104 0.95 4.47 -7.89
C ILE A 104 1.38 5.89 -7.75
N ALA A 105 2.22 6.16 -6.75
CA ALA A 105 2.66 7.51 -6.49
C ALA A 105 3.32 8.02 -7.73
N VAL A 106 4.13 7.16 -8.39
CA VAL A 106 4.82 7.53 -9.57
C VAL A 106 3.82 7.84 -10.65
N ASP A 107 2.71 7.07 -10.70
CA ASP A 107 1.72 7.25 -11.72
C ASP A 107 1.13 8.62 -11.62
N ARG A 108 0.75 9.03 -10.39
CA ARG A 108 0.13 10.32 -10.19
C ARG A 108 1.13 11.40 -10.47
N TYR A 109 2.40 11.18 -10.08
CA TYR A 109 3.42 12.18 -10.27
C TYR A 109 3.53 12.43 -11.74
N PHE A 110 3.53 11.36 -12.55
CA PHE A 110 3.64 11.49 -13.97
C PHE A 110 2.38 12.05 -14.54
N ALA A 111 2.39 13.33 -14.95
CA ALA A 111 1.18 13.89 -15.48
C ALA A 111 0.12 13.91 -14.43
N ILE A 112 -0.36 15.11 -14.06
CA ILE A 112 -1.36 15.27 -13.06
C ILE A 112 -2.32 16.38 -13.39
N CYS A 113 -1.75 17.57 -13.58
CA CYS A 113 -2.53 18.78 -13.82
C CYS A 113 -3.09 18.84 -15.23
N SER A 114 -2.30 18.39 -16.19
CA SER A 114 -2.70 18.40 -17.59
C SER A 114 -2.22 17.13 -18.28
N PRO A 115 -2.82 16.80 -19.40
CA PRO A 115 -2.45 15.60 -20.18
C PRO A 115 -1.01 15.65 -20.70
N PHE A 116 -0.40 16.83 -20.62
CA PHE A 116 0.98 16.99 -21.09
C PHE A 116 1.88 15.88 -20.54
N LYS A 117 2.79 15.40 -21.38
CA LYS A 117 3.69 14.31 -20.98
C LYS A 117 2.90 13.08 -20.54
N TYR A 118 1.95 12.67 -21.38
CA TYR A 118 1.13 11.53 -21.08
C TYR A 118 0.76 10.73 -22.29
N GLN A 119 0.15 11.38 -23.30
CA GLN A 119 -0.32 10.64 -24.44
C GLN A 119 0.83 10.16 -25.26
N SER A 120 1.85 11.01 -25.44
CA SER A 120 2.95 10.68 -26.31
C SER A 120 3.75 9.53 -25.78
N LEU A 121 4.25 9.66 -24.54
CA LEU A 121 5.15 8.70 -23.96
C LEU A 121 4.51 7.36 -23.73
N LEU A 122 3.34 7.33 -23.06
CA LEU A 122 2.71 6.08 -22.80
C LEU A 122 2.10 5.56 -24.07
N THR A 123 2.36 4.28 -24.38
CA THR A 123 1.85 3.68 -25.58
C THR A 123 1.73 2.21 -25.32
N LYS A 124 0.82 1.53 -26.06
CA LYS A 124 0.65 0.12 -25.88
C LYS A 124 0.24 -0.15 -24.47
N CYS A 125 -0.42 0.81 -23.84
CA CYS A 125 -0.92 0.65 -22.48
C CYS A 125 0.17 0.08 -21.58
N LYS A 126 1.37 0.64 -21.69
CA LYS A 126 2.49 0.17 -20.87
C LYS A 126 2.20 0.35 -19.37
N ALA A 127 2.36 -0.74 -18.61
CA ALA A 127 2.09 -0.69 -17.17
C ALA A 127 2.25 -2.08 -16.57
N ARG A 128 1.93 -3.07 -17.37
CA ARG A 128 1.95 -4.44 -16.94
C ARG A 128 3.36 -4.78 -16.60
N VAL A 129 4.32 -4.28 -17.40
CA VAL A 129 5.69 -4.62 -17.15
C VAL A 129 6.06 -4.07 -15.81
N ILE A 130 5.51 -2.89 -15.45
CA ILE A 130 5.82 -2.29 -14.18
C ILE A 130 5.34 -3.19 -13.08
N ILE A 131 4.12 -3.76 -13.24
CA ILE A 131 3.59 -4.61 -12.21
C ILE A 131 4.45 -5.83 -12.08
N LEU A 132 4.82 -6.45 -13.21
CA LEU A 132 5.60 -7.65 -13.13
C LEU A 132 6.92 -7.33 -12.51
N MET A 133 7.47 -6.14 -12.82
CA MET A 133 8.75 -5.82 -12.25
C MET A 133 8.60 -5.77 -10.77
N VAL A 134 7.51 -5.16 -10.28
CA VAL A 134 7.33 -4.98 -8.87
C VAL A 134 7.33 -6.32 -8.20
N TRP A 135 6.53 -7.26 -8.74
CA TRP A 135 6.42 -8.56 -8.14
C TRP A 135 7.71 -9.30 -8.25
N ILE A 136 8.41 -9.15 -9.40
CA ILE A 136 9.61 -9.90 -9.58
C ILE A 136 10.63 -9.45 -8.57
N VAL A 137 10.81 -8.13 -8.39
CA VAL A 137 11.80 -7.60 -7.49
C VAL A 137 11.41 -7.98 -6.09
N SER A 138 10.10 -8.00 -5.83
CA SER A 138 9.57 -8.32 -4.54
C SER A 138 9.89 -9.75 -4.20
N GLY A 139 9.75 -10.66 -5.17
CA GLY A 139 10.02 -12.06 -4.98
C GLY A 139 11.48 -12.31 -4.77
N LEU A 140 12.33 -11.65 -5.58
CA LEU A 140 13.76 -11.83 -5.55
C LEU A 140 14.30 -11.42 -4.23
N THR A 141 13.71 -10.39 -3.61
CA THR A 141 14.10 -9.89 -2.32
C THR A 141 13.60 -10.74 -1.20
N SER A 142 12.61 -11.63 -1.46
CA SER A 142 11.94 -12.35 -0.42
C SER A 142 12.19 -13.82 -0.51
N PHE A 143 11.49 -14.48 -1.46
CA PHE A 143 11.50 -15.91 -1.59
C PHE A 143 12.88 -16.43 -1.83
N LEU A 144 13.63 -15.85 -2.77
CA LEU A 144 14.91 -16.41 -3.07
C LEU A 144 15.83 -16.33 -1.88
N PRO A 145 15.90 -15.21 -1.22
CA PRO A 145 16.79 -15.08 -0.11
C PRO A 145 16.41 -15.97 1.04
N ILE A 146 15.11 -16.11 1.30
CA ILE A 146 14.62 -16.87 2.41
C ILE A 146 14.88 -18.33 2.21
N GLN A 147 14.52 -18.85 1.02
CA GLN A 147 14.62 -20.26 0.73
C GLN A 147 16.06 -20.66 0.77
N MET A 148 16.93 -19.75 0.31
CA MET A 148 18.34 -19.94 0.22
C MET A 148 18.98 -19.97 1.58
N HIS A 149 18.30 -19.40 2.60
CA HIS A 149 18.87 -19.29 3.92
C HIS A 149 19.96 -18.28 3.92
N TRP A 150 19.82 -17.25 3.05
CA TRP A 150 20.75 -16.16 3.01
C TRP A 150 20.61 -15.31 4.24
N TYR A 151 19.35 -15.10 4.69
CA TYR A 151 19.04 -14.28 5.83
C TYR A 151 19.48 -14.92 7.11
N ARG A 152 19.53 -16.26 7.19
CA ARG A 152 19.82 -16.88 8.45
C ARG A 152 21.14 -16.41 8.97
N ALA A 153 21.15 -15.96 10.24
CA ALA A 153 22.38 -15.55 10.83
C ALA A 153 22.80 -16.67 11.69
N THR A 154 24.10 -17.02 11.65
CA THR A 154 24.50 -18.13 12.45
C THR A 154 24.52 -17.70 13.88
N HIS A 155 23.56 -18.22 14.65
CA HIS A 155 23.52 -17.96 16.06
C HIS A 155 23.04 -19.21 16.68
N GLN A 156 23.40 -19.45 17.96
CA GLN A 156 22.98 -20.67 18.54
C GLN A 156 21.49 -20.70 18.60
N GLU A 157 20.87 -19.61 19.07
CA GLU A 157 19.44 -19.58 19.19
C GLU A 157 18.83 -19.64 17.83
N ALA A 158 19.42 -18.91 16.87
CA ALA A 158 18.85 -18.89 15.56
C ALA A 158 18.89 -20.26 14.99
N ILE A 159 20.04 -20.94 15.10
CA ILE A 159 20.17 -22.23 14.49
C ILE A 159 19.18 -23.15 15.12
N ASN A 160 19.01 -23.06 16.45
CA ASN A 160 18.15 -23.95 17.15
C ASN A 160 16.73 -23.80 16.68
N CYS A 161 16.22 -22.56 16.63
CA CYS A 161 14.85 -22.33 16.27
C CYS A 161 14.63 -22.70 14.84
N TYR A 162 15.58 -22.37 13.94
CA TYR A 162 15.38 -22.69 12.55
C TYR A 162 15.32 -24.17 12.36
N ALA A 163 16.28 -24.91 12.95
CA ALA A 163 16.33 -26.33 12.77
C ALA A 163 15.08 -26.92 13.34
N GLU A 164 14.58 -26.35 14.44
CA GLU A 164 13.40 -26.88 15.08
C GLU A 164 12.25 -26.64 14.15
N GLU A 165 11.41 -27.67 13.92
CA GLU A 165 10.32 -27.55 12.99
C GLU A 165 9.28 -26.57 13.50
N THR A 166 8.90 -26.70 14.78
CA THR A 166 7.84 -25.99 15.45
C THR A 166 8.15 -24.56 15.80
N CYS A 167 9.42 -24.21 16.05
CA CYS A 167 9.71 -22.87 16.48
C CYS A 167 9.83 -21.98 15.28
N CYS A 168 8.83 -21.12 15.04
CA CYS A 168 8.92 -20.25 13.90
C CYS A 168 9.14 -18.85 14.41
N ASP A 169 10.41 -18.40 14.43
CA ASP A 169 10.69 -17.06 14.88
C ASP A 169 11.54 -16.38 13.85
N PHE A 170 11.38 -15.05 13.74
CA PHE A 170 12.05 -14.26 12.75
C PHE A 170 13.38 -13.83 13.27
N PHE A 171 14.47 -14.27 12.59
CA PHE A 171 15.78 -13.84 12.97
C PHE A 171 16.47 -13.45 11.69
N THR A 172 17.17 -12.30 11.66
CA THR A 172 17.82 -11.93 10.44
C THR A 172 19.14 -11.27 10.72
N ASN A 173 20.12 -11.55 9.86
CA ASN A 173 21.42 -10.98 10.00
C ASN A 173 21.32 -9.54 9.61
N GLN A 174 22.27 -8.72 10.08
CA GLN A 174 22.25 -7.30 9.87
C GLN A 174 22.27 -7.03 8.40
N ALA A 175 23.10 -7.77 7.65
CA ALA A 175 23.28 -7.52 6.25
C ALA A 175 21.97 -7.67 5.53
N TYR A 176 21.17 -8.67 5.92
CA TYR A 176 19.90 -8.90 5.29
C TYR A 176 18.96 -7.78 5.60
N ALA A 177 18.95 -7.33 6.87
CA ALA A 177 18.03 -6.34 7.34
C ALA A 177 18.24 -5.00 6.68
N ILE A 178 19.50 -4.54 6.52
CA ILE A 178 19.60 -3.21 5.98
C ILE A 178 19.10 -3.16 4.57
N ALA A 179 19.56 -4.07 3.71
CA ALA A 179 19.17 -4.05 2.32
C ALA A 179 17.71 -4.37 2.20
N SER A 180 17.23 -5.34 3.00
CA SER A 180 15.87 -5.77 2.89
C SER A 180 14.96 -4.63 3.19
N SER A 181 15.22 -3.92 4.30
CA SER A 181 14.38 -2.84 4.72
C SER A 181 14.47 -1.70 3.75
N ILE A 182 15.69 -1.36 3.31
CA ILE A 182 15.86 -0.23 2.43
C ILE A 182 15.12 -0.47 1.15
N VAL A 183 15.22 -1.68 0.58
CA VAL A 183 14.55 -1.97 -0.65
C VAL A 183 13.06 -2.01 -0.46
N SER A 184 12.60 -2.70 0.61
CA SER A 184 11.19 -2.88 0.79
C SER A 184 10.49 -1.60 1.10
N PHE A 185 10.87 -0.93 2.23
CA PHE A 185 10.28 0.31 2.67
C PHE A 185 10.91 1.63 2.27
N TYR A 186 12.23 1.78 2.56
CA TYR A 186 12.86 3.08 2.54
C TYR A 186 12.87 3.74 1.20
N VAL A 187 13.29 3.01 0.16
CA VAL A 187 13.41 3.65 -1.12
C VAL A 187 12.06 4.12 -1.55
N PRO A 188 11.04 3.32 -1.46
CA PRO A 188 9.75 3.75 -1.90
C PRO A 188 9.29 4.92 -1.10
N LEU A 189 9.72 5.01 0.18
CA LEU A 189 9.31 6.09 1.00
C LEU A 189 9.86 7.37 0.45
N VAL A 190 11.16 7.37 0.07
CA VAL A 190 11.79 8.56 -0.41
C VAL A 190 11.15 8.99 -1.69
N ILE A 191 10.95 8.04 -2.62
CA ILE A 191 10.39 8.40 -3.89
C ILE A 191 9.04 9.00 -3.68
N MET A 192 8.22 8.37 -2.83
CA MET A 192 6.90 8.91 -2.67
C MET A 192 6.95 10.28 -2.07
N VAL A 193 7.86 10.51 -1.09
CA VAL A 193 7.89 11.79 -0.44
C VAL A 193 8.13 12.85 -1.47
N PHE A 194 9.17 12.68 -2.32
CA PHE A 194 9.48 13.69 -3.27
C PHE A 194 8.34 13.84 -4.22
N VAL A 195 7.76 12.72 -4.68
CA VAL A 195 6.71 12.75 -5.66
C VAL A 195 5.50 13.50 -5.20
N TYR A 196 4.93 13.09 -4.04
CA TYR A 196 3.74 13.74 -3.59
C TYR A 196 4.05 15.17 -3.30
N SER A 197 5.28 15.44 -2.85
CA SER A 197 5.65 16.80 -2.56
C SER A 197 5.50 17.63 -3.79
N ARG A 198 6.08 17.20 -4.93
CA ARG A 198 5.99 18.01 -6.11
C ARG A 198 4.56 18.13 -6.54
N VAL A 199 3.79 17.02 -6.43
CA VAL A 199 2.44 17.06 -6.91
C VAL A 199 1.69 18.09 -6.13
N PHE A 200 1.96 18.16 -4.82
CA PHE A 200 1.32 19.09 -3.93
C PHE A 200 1.62 20.46 -4.43
N GLN A 201 2.88 20.69 -4.84
CA GLN A 201 3.22 22.00 -5.29
C GLN A 201 2.40 22.33 -6.48
N GLU A 202 2.18 21.35 -7.37
CA GLU A 202 1.45 21.60 -8.58
C GLU A 202 0.04 22.02 -8.24
N ALA A 203 -0.60 21.33 -7.28
CA ALA A 203 -1.96 21.62 -6.94
C ALA A 203 -2.04 23.03 -6.45
N LYS A 204 -1.08 23.42 -5.61
CA LYS A 204 -1.04 24.73 -5.02
C LYS A 204 -0.96 25.72 -6.13
N ARG A 205 -0.09 25.45 -7.13
CA ARG A 205 0.10 26.40 -8.18
C ARG A 205 -1.16 26.60 -8.94
N GLN A 206 -1.85 25.50 -9.28
CA GLN A 206 -3.01 25.64 -10.12
C GLN A 206 -4.05 26.46 -9.43
N LEU A 207 -4.30 26.20 -8.14
CA LEU A 207 -5.32 26.94 -7.45
C LEU A 207 -4.94 28.38 -7.39
N GLN A 208 -3.65 28.69 -7.20
CA GLN A 208 -3.24 30.06 -7.08
C GLN A 208 -3.48 30.77 -8.37
N LYS A 209 -3.13 30.12 -9.49
CA LYS A 209 -3.25 30.72 -10.79
C LYS A 209 -4.70 31.00 -11.02
N ILE A 210 -5.56 30.06 -10.59
CA ILE A 210 -6.97 30.19 -10.76
C ILE A 210 -7.41 31.38 -9.98
N ASP A 211 -6.85 31.59 -8.78
CA ASP A 211 -7.22 32.68 -7.92
C ASP A 211 -6.84 33.95 -8.60
N LYS A 212 -5.73 33.93 -9.37
CA LYS A 212 -5.30 35.13 -10.02
C LYS A 212 -6.32 35.47 -11.05
N SER A 213 -6.75 34.45 -11.80
CA SER A 213 -7.72 34.59 -12.84
C SER A 213 -9.01 34.99 -12.20
N GLU A 214 -9.75 35.89 -12.86
CA GLU A 214 -11.03 36.36 -12.32
C GLU A 214 -11.69 37.32 -13.29
N GLY A 215 -12.90 36.98 -13.71
CA GLY A 215 -13.64 37.82 -14.65
C GLY A 215 -14.10 39.11 -13.97
N ARG A 216 -14.28 40.16 -14.77
CA ARG A 216 -14.72 41.44 -14.24
C ARG A 216 -16.10 41.81 -14.77
N PHE A 217 -17.02 42.11 -13.85
CA PHE A 217 -18.34 42.46 -14.24
C PHE A 217 -18.73 43.75 -13.56
N HIS A 218 -19.50 44.56 -14.30
CA HIS A 218 -19.97 45.82 -13.82
C HIS A 218 -21.34 46.00 -14.37
N VAL A 219 -22.06 44.89 -14.55
CA VAL A 219 -23.38 45.00 -15.09
C VAL A 219 -24.23 44.00 -14.38
N GLN A 220 -25.44 44.39 -13.99
CA GLN A 220 -26.31 43.49 -13.32
C GLN A 220 -25.56 43.03 -12.11
N ASN A 221 -24.73 43.93 -11.54
CA ASN A 221 -24.00 43.53 -10.37
C ASN A 221 -24.86 43.83 -9.19
N VAL A 222 -24.37 43.48 -8.00
CA VAL A 222 -25.14 43.75 -6.82
C VAL A 222 -24.15 43.93 -5.72
N SER A 223 -23.31 44.97 -5.83
CA SER A 223 -22.31 45.17 -4.81
C SER A 223 -21.45 43.97 -4.74
N GLN A 224 -20.57 43.92 -3.72
CA GLN A 224 -19.68 42.81 -3.56
C GLN A 224 -20.10 42.07 -2.33
N VAL A 225 -20.64 40.86 -2.54
CA VAL A 225 -21.11 40.07 -1.44
C VAL A 225 -20.64 38.66 -1.57
N GLU A 226 -20.57 37.89 -0.46
CA GLU A 226 -20.09 36.56 -0.68
C GLU A 226 -21.17 35.67 -1.18
N GLN A 227 -20.81 34.84 -2.19
CA GLN A 227 -21.67 33.87 -2.80
C GLN A 227 -20.86 32.64 -2.97
N ASP A 228 -21.38 31.54 -2.41
CA ASP A 228 -20.77 30.24 -2.41
C ASP A 228 -21.65 29.31 -3.16
N GLY A 229 -22.63 29.85 -3.90
CA GLY A 229 -23.52 29.01 -4.64
C GLY A 229 -22.76 28.49 -5.82
N ARG A 230 -23.20 27.35 -6.38
CA ARG A 230 -22.52 26.77 -7.49
C ARG A 230 -23.52 25.99 -8.27
N THR A 231 -23.23 25.75 -9.56
CA THR A 231 -24.15 24.99 -10.35
C THR A 231 -23.39 24.29 -11.43
N GLY A 232 -23.93 23.16 -11.92
CA GLY A 232 -23.21 22.52 -12.97
C GLY A 232 -23.93 21.28 -13.40
N HIS A 233 -23.35 20.62 -14.43
CA HIS A 233 -23.86 19.40 -14.96
C HIS A 233 -22.68 18.77 -15.64
N GLY A 234 -22.58 17.43 -15.56
CA GLY A 234 -21.45 16.80 -16.18
C GLY A 234 -20.21 17.36 -15.55
N HIS A 235 -19.27 17.82 -16.39
CA HIS A 235 -18.02 18.37 -15.95
C HIS A 235 -17.59 19.39 -16.95
N ARG A 236 -16.69 20.30 -16.52
CA ARG A 236 -16.21 21.34 -17.38
C ARG A 236 -14.78 21.53 -17.03
N ARG A 237 -14.51 22.12 -15.86
CA ARG A 237 -13.15 22.34 -15.50
C ARG A 237 -13.10 22.27 -14.01
N SER A 238 -14.08 22.88 -13.35
CA SER A 238 -14.10 22.91 -11.93
C SER A 238 -14.10 21.50 -11.42
N SER A 239 -14.92 20.65 -12.07
CA SER A 239 -15.02 19.28 -11.66
C SER A 239 -13.69 18.64 -11.87
N LYS A 240 -12.93 19.12 -12.88
CA LYS A 240 -11.63 18.57 -13.15
C LYS A 240 -10.80 18.90 -11.97
N PHE A 241 -10.92 20.11 -11.39
CA PHE A 241 -10.06 20.39 -10.27
C PHE A 241 -10.47 19.57 -9.09
N ALA A 242 -11.80 19.31 -9.07
CA ALA A 242 -12.52 18.56 -8.11
C ALA A 242 -11.78 17.28 -7.94
N CYS A 243 -11.89 16.45 -8.97
CA CYS A 243 -11.27 15.15 -9.01
C CYS A 243 -9.75 15.17 -9.01
N LYS A 244 -9.10 16.18 -9.59
CA LYS A 244 -7.67 16.10 -9.56
C LYS A 244 -7.16 16.38 -8.19
N GLU A 245 -7.60 17.48 -7.55
CA GLU A 245 -7.18 17.82 -6.23
C GLU A 245 -7.64 16.82 -5.21
N HIS A 246 -8.89 16.33 -5.33
CA HIS A 246 -9.34 15.36 -4.37
C HIS A 246 -8.61 14.08 -4.58
N LYS A 247 -8.35 13.70 -5.84
CA LYS A 247 -7.66 12.46 -6.01
C LYS A 247 -6.30 12.58 -5.40
N ALA A 248 -5.58 13.69 -5.66
CA ALA A 248 -4.26 13.89 -5.14
C ALA A 248 -4.32 13.84 -3.64
N LEU A 249 -5.30 14.53 -3.04
CA LEU A 249 -5.47 14.61 -1.62
C LEU A 249 -5.73 13.28 -0.96
N LYS A 250 -6.60 12.44 -1.55
CA LYS A 250 -6.89 11.16 -0.96
C LYS A 250 -5.75 10.21 -1.10
N THR A 251 -5.05 10.24 -2.24
CA THR A 251 -3.98 9.30 -2.44
C THR A 251 -2.86 9.66 -1.52
N LEU A 252 -2.55 10.95 -1.47
CA LEU A 252 -1.49 11.42 -0.63
C LEU A 252 -1.80 11.10 0.82
N GLY A 253 -3.04 11.35 1.22
CA GLY A 253 -3.41 11.12 2.58
C GLY A 253 -3.33 9.66 2.89
N ILE A 254 -3.74 8.80 1.94
CA ILE A 254 -3.74 7.38 2.15
C ILE A 254 -2.35 6.84 2.21
N ILE A 255 -1.44 7.35 1.35
CA ILE A 255 -0.11 6.82 1.33
C ILE A 255 0.59 7.21 2.59
N MET A 256 0.56 8.50 2.93
CA MET A 256 1.25 8.91 4.12
C MET A 256 0.66 8.28 5.34
N GLY A 257 -0.69 8.20 5.41
CA GLY A 257 -1.35 7.62 6.55
C GLY A 257 -1.02 6.16 6.71
N THR A 258 -0.92 5.40 5.60
CA THR A 258 -0.63 4.00 5.69
C THR A 258 0.78 3.83 6.17
N PHE A 259 1.69 4.55 5.53
CA PHE A 259 3.09 4.49 5.87
C PHE A 259 3.28 4.76 7.36
N THR A 260 2.83 5.93 7.80
CA THR A 260 3.01 6.28 9.19
C THR A 260 2.15 5.49 10.12
N LEU A 261 0.86 5.27 9.91
CA LEU A 261 0.16 4.59 10.96
C LEU A 261 0.58 3.15 10.97
N CYS A 262 1.12 2.67 9.86
CA CYS A 262 1.52 1.27 9.81
C CYS A 262 2.62 1.06 8.78
N TRP A 263 3.83 0.81 9.28
CA TRP A 263 4.95 0.58 8.40
C TRP A 263 6.20 1.29 8.88
N LEU A 264 6.15 2.61 9.02
CA LEU A 264 7.33 3.34 9.41
C LEU A 264 7.84 2.91 10.75
N PRO A 265 7.01 2.81 11.75
CA PRO A 265 7.53 2.47 13.04
C PRO A 265 8.17 1.11 13.02
N PHE A 266 7.62 0.18 12.22
CA PHE A 266 8.13 -1.16 12.12
C PHE A 266 9.47 -1.21 11.44
N PHE A 267 9.52 -0.62 10.22
CA PHE A 267 10.70 -0.71 9.40
C PHE A 267 11.87 -0.01 10.02
N ILE A 268 11.63 1.13 10.69
CA ILE A 268 12.68 1.83 11.37
C ILE A 268 13.16 1.01 12.53
N VAL A 269 12.23 0.37 13.28
CA VAL A 269 12.58 -0.40 14.42
C VAL A 269 13.48 -1.51 13.99
N ASN A 270 13.34 -1.99 12.73
CA ASN A 270 14.20 -3.04 12.28
C ASN A 270 15.62 -2.57 12.34
N ILE A 271 15.90 -1.36 11.83
CA ILE A 271 17.22 -0.80 11.82
C ILE A 271 17.63 -0.57 13.24
N VAL A 272 16.67 -0.21 14.11
CA VAL A 272 16.94 0.02 15.49
C VAL A 272 17.46 -1.24 16.11
N HIS A 273 16.82 -2.38 15.82
CA HIS A 273 17.24 -3.61 16.41
C HIS A 273 18.57 -4.01 15.84
N VAL A 274 18.78 -3.75 14.53
CA VAL A 274 20.01 -4.14 13.95
C VAL A 274 21.16 -3.33 14.48
N ILE A 275 20.98 -2.00 14.59
CA ILE A 275 22.04 -1.13 15.05
C ILE A 275 22.36 -1.36 16.50
N GLN A 276 21.31 -1.37 17.36
CA GLN A 276 21.48 -1.49 18.79
C GLN A 276 20.71 -2.69 19.26
N ASP A 277 21.42 -3.64 19.89
CA ASP A 277 20.93 -4.95 20.25
C ASP A 277 19.90 -5.09 21.35
N ASN A 278 19.96 -4.34 22.47
CA ASN A 278 18.99 -4.70 23.46
C ASN A 278 18.12 -3.53 23.76
N LEU A 279 17.96 -2.63 22.77
CA LEU A 279 17.11 -1.50 22.94
C LEU A 279 15.65 -1.81 22.79
N ILE A 280 15.28 -2.88 22.05
CA ILE A 280 13.87 -3.07 21.83
C ILE A 280 13.33 -4.37 22.36
N ARG A 281 12.01 -4.36 22.66
CA ARG A 281 11.31 -5.53 23.11
C ARG A 281 10.80 -6.26 21.92
N LYS A 282 10.59 -7.58 22.08
CA LYS A 282 10.03 -8.36 21.01
C LYS A 282 8.59 -8.11 20.79
N GLU A 283 7.85 -7.64 21.82
CA GLU A 283 6.46 -7.38 21.65
C GLU A 283 6.28 -6.28 20.64
N VAL A 284 7.15 -5.24 20.69
CA VAL A 284 7.03 -4.11 19.83
C VAL A 284 7.15 -4.54 18.40
N TYR A 285 8.05 -5.50 18.13
CA TYR A 285 8.34 -5.95 16.79
C TYR A 285 7.08 -6.49 16.18
N ILE A 286 6.38 -7.40 16.90
CA ILE A 286 5.20 -8.03 16.37
C ILE A 286 4.09 -7.04 16.21
N LEU A 287 3.86 -6.19 17.23
CA LEU A 287 2.74 -5.28 17.17
C LEU A 287 2.90 -4.37 16.01
N LEU A 288 4.10 -3.84 15.88
CA LEU A 288 4.40 -2.92 14.80
C LEU A 288 4.17 -3.59 13.47
N ASN A 289 4.56 -4.85 13.37
CA ASN A 289 4.42 -5.56 12.13
C ASN A 289 2.95 -5.66 11.78
N TRP A 290 2.09 -5.93 12.78
CA TRP A 290 0.67 -6.01 12.55
C TRP A 290 0.15 -4.68 12.13
N ILE A 291 0.66 -3.62 12.75
CA ILE A 291 0.19 -2.29 12.47
C ILE A 291 0.40 -2.08 10.99
N GLY A 292 1.54 -2.56 10.47
CA GLY A 292 1.82 -2.46 9.07
C GLY A 292 0.82 -3.27 8.31
N TYR A 293 0.39 -4.43 8.86
CA TYR A 293 -0.51 -5.30 8.16
C TYR A 293 -1.80 -4.58 7.87
N VAL A 294 -2.28 -3.76 8.82
CA VAL A 294 -3.56 -3.14 8.68
C VAL A 294 -3.61 -2.28 7.45
N ASN A 295 -2.44 -1.79 7.00
CA ASN A 295 -2.38 -0.93 5.85
C ASN A 295 -3.01 -1.61 4.67
N SER A 296 -2.86 -2.94 4.57
CA SER A 296 -3.44 -3.64 3.46
C SER A 296 -4.93 -3.44 3.47
N GLY A 297 -5.53 -3.37 4.67
CA GLY A 297 -6.95 -3.49 4.83
C GLY A 297 -7.64 -2.20 4.46
N PHE A 298 -7.03 -1.06 4.79
CA PHE A 298 -7.65 0.24 4.67
C PHE A 298 -7.87 0.63 3.25
N ASN A 299 -6.97 0.20 2.34
CA ASN A 299 -7.01 0.67 0.98
C ASN A 299 -8.35 0.48 0.34
N PRO A 300 -8.98 -0.65 0.41
CA PRO A 300 -10.22 -0.79 -0.29
C PRO A 300 -11.26 0.16 0.21
N LEU A 301 -11.28 0.47 1.52
CA LEU A 301 -12.24 1.39 2.04
C LEU A 301 -11.94 2.78 1.54
N ILE A 302 -10.66 3.16 1.58
CA ILE A 302 -10.22 4.50 1.25
C ILE A 302 -9.77 4.61 -0.18
N TYR A 303 -8.69 3.89 -0.57
CA TYR A 303 -8.10 3.95 -1.88
C TYR A 303 -8.98 3.94 -3.11
N SER A 304 -10.13 3.23 -3.03
CA SER A 304 -11.07 3.07 -4.13
C SER A 304 -12.07 4.18 -4.20
N ARG A 305 -11.66 5.41 -3.89
CA ARG A 305 -12.48 6.56 -3.87
C ARG A 305 -13.02 6.88 -5.23
N SER A 306 -12.33 6.45 -6.34
CA SER A 306 -12.78 6.87 -7.65
C SER A 306 -14.26 6.68 -7.79
N PRO A 307 -14.84 7.58 -8.55
CA PRO A 307 -16.26 7.62 -8.73
C PRO A 307 -16.82 6.37 -9.32
N ASP A 308 -16.11 5.76 -10.30
CA ASP A 308 -16.58 4.55 -10.89
C ASP A 308 -16.51 3.47 -9.87
N PHE A 309 -15.42 3.46 -9.08
CA PHE A 309 -15.21 2.43 -8.10
C PHE A 309 -16.33 2.41 -7.12
N ARG A 310 -16.75 3.59 -6.63
CA ARG A 310 -17.75 3.63 -5.60
C ARG A 310 -19.04 3.02 -6.08
N CYS A 311 -19.51 3.46 -7.23
CA CYS A 311 -20.74 2.91 -7.78
C CYS A 311 -20.67 1.39 -7.81
N ALA A 312 -19.58 0.99 -8.52
CA ALA A 312 -19.37 -0.40 -8.79
C ALA A 312 -19.36 -1.16 -7.50
N PHE A 313 -18.76 -0.58 -6.44
CA PHE A 313 -18.72 -1.27 -5.17
C PHE A 313 -20.08 -1.42 -4.57
N GLN A 314 -20.88 -0.33 -4.56
CA GLN A 314 -22.15 -0.31 -3.92
C GLN A 314 -23.05 -1.30 -4.57
N GLU A 315 -22.95 -1.41 -5.91
CA GLU A 315 -23.82 -2.28 -6.63
C GLU A 315 -23.63 -3.67 -6.13
N LEU A 316 -22.38 -4.04 -5.81
CA LEU A 316 -22.10 -5.38 -5.34
C LEU A 316 -22.78 -5.61 -4.02
N LEU A 317 -22.74 -4.63 -3.10
CA LEU A 317 -23.29 -4.82 -1.79
C LEU A 317 -24.78 -4.94 -1.83
N ALA A 318 -25.46 -4.12 -2.64
CA ALA A 318 -26.90 -4.15 -2.69
C ALA A 318 -27.33 -5.58 -3.01
N GLU A 7 -4.35 -13.58 29.97
CA GLU A 7 -5.55 -13.20 30.75
C GLU A 7 -6.67 -12.88 29.82
N VAL A 8 -7.18 -11.64 29.92
CA VAL A 8 -8.24 -11.11 29.12
C VAL A 8 -7.73 -10.94 27.73
N TRP A 9 -6.40 -10.75 27.60
CA TRP A 9 -5.76 -10.41 26.36
C TRP A 9 -6.04 -11.42 25.28
N VAL A 10 -6.11 -12.72 25.61
CA VAL A 10 -6.26 -13.68 24.56
C VAL A 10 -7.48 -13.43 23.74
N VAL A 11 -8.66 -13.27 24.38
CA VAL A 11 -9.89 -13.04 23.66
C VAL A 11 -9.82 -11.70 23.02
N GLY A 12 -9.27 -10.71 23.75
CA GLY A 12 -9.25 -9.37 23.27
C GLY A 12 -8.48 -9.31 21.99
N MET A 13 -7.36 -10.03 21.92
CA MET A 13 -6.57 -10.02 20.74
C MET A 13 -7.26 -10.76 19.63
N GLY A 14 -7.91 -11.88 19.96
CA GLY A 14 -8.51 -12.72 18.96
C GLY A 14 -9.54 -11.96 18.21
N ILE A 15 -10.35 -11.15 18.91
CA ILE A 15 -11.40 -10.42 18.29
C ILE A 15 -10.84 -9.44 17.31
N VAL A 16 -9.78 -8.71 17.70
CA VAL A 16 -9.19 -7.72 16.85
C VAL A 16 -8.66 -8.39 15.63
N MET A 17 -8.01 -9.56 15.82
CA MET A 17 -7.38 -10.26 14.73
C MET A 17 -8.45 -10.60 13.75
N SER A 18 -9.64 -10.96 14.27
CA SER A 18 -10.74 -11.34 13.44
C SER A 18 -11.15 -10.17 12.60
N LEU A 19 -11.25 -8.97 13.20
CA LEU A 19 -11.68 -7.82 12.44
C LEU A 19 -10.69 -7.51 11.37
N ILE A 20 -9.38 -7.56 11.68
CA ILE A 20 -8.41 -7.24 10.66
C ILE A 20 -8.43 -8.25 9.56
N VAL A 21 -8.47 -9.55 9.91
CA VAL A 21 -8.43 -10.58 8.91
C VAL A 21 -9.61 -10.40 8.02
N LEU A 22 -10.76 -10.03 8.61
CA LEU A 22 -11.98 -9.85 7.85
C LEU A 22 -11.82 -8.67 6.93
N ALA A 23 -11.27 -7.55 7.44
CA ALA A 23 -11.20 -6.34 6.68
C ALA A 23 -10.34 -6.51 5.47
N ILE A 24 -9.16 -7.13 5.63
CA ILE A 24 -8.26 -7.24 4.52
C ILE A 24 -8.88 -8.07 3.43
N VAL A 25 -9.47 -9.23 3.78
CA VAL A 25 -10.02 -10.09 2.78
C VAL A 25 -11.19 -9.48 2.09
N PHE A 26 -12.17 -8.98 2.87
CA PHE A 26 -13.38 -8.48 2.30
C PHE A 26 -13.04 -7.34 1.40
N GLY A 27 -12.15 -6.43 1.88
CA GLY A 27 -11.81 -5.27 1.11
C GLY A 27 -11.11 -5.61 -0.17
N ASN A 28 -10.04 -6.42 -0.11
CA ASN A 28 -9.27 -6.71 -1.30
C ASN A 28 -10.10 -7.48 -2.25
N VAL A 29 -10.83 -8.49 -1.74
CA VAL A 29 -11.61 -9.30 -2.63
C VAL A 29 -12.62 -8.41 -3.32
N LEU A 30 -13.23 -7.47 -2.58
CA LEU A 30 -14.22 -6.64 -3.18
C LEU A 30 -13.61 -5.85 -4.30
N VAL A 31 -12.42 -5.30 -4.07
CA VAL A 31 -11.84 -4.47 -5.09
C VAL A 31 -11.53 -5.28 -6.32
N ILE A 32 -10.88 -6.46 -6.19
CA ILE A 32 -10.58 -7.25 -7.35
C ILE A 32 -10.84 -8.70 -7.07
N THR A 33 -10.96 -9.50 -8.14
CA THR A 33 -11.21 -10.92 -8.04
C THR A 33 -12.58 -11.09 -7.46
N ALA A 34 -13.47 -10.14 -7.76
CA ALA A 34 -14.81 -10.19 -7.28
C ALA A 34 -15.73 -10.41 -8.44
N ILE A 35 -16.06 -9.33 -9.17
CA ILE A 35 -16.89 -9.43 -10.34
C ILE A 35 -16.16 -8.85 -11.51
N CYS A 36 -15.91 -9.65 -12.53
CA CYS A 36 -15.14 -9.18 -13.68
C CYS A 36 -16.02 -8.47 -14.71
N LYS A 37 -15.45 -7.48 -15.40
CA LYS A 37 -16.21 -6.75 -16.41
C LYS A 37 -17.45 -6.14 -15.77
N PHE A 38 -17.30 -5.69 -14.52
CA PHE A 38 -18.40 -5.08 -13.78
C PHE A 38 -18.72 -3.69 -14.32
N GLU A 39 -17.68 -2.91 -14.59
CA GLU A 39 -17.85 -1.56 -15.09
C GLU A 39 -16.61 -1.07 -15.85
N ARG A 40 -16.45 0.25 -15.95
CA ARG A 40 -15.32 0.79 -16.69
C ARG A 40 -14.05 0.81 -15.84
N LEU A 41 -13.92 -0.09 -14.86
CA LEU A 41 -12.74 -0.17 -14.06
C LEU A 41 -11.51 -0.59 -14.81
N GLN A 42 -11.67 -1.06 -16.05
CA GLN A 42 -10.64 -1.63 -16.89
C GLN A 42 -9.50 -0.69 -17.16
N THR A 43 -9.68 0.63 -16.95
CA THR A 43 -8.70 1.65 -17.24
C THR A 43 -7.32 1.20 -16.83
N VAL A 44 -6.35 1.54 -17.67
CA VAL A 44 -4.97 1.12 -17.45
C VAL A 44 -4.44 1.57 -16.11
N THR A 45 -4.77 2.78 -15.68
CA THR A 45 -4.27 3.27 -14.44
C THR A 45 -4.75 2.36 -13.33
N ASN A 46 -5.95 1.79 -13.50
CA ASN A 46 -6.60 0.95 -12.53
C ASN A 46 -5.82 -0.30 -12.29
N TYR A 47 -5.08 -0.79 -13.30
CA TYR A 47 -4.37 -2.04 -13.20
C TYR A 47 -3.43 -1.98 -12.03
N PHE A 48 -2.74 -0.84 -11.83
CA PHE A 48 -1.79 -0.77 -10.75
C PHE A 48 -2.50 -1.02 -9.45
N ILE A 49 -3.65 -0.36 -9.22
CA ILE A 49 -4.33 -0.59 -7.97
C ILE A 49 -4.77 -2.02 -7.89
N THR A 50 -5.04 -2.65 -9.04
CA THR A 50 -5.41 -4.03 -9.03
C THR A 50 -4.27 -4.81 -8.42
N SER A 51 -3.02 -4.48 -8.80
CA SER A 51 -1.87 -5.16 -8.28
C SER A 51 -1.84 -4.96 -6.80
N LEU A 52 -2.16 -3.73 -6.36
CA LEU A 52 -2.16 -3.36 -4.97
C LEU A 52 -3.12 -4.28 -4.28
N ALA A 53 -4.31 -4.47 -4.87
CA ALA A 53 -5.37 -5.25 -4.29
C ALA A 53 -4.94 -6.67 -4.13
N VAL A 54 -4.27 -7.24 -5.15
CA VAL A 54 -3.87 -8.62 -5.06
C VAL A 54 -2.84 -8.78 -3.99
N ALA A 55 -1.87 -7.85 -3.91
CA ALA A 55 -0.80 -7.95 -2.97
C ALA A 55 -1.37 -7.95 -1.59
N ASP A 56 -2.36 -7.08 -1.33
CA ASP A 56 -3.00 -6.96 -0.05
C ASP A 56 -3.89 -8.13 0.25
N LEU A 57 -4.43 -8.79 -0.79
CA LEU A 57 -5.36 -9.87 -0.56
C LEU A 57 -4.62 -11.03 0.04
N VAL A 58 -3.42 -11.32 -0.48
CA VAL A 58 -2.64 -12.42 -0.01
C VAL A 58 -2.27 -12.15 1.42
N MET A 59 -2.20 -10.87 1.79
CA MET A 59 -1.79 -10.57 3.13
C MET A 59 -2.76 -11.11 4.14
N GLY A 60 -4.05 -10.80 3.96
CA GLY A 60 -5.13 -11.20 4.83
C GLY A 60 -5.45 -12.65 4.70
N LEU A 61 -5.14 -13.27 3.54
CA LEU A 61 -5.42 -14.67 3.40
C LEU A 61 -4.43 -15.57 4.07
N ALA A 62 -3.16 -15.59 3.59
CA ALA A 62 -2.15 -16.43 4.19
C ALA A 62 -1.49 -15.85 5.40
N VAL A 63 -0.86 -14.67 5.22
CA VAL A 63 0.02 -14.11 6.20
C VAL A 63 -0.68 -13.74 7.47
N VAL A 64 -1.71 -12.89 7.38
CA VAL A 64 -2.25 -12.37 8.60
C VAL A 64 -3.02 -13.40 9.39
N PRO A 65 -3.80 -14.29 8.83
CA PRO A 65 -4.47 -15.22 9.69
C PRO A 65 -3.55 -16.23 10.30
N PHE A 66 -2.49 -16.65 9.60
CA PHE A 66 -1.59 -17.59 10.19
C PHE A 66 -0.90 -16.92 11.32
N GLY A 67 -0.56 -15.62 11.14
CA GLY A 67 0.13 -14.89 12.16
C GLY A 67 -0.76 -14.80 13.36
N ALA A 68 -2.07 -14.56 13.15
CA ALA A 68 -2.98 -14.41 14.26
C ALA A 68 -3.02 -15.69 15.04
N ALA A 69 -3.14 -16.82 14.32
CA ALA A 69 -3.20 -18.09 14.98
C ALA A 69 -1.92 -18.27 15.71
N HIS A 70 -0.82 -17.79 15.11
CA HIS A 70 0.47 -17.96 15.69
C HIS A 70 0.50 -17.30 17.03
N ILE A 71 -0.04 -16.08 17.12
CA ILE A 71 -0.06 -15.36 18.37
C ILE A 71 -0.96 -16.03 19.36
N LEU A 72 -2.08 -16.61 18.90
CA LEU A 72 -2.97 -17.26 19.82
C LEU A 72 -2.34 -18.47 20.45
N THR A 73 -1.72 -19.34 19.64
CA THR A 73 -1.15 -20.60 20.05
C THR A 73 0.09 -20.38 20.88
N LYS A 74 0.83 -19.30 20.61
CA LYS A 74 2.07 -19.03 21.31
C LYS A 74 3.10 -20.03 20.88
N THR A 75 2.85 -20.71 19.73
CA THR A 75 3.80 -21.63 19.17
C THR A 75 3.48 -21.79 17.73
N TRP A 76 4.39 -22.38 16.94
CA TRP A 76 4.15 -22.57 15.53
C TRP A 76 3.83 -24.01 15.27
N THR A 77 2.55 -24.28 14.94
CA THR A 77 1.99 -25.57 14.65
C THR A 77 2.28 -26.02 13.24
N PHE A 78 2.53 -25.06 12.33
CA PHE A 78 2.61 -25.24 10.91
C PHE A 78 3.73 -26.11 10.45
N GLY A 79 4.87 -26.16 11.16
CA GLY A 79 5.92 -27.01 10.68
C GLY A 79 7.01 -26.14 10.16
N ASN A 80 8.20 -26.75 9.91
CA ASN A 80 9.35 -26.01 9.49
C ASN A 80 9.24 -25.51 8.08
N PHE A 81 8.96 -26.40 7.12
CA PHE A 81 8.98 -26.01 5.73
C PHE A 81 7.93 -24.97 5.52
N TRP A 82 6.74 -25.20 6.11
CA TRP A 82 5.63 -24.31 5.96
C TRP A 82 5.97 -23.02 6.65
N CYS A 83 6.76 -23.08 7.75
CA CYS A 83 7.14 -21.87 8.43
C CYS A 83 7.93 -21.04 7.47
N GLU A 84 8.79 -21.69 6.65
CA GLU A 84 9.59 -20.99 5.70
C GLU A 84 8.70 -20.38 4.66
N PHE A 85 7.72 -21.16 4.19
CA PHE A 85 6.81 -20.72 3.15
C PHE A 85 6.08 -19.52 3.63
N TRP A 86 5.54 -19.57 4.86
CA TRP A 86 4.76 -18.52 5.43
C TRP A 86 5.57 -17.26 5.54
N THR A 87 6.80 -17.38 6.05
CA THR A 87 7.59 -16.20 6.23
C THR A 87 7.83 -15.56 4.90
N SER A 88 8.08 -16.38 3.86
CA SER A 88 8.40 -15.88 2.56
C SER A 88 7.23 -15.11 2.01
N ILE A 89 6.01 -15.65 2.15
CA ILE A 89 4.86 -15.00 1.62
C ILE A 89 4.70 -13.69 2.32
N ASP A 90 5.05 -13.66 3.63
CA ASP A 90 4.91 -12.45 4.39
C ASP A 90 5.76 -11.37 3.78
N VAL A 91 7.06 -11.63 3.59
CA VAL A 91 7.95 -10.62 3.10
C VAL A 91 7.52 -10.20 1.73
N LEU A 92 7.08 -11.16 0.91
CA LEU A 92 6.70 -10.87 -0.45
C LEU A 92 5.54 -9.91 -0.43
N CYS A 93 4.55 -10.16 0.45
CA CYS A 93 3.37 -9.35 0.49
C CYS A 93 3.73 -7.97 0.90
N VAL A 94 4.63 -7.81 1.90
CA VAL A 94 4.93 -6.49 2.35
C VAL A 94 5.62 -5.72 1.27
N THR A 95 6.62 -6.33 0.61
CA THR A 95 7.38 -5.64 -0.39
C THR A 95 6.47 -5.26 -1.51
N ALA A 96 5.59 -6.18 -1.94
CA ALA A 96 4.72 -5.90 -3.05
C ALA A 96 3.83 -4.75 -2.69
N SER A 97 3.31 -4.72 -1.46
CA SER A 97 2.40 -3.67 -1.07
C SER A 97 3.07 -2.34 -1.15
N ILE A 98 4.18 -2.17 -0.42
CA ILE A 98 4.82 -0.89 -0.33
C ILE A 98 5.24 -0.46 -1.70
N TRP A 99 5.87 -1.37 -2.45
CA TRP A 99 6.39 -1.00 -3.74
C TRP A 99 5.27 -0.57 -4.63
N THR A 100 4.12 -1.27 -4.60
CA THR A 100 3.02 -0.94 -5.45
C THR A 100 2.55 0.45 -5.13
N LEU A 101 2.49 0.79 -3.83
CA LEU A 101 2.05 2.10 -3.45
C LEU A 101 2.96 3.10 -4.07
N CYS A 102 4.29 2.84 -4.07
CA CYS A 102 5.18 3.80 -4.63
C CYS A 102 4.92 3.91 -6.10
N VAL A 103 4.57 2.80 -6.77
CA VAL A 103 4.34 2.82 -8.19
C VAL A 103 3.19 3.73 -8.49
N ILE A 104 2.11 3.65 -7.69
CA ILE A 104 0.95 4.47 -7.89
C ILE A 104 1.38 5.89 -7.75
N ALA A 105 2.22 6.16 -6.75
CA ALA A 105 2.66 7.51 -6.49
C ALA A 105 3.32 8.02 -7.73
N VAL A 106 4.13 7.16 -8.39
CA VAL A 106 4.82 7.53 -9.57
C VAL A 106 3.82 7.84 -10.65
N ASP A 107 2.71 7.07 -10.70
CA ASP A 107 1.72 7.25 -11.72
C ASP A 107 1.13 8.62 -11.62
N ARG A 108 0.75 9.03 -10.39
CA ARG A 108 0.13 10.32 -10.19
C ARG A 108 1.13 11.40 -10.47
N TYR A 109 2.40 11.18 -10.08
CA TYR A 109 3.42 12.18 -10.27
C TYR A 109 3.53 12.43 -11.74
N PHE A 110 3.53 11.36 -12.55
CA PHE A 110 3.63 11.50 -13.98
C PHE A 110 2.72 12.58 -14.45
N ALA A 111 3.18 13.39 -15.43
CA ALA A 111 2.36 14.47 -15.87
C ALA A 111 1.05 13.95 -16.39
N ILE A 112 -0.06 14.65 -16.08
CA ILE A 112 -1.37 14.26 -16.51
C ILE A 112 -2.25 15.45 -16.71
N CYS A 113 -1.61 16.61 -16.92
CA CYS A 113 -2.32 17.87 -17.08
C CYS A 113 -2.39 18.33 -18.53
N SER A 114 -1.24 18.68 -19.09
CA SER A 114 -1.22 19.16 -20.46
C SER A 114 -1.42 17.97 -21.41
N PRO A 115 -1.94 18.23 -22.57
CA PRO A 115 -2.21 17.19 -23.60
C PRO A 115 -0.94 16.73 -24.31
N PHE A 116 0.09 17.58 -24.27
CA PHE A 116 1.35 17.26 -24.92
C PHE A 116 2.02 16.05 -24.26
N LYS A 117 1.94 15.98 -22.92
CA LYS A 117 2.55 14.85 -22.21
C LYS A 117 1.53 13.74 -21.96
N TYR A 118 2.02 12.63 -21.39
CA TYR A 118 1.18 11.50 -21.09
C TYR A 118 0.78 10.72 -22.30
N GLN A 119 0.15 11.38 -23.30
CA GLN A 119 -0.32 10.64 -24.44
C GLN A 119 0.83 10.16 -25.26
N SER A 120 1.85 11.01 -25.44
CA SER A 120 2.95 10.68 -26.31
C SER A 120 3.75 9.53 -25.78
N LEU A 121 4.25 9.66 -24.54
CA LEU A 121 5.15 8.70 -23.96
C LEU A 121 4.51 7.36 -23.73
N LEU A 122 3.34 7.33 -23.06
CA LEU A 122 2.71 6.08 -22.80
C LEU A 122 1.90 5.68 -23.99
N THR A 123 2.37 4.62 -24.70
CA THR A 123 1.69 4.17 -25.88
C THR A 123 1.63 2.67 -25.79
N LYS A 124 0.81 2.05 -26.67
CA LYS A 124 0.69 0.61 -26.65
C LYS A 124 0.01 0.17 -25.41
N CYS A 125 0.78 0.02 -24.34
CA CYS A 125 0.20 -0.42 -23.07
C CYS A 125 1.17 -0.09 -21.95
N LYS A 126 2.23 -1.01 -21.82
CA LYS A 126 3.11 -0.88 -20.69
C LYS A 126 2.33 -1.01 -19.42
N ALA A 127 2.89 -0.55 -18.28
CA ALA A 127 2.18 -0.70 -17.04
C ALA A 127 2.28 -2.10 -16.54
N ARG A 128 1.93 -3.07 -17.37
CA ARG A 128 1.95 -4.44 -16.94
C ARG A 128 3.36 -4.78 -16.60
N VAL A 129 4.32 -4.28 -17.40
CA VAL A 129 5.69 -4.62 -17.15
C VAL A 129 6.06 -4.07 -15.81
N ILE A 130 5.51 -2.89 -15.45
CA ILE A 130 5.82 -2.29 -14.18
C ILE A 130 5.34 -3.19 -13.08
N ILE A 131 4.12 -3.76 -13.24
CA ILE A 131 3.59 -4.61 -12.21
C ILE A 131 4.45 -5.83 -12.08
N LEU A 132 4.82 -6.45 -13.21
CA LEU A 132 5.60 -7.65 -13.13
C LEU A 132 6.92 -7.33 -12.51
N MET A 133 7.47 -6.14 -12.82
CA MET A 133 8.75 -5.82 -12.25
C MET A 133 8.60 -5.77 -10.77
N VAL A 134 7.51 -5.16 -10.28
CA VAL A 134 7.33 -4.98 -8.87
C VAL A 134 7.33 -6.32 -8.20
N TRP A 135 6.53 -7.26 -8.74
CA TRP A 135 6.42 -8.56 -8.14
C TRP A 135 7.71 -9.30 -8.25
N ILE A 136 8.41 -9.15 -9.40
CA ILE A 136 9.61 -9.90 -9.58
C ILE A 136 10.63 -9.45 -8.57
N VAL A 137 10.81 -8.13 -8.39
CA VAL A 137 11.80 -7.60 -7.49
C VAL A 137 11.41 -7.98 -6.09
N SER A 138 10.10 -8.00 -5.83
CA SER A 138 9.57 -8.32 -4.54
C SER A 138 9.89 -9.75 -4.20
N GLY A 139 9.75 -10.66 -5.17
CA GLY A 139 10.02 -12.06 -4.98
C GLY A 139 11.48 -12.31 -4.77
N LEU A 140 12.33 -11.65 -5.58
CA LEU A 140 13.76 -11.83 -5.55
C LEU A 140 14.30 -11.42 -4.23
N THR A 141 13.71 -10.39 -3.61
CA THR A 141 14.10 -9.89 -2.32
C THR A 141 13.60 -10.74 -1.20
N SER A 142 12.61 -11.63 -1.46
CA SER A 142 11.94 -12.35 -0.42
C SER A 142 12.19 -13.82 -0.51
N PHE A 143 11.49 -14.48 -1.46
CA PHE A 143 11.50 -15.91 -1.59
C PHE A 143 12.88 -16.43 -1.83
N LEU A 144 13.63 -15.85 -2.77
CA LEU A 144 14.91 -16.41 -3.07
C LEU A 144 15.83 -16.33 -1.88
N PRO A 145 15.90 -15.21 -1.22
CA PRO A 145 16.79 -15.08 -0.11
C PRO A 145 16.41 -15.97 1.04
N ILE A 146 15.11 -16.11 1.30
CA ILE A 146 14.62 -16.87 2.41
C ILE A 146 14.88 -18.33 2.21
N GLN A 147 14.52 -18.85 1.02
CA GLN A 147 14.62 -20.26 0.73
C GLN A 147 16.06 -20.66 0.77
N MET A 148 16.93 -19.75 0.31
CA MET A 148 18.34 -19.94 0.22
C MET A 148 18.98 -19.97 1.58
N HIS A 149 18.30 -19.40 2.60
CA HIS A 149 18.87 -19.29 3.92
C HIS A 149 19.96 -18.28 3.92
N TRP A 150 19.82 -17.25 3.05
CA TRP A 150 20.75 -16.16 3.01
C TRP A 150 20.61 -15.31 4.24
N TYR A 151 19.35 -15.10 4.69
CA TYR A 151 19.04 -14.28 5.83
C TYR A 151 19.48 -14.92 7.11
N ARG A 152 19.53 -16.26 7.19
CA ARG A 152 19.82 -16.88 8.45
C ARG A 152 21.14 -16.41 8.97
N ALA A 153 21.15 -15.96 10.24
CA ALA A 153 22.38 -15.55 10.83
C ALA A 153 22.80 -16.67 11.69
N THR A 154 24.10 -17.02 11.65
CA THR A 154 24.50 -18.13 12.45
C THR A 154 24.52 -17.70 13.88
N HIS A 155 23.56 -18.22 14.65
CA HIS A 155 23.52 -17.96 16.06
C HIS A 155 23.04 -19.21 16.68
N GLN A 156 23.40 -19.45 17.96
CA GLN A 156 22.98 -20.67 18.54
C GLN A 156 21.49 -20.70 18.60
N GLU A 157 20.87 -19.61 19.07
CA GLU A 157 19.44 -19.58 19.19
C GLU A 157 18.83 -19.64 17.83
N ALA A 158 19.42 -18.91 16.87
CA ALA A 158 18.85 -18.89 15.56
C ALA A 158 18.89 -20.26 14.99
N ILE A 159 20.04 -20.94 15.10
CA ILE A 159 20.17 -22.23 14.49
C ILE A 159 19.18 -23.15 15.12
N ASN A 160 19.01 -23.06 16.45
CA ASN A 160 18.15 -23.95 17.15
C ASN A 160 16.73 -23.80 16.68
N CYS A 161 16.22 -22.56 16.63
CA CYS A 161 14.85 -22.33 16.27
C CYS A 161 14.63 -22.70 14.84
N TYR A 162 15.58 -22.37 13.94
CA TYR A 162 15.38 -22.69 12.55
C TYR A 162 15.32 -24.17 12.36
N ALA A 163 16.28 -24.91 12.95
CA ALA A 163 16.33 -26.33 12.77
C ALA A 163 15.08 -26.92 13.34
N GLU A 164 14.58 -26.35 14.44
CA GLU A 164 13.40 -26.88 15.08
C GLU A 164 12.25 -26.64 14.15
N GLU A 165 11.41 -27.67 13.92
CA GLU A 165 10.32 -27.55 12.99
C GLU A 165 9.28 -26.57 13.50
N THR A 166 8.90 -26.70 14.78
CA THR A 166 7.84 -25.99 15.45
C THR A 166 8.15 -24.56 15.80
N CYS A 167 9.42 -24.21 16.05
CA CYS A 167 9.71 -22.87 16.48
C CYS A 167 9.83 -21.98 15.28
N CYS A 168 8.83 -21.12 15.04
CA CYS A 168 8.92 -20.25 13.90
C CYS A 168 9.14 -18.85 14.41
N ASP A 169 10.41 -18.40 14.43
CA ASP A 169 10.69 -17.06 14.88
C ASP A 169 11.54 -16.38 13.85
N PHE A 170 11.38 -15.05 13.74
CA PHE A 170 12.05 -14.26 12.75
C PHE A 170 13.38 -13.83 13.27
N PHE A 171 14.47 -14.27 12.59
CA PHE A 171 15.78 -13.84 12.97
C PHE A 171 16.47 -13.45 11.69
N THR A 172 17.17 -12.30 11.66
CA THR A 172 17.82 -11.93 10.44
C THR A 172 19.14 -11.27 10.72
N ASN A 173 20.12 -11.55 9.86
CA ASN A 173 21.42 -10.98 10.00
C ASN A 173 21.32 -9.54 9.61
N GLN A 174 22.27 -8.72 10.08
CA GLN A 174 22.25 -7.30 9.87
C GLN A 174 22.27 -7.03 8.40
N ALA A 175 23.10 -7.77 7.65
CA ALA A 175 23.28 -7.52 6.25
C ALA A 175 21.97 -7.67 5.53
N TYR A 176 21.17 -8.67 5.92
CA TYR A 176 19.90 -8.90 5.29
C TYR A 176 18.96 -7.78 5.60
N ALA A 177 18.95 -7.33 6.87
CA ALA A 177 18.03 -6.34 7.34
C ALA A 177 18.24 -5.00 6.68
N ILE A 178 19.50 -4.54 6.52
CA ILE A 178 19.60 -3.21 5.98
C ILE A 178 19.10 -3.16 4.57
N ALA A 179 19.56 -4.07 3.71
CA ALA A 179 19.17 -4.05 2.32
C ALA A 179 17.71 -4.37 2.20
N SER A 180 17.23 -5.34 3.00
CA SER A 180 15.87 -5.77 2.89
C SER A 180 14.96 -4.63 3.19
N SER A 181 15.22 -3.92 4.30
CA SER A 181 14.38 -2.84 4.72
C SER A 181 14.47 -1.70 3.75
N ILE A 182 15.69 -1.36 3.31
CA ILE A 182 15.86 -0.23 2.43
C ILE A 182 15.12 -0.47 1.15
N VAL A 183 15.22 -1.68 0.58
CA VAL A 183 14.55 -1.97 -0.65
C VAL A 183 13.06 -2.01 -0.46
N SER A 184 12.60 -2.70 0.61
CA SER A 184 11.19 -2.88 0.79
C SER A 184 10.49 -1.60 1.10
N PHE A 185 10.87 -0.93 2.23
CA PHE A 185 10.28 0.31 2.67
C PHE A 185 10.91 1.63 2.27
N TYR A 186 12.23 1.78 2.56
CA TYR A 186 12.86 3.08 2.54
C TYR A 186 12.87 3.74 1.20
N VAL A 187 13.29 3.01 0.16
CA VAL A 187 13.41 3.65 -1.12
C VAL A 187 12.06 4.12 -1.55
N PRO A 188 11.04 3.32 -1.46
CA PRO A 188 9.75 3.75 -1.90
C PRO A 188 9.29 4.92 -1.10
N LEU A 189 9.72 5.01 0.18
CA LEU A 189 9.31 6.09 1.00
C LEU A 189 9.86 7.37 0.45
N VAL A 190 11.16 7.37 0.07
CA VAL A 190 11.79 8.56 -0.41
C VAL A 190 11.15 8.99 -1.69
N ILE A 191 10.95 8.04 -2.62
CA ILE A 191 10.39 8.40 -3.89
C ILE A 191 9.04 9.00 -3.68
N MET A 192 8.22 8.37 -2.83
CA MET A 192 6.90 8.91 -2.67
C MET A 192 6.95 10.28 -2.07
N VAL A 193 7.86 10.51 -1.09
CA VAL A 193 7.89 11.79 -0.44
C VAL A 193 8.13 12.85 -1.47
N PHE A 194 9.17 12.68 -2.32
CA PHE A 194 9.48 13.69 -3.27
C PHE A 194 8.34 13.84 -4.22
N VAL A 195 7.76 12.72 -4.68
CA VAL A 195 6.71 12.75 -5.66
C VAL A 195 5.50 13.50 -5.20
N TYR A 196 4.93 13.09 -4.04
CA TYR A 196 3.74 13.74 -3.59
C TYR A 196 4.05 15.17 -3.30
N SER A 197 5.28 15.44 -2.85
CA SER A 197 5.65 16.80 -2.56
C SER A 197 5.50 17.63 -3.79
N ARG A 198 6.08 17.20 -4.93
CA ARG A 198 5.99 18.01 -6.11
C ARG A 198 4.56 18.13 -6.54
N VAL A 199 3.79 17.02 -6.43
CA VAL A 199 2.44 17.06 -6.91
C VAL A 199 1.69 18.09 -6.13
N PHE A 200 1.96 18.16 -4.82
CA PHE A 200 1.32 19.09 -3.93
C PHE A 200 1.62 20.46 -4.43
N GLN A 201 2.88 20.69 -4.84
CA GLN A 201 3.22 22.00 -5.29
C GLN A 201 2.40 22.33 -6.48
N GLU A 202 2.18 21.35 -7.37
CA GLU A 202 1.45 21.60 -8.58
C GLU A 202 0.04 22.02 -8.24
N ALA A 203 -0.60 21.33 -7.28
CA ALA A 203 -1.96 21.62 -6.94
C ALA A 203 -2.04 23.03 -6.45
N LYS A 204 -1.08 23.42 -5.61
CA LYS A 204 -1.04 24.73 -5.02
C LYS A 204 -0.96 25.72 -6.13
N ARG A 205 -0.09 25.45 -7.13
CA ARG A 205 0.10 26.40 -8.18
C ARG A 205 -1.16 26.60 -8.94
N GLN A 206 -1.85 25.50 -9.28
CA GLN A 206 -3.01 25.64 -10.12
C GLN A 206 -4.05 26.46 -9.43
N LEU A 207 -4.30 26.20 -8.14
CA LEU A 207 -5.32 26.94 -7.45
C LEU A 207 -4.94 28.38 -7.39
N GLN A 208 -3.65 28.69 -7.20
CA GLN A 208 -3.24 30.06 -7.08
C GLN A 208 -3.48 30.77 -8.37
N LYS A 209 -3.13 30.12 -9.49
CA LYS A 209 -3.25 30.72 -10.79
C LYS A 209 -4.70 31.00 -11.02
N ILE A 210 -5.56 30.06 -10.59
CA ILE A 210 -6.97 30.19 -10.76
C ILE A 210 -7.41 31.38 -9.98
N ASP A 211 -6.85 31.59 -8.78
CA ASP A 211 -7.22 32.68 -7.92
C ASP A 211 -6.84 33.95 -8.60
N LYS A 212 -5.75 33.92 -9.38
CA LYS A 212 -5.30 35.12 -10.03
C LYS A 212 -6.33 35.46 -11.06
N SER A 213 -6.72 34.44 -11.84
CA SER A 213 -7.69 34.59 -12.89
C SER A 213 -8.98 34.99 -12.26
N GLU A 214 -9.66 35.95 -12.88
CA GLU A 214 -10.94 36.43 -12.35
C GLU A 214 -11.60 37.39 -13.34
N GLY A 215 -12.84 37.09 -13.71
CA GLY A 215 -13.57 37.94 -14.65
C GLY A 215 -14.94 38.30 -14.09
N ARG A 216 -15.35 39.55 -14.28
CA ARG A 216 -16.64 40.00 -13.79
C ARG A 216 -17.37 40.81 -14.86
N PHE A 217 -18.68 40.57 -15.00
CA PHE A 217 -19.45 41.28 -15.97
C PHE A 217 -20.85 41.43 -15.47
N HIS A 218 -21.23 42.69 -15.19
CA HIS A 218 -22.54 43.02 -14.72
C HIS A 218 -22.74 44.46 -15.02
N VAL A 219 -23.99 44.93 -14.95
CA VAL A 219 -24.24 46.31 -15.23
C VAL A 219 -25.18 46.80 -14.18
N GLN A 220 -25.14 46.17 -12.99
CA GLN A 220 -26.01 46.59 -11.95
C GLN A 220 -27.39 46.48 -12.49
N ASN A 221 -27.62 45.51 -13.39
CA ASN A 221 -28.94 45.37 -13.92
C ASN A 221 -29.21 43.91 -14.02
N VAL A 222 -30.44 43.51 -13.64
CA VAL A 222 -30.78 42.12 -13.71
C VAL A 222 -29.95 41.45 -12.67
N SER A 223 -30.59 40.60 -11.85
CA SER A 223 -29.85 39.92 -10.82
C SER A 223 -28.95 38.93 -11.46
N GLN A 224 -27.91 38.50 -10.73
CA GLN A 224 -26.98 37.55 -11.24
C GLN A 224 -26.79 36.48 -10.22
N VAL A 225 -26.51 35.25 -10.69
CA VAL A 225 -26.35 34.14 -9.80
C VAL A 225 -25.20 33.29 -10.25
N GLU A 226 -24.38 32.77 -9.30
CA GLU A 226 -23.29 32.00 -9.82
C GLU A 226 -22.96 30.86 -8.90
N GLN A 227 -23.99 30.37 -8.20
CA GLN A 227 -23.92 29.27 -7.29
C GLN A 227 -23.50 28.09 -8.10
N ASP A 228 -24.12 27.99 -9.29
CA ASP A 228 -23.91 26.93 -10.23
C ASP A 228 -24.50 27.34 -11.54
N GLY A 229 -24.03 26.74 -12.64
CA GLY A 229 -24.55 27.09 -13.92
C GLY A 229 -24.12 28.48 -14.21
N ARG A 230 -22.92 28.86 -13.70
CA ARG A 230 -22.43 30.18 -13.91
C ARG A 230 -22.32 30.40 -15.39
N THR A 231 -21.74 29.40 -16.10
CA THR A 231 -21.62 29.55 -17.50
C THR A 231 -22.25 28.38 -18.17
N GLY A 232 -22.24 27.22 -17.47
CA GLY A 232 -22.87 26.09 -18.10
C GLY A 232 -22.09 25.65 -19.29
N HIS A 233 -20.78 25.94 -19.24
CA HIS A 233 -19.85 25.55 -20.26
C HIS A 233 -18.52 25.57 -19.58
N GLY A 234 -17.63 24.62 -19.94
CA GLY A 234 -16.36 24.61 -19.29
C GLY A 234 -16.57 24.14 -17.88
N HIS A 235 -17.62 23.30 -17.70
CA HIS A 235 -17.96 22.77 -16.41
C HIS A 235 -17.35 21.42 -16.28
N ARG A 236 -16.33 21.14 -17.12
CA ARG A 236 -15.68 19.87 -17.10
C ARG A 236 -14.28 20.12 -16.67
N ARG A 237 -13.74 21.29 -17.04
CA ARG A 237 -12.39 21.56 -16.65
C ARG A 237 -12.39 21.55 -15.16
N SER A 238 -13.38 22.18 -14.56
CA SER A 238 -13.46 22.25 -13.13
C SER A 238 -13.47 20.86 -12.59
N SER A 239 -14.28 19.98 -13.23
CA SER A 239 -14.37 18.63 -12.78
C SER A 239 -13.04 17.98 -12.93
N LYS A 240 -12.26 18.44 -13.93
CA LYS A 240 -10.94 17.87 -14.14
C LYS A 240 -10.14 18.24 -12.93
N PHE A 241 -10.29 19.48 -12.40
CA PHE A 241 -9.47 19.79 -11.26
C PHE A 241 -9.93 19.01 -10.07
N ALA A 242 -11.25 18.75 -10.09
CA ALA A 242 -12.00 18.02 -9.13
C ALA A 242 -11.27 16.75 -8.89
N CYS A 243 -11.35 15.89 -9.89
CA CYS A 243 -10.72 14.58 -9.88
C CYS A 243 -9.21 14.62 -9.82
N LYS A 244 -8.53 15.60 -10.41
CA LYS A 244 -7.10 15.53 -10.33
C LYS A 244 -6.64 15.86 -8.94
N GLU A 245 -7.11 16.97 -8.36
CA GLU A 245 -6.73 17.36 -7.03
C GLU A 245 -7.23 16.39 -6.01
N HIS A 246 -8.47 15.89 -6.15
CA HIS A 246 -8.96 14.95 -5.18
C HIS A 246 -8.22 13.67 -5.32
N LYS A 247 -7.92 13.24 -6.56
CA LYS A 247 -7.21 12.01 -6.67
C LYS A 247 -5.88 12.15 -6.02
N ALA A 248 -5.15 13.25 -6.28
CA ALA A 248 -3.85 13.47 -5.71
C ALA A 248 -3.96 13.46 -4.23
N LEU A 249 -4.97 14.17 -3.68
CA LEU A 249 -5.19 14.29 -2.26
C LEU A 249 -5.47 12.98 -1.58
N LYS A 250 -6.32 12.13 -2.17
CA LYS A 250 -6.63 10.86 -1.55
C LYS A 250 -5.49 9.91 -1.63
N THR A 251 -4.74 9.91 -2.74
CA THR A 251 -3.67 8.97 -2.87
C THR A 251 -2.58 9.36 -1.92
N LEU A 252 -2.28 10.65 -1.91
CA LEU A 252 -1.24 11.14 -1.04
C LEU A 252 -1.61 10.87 0.41
N GLY A 253 -2.86 11.13 0.75
CA GLY A 253 -3.27 10.94 2.11
C GLY A 253 -3.21 9.49 2.47
N ILE A 254 -3.57 8.61 1.53
CA ILE A 254 -3.59 7.20 1.78
C ILE A 254 -2.20 6.66 1.91
N ILE A 255 -1.26 7.14 1.06
CA ILE A 255 0.07 6.61 1.12
C ILE A 255 0.73 7.05 2.38
N MET A 256 0.68 8.35 2.69
CA MET A 256 1.32 8.79 3.88
C MET A 256 0.69 8.20 5.10
N GLY A 257 -0.65 8.12 5.12
CA GLY A 257 -1.36 7.56 6.24
C GLY A 257 -1.04 6.11 6.47
N THR A 258 -0.89 5.32 5.39
CA THR A 258 -0.60 3.93 5.54
C THR A 258 0.79 3.78 6.07
N PHE A 259 1.72 4.48 5.43
CA PHE A 259 3.11 4.43 5.84
C PHE A 259 3.24 4.75 7.31
N THR A 260 2.78 5.93 7.71
CA THR A 260 2.90 6.33 9.10
C THR A 260 2.02 5.56 10.03
N LEU A 261 0.73 5.33 9.77
CA LEU A 261 0.00 4.65 10.79
C LEU A 261 0.48 3.23 10.88
N CYS A 262 1.06 2.73 9.80
CA CYS A 262 1.51 1.35 9.81
C CYS A 262 2.62 1.13 8.78
N TRP A 263 3.81 0.83 9.28
CA TRP A 263 4.93 0.58 8.40
C TRP A 263 6.20 1.28 8.89
N LEU A 264 6.15 2.61 9.02
CA LEU A 264 7.33 3.34 9.41
C LEU A 264 7.84 2.91 10.75
N PRO A 265 7.01 2.81 11.75
CA PRO A 265 7.53 2.47 13.04
C PRO A 265 8.17 1.11 13.02
N PHE A 266 7.62 0.18 12.22
CA PHE A 266 8.13 -1.16 12.12
C PHE A 266 9.47 -1.21 11.44
N PHE A 267 9.52 -0.62 10.22
CA PHE A 267 10.70 -0.71 9.40
C PHE A 267 11.87 -0.01 10.02
N ILE A 268 11.63 1.13 10.69
CA ILE A 268 12.68 1.83 11.37
C ILE A 268 13.16 1.01 12.53
N VAL A 269 12.23 0.37 13.28
CA VAL A 269 12.58 -0.40 14.42
C VAL A 269 13.48 -1.51 13.99
N ASN A 270 13.34 -1.99 12.73
CA ASN A 270 14.20 -3.04 12.28
C ASN A 270 15.62 -2.57 12.34
N ILE A 271 15.90 -1.36 11.83
CA ILE A 271 17.22 -0.80 11.82
C ILE A 271 17.63 -0.57 13.24
N VAL A 272 16.67 -0.21 14.11
CA VAL A 272 16.94 0.02 15.49
C VAL A 272 17.46 -1.24 16.11
N HIS A 273 16.82 -2.38 15.82
CA HIS A 273 17.24 -3.61 16.41
C HIS A 273 18.57 -4.01 15.84
N VAL A 274 18.78 -3.75 14.53
CA VAL A 274 20.01 -4.14 13.95
C VAL A 274 21.16 -3.33 14.48
N ILE A 275 20.98 -2.00 14.59
CA ILE A 275 22.04 -1.13 15.05
C ILE A 275 22.36 -1.36 16.50
N GLN A 276 21.31 -1.37 17.36
CA GLN A 276 21.48 -1.49 18.79
C GLN A 276 20.71 -2.69 19.26
N ASP A 277 21.42 -3.64 19.89
CA ASP A 277 20.93 -4.95 20.25
C ASP A 277 19.90 -5.09 21.35
N ASN A 278 19.96 -4.34 22.47
CA ASN A 278 18.99 -4.70 23.46
C ASN A 278 18.12 -3.53 23.76
N LEU A 279 17.96 -2.63 22.77
CA LEU A 279 17.11 -1.50 22.94
C LEU A 279 15.65 -1.81 22.79
N ILE A 280 15.28 -2.88 22.05
CA ILE A 280 13.87 -3.07 21.83
C ILE A 280 13.33 -4.37 22.36
N ARG A 281 12.01 -4.36 22.66
CA ARG A 281 11.31 -5.53 23.11
C ARG A 281 10.80 -6.26 21.92
N LYS A 282 10.59 -7.58 22.08
CA LYS A 282 10.03 -8.36 21.01
C LYS A 282 8.59 -8.11 20.79
N GLU A 283 7.85 -7.64 21.82
CA GLU A 283 6.46 -7.38 21.65
C GLU A 283 6.28 -6.28 20.64
N VAL A 284 7.15 -5.24 20.69
CA VAL A 284 7.03 -4.11 19.83
C VAL A 284 7.15 -4.54 18.40
N TYR A 285 8.05 -5.50 18.13
CA TYR A 285 8.34 -5.95 16.79
C TYR A 285 7.08 -6.49 16.18
N ILE A 286 6.38 -7.40 16.90
CA ILE A 286 5.20 -8.03 16.37
C ILE A 286 4.09 -7.04 16.21
N LEU A 287 3.86 -6.19 17.23
CA LEU A 287 2.74 -5.28 17.17
C LEU A 287 2.90 -4.37 16.01
N LEU A 288 4.10 -3.84 15.88
CA LEU A 288 4.40 -2.93 14.79
C LEU A 288 4.20 -3.62 13.47
N ASN A 289 4.56 -4.85 13.37
CA ASN A 289 4.42 -5.56 12.13
C ASN A 289 2.95 -5.66 11.78
N TRP A 290 2.09 -5.93 12.78
CA TRP A 290 0.67 -6.01 12.55
C TRP A 290 0.15 -4.68 12.13
N ILE A 291 0.66 -3.62 12.75
CA ILE A 291 0.19 -2.29 12.47
C ILE A 291 0.40 -2.08 10.99
N GLY A 292 1.54 -2.56 10.47
CA GLY A 292 1.82 -2.46 9.07
C GLY A 292 0.82 -3.27 8.31
N TYR A 293 0.39 -4.43 8.86
CA TYR A 293 -0.51 -5.30 8.16
C TYR A 293 -1.80 -4.58 7.87
N VAL A 294 -2.28 -3.76 8.82
CA VAL A 294 -3.56 -3.14 8.68
C VAL A 294 -3.61 -2.28 7.45
N ASN A 295 -2.44 -1.79 7.00
CA ASN A 295 -2.38 -0.93 5.85
C ASN A 295 -3.01 -1.61 4.67
N SER A 296 -2.86 -2.94 4.57
CA SER A 296 -3.44 -3.64 3.46
C SER A 296 -4.93 -3.44 3.47
N GLY A 297 -5.53 -3.37 4.67
CA GLY A 297 -6.96 -3.46 4.84
C GLY A 297 -7.62 -2.17 4.44
N PHE A 298 -6.97 -1.03 4.74
CA PHE A 298 -7.54 0.27 4.59
C PHE A 298 -7.76 0.63 3.16
N ASN A 299 -6.90 0.15 2.25
CA ASN A 299 -6.93 0.58 0.88
C ASN A 299 -8.27 0.41 0.25
N PRO A 300 -8.93 -0.70 0.36
CA PRO A 300 -10.19 -0.82 -0.32
C PRO A 300 -11.20 0.18 0.15
N LEU A 301 -11.18 0.53 1.45
CA LEU A 301 -12.12 1.50 1.95
C LEU A 301 -11.78 2.85 1.40
N ILE A 302 -10.48 3.20 1.42
CA ILE A 302 -10.01 4.51 1.06
C ILE A 302 -9.59 4.58 -0.38
N TYR A 303 -8.53 3.82 -0.77
CA TYR A 303 -7.98 3.82 -2.11
C TYR A 303 -8.89 3.79 -3.31
N SER A 304 -10.08 3.16 -3.17
CA SER A 304 -11.05 3.00 -4.23
C SER A 304 -12.07 4.08 -4.25
N ARG A 305 -11.68 5.32 -3.94
CA ARG A 305 -12.53 6.45 -3.87
C ARG A 305 -13.04 6.83 -5.23
N SER A 306 -12.33 6.45 -6.34
CA SER A 306 -12.78 6.87 -7.65
C SER A 306 -14.26 6.68 -7.79
N PRO A 307 -14.84 7.58 -8.55
CA PRO A 307 -16.26 7.62 -8.73
C PRO A 307 -16.82 6.37 -9.32
N ASP A 308 -16.11 5.76 -10.30
CA ASP A 308 -16.58 4.55 -10.89
C ASP A 308 -16.51 3.47 -9.87
N PHE A 309 -15.42 3.46 -9.08
CA PHE A 309 -15.21 2.43 -8.10
C PHE A 309 -16.33 2.41 -7.12
N ARG A 310 -16.75 3.59 -6.63
CA ARG A 310 -17.75 3.63 -5.60
C ARG A 310 -19.04 3.02 -6.08
N CYS A 311 -19.51 3.46 -7.23
CA CYS A 311 -20.74 2.91 -7.78
C CYS A 311 -20.67 1.39 -7.81
N ALA A 312 -19.58 0.99 -8.52
CA ALA A 312 -19.37 -0.40 -8.79
C ALA A 312 -19.36 -1.16 -7.50
N PHE A 313 -18.76 -0.58 -6.44
CA PHE A 313 -18.72 -1.27 -5.17
C PHE A 313 -20.08 -1.42 -4.57
N GLN A 314 -20.88 -0.33 -4.56
CA GLN A 314 -22.15 -0.31 -3.92
C GLN A 314 -23.05 -1.30 -4.57
N GLU A 315 -22.95 -1.41 -5.91
CA GLU A 315 -23.82 -2.28 -6.63
C GLU A 315 -23.63 -3.67 -6.13
N LEU A 316 -22.38 -4.04 -5.81
CA LEU A 316 -22.10 -5.38 -5.34
C LEU A 316 -22.78 -5.61 -4.02
N LEU A 317 -22.74 -4.63 -3.10
CA LEU A 317 -23.29 -4.82 -1.79
C LEU A 317 -24.78 -4.94 -1.83
N ALA A 318 -25.46 -4.12 -2.64
CA ALA A 318 -26.90 -4.15 -2.69
C ALA A 318 -27.33 -5.58 -3.01
N GLU A 7 -4.35 -13.58 29.97
CA GLU A 7 -5.55 -13.20 30.75
C GLU A 7 -6.67 -12.88 29.82
N VAL A 8 -7.18 -11.64 29.92
CA VAL A 8 -8.24 -11.11 29.12
C VAL A 8 -7.73 -10.94 27.73
N TRP A 9 -6.40 -10.75 27.60
CA TRP A 9 -5.76 -10.41 26.36
C TRP A 9 -6.04 -11.42 25.28
N VAL A 10 -6.11 -12.72 25.61
CA VAL A 10 -6.26 -13.68 24.56
C VAL A 10 -7.48 -13.43 23.74
N VAL A 11 -8.66 -13.27 24.38
CA VAL A 11 -9.89 -13.04 23.66
C VAL A 11 -9.82 -11.70 23.02
N GLY A 12 -9.27 -10.71 23.75
CA GLY A 12 -9.25 -9.37 23.27
C GLY A 12 -8.48 -9.31 21.99
N MET A 13 -7.36 -10.03 21.92
CA MET A 13 -6.57 -10.02 20.74
C MET A 13 -7.26 -10.76 19.63
N GLY A 14 -7.91 -11.88 19.96
CA GLY A 14 -8.51 -12.72 18.96
C GLY A 14 -9.54 -11.96 18.21
N ILE A 15 -10.35 -11.15 18.91
CA ILE A 15 -11.40 -10.42 18.29
C ILE A 15 -10.84 -9.44 17.31
N VAL A 16 -9.78 -8.71 17.70
CA VAL A 16 -9.19 -7.72 16.85
C VAL A 16 -8.66 -8.39 15.63
N MET A 17 -8.01 -9.56 15.82
CA MET A 17 -7.38 -10.26 14.73
C MET A 17 -8.45 -10.60 13.75
N SER A 18 -9.64 -10.96 14.27
CA SER A 18 -10.74 -11.34 13.44
C SER A 18 -11.15 -10.17 12.60
N LEU A 19 -11.25 -8.97 13.20
CA LEU A 19 -11.68 -7.82 12.44
C LEU A 19 -10.69 -7.51 11.37
N ILE A 20 -9.38 -7.56 11.68
CA ILE A 20 -8.41 -7.24 10.66
C ILE A 20 -8.43 -8.25 9.56
N VAL A 21 -8.47 -9.55 9.91
CA VAL A 21 -8.43 -10.58 8.91
C VAL A 21 -9.61 -10.40 8.02
N LEU A 22 -10.76 -10.03 8.61
CA LEU A 22 -11.98 -9.85 7.85
C LEU A 22 -11.82 -8.67 6.93
N ALA A 23 -11.27 -7.55 7.44
CA ALA A 23 -11.20 -6.34 6.68
C ALA A 23 -10.34 -6.51 5.47
N ILE A 24 -9.16 -7.13 5.63
CA ILE A 24 -8.26 -7.24 4.52
C ILE A 24 -8.88 -8.07 3.43
N VAL A 25 -9.47 -9.23 3.78
CA VAL A 25 -10.02 -10.09 2.78
C VAL A 25 -11.19 -9.48 2.09
N PHE A 26 -12.17 -8.98 2.87
CA PHE A 26 -13.38 -8.48 2.30
C PHE A 26 -13.04 -7.34 1.40
N GLY A 27 -12.15 -6.43 1.88
CA GLY A 27 -11.81 -5.27 1.11
C GLY A 27 -11.11 -5.61 -0.17
N ASN A 28 -10.04 -6.42 -0.11
CA ASN A 28 -9.27 -6.71 -1.30
C ASN A 28 -10.10 -7.48 -2.25
N VAL A 29 -10.83 -8.49 -1.74
CA VAL A 29 -11.61 -9.30 -2.63
C VAL A 29 -12.62 -8.41 -3.32
N LEU A 30 -13.23 -7.47 -2.58
CA LEU A 30 -14.22 -6.64 -3.18
C LEU A 30 -13.61 -5.85 -4.30
N VAL A 31 -12.42 -5.30 -4.07
CA VAL A 31 -11.84 -4.47 -5.09
C VAL A 31 -11.53 -5.28 -6.32
N ILE A 32 -10.88 -6.46 -6.19
CA ILE A 32 -10.57 -7.25 -7.35
C ILE A 32 -10.64 -8.70 -7.03
N THR A 33 -10.81 -9.55 -8.05
CA THR A 33 -10.90 -10.97 -7.90
C THR A 33 -12.23 -11.27 -7.28
N ALA A 34 -12.77 -12.46 -7.59
CA ALA A 34 -14.05 -12.86 -7.09
C ALA A 34 -15.11 -12.04 -7.78
N ILE A 35 -15.69 -12.60 -8.85
CA ILE A 35 -16.71 -11.93 -9.59
C ILE A 35 -16.14 -10.67 -10.18
N CYS A 36 -15.78 -10.70 -11.44
CA CYS A 36 -15.19 -9.52 -12.07
C CYS A 36 -15.88 -9.17 -13.39
N LYS A 37 -16.32 -7.92 -13.51
CA LYS A 37 -17.01 -7.47 -14.71
C LYS A 37 -17.52 -6.04 -14.53
N PHE A 38 -18.47 -5.65 -15.37
CA PHE A 38 -19.06 -4.32 -15.28
C PHE A 38 -18.19 -3.31 -16.03
N GLU A 39 -17.02 -3.76 -16.48
CA GLU A 39 -16.12 -2.89 -17.22
C GLU A 39 -15.93 -1.57 -16.47
N ARG A 40 -15.58 -0.53 -17.22
CA ARG A 40 -15.37 0.79 -16.62
C ARG A 40 -14.07 0.81 -15.82
N LEU A 41 -13.92 -0.09 -14.86
CA LEU A 41 -12.74 -0.17 -14.06
C LEU A 41 -11.51 -0.59 -14.81
N GLN A 42 -11.67 -1.06 -16.05
CA GLN A 42 -10.64 -1.63 -16.89
C GLN A 42 -9.50 -0.69 -17.16
N THR A 43 -9.68 0.63 -16.95
CA THR A 43 -8.70 1.65 -17.24
C THR A 43 -7.32 1.20 -16.83
N VAL A 44 -6.35 1.54 -17.67
CA VAL A 44 -4.97 1.13 -17.46
C VAL A 44 -4.44 1.57 -16.11
N THR A 45 -4.77 2.78 -15.68
CA THR A 45 -4.27 3.27 -14.44
C THR A 45 -4.75 2.36 -13.33
N ASN A 46 -5.95 1.79 -13.50
CA ASN A 46 -6.60 0.95 -12.53
C ASN A 46 -5.82 -0.30 -12.29
N TYR A 47 -5.08 -0.79 -13.30
CA TYR A 47 -4.37 -2.04 -13.20
C TYR A 47 -3.43 -1.98 -12.03
N PHE A 48 -2.74 -0.84 -11.83
CA PHE A 48 -1.79 -0.77 -10.75
C PHE A 48 -2.50 -1.02 -9.45
N ILE A 49 -3.65 -0.36 -9.22
CA ILE A 49 -4.33 -0.59 -7.97
C ILE A 49 -4.77 -2.02 -7.89
N THR A 50 -5.04 -2.65 -9.04
CA THR A 50 -5.41 -4.03 -9.03
C THR A 50 -4.27 -4.81 -8.42
N SER A 51 -3.02 -4.48 -8.80
CA SER A 51 -1.87 -5.16 -8.28
C SER A 51 -1.84 -4.96 -6.80
N LEU A 52 -2.16 -3.73 -6.36
CA LEU A 52 -2.16 -3.36 -4.97
C LEU A 52 -3.12 -4.28 -4.28
N ALA A 53 -4.31 -4.47 -4.87
CA ALA A 53 -5.37 -5.25 -4.29
C ALA A 53 -4.94 -6.67 -4.13
N VAL A 54 -4.27 -7.24 -5.15
CA VAL A 54 -3.87 -8.62 -5.06
C VAL A 54 -2.84 -8.78 -3.99
N ALA A 55 -1.87 -7.85 -3.91
CA ALA A 55 -0.80 -7.95 -2.97
C ALA A 55 -1.37 -7.95 -1.59
N ASP A 56 -2.36 -7.08 -1.33
CA ASP A 56 -3.00 -6.96 -0.05
C ASP A 56 -3.89 -8.13 0.25
N LEU A 57 -4.43 -8.79 -0.79
CA LEU A 57 -5.36 -9.87 -0.56
C LEU A 57 -4.62 -11.03 0.04
N VAL A 58 -3.42 -11.32 -0.48
CA VAL A 58 -2.64 -12.42 -0.01
C VAL A 58 -2.27 -12.15 1.42
N MET A 59 -2.20 -10.87 1.79
CA MET A 59 -1.79 -10.57 3.13
C MET A 59 -2.76 -11.11 4.14
N GLY A 60 -4.05 -10.80 3.96
CA GLY A 60 -5.13 -11.20 4.83
C GLY A 60 -5.45 -12.65 4.70
N LEU A 61 -5.14 -13.27 3.54
CA LEU A 61 -5.42 -14.67 3.40
C LEU A 61 -4.43 -15.57 4.07
N ALA A 62 -3.16 -15.59 3.59
CA ALA A 62 -2.15 -16.43 4.19
C ALA A 62 -1.49 -15.85 5.40
N VAL A 63 -0.86 -14.67 5.22
CA VAL A 63 0.02 -14.11 6.20
C VAL A 63 -0.68 -13.74 7.47
N VAL A 64 -1.71 -12.89 7.38
CA VAL A 64 -2.25 -12.37 8.60
C VAL A 64 -3.02 -13.40 9.39
N PRO A 65 -3.80 -14.29 8.83
CA PRO A 65 -4.47 -15.22 9.69
C PRO A 65 -3.55 -16.23 10.30
N PHE A 66 -2.49 -16.65 9.60
CA PHE A 66 -1.59 -17.59 10.19
C PHE A 66 -0.90 -16.92 11.32
N GLY A 67 -0.56 -15.62 11.14
CA GLY A 67 0.13 -14.89 12.16
C GLY A 67 -0.76 -14.80 13.36
N ALA A 68 -2.07 -14.56 13.15
CA ALA A 68 -2.98 -14.41 14.26
C ALA A 68 -3.02 -15.69 15.04
N ALA A 69 -3.14 -16.82 14.32
CA ALA A 69 -3.20 -18.09 14.98
C ALA A 69 -1.92 -18.27 15.71
N HIS A 70 -0.82 -17.79 15.11
CA HIS A 70 0.47 -17.96 15.69
C HIS A 70 0.50 -17.30 17.03
N ILE A 71 -0.04 -16.08 17.12
CA ILE A 71 -0.06 -15.36 18.37
C ILE A 71 -0.96 -16.03 19.36
N LEU A 72 -2.08 -16.61 18.90
CA LEU A 72 -2.97 -17.26 19.82
C LEU A 72 -2.34 -18.47 20.45
N THR A 73 -1.72 -19.34 19.64
CA THR A 73 -1.15 -20.60 20.05
C THR A 73 0.09 -20.38 20.88
N LYS A 74 0.83 -19.30 20.61
CA LYS A 74 2.07 -19.03 21.31
C LYS A 74 3.10 -20.03 20.88
N THR A 75 2.85 -20.71 19.73
CA THR A 75 3.80 -21.63 19.17
C THR A 75 3.48 -21.79 17.73
N TRP A 76 4.39 -22.38 16.94
CA TRP A 76 4.15 -22.57 15.53
C TRP A 76 3.83 -24.01 15.27
N THR A 77 2.55 -24.28 14.94
CA THR A 77 1.99 -25.57 14.65
C THR A 77 2.28 -26.02 13.24
N PHE A 78 2.53 -25.06 12.33
CA PHE A 78 2.61 -25.24 10.91
C PHE A 78 3.73 -26.11 10.45
N GLY A 79 4.87 -26.16 11.16
CA GLY A 79 5.92 -27.01 10.68
C GLY A 79 7.01 -26.14 10.16
N ASN A 80 8.20 -26.75 9.91
CA ASN A 80 9.35 -26.01 9.49
C ASN A 80 9.24 -25.51 8.08
N PHE A 81 8.96 -26.40 7.12
CA PHE A 81 8.98 -26.01 5.73
C PHE A 81 7.93 -24.97 5.52
N TRP A 82 6.74 -25.20 6.11
CA TRP A 82 5.63 -24.31 5.96
C TRP A 82 5.97 -23.02 6.65
N CYS A 83 6.76 -23.08 7.75
CA CYS A 83 7.14 -21.87 8.43
C CYS A 83 7.93 -21.04 7.47
N GLU A 84 8.79 -21.69 6.65
CA GLU A 84 9.59 -20.99 5.70
C GLU A 84 8.70 -20.38 4.66
N PHE A 85 7.72 -21.16 4.19
CA PHE A 85 6.81 -20.72 3.15
C PHE A 85 6.08 -19.52 3.63
N TRP A 86 5.54 -19.57 4.86
CA TRP A 86 4.76 -18.52 5.43
C TRP A 86 5.57 -17.26 5.54
N THR A 87 6.80 -17.38 6.05
CA THR A 87 7.59 -16.20 6.23
C THR A 87 7.83 -15.56 4.90
N SER A 88 8.08 -16.38 3.86
CA SER A 88 8.40 -15.88 2.56
C SER A 88 7.23 -15.11 2.01
N ILE A 89 6.01 -15.65 2.15
CA ILE A 89 4.86 -15.00 1.62
C ILE A 89 4.70 -13.69 2.32
N ASP A 90 5.05 -13.66 3.63
CA ASP A 90 4.91 -12.45 4.39
C ASP A 90 5.76 -11.37 3.78
N VAL A 91 7.06 -11.63 3.59
CA VAL A 91 7.95 -10.62 3.10
C VAL A 91 7.52 -10.20 1.73
N LEU A 92 7.08 -11.16 0.91
CA LEU A 92 6.70 -10.87 -0.45
C LEU A 92 5.54 -9.91 -0.43
N CYS A 93 4.55 -10.16 0.45
CA CYS A 93 3.37 -9.35 0.49
C CYS A 93 3.73 -7.97 0.90
N VAL A 94 4.63 -7.81 1.90
CA VAL A 94 4.93 -6.49 2.35
C VAL A 94 5.62 -5.72 1.27
N THR A 95 6.62 -6.33 0.61
CA THR A 95 7.38 -5.64 -0.39
C THR A 95 6.47 -5.26 -1.51
N ALA A 96 5.59 -6.18 -1.94
CA ALA A 96 4.72 -5.90 -3.05
C ALA A 96 3.83 -4.75 -2.69
N SER A 97 3.31 -4.72 -1.46
CA SER A 97 2.40 -3.67 -1.07
C SER A 97 3.07 -2.34 -1.15
N ILE A 98 4.18 -2.17 -0.42
CA ILE A 98 4.82 -0.89 -0.33
C ILE A 98 5.24 -0.46 -1.70
N TRP A 99 5.87 -1.37 -2.45
CA TRP A 99 6.39 -1.00 -3.74
C TRP A 99 5.27 -0.57 -4.63
N THR A 100 4.12 -1.27 -4.60
CA THR A 100 3.02 -0.94 -5.45
C THR A 100 2.55 0.45 -5.13
N LEU A 101 2.49 0.79 -3.83
CA LEU A 101 2.05 2.10 -3.45
C LEU A 101 2.96 3.10 -4.07
N CYS A 102 4.29 2.84 -4.07
CA CYS A 102 5.18 3.80 -4.63
C CYS A 102 4.92 3.91 -6.10
N VAL A 103 4.57 2.80 -6.77
CA VAL A 103 4.34 2.82 -8.19
C VAL A 103 3.19 3.73 -8.49
N ILE A 104 2.11 3.65 -7.69
CA ILE A 104 0.95 4.47 -7.89
C ILE A 104 1.38 5.89 -7.75
N ALA A 105 2.22 6.16 -6.75
CA ALA A 105 2.66 7.51 -6.49
C ALA A 105 3.32 8.02 -7.73
N VAL A 106 4.13 7.16 -8.39
CA VAL A 106 4.82 7.53 -9.57
C VAL A 106 3.82 7.84 -10.65
N ASP A 107 2.71 7.07 -10.70
CA ASP A 107 1.72 7.25 -11.72
C ASP A 107 1.13 8.62 -11.62
N ARG A 108 0.75 9.03 -10.39
CA ARG A 108 0.13 10.32 -10.19
C ARG A 108 1.13 11.40 -10.47
N TYR A 109 2.40 11.18 -10.08
CA TYR A 109 3.42 12.18 -10.27
C TYR A 109 3.53 12.43 -11.74
N PHE A 110 3.53 11.36 -12.55
CA PHE A 110 3.61 11.50 -13.97
C PHE A 110 2.38 12.14 -14.51
N ALA A 111 1.20 11.69 -14.05
CA ALA A 111 0.00 12.28 -14.56
C ALA A 111 -0.28 13.60 -13.89
N ILE A 112 0.64 14.57 -14.06
CA ILE A 112 0.51 15.86 -13.44
C ILE A 112 -0.70 16.60 -13.91
N CYS A 113 -0.70 16.93 -15.20
CA CYS A 113 -1.78 17.70 -15.81
C CYS A 113 -1.57 17.91 -17.31
N SER A 114 -0.30 17.94 -17.72
CA SER A 114 0.03 18.14 -19.12
C SER A 114 -0.09 16.84 -19.88
N PRO A 115 -0.92 16.80 -20.89
CA PRO A 115 -1.13 15.60 -21.73
C PRO A 115 0.04 15.34 -22.69
N PHE A 116 0.88 16.35 -22.85
CA PHE A 116 2.04 16.23 -23.73
C PHE A 116 3.01 15.19 -23.22
N LYS A 117 3.06 15.03 -21.89
CA LYS A 117 3.95 14.06 -21.28
C LYS A 117 3.20 12.78 -20.90
N TYR A 118 1.96 12.68 -21.38
CA TYR A 118 1.15 11.53 -21.09
C TYR A 118 0.77 10.73 -22.30
N GLN A 119 0.15 11.38 -23.30
CA GLN A 119 -0.32 10.64 -24.44
C GLN A 119 0.83 10.16 -25.26
N SER A 120 1.85 11.01 -25.44
CA SER A 120 2.95 10.68 -26.31
C SER A 120 3.75 9.53 -25.78
N LEU A 121 4.25 9.66 -24.54
CA LEU A 121 5.15 8.70 -23.96
C LEU A 121 4.51 7.36 -23.73
N LEU A 122 3.34 7.33 -23.06
CA LEU A 122 2.71 6.08 -22.80
C LEU A 122 1.67 5.83 -23.84
N THR A 123 1.86 4.77 -24.64
CA THR A 123 0.93 4.46 -25.70
C THR A 123 0.87 2.97 -25.79
N LYS A 124 2.04 2.31 -25.99
CA LYS A 124 2.06 0.88 -26.10
C LYS A 124 1.53 0.27 -24.84
N CYS A 125 2.00 0.76 -23.70
CA CYS A 125 1.55 0.23 -22.43
C CYS A 125 2.35 0.86 -21.32
N LYS A 126 3.52 0.38 -21.03
CA LYS A 126 4.25 0.81 -19.86
C LYS A 126 3.38 0.68 -18.65
N ALA A 127 3.00 -0.55 -18.27
CA ALA A 127 2.14 -0.70 -17.13
C ALA A 127 2.27 -2.08 -16.55
N ARG A 128 1.93 -3.07 -17.37
CA ARG A 128 1.95 -4.44 -16.94
C ARG A 128 3.36 -4.78 -16.60
N VAL A 129 4.32 -4.28 -17.40
CA VAL A 129 5.69 -4.62 -17.15
C VAL A 129 6.06 -4.07 -15.81
N ILE A 130 5.51 -2.89 -15.45
CA ILE A 130 5.82 -2.29 -14.18
C ILE A 130 5.34 -3.19 -13.08
N ILE A 131 4.12 -3.76 -13.24
CA ILE A 131 3.59 -4.61 -12.21
C ILE A 131 4.45 -5.83 -12.08
N LEU A 132 4.82 -6.45 -13.21
CA LEU A 132 5.60 -7.65 -13.13
C LEU A 132 6.92 -7.33 -12.51
N MET A 133 7.47 -6.14 -12.82
CA MET A 133 8.75 -5.82 -12.25
C MET A 133 8.60 -5.77 -10.77
N VAL A 134 7.51 -5.16 -10.28
CA VAL A 134 7.33 -4.98 -8.87
C VAL A 134 7.33 -6.32 -8.20
N TRP A 135 6.53 -7.26 -8.74
CA TRP A 135 6.42 -8.56 -8.14
C TRP A 135 7.71 -9.30 -8.25
N ILE A 136 8.41 -9.15 -9.40
CA ILE A 136 9.61 -9.90 -9.58
C ILE A 136 10.63 -9.45 -8.57
N VAL A 137 10.81 -8.13 -8.39
CA VAL A 137 11.80 -7.60 -7.49
C VAL A 137 11.41 -7.98 -6.09
N SER A 138 10.10 -8.00 -5.83
CA SER A 138 9.57 -8.32 -4.54
C SER A 138 9.89 -9.75 -4.20
N GLY A 139 9.75 -10.66 -5.17
CA GLY A 139 10.02 -12.06 -4.98
C GLY A 139 11.48 -12.31 -4.77
N LEU A 140 12.33 -11.65 -5.58
CA LEU A 140 13.76 -11.83 -5.55
C LEU A 140 14.30 -11.42 -4.23
N THR A 141 13.71 -10.39 -3.61
CA THR A 141 14.10 -9.89 -2.32
C THR A 141 13.60 -10.74 -1.20
N SER A 142 12.61 -11.63 -1.46
CA SER A 142 11.94 -12.35 -0.42
C SER A 142 12.19 -13.82 -0.51
N PHE A 143 11.49 -14.48 -1.46
CA PHE A 143 11.50 -15.91 -1.59
C PHE A 143 12.88 -16.43 -1.83
N LEU A 144 13.63 -15.85 -2.77
CA LEU A 144 14.91 -16.41 -3.07
C LEU A 144 15.83 -16.33 -1.88
N PRO A 145 15.90 -15.21 -1.22
CA PRO A 145 16.79 -15.08 -0.11
C PRO A 145 16.41 -15.97 1.04
N ILE A 146 15.11 -16.11 1.30
CA ILE A 146 14.62 -16.87 2.41
C ILE A 146 14.88 -18.33 2.21
N GLN A 147 14.52 -18.85 1.02
CA GLN A 147 14.62 -20.26 0.73
C GLN A 147 16.06 -20.66 0.77
N MET A 148 16.93 -19.75 0.31
CA MET A 148 18.34 -19.94 0.22
C MET A 148 18.98 -19.97 1.58
N HIS A 149 18.30 -19.40 2.60
CA HIS A 149 18.87 -19.29 3.92
C HIS A 149 19.96 -18.28 3.92
N TRP A 150 19.82 -17.25 3.05
CA TRP A 150 20.75 -16.16 3.01
C TRP A 150 20.61 -15.31 4.24
N TYR A 151 19.35 -15.10 4.69
CA TYR A 151 19.04 -14.28 5.83
C TYR A 151 19.48 -14.92 7.11
N ARG A 152 19.53 -16.26 7.19
CA ARG A 152 19.82 -16.88 8.45
C ARG A 152 21.14 -16.41 8.97
N ALA A 153 21.15 -15.96 10.24
CA ALA A 153 22.38 -15.55 10.83
C ALA A 153 22.80 -16.67 11.69
N THR A 154 24.10 -17.02 11.65
CA THR A 154 24.50 -18.13 12.45
C THR A 154 24.52 -17.70 13.88
N HIS A 155 23.56 -18.22 14.65
CA HIS A 155 23.52 -17.96 16.06
C HIS A 155 23.04 -19.21 16.68
N GLN A 156 23.40 -19.45 17.96
CA GLN A 156 22.98 -20.67 18.54
C GLN A 156 21.49 -20.70 18.60
N GLU A 157 20.87 -19.61 19.07
CA GLU A 157 19.44 -19.58 19.19
C GLU A 157 18.83 -19.64 17.83
N ALA A 158 19.42 -18.91 16.87
CA ALA A 158 18.85 -18.89 15.56
C ALA A 158 18.89 -20.26 14.99
N ILE A 159 20.04 -20.94 15.10
CA ILE A 159 20.17 -22.23 14.49
C ILE A 159 19.18 -23.15 15.12
N ASN A 160 19.01 -23.06 16.45
CA ASN A 160 18.15 -23.95 17.15
C ASN A 160 16.73 -23.80 16.68
N CYS A 161 16.22 -22.56 16.63
CA CYS A 161 14.85 -22.33 16.27
C CYS A 161 14.63 -22.70 14.84
N TYR A 162 15.58 -22.37 13.94
CA TYR A 162 15.38 -22.69 12.55
C TYR A 162 15.32 -24.17 12.36
N ALA A 163 16.28 -24.91 12.95
CA ALA A 163 16.33 -26.33 12.77
C ALA A 163 15.08 -26.92 13.34
N GLU A 164 14.58 -26.35 14.44
CA GLU A 164 13.40 -26.88 15.08
C GLU A 164 12.25 -26.64 14.15
N GLU A 165 11.41 -27.67 13.92
CA GLU A 165 10.32 -27.55 12.99
C GLU A 165 9.28 -26.57 13.50
N THR A 166 8.90 -26.70 14.78
CA THR A 166 7.84 -25.99 15.45
C THR A 166 8.15 -24.56 15.80
N CYS A 167 9.42 -24.21 16.05
CA CYS A 167 9.71 -22.87 16.48
C CYS A 167 9.83 -21.98 15.28
N CYS A 168 8.83 -21.12 15.04
CA CYS A 168 8.92 -20.25 13.90
C CYS A 168 9.14 -18.85 14.41
N ASP A 169 10.41 -18.40 14.43
CA ASP A 169 10.69 -17.06 14.88
C ASP A 169 11.54 -16.38 13.85
N PHE A 170 11.38 -15.05 13.74
CA PHE A 170 12.05 -14.26 12.75
C PHE A 170 13.38 -13.83 13.27
N PHE A 171 14.47 -14.27 12.59
CA PHE A 171 15.78 -13.84 12.97
C PHE A 171 16.47 -13.45 11.69
N THR A 172 17.17 -12.30 11.66
CA THR A 172 17.82 -11.93 10.44
C THR A 172 19.14 -11.27 10.72
N ASN A 173 20.12 -11.55 9.86
CA ASN A 173 21.42 -10.98 10.00
C ASN A 173 21.32 -9.54 9.61
N GLN A 174 22.27 -8.72 10.08
CA GLN A 174 22.25 -7.30 9.87
C GLN A 174 22.27 -7.03 8.40
N ALA A 175 23.10 -7.77 7.65
CA ALA A 175 23.28 -7.52 6.25
C ALA A 175 21.97 -7.67 5.53
N TYR A 176 21.17 -8.67 5.92
CA TYR A 176 19.90 -8.90 5.29
C TYR A 176 18.96 -7.78 5.60
N ALA A 177 18.95 -7.33 6.87
CA ALA A 177 18.03 -6.34 7.34
C ALA A 177 18.24 -5.00 6.68
N ILE A 178 19.50 -4.54 6.52
CA ILE A 178 19.60 -3.21 5.98
C ILE A 178 19.10 -3.16 4.57
N ALA A 179 19.56 -4.07 3.71
CA ALA A 179 19.17 -4.05 2.32
C ALA A 179 17.71 -4.37 2.20
N SER A 180 17.23 -5.34 3.00
CA SER A 180 15.87 -5.77 2.89
C SER A 180 14.96 -4.63 3.19
N SER A 181 15.22 -3.92 4.30
CA SER A 181 14.38 -2.84 4.72
C SER A 181 14.47 -1.70 3.75
N ILE A 182 15.69 -1.36 3.31
CA ILE A 182 15.86 -0.23 2.43
C ILE A 182 15.12 -0.47 1.15
N VAL A 183 15.22 -1.68 0.58
CA VAL A 183 14.55 -1.97 -0.65
C VAL A 183 13.06 -2.01 -0.46
N SER A 184 12.60 -2.70 0.61
CA SER A 184 11.19 -2.88 0.79
C SER A 184 10.49 -1.60 1.10
N PHE A 185 10.87 -0.93 2.23
CA PHE A 185 10.28 0.31 2.67
C PHE A 185 10.91 1.63 2.27
N TYR A 186 12.23 1.78 2.56
CA TYR A 186 12.86 3.08 2.54
C TYR A 186 12.87 3.74 1.20
N VAL A 187 13.29 3.01 0.16
CA VAL A 187 13.41 3.65 -1.12
C VAL A 187 12.06 4.12 -1.55
N PRO A 188 11.04 3.32 -1.46
CA PRO A 188 9.75 3.75 -1.90
C PRO A 188 9.29 4.92 -1.10
N LEU A 189 9.72 5.01 0.18
CA LEU A 189 9.31 6.09 1.00
C LEU A 189 9.86 7.37 0.45
N VAL A 190 11.16 7.37 0.07
CA VAL A 190 11.79 8.56 -0.41
C VAL A 190 11.15 8.99 -1.69
N ILE A 191 10.95 8.04 -2.62
CA ILE A 191 10.39 8.40 -3.89
C ILE A 191 9.04 9.00 -3.68
N MET A 192 8.22 8.37 -2.83
CA MET A 192 6.90 8.91 -2.67
C MET A 192 6.95 10.28 -2.07
N VAL A 193 7.86 10.51 -1.09
CA VAL A 193 7.89 11.79 -0.44
C VAL A 193 8.13 12.85 -1.47
N PHE A 194 9.17 12.68 -2.32
CA PHE A 194 9.48 13.69 -3.27
C PHE A 194 8.34 13.84 -4.22
N VAL A 195 7.76 12.72 -4.68
CA VAL A 195 6.71 12.75 -5.66
C VAL A 195 5.50 13.50 -5.20
N TYR A 196 4.93 13.09 -4.04
CA TYR A 196 3.74 13.74 -3.59
C TYR A 196 4.05 15.17 -3.30
N SER A 197 5.28 15.44 -2.85
CA SER A 197 5.65 16.80 -2.56
C SER A 197 5.50 17.63 -3.79
N ARG A 198 6.08 17.20 -4.93
CA ARG A 198 5.99 18.01 -6.11
C ARG A 198 4.56 18.13 -6.54
N VAL A 199 3.79 17.02 -6.43
CA VAL A 199 2.44 17.06 -6.91
C VAL A 199 1.69 18.09 -6.13
N PHE A 200 1.96 18.16 -4.82
CA PHE A 200 1.32 19.09 -3.93
C PHE A 200 1.62 20.46 -4.43
N GLN A 201 2.88 20.69 -4.84
CA GLN A 201 3.22 22.00 -5.29
C GLN A 201 2.40 22.33 -6.48
N GLU A 202 2.18 21.35 -7.37
CA GLU A 202 1.45 21.60 -8.58
C GLU A 202 0.04 22.02 -8.24
N ALA A 203 -0.60 21.33 -7.28
CA ALA A 203 -1.96 21.62 -6.94
C ALA A 203 -2.04 23.03 -6.45
N LYS A 204 -1.08 23.42 -5.61
CA LYS A 204 -1.04 24.73 -5.02
C LYS A 204 -0.96 25.72 -6.13
N ARG A 205 -0.09 25.45 -7.13
CA ARG A 205 0.10 26.40 -8.18
C ARG A 205 -1.16 26.60 -8.94
N GLN A 206 -1.85 25.50 -9.28
CA GLN A 206 -3.01 25.64 -10.12
C GLN A 206 -4.05 26.46 -9.43
N LEU A 207 -4.30 26.20 -8.14
CA LEU A 207 -5.32 26.94 -7.45
C LEU A 207 -4.94 28.38 -7.39
N GLN A 208 -3.65 28.69 -7.20
CA GLN A 208 -3.24 30.06 -7.08
C GLN A 208 -3.48 30.77 -8.37
N LYS A 209 -3.13 30.12 -9.49
CA LYS A 209 -3.25 30.72 -10.79
C LYS A 209 -4.70 31.00 -11.02
N ILE A 210 -5.56 30.06 -10.59
CA ILE A 210 -6.97 30.19 -10.76
C ILE A 210 -7.41 31.38 -9.98
N ASP A 211 -6.85 31.59 -8.78
CA ASP A 211 -7.22 32.68 -7.92
C ASP A 211 -6.84 33.95 -8.60
N LYS A 212 -5.73 33.92 -9.37
CA LYS A 212 -5.29 35.12 -10.01
C LYS A 212 -6.32 35.48 -11.03
N SER A 213 -6.74 34.47 -11.81
CA SER A 213 -7.72 34.61 -12.84
C SER A 213 -9.01 35.02 -12.20
N GLU A 214 -9.63 36.06 -12.74
CA GLU A 214 -10.89 36.55 -12.20
C GLU A 214 -11.43 37.71 -13.04
N GLY A 215 -12.72 37.70 -13.29
CA GLY A 215 -13.34 38.76 -14.08
C GLY A 215 -14.67 38.29 -14.66
N ARG A 216 -14.63 37.77 -15.88
CA ARG A 216 -15.84 37.28 -16.53
C ARG A 216 -16.91 38.38 -16.58
N PHE A 217 -16.47 39.62 -16.86
CA PHE A 217 -17.39 40.71 -16.93
C PHE A 217 -18.01 40.74 -18.29
N HIS A 218 -17.54 39.81 -19.14
CA HIS A 218 -18.02 39.69 -20.49
C HIS A 218 -19.47 39.36 -20.39
N VAL A 219 -19.83 38.52 -19.42
CA VAL A 219 -21.21 38.16 -19.30
C VAL A 219 -21.94 39.42 -18.99
N GLN A 220 -21.26 40.39 -18.37
CA GLN A 220 -21.90 41.63 -18.06
C GLN A 220 -22.95 41.31 -17.05
N ASN A 221 -22.72 41.77 -15.79
CA ASN A 221 -23.71 41.49 -14.80
C ASN A 221 -23.77 40.01 -14.63
N VAL A 222 -22.89 39.45 -13.79
CA VAL A 222 -22.89 38.05 -13.59
C VAL A 222 -24.25 37.70 -13.08
N SER A 223 -24.87 38.64 -12.33
CA SER A 223 -26.17 38.37 -11.80
C SER A 223 -26.06 37.19 -10.89
N GLN A 224 -27.22 36.63 -10.49
CA GLN A 224 -27.24 35.51 -9.62
C GLN A 224 -27.65 34.31 -10.41
N VAL A 225 -27.24 33.12 -9.95
CA VAL A 225 -27.55 31.91 -10.65
C VAL A 225 -27.08 32.00 -12.07
N GLU A 226 -25.85 32.47 -12.32
CA GLU A 226 -25.50 32.54 -13.69
C GLU A 226 -25.33 31.18 -14.29
N GLN A 227 -25.51 31.11 -15.63
CA GLN A 227 -25.37 29.92 -16.42
C GLN A 227 -26.54 29.07 -16.06
N ASP A 228 -27.54 29.08 -16.95
CA ASP A 228 -28.77 28.38 -16.83
C ASP A 228 -28.50 26.92 -16.96
N GLY A 229 -29.26 26.08 -16.26
CA GLY A 229 -29.04 24.66 -16.35
C GLY A 229 -29.78 24.17 -17.53
N ARG A 230 -30.50 25.09 -18.23
CA ARG A 230 -31.26 24.70 -19.37
C ARG A 230 -30.30 24.18 -20.39
N THR A 231 -29.12 24.83 -20.51
CA THR A 231 -28.18 24.37 -21.46
C THR A 231 -27.79 22.96 -21.10
N GLY A 232 -27.54 22.72 -19.80
CA GLY A 232 -27.19 21.38 -19.45
C GLY A 232 -27.06 21.25 -17.97
N HIS A 233 -26.71 20.02 -17.54
CA HIS A 233 -26.48 19.70 -16.18
C HIS A 233 -25.15 19.03 -16.16
N GLY A 234 -24.37 19.23 -15.08
CA GLY A 234 -23.08 18.61 -15.04
C GLY A 234 -22.07 19.66 -14.71
N HIS A 235 -20.87 19.22 -14.28
CA HIS A 235 -19.81 20.10 -13.90
C HIS A 235 -18.59 19.73 -14.69
N ARG A 236 -17.91 20.76 -15.24
CA ARG A 236 -16.73 20.52 -16.03
C ARG A 236 -15.74 21.54 -15.60
N ARG A 237 -14.44 21.22 -15.76
CA ARG A 237 -13.46 22.16 -15.34
C ARG A 237 -13.47 22.12 -13.85
N SER A 238 -14.46 22.73 -13.19
CA SER A 238 -14.50 22.73 -11.76
C SER A 238 -14.47 21.33 -11.28
N SER A 239 -15.27 20.46 -11.93
CA SER A 239 -15.34 19.09 -11.53
C SER A 239 -13.99 18.47 -11.75
N LYS A 240 -13.25 18.98 -12.76
CA LYS A 240 -11.94 18.46 -13.03
C LYS A 240 -11.11 18.79 -11.84
N PHE A 241 -11.26 19.99 -11.26
CA PHE A 241 -10.40 20.28 -10.13
C PHE A 241 -10.81 19.45 -8.95
N ALA A 242 -12.12 19.16 -8.95
CA ALA A 242 -12.83 18.38 -7.99
C ALA A 242 -12.06 17.11 -7.83
N CYS A 243 -12.16 16.29 -8.86
CA CYS A 243 -11.51 15.00 -8.93
C CYS A 243 -9.99 15.06 -8.91
N LYS A 244 -9.36 16.08 -9.48
CA LYS A 244 -7.93 16.04 -9.45
C LYS A 244 -7.43 16.31 -8.07
N GLU A 245 -7.89 17.40 -7.43
CA GLU A 245 -7.47 17.74 -6.09
C GLU A 245 -7.93 16.71 -5.09
N HIS A 246 -9.16 16.20 -5.22
CA HIS A 246 -9.60 15.21 -4.27
C HIS A 246 -8.84 13.95 -4.49
N LYS A 247 -8.57 13.59 -5.75
CA LYS A 247 -7.85 12.37 -5.94
C LYS A 247 -6.50 12.50 -5.32
N ALA A 248 -5.81 13.63 -5.57
CA ALA A 248 -4.48 13.86 -5.04
C ALA A 248 -4.54 13.79 -3.54
N LEU A 249 -5.55 14.45 -2.94
CA LEU A 249 -5.71 14.52 -1.51
C LEU A 249 -5.95 13.18 -0.87
N LYS A 250 -6.81 12.33 -1.46
CA LYS A 250 -7.07 11.04 -0.89
C LYS A 250 -5.92 10.11 -1.04
N THR A 251 -5.20 10.16 -2.18
CA THR A 251 -4.12 9.25 -2.38
C THR A 251 -3.01 9.63 -1.46
N LEU A 252 -2.73 10.91 -1.39
CA LEU A 252 -1.67 11.40 -0.54
C LEU A 252 -1.99 11.06 0.90
N GLY A 253 -3.23 11.28 1.30
CA GLY A 253 -3.59 11.04 2.66
C GLY A 253 -3.49 9.57 2.96
N ILE A 254 -3.87 8.71 1.99
CA ILE A 254 -3.86 7.29 2.19
C ILE A 254 -2.46 6.78 2.25
N ILE A 255 -1.55 7.31 1.40
CA ILE A 255 -0.21 6.82 1.38
C ILE A 255 0.48 7.20 2.64
N MET A 256 0.43 8.49 3.00
CA MET A 256 1.10 8.90 4.19
C MET A 256 0.52 8.25 5.41
N GLY A 257 -0.83 8.14 5.47
CA GLY A 257 -1.48 7.53 6.59
C GLY A 257 -1.13 6.08 6.76
N THR A 258 -1.00 5.34 5.64
CA THR A 258 -0.68 3.94 5.71
C THR A 258 0.72 3.79 6.19
N PHE A 259 1.62 4.54 5.55
CA PHE A 259 3.03 4.49 5.91
C PHE A 259 3.21 4.77 7.39
N THR A 260 2.74 5.92 7.85
CA THR A 260 2.90 6.27 9.24
C THR A 260 2.06 5.44 10.17
N LEU A 261 0.77 5.21 9.95
CA LEU A 261 0.08 4.49 10.99
C LEU A 261 0.53 3.07 10.97
N CYS A 262 1.09 2.61 9.87
CA CYS A 262 1.51 1.22 9.80
C CYS A 262 2.61 1.03 8.78
N TRP A 263 3.82 0.79 9.28
CA TRP A 263 4.95 0.58 8.40
C TRP A 263 6.21 1.29 8.88
N LEU A 264 6.15 2.61 9.02
CA LEU A 264 7.33 3.34 9.41
C LEU A 264 7.84 2.91 10.75
N PRO A 265 7.01 2.81 11.75
CA PRO A 265 7.53 2.47 13.04
C PRO A 265 8.17 1.11 13.02
N PHE A 266 7.62 0.18 12.22
CA PHE A 266 8.13 -1.16 12.12
C PHE A 266 9.47 -1.21 11.44
N PHE A 267 9.52 -0.62 10.22
CA PHE A 267 10.70 -0.71 9.40
C PHE A 267 11.87 -0.01 10.02
N ILE A 268 11.63 1.13 10.69
CA ILE A 268 12.68 1.83 11.37
C ILE A 268 13.16 1.01 12.53
N VAL A 269 12.23 0.37 13.28
CA VAL A 269 12.58 -0.40 14.42
C VAL A 269 13.48 -1.51 13.99
N ASN A 270 13.34 -1.99 12.73
CA ASN A 270 14.20 -3.04 12.28
C ASN A 270 15.62 -2.57 12.34
N ILE A 271 15.90 -1.36 11.83
CA ILE A 271 17.22 -0.80 11.82
C ILE A 271 17.63 -0.57 13.24
N VAL A 272 16.67 -0.21 14.11
CA VAL A 272 16.94 0.02 15.49
C VAL A 272 17.46 -1.24 16.11
N HIS A 273 16.82 -2.38 15.82
CA HIS A 273 17.24 -3.61 16.41
C HIS A 273 18.57 -4.01 15.84
N VAL A 274 18.78 -3.75 14.53
CA VAL A 274 20.01 -4.14 13.95
C VAL A 274 21.16 -3.33 14.48
N ILE A 275 20.98 -2.00 14.59
CA ILE A 275 22.04 -1.13 15.05
C ILE A 275 22.36 -1.36 16.50
N GLN A 276 21.31 -1.37 17.36
CA GLN A 276 21.48 -1.49 18.79
C GLN A 276 20.71 -2.69 19.26
N ASP A 277 21.42 -3.64 19.89
CA ASP A 277 20.93 -4.95 20.25
C ASP A 277 19.90 -5.09 21.35
N ASN A 278 19.96 -4.34 22.47
CA ASN A 278 18.99 -4.70 23.46
C ASN A 278 18.12 -3.53 23.76
N LEU A 279 17.96 -2.63 22.77
CA LEU A 279 17.11 -1.50 22.94
C LEU A 279 15.65 -1.81 22.79
N ILE A 280 15.28 -2.88 22.05
CA ILE A 280 13.87 -3.07 21.83
C ILE A 280 13.33 -4.37 22.36
N ARG A 281 12.01 -4.36 22.66
CA ARG A 281 11.31 -5.53 23.11
C ARG A 281 10.80 -6.26 21.92
N LYS A 282 10.59 -7.58 22.08
CA LYS A 282 10.03 -8.36 21.01
C LYS A 282 8.59 -8.11 20.79
N GLU A 283 7.85 -7.64 21.82
CA GLU A 283 6.46 -7.38 21.65
C GLU A 283 6.28 -6.28 20.64
N VAL A 284 7.15 -5.24 20.69
CA VAL A 284 7.03 -4.11 19.83
C VAL A 284 7.15 -4.54 18.40
N TYR A 285 8.05 -5.50 18.13
CA TYR A 285 8.34 -5.95 16.79
C TYR A 285 7.08 -6.49 16.18
N ILE A 286 6.38 -7.40 16.90
CA ILE A 286 5.20 -8.03 16.37
C ILE A 286 4.09 -7.04 16.21
N LEU A 287 3.86 -6.19 17.23
CA LEU A 287 2.74 -5.28 17.17
C LEU A 287 2.90 -4.37 16.01
N LEU A 288 4.10 -3.84 15.88
CA LEU A 288 4.40 -2.91 14.81
C LEU A 288 4.19 -3.58 13.47
N ASN A 289 4.56 -4.85 13.37
CA ASN A 289 4.42 -5.56 12.13
C ASN A 289 2.95 -5.66 11.78
N TRP A 290 2.09 -5.93 12.78
CA TRP A 290 0.67 -6.01 12.55
C TRP A 290 0.15 -4.68 12.13
N ILE A 291 0.66 -3.62 12.75
CA ILE A 291 0.20 -2.29 12.46
C ILE A 291 0.41 -2.09 10.99
N GLY A 292 1.54 -2.56 10.47
CA GLY A 292 1.82 -2.46 9.07
C GLY A 292 0.82 -3.27 8.31
N TYR A 293 0.39 -4.43 8.86
CA TYR A 293 -0.51 -5.30 8.16
C TYR A 293 -1.80 -4.58 7.87
N VAL A 294 -2.28 -3.76 8.82
CA VAL A 294 -3.56 -3.14 8.68
C VAL A 294 -3.61 -2.28 7.45
N ASN A 295 -2.44 -1.79 7.00
CA ASN A 295 -2.38 -0.93 5.85
C ASN A 295 -3.01 -1.61 4.67
N SER A 296 -2.86 -2.94 4.57
CA SER A 296 -3.44 -3.64 3.46
C SER A 296 -4.93 -3.44 3.47
N GLY A 297 -5.53 -3.37 4.67
CA GLY A 297 -6.95 -3.52 4.83
C GLY A 297 -7.68 -2.30 4.33
N PHE A 298 -7.25 -1.10 4.77
CA PHE A 298 -7.97 0.12 4.57
C PHE A 298 -7.98 0.52 3.12
N ASN A 299 -6.91 0.21 2.37
CA ASN A 299 -6.77 0.71 1.03
C ASN A 299 -7.96 0.40 0.17
N PRO A 300 -8.46 -0.81 0.12
CA PRO A 300 -9.55 -1.05 -0.77
C PRO A 300 -10.76 -0.22 -0.46
N LEU A 301 -11.01 0.06 0.84
CA LEU A 301 -12.14 0.87 1.18
C LEU A 301 -11.91 2.28 0.75
N ILE A 302 -10.70 2.80 1.02
CA ILE A 302 -10.35 4.17 0.78
C ILE A 302 -9.64 4.36 -0.53
N TYR A 303 -8.37 3.90 -0.64
CA TYR A 303 -7.52 4.08 -1.80
C TYR A 303 -8.13 4.42 -3.12
N SER A 304 -9.06 3.57 -3.62
CA SER A 304 -9.72 3.73 -4.89
C SER A 304 -11.09 4.33 -4.78
N ARG A 305 -11.17 5.52 -4.16
CA ARG A 305 -12.40 6.21 -3.92
C ARG A 305 -13.00 6.71 -5.20
N SER A 306 -12.33 6.45 -6.34
CA SER A 306 -12.78 6.87 -7.65
C SER A 306 -14.26 6.68 -7.79
N PRO A 307 -14.84 7.58 -8.55
CA PRO A 307 -16.26 7.62 -8.73
C PRO A 307 -16.82 6.37 -9.32
N ASP A 308 -16.11 5.76 -10.30
CA ASP A 308 -16.58 4.55 -10.89
C ASP A 308 -16.51 3.47 -9.87
N PHE A 309 -15.42 3.46 -9.08
CA PHE A 309 -15.21 2.43 -8.10
C PHE A 309 -16.33 2.41 -7.12
N ARG A 310 -16.75 3.59 -6.63
CA ARG A 310 -17.75 3.63 -5.60
C ARG A 310 -19.04 3.02 -6.08
N CYS A 311 -19.51 3.46 -7.23
CA CYS A 311 -20.74 2.91 -7.78
C CYS A 311 -20.67 1.39 -7.81
N ALA A 312 -19.58 0.99 -8.52
CA ALA A 312 -19.37 -0.40 -8.79
C ALA A 312 -19.36 -1.16 -7.50
N PHE A 313 -18.76 -0.58 -6.44
CA PHE A 313 -18.72 -1.27 -5.17
C PHE A 313 -20.08 -1.42 -4.57
N GLN A 314 -20.88 -0.33 -4.56
CA GLN A 314 -22.15 -0.31 -3.92
C GLN A 314 -23.05 -1.30 -4.57
N GLU A 315 -22.95 -1.41 -5.91
CA GLU A 315 -23.82 -2.28 -6.63
C GLU A 315 -23.63 -3.67 -6.13
N LEU A 316 -22.38 -4.04 -5.81
CA LEU A 316 -22.10 -5.38 -5.34
C LEU A 316 -22.78 -5.61 -4.02
N LEU A 317 -22.74 -4.63 -3.10
CA LEU A 317 -23.29 -4.82 -1.79
C LEU A 317 -24.78 -4.94 -1.83
N ALA A 318 -25.46 -4.12 -2.64
CA ALA A 318 -26.90 -4.15 -2.69
C ALA A 318 -27.33 -5.58 -3.01
#